data_2FLI
#
_entry.id   2FLI
#
_cell.length_a   80.022
_cell.length_b   199.449
_cell.length_c   87.622
_cell.angle_alpha   90.00
_cell.angle_beta   109.76
_cell.angle_gamma   90.00
#
_symmetry.space_group_name_H-M   'P 1 21 1'
#
loop_
_entity.id
_entity.type
_entity.pdbx_description
1 polymer 'ribulose-phosphate 3-epimerase'
2 non-polymer 'ZINC ION'
3 non-polymer D-XYLITOL-5-PHOSPHATE
4 water water
#
_entity_poly.entity_id   1
_entity_poly.type   'polypeptide(L)'
_entity_poly.pdbx_seq_one_letter_code
;MSTLKIAPSILAADYANFASELARIEETDAEYVHIDIMDGQFVPNISFGADVVASMRKHSKLVFDCHLMVVDPERYVEAF
AQAGADIMTIHTESTRHIHGALQKIKAAGMKAGVVINPGTPATALEPLLDLVDQVLIMTVNPGFGGQAFIPECLEKVATV
AKWRDEKGLSFDIEVDGGVDNKTIRACYEAGANVFVAGSYLFKASDLVSQVQTLRTALNV
;
_entity_poly.pdbx_strand_id   A,B,C,D,E,F,G,H,I,J,K,L
#
# COMPACT_ATOMS: atom_id res chain seq x y z
N THR A 3 20.94 0.73 42.67
CA THR A 3 19.61 1.25 43.07
C THR A 3 18.70 1.37 41.86
N LEU A 4 17.55 0.70 41.92
CA LEU A 4 16.59 0.72 40.83
C LEU A 4 15.65 1.92 40.94
N LYS A 5 15.61 2.72 39.87
CA LYS A 5 14.76 3.90 39.84
C LYS A 5 13.70 3.83 38.74
N ILE A 6 12.54 4.38 39.03
CA ILE A 6 11.43 4.41 38.09
C ILE A 6 11.31 5.87 37.64
N ALA A 7 11.19 6.08 36.32
CA ALA A 7 11.08 7.43 35.79
C ALA A 7 9.85 7.63 34.89
N PRO A 8 8.72 8.02 35.50
CA PRO A 8 7.49 8.25 34.72
C PRO A 8 7.74 9.28 33.62
N SER A 9 7.27 8.98 32.41
CA SER A 9 7.46 9.89 31.29
C SER A 9 6.29 10.87 31.16
N ILE A 10 6.57 12.14 31.41
CA ILE A 10 5.56 13.20 31.37
C ILE A 10 4.94 13.39 30.00
N LEU A 11 5.55 12.79 28.97
CA LEU A 11 5.02 12.90 27.61
C LEU A 11 3.68 12.19 27.52
N ALA A 12 3.44 11.26 28.44
CA ALA A 12 2.19 10.50 28.45
C ALA A 12 1.15 11.08 29.39
N ALA A 13 1.48 12.23 29.99
CA ALA A 13 0.57 12.87 30.95
C ALA A 13 -0.33 13.96 30.36
N ASP A 14 -1.18 14.53 31.20
CA ASP A 14 -2.10 15.60 30.82
C ASP A 14 -1.34 16.92 30.73
N TYR A 15 -0.93 17.28 29.51
CA TYR A 15 -0.16 18.51 29.28
C TYR A 15 -0.84 19.78 29.77
N ALA A 16 -2.16 19.74 29.87
CA ALA A 16 -2.90 20.91 30.31
C ALA A 16 -2.83 21.08 31.83
N ASN A 17 -2.21 20.11 32.50
CA ASN A 17 -2.08 20.15 33.96
C ASN A 17 -0.78 19.56 34.47
N PHE A 18 0.36 20.08 34.01
CA PHE A 18 1.65 19.55 34.46
C PHE A 18 1.79 19.61 35.98
N ALA A 19 1.38 20.71 36.58
CA ALA A 19 1.48 20.86 38.03
C ALA A 19 0.85 19.69 38.79
N SER A 20 -0.42 19.38 38.49
CA SER A 20 -1.09 18.28 39.17
C SER A 20 -0.48 16.91 38.84
N GLU A 21 -0.08 16.73 37.57
CA GLU A 21 0.53 15.46 37.15
C GLU A 21 1.84 15.23 37.88
N LEU A 22 2.62 16.29 38.08
CA LEU A 22 3.90 16.18 38.79
C LEU A 22 3.62 15.80 40.23
N ALA A 23 2.55 16.35 40.80
CA ALA A 23 2.17 16.05 42.18
C ALA A 23 1.79 14.56 42.26
N ARG A 24 1.06 14.08 41.25
CA ARG A 24 0.66 12.67 41.24
C ARG A 24 1.89 11.78 41.24
N ILE A 25 2.92 12.18 40.49
CA ILE A 25 4.15 11.39 40.43
C ILE A 25 4.84 11.38 41.79
N GLU A 26 4.88 12.52 42.46
CA GLU A 26 5.53 12.61 43.75
C GLU A 26 4.81 11.78 44.82
N GLU A 27 3.59 11.34 44.53
CA GLU A 27 2.85 10.51 45.48
C GLU A 27 3.38 9.08 45.41
N THR A 28 3.90 8.71 44.24
CA THR A 28 4.46 7.37 44.05
C THR A 28 5.88 7.39 44.59
N ASP A 29 6.59 6.27 44.47
CA ASP A 29 7.96 6.22 44.96
C ASP A 29 8.96 6.40 43.81
N ALA A 30 8.49 6.97 42.70
CA ALA A 30 9.35 7.24 41.55
C ALA A 30 10.30 8.38 41.91
N GLU A 31 11.58 8.23 41.61
CA GLU A 31 12.56 9.27 41.93
C GLU A 31 12.90 10.25 40.79
N TYR A 32 12.53 9.88 39.57
CA TYR A 32 12.79 10.71 38.39
C TYR A 32 11.50 11.07 37.66
N VAL A 33 11.58 12.15 36.88
CA VAL A 33 10.49 12.60 36.02
C VAL A 33 11.19 12.68 34.66
N HIS A 34 10.82 11.80 33.74
CA HIS A 34 11.43 11.78 32.42
C HIS A 34 10.78 12.79 31.49
N ILE A 35 11.55 13.79 31.07
CA ILE A 35 11.01 14.83 30.20
C ILE A 35 11.58 14.78 28.79
N ASP A 36 10.71 14.44 27.83
CA ASP A 36 11.09 14.33 26.43
C ASP A 36 10.93 15.63 25.66
N ILE A 37 12.06 16.14 25.16
CA ILE A 37 12.09 17.38 24.38
C ILE A 37 12.21 16.99 22.91
N MET A 38 11.25 17.40 22.09
CA MET A 38 11.26 17.07 20.66
C MET A 38 11.09 18.36 19.84
N ASP A 39 11.91 18.52 18.81
CA ASP A 39 11.88 19.73 18.00
C ASP A 39 11.31 19.64 16.58
N GLY A 40 10.72 18.51 16.22
CA GLY A 40 10.17 18.39 14.88
C GLY A 40 11.25 18.14 13.83
N GLN A 41 12.50 18.07 14.25
CA GLN A 41 13.62 17.81 13.33
C GLN A 41 14.25 16.45 13.60
N PHE A 42 14.66 16.23 14.85
CA PHE A 42 15.29 14.95 15.17
C PHE A 42 14.20 13.88 15.08
N VAL A 43 12.98 14.25 15.47
CA VAL A 43 11.80 13.39 15.37
C VAL A 43 10.73 14.24 14.68
N PRO A 44 9.70 13.60 14.11
CA PRO A 44 8.67 14.40 13.43
C PRO A 44 7.85 15.37 14.25
N ASN A 45 7.62 15.07 15.52
CA ASN A 45 6.81 15.96 16.34
C ASN A 45 7.57 16.94 17.25
N ILE A 46 6.85 17.98 17.66
CA ILE A 46 7.35 18.98 18.57
C ILE A 46 6.61 18.70 19.88
N SER A 47 7.33 18.56 20.99
CA SER A 47 6.68 18.31 22.26
C SER A 47 6.61 19.64 23.02
N PHE A 48 7.66 19.95 23.77
CA PHE A 48 7.76 21.20 24.52
C PHE A 48 9.22 21.49 24.78
N GLY A 49 9.54 22.74 25.08
CA GLY A 49 10.92 23.13 25.31
C GLY A 49 11.36 23.51 26.72
N ALA A 50 12.52 24.17 26.78
CA ALA A 50 13.13 24.59 28.05
C ALA A 50 12.25 25.44 28.95
N ASP A 51 11.48 26.37 28.36
CA ASP A 51 10.61 27.23 29.16
C ASP A 51 9.50 26.43 29.82
N VAL A 52 9.08 25.34 29.19
CA VAL A 52 8.05 24.49 29.78
C VAL A 52 8.69 23.78 30.97
N VAL A 53 9.90 23.28 30.79
CA VAL A 53 10.59 22.61 31.88
C VAL A 53 10.80 23.59 33.04
N ALA A 54 11.17 24.82 32.70
CA ALA A 54 11.39 25.85 33.71
C ALA A 54 10.13 26.09 34.54
N SER A 55 8.98 26.08 33.88
CA SER A 55 7.69 26.29 34.54
C SER A 55 7.33 25.10 35.43
N MET A 56 7.74 23.90 35.02
CA MET A 56 7.48 22.68 35.77
C MET A 56 8.35 22.57 37.02
N ARG A 57 9.54 23.13 36.92
CA ARG A 57 10.54 23.07 38.00
C ARG A 57 10.07 23.22 39.45
N LYS A 58 9.32 24.29 39.75
CA LYS A 58 8.87 24.52 41.12
C LYS A 58 7.74 23.62 41.59
N HIS A 59 7.16 22.84 40.69
CA HIS A 59 6.07 21.96 41.08
C HIS A 59 6.54 20.53 41.30
N SER A 60 7.86 20.35 41.37
CA SER A 60 8.44 19.02 41.60
C SER A 60 9.76 19.09 42.37
N LYS A 61 10.00 18.06 43.18
CA LYS A 61 11.23 17.97 43.96
C LYS A 61 12.06 16.81 43.44
N LEU A 62 11.55 16.12 42.42
CA LEU A 62 12.23 14.97 41.85
C LEU A 62 13.33 15.34 40.85
N VAL A 63 14.09 14.33 40.44
CA VAL A 63 15.18 14.51 39.46
C VAL A 63 14.58 14.72 38.07
N PHE A 64 14.89 15.87 37.47
CA PHE A 64 14.41 16.18 36.13
C PHE A 64 15.37 15.57 35.12
N ASP A 65 14.94 14.42 34.60
CA ASP A 65 15.68 13.63 33.64
C ASP A 65 15.27 14.05 32.23
N CYS A 66 15.94 15.08 31.70
CA CYS A 66 15.62 15.63 30.39
C CYS A 66 16.31 14.91 29.22
N HIS A 67 15.50 14.46 28.28
CA HIS A 67 15.95 13.71 27.11
C HIS A 67 15.75 14.57 25.87
N LEU A 68 16.85 14.97 25.25
CA LEU A 68 16.73 15.84 24.10
C LEU A 68 16.72 15.19 22.73
N MET A 69 15.52 15.09 22.17
CA MET A 69 15.33 14.55 20.84
C MET A 69 15.23 15.75 19.91
N VAL A 70 16.33 16.51 19.86
CA VAL A 70 16.43 17.70 19.03
C VAL A 70 17.79 17.72 18.33
N VAL A 71 17.89 18.41 17.21
CA VAL A 71 19.18 18.47 16.52
C VAL A 71 20.00 19.58 17.17
N ASP A 72 21.33 19.39 17.20
CA ASP A 72 22.27 20.36 17.78
C ASP A 72 21.88 20.75 19.21
N PRO A 73 21.81 19.76 20.10
CA PRO A 73 21.45 19.99 21.50
C PRO A 73 22.38 20.92 22.29
N GLU A 74 23.61 21.11 21.83
CA GLU A 74 24.53 21.98 22.58
C GLU A 74 24.03 23.40 22.78
N ARG A 75 23.21 23.89 21.85
CA ARG A 75 22.70 25.26 21.96
C ARG A 75 21.68 25.42 23.08
N TYR A 76 21.24 24.31 23.67
CA TYR A 76 20.26 24.36 24.74
C TYR A 76 20.79 24.01 26.13
N VAL A 77 22.07 23.68 26.24
CA VAL A 77 22.63 23.33 27.53
C VAL A 77 22.36 24.39 28.59
N GLU A 78 22.67 25.63 28.28
CA GLU A 78 22.47 26.72 29.24
C GLU A 78 21.00 26.90 29.64
N ALA A 79 20.12 26.83 28.64
CA ALA A 79 18.68 26.99 28.88
C ALA A 79 18.17 25.91 29.83
N PHE A 80 18.57 24.67 29.59
CA PHE A 80 18.11 23.59 30.45
C PHE A 80 18.75 23.66 31.83
N ALA A 81 19.99 24.13 31.90
CA ALA A 81 20.66 24.25 33.19
C ALA A 81 19.86 25.27 34.01
N GLN A 82 19.55 26.40 33.38
CA GLN A 82 18.81 27.46 34.04
C GLN A 82 17.34 27.13 34.29
N ALA A 83 16.80 26.17 33.55
CA ALA A 83 15.41 25.78 33.73
C ALA A 83 15.27 24.84 34.93
N GLY A 84 16.37 24.23 35.35
CA GLY A 84 16.32 23.32 36.48
C GLY A 84 16.52 21.85 36.15
N ALA A 85 17.06 21.57 34.97
CA ALA A 85 17.29 20.19 34.58
C ALA A 85 18.33 19.59 35.50
N ASP A 86 18.13 18.35 35.93
CA ASP A 86 19.09 17.69 36.79
C ASP A 86 20.00 16.83 35.92
N ILE A 87 19.39 16.19 34.91
CA ILE A 87 20.11 15.35 33.99
C ILE A 87 19.77 15.80 32.58
N MET A 88 20.76 15.78 31.69
CA MET A 88 20.57 16.16 30.30
C MET A 88 21.16 15.03 29.48
N THR A 89 20.29 14.31 28.79
CA THR A 89 20.68 13.17 27.96
C THR A 89 20.50 13.53 26.49
N ILE A 90 21.60 13.47 25.74
CA ILE A 90 21.58 13.83 24.32
C ILE A 90 21.97 12.67 23.39
N HIS A 91 21.49 12.76 22.15
CA HIS A 91 21.70 11.73 21.13
C HIS A 91 23.02 11.81 20.36
N THR A 92 23.69 10.67 20.21
CA THR A 92 24.94 10.63 19.47
C THR A 92 24.63 10.99 18.02
N GLU A 93 23.40 10.73 17.61
CA GLU A 93 22.96 11.00 16.24
C GLU A 93 22.55 12.47 16.01
N SER A 94 22.45 13.25 17.09
CA SER A 94 22.04 14.65 16.99
C SER A 94 23.13 15.70 16.80
N THR A 95 24.39 15.29 16.87
CA THR A 95 25.48 16.25 16.72
C THR A 95 26.74 15.56 16.23
N ARG A 96 27.61 16.31 15.55
CA ARG A 96 28.85 15.76 15.04
C ARG A 96 29.94 15.80 16.13
N HIS A 97 29.61 16.41 17.27
CA HIS A 97 30.56 16.58 18.37
C HIS A 97 29.99 16.12 19.70
N ILE A 98 29.57 14.87 19.77
CA ILE A 98 28.97 14.33 20.98
C ILE A 98 29.84 14.43 22.24
N HIS A 99 31.15 14.27 22.08
CA HIS A 99 32.05 14.34 23.22
C HIS A 99 32.02 15.73 23.84
N GLY A 100 32.26 16.75 23.02
CA GLY A 100 32.24 18.11 23.51
C GLY A 100 30.89 18.53 24.08
N ALA A 101 29.79 18.03 23.50
CA ALA A 101 28.47 18.40 23.98
C ALA A 101 28.29 17.86 25.40
N LEU A 102 28.80 16.66 25.65
CA LEU A 102 28.69 16.06 26.96
C LEU A 102 29.52 16.85 27.96
N GLN A 103 30.68 17.33 27.54
CA GLN A 103 31.53 18.12 28.41
C GLN A 103 30.81 19.42 28.77
N LYS A 104 30.12 20.00 27.80
CA LYS A 104 29.40 21.24 28.02
C LYS A 104 28.33 21.02 29.08
N ILE A 105 27.64 19.89 28.99
CA ILE A 105 26.60 19.56 29.96
C ILE A 105 27.19 19.48 31.37
N LYS A 106 28.26 18.72 31.53
CA LYS A 106 28.90 18.59 32.83
C LYS A 106 29.42 19.94 33.32
N ALA A 107 30.04 20.71 32.43
CA ALA A 107 30.57 22.02 32.80
C ALA A 107 29.48 22.95 33.29
N ALA A 108 28.24 22.72 32.86
CA ALA A 108 27.13 23.55 33.27
C ALA A 108 26.52 23.07 34.59
N GLY A 109 27.16 22.09 35.23
CA GLY A 109 26.68 21.60 36.50
C GLY A 109 25.63 20.51 36.51
N MET A 110 25.25 20.00 35.35
CA MET A 110 24.24 18.95 35.28
C MET A 110 24.88 17.59 35.07
N LYS A 111 24.15 16.53 35.35
CA LYS A 111 24.68 15.20 35.11
C LYS A 111 24.52 15.00 33.60
N ALA A 112 25.48 14.33 32.99
CA ALA A 112 25.43 14.12 31.55
C ALA A 112 25.01 12.72 31.15
N GLY A 113 24.03 12.65 30.27
CA GLY A 113 23.57 11.35 29.80
C GLY A 113 23.68 11.28 28.29
N VAL A 114 23.94 10.09 27.77
CA VAL A 114 24.05 9.90 26.33
C VAL A 114 23.10 8.78 25.89
N VAL A 115 22.41 8.99 24.78
CA VAL A 115 21.46 8.00 24.29
C VAL A 115 21.71 7.64 22.82
N ILE A 116 21.35 6.41 22.45
CA ILE A 116 21.48 5.94 21.08
C ILE A 116 20.17 5.30 20.67
N ASN A 117 19.79 5.48 19.41
CA ASN A 117 18.55 4.92 18.88
C ASN A 117 18.70 3.41 18.65
N PRO A 118 17.58 2.69 18.54
CA PRO A 118 17.59 1.24 18.32
C PRO A 118 18.55 0.80 17.20
N GLY A 119 18.63 1.60 16.14
CA GLY A 119 19.48 1.25 15.02
C GLY A 119 20.95 1.64 15.10
N THR A 120 21.31 2.38 16.15
CA THR A 120 22.69 2.83 16.33
C THR A 120 23.47 1.79 17.13
N PRO A 121 24.63 1.37 16.62
CA PRO A 121 25.43 0.36 17.32
C PRO A 121 25.97 0.83 18.66
N ALA A 122 26.13 -0.10 19.58
CA ALA A 122 26.64 0.23 20.91
C ALA A 122 28.03 0.86 20.85
N THR A 123 28.73 0.59 19.75
CA THR A 123 30.07 1.12 19.52
C THR A 123 30.14 2.63 19.62
N ALA A 124 29.07 3.30 19.22
CA ALA A 124 29.02 4.75 19.27
C ALA A 124 29.21 5.29 20.69
N LEU A 125 28.98 4.42 21.67
CA LEU A 125 29.10 4.77 23.08
C LEU A 125 30.50 4.64 23.68
N GLU A 126 31.30 3.71 23.14
CA GLU A 126 32.63 3.47 23.68
C GLU A 126 33.47 4.69 24.07
N PRO A 127 33.69 5.63 23.13
CA PRO A 127 34.51 6.78 23.54
C PRO A 127 33.86 7.78 24.50
N LEU A 128 32.64 7.49 24.96
CA LEU A 128 31.95 8.43 25.85
C LEU A 128 31.74 7.93 27.29
N LEU A 129 31.97 6.64 27.51
CA LEU A 129 31.79 6.03 28.83
C LEU A 129 32.44 6.76 29.99
N ASP A 130 33.61 7.36 29.75
CA ASP A 130 34.34 8.07 30.80
C ASP A 130 33.68 9.34 31.34
N LEU A 131 32.88 10.03 30.53
CA LEU A 131 32.28 11.26 31.03
C LEU A 131 30.80 11.29 31.30
N VAL A 132 30.10 10.17 31.13
CA VAL A 132 28.66 10.20 31.38
C VAL A 132 28.25 9.68 32.74
N ASP A 133 27.12 10.17 33.22
CA ASP A 133 26.56 9.76 34.50
C ASP A 133 25.44 8.77 34.21
N GLN A 134 25.03 8.71 32.95
CA GLN A 134 23.94 7.84 32.54
C GLN A 134 24.02 7.49 31.06
N VAL A 135 23.75 6.22 30.75
CA VAL A 135 23.72 5.76 29.37
C VAL A 135 22.30 5.28 29.15
N LEU A 136 21.62 5.87 28.16
CA LEU A 136 20.24 5.50 27.86
C LEU A 136 20.14 4.70 26.58
N ILE A 137 19.59 3.50 26.67
CA ILE A 137 19.40 2.68 25.48
C ILE A 137 17.91 2.74 25.13
N MET A 138 17.59 3.32 23.99
CA MET A 138 16.20 3.42 23.54
C MET A 138 15.72 2.01 23.23
N THR A 139 14.50 1.66 23.65
CA THR A 139 13.96 0.35 23.38
C THR A 139 12.78 0.45 22.41
N VAL A 140 12.64 1.64 21.81
CA VAL A 140 11.63 1.93 20.79
C VAL A 140 12.25 3.04 19.99
N ASN A 141 11.81 3.21 18.74
CA ASN A 141 12.33 4.29 17.91
C ASN A 141 11.72 5.59 18.42
N PRO A 142 12.57 6.54 18.84
CA PRO A 142 12.18 7.86 19.38
C PRO A 142 11.07 8.55 18.61
N GLY A 143 10.17 9.21 19.33
CA GLY A 143 9.11 9.94 18.65
C GLY A 143 7.77 9.99 19.35
N PHE A 144 7.36 8.88 19.95
CA PHE A 144 6.07 8.83 20.63
C PHE A 144 5.91 7.60 21.51
N GLY A 145 4.93 7.65 22.42
CA GLY A 145 4.71 6.54 23.32
C GLY A 145 3.84 5.44 22.73
N GLY A 146 3.55 4.45 23.56
CA GLY A 146 2.71 3.34 23.13
C GLY A 146 3.31 2.41 22.08
N GLN A 147 4.56 2.64 21.70
CA GLN A 147 5.22 1.79 20.70
C GLN A 147 5.59 0.43 21.24
N ALA A 148 5.83 -0.51 20.34
CA ALA A 148 6.19 -1.86 20.73
C ALA A 148 7.66 -1.95 21.14
N PHE A 149 7.89 -2.59 22.28
CA PHE A 149 9.21 -2.80 22.84
C PHE A 149 10.09 -3.52 21.82
N ILE A 150 11.37 -3.14 21.74
CA ILE A 150 12.31 -3.78 20.82
C ILE A 150 13.34 -4.55 21.65
N PRO A 151 13.09 -5.84 21.90
CA PRO A 151 13.98 -6.71 22.69
C PRO A 151 15.44 -6.75 22.25
N GLU A 152 15.68 -6.65 20.93
CA GLU A 152 17.05 -6.68 20.42
C GLU A 152 17.91 -5.59 21.06
N CYS A 153 17.30 -4.46 21.41
CA CYS A 153 18.05 -3.36 22.01
C CYS A 153 18.67 -3.72 23.35
N LEU A 154 18.10 -4.72 24.03
CA LEU A 154 18.64 -5.15 25.32
C LEU A 154 20.06 -5.69 25.15
N GLU A 155 20.40 -6.15 23.95
CA GLU A 155 21.73 -6.66 23.68
C GLU A 155 22.74 -5.53 23.93
N LYS A 156 22.32 -4.30 23.61
CA LYS A 156 23.19 -3.14 23.80
C LYS A 156 23.26 -2.76 25.27
N VAL A 157 22.20 -3.03 26.02
CA VAL A 157 22.17 -2.74 27.45
C VAL A 157 23.22 -3.63 28.14
N ALA A 158 23.30 -4.88 27.71
CA ALA A 158 24.25 -5.81 28.28
C ALA A 158 25.68 -5.44 27.89
N THR A 159 25.92 -5.18 26.61
CA THR A 159 27.26 -4.83 26.16
C THR A 159 27.81 -3.61 26.92
N VAL A 160 26.97 -2.61 27.15
CA VAL A 160 27.43 -1.43 27.88
C VAL A 160 27.69 -1.77 29.36
N ALA A 161 26.83 -2.60 29.94
CA ALA A 161 27.01 -3.01 31.34
C ALA A 161 28.38 -3.67 31.45
N LYS A 162 28.69 -4.54 30.49
CA LYS A 162 29.97 -5.23 30.46
C LYS A 162 31.11 -4.22 30.39
N TRP A 163 31.01 -3.27 29.45
CA TRP A 163 32.05 -2.26 29.30
C TRP A 163 32.23 -1.47 30.59
N ARG A 164 31.12 -1.12 31.24
CA ARG A 164 31.15 -0.36 32.48
C ARG A 164 31.98 -1.12 33.52
N ASP A 165 31.71 -2.42 33.62
CA ASP A 165 32.41 -3.28 34.55
C ASP A 165 33.90 -3.35 34.22
N GLU A 166 34.22 -3.54 32.94
CA GLU A 166 35.61 -3.63 32.49
C GLU A 166 36.42 -2.35 32.67
N LYS A 167 35.74 -1.21 32.75
CA LYS A 167 36.43 0.05 32.90
C LYS A 167 36.33 0.63 34.30
N GLY A 168 35.80 -0.17 35.22
CA GLY A 168 35.66 0.29 36.59
C GLY A 168 34.86 1.57 36.70
N LEU A 169 33.90 1.75 35.80
CA LEU A 169 33.05 2.95 35.80
C LEU A 169 31.76 2.65 36.58
N SER A 170 30.94 3.67 36.83
CA SER A 170 29.73 3.46 37.61
C SER A 170 28.51 4.29 37.22
N PHE A 171 28.35 4.56 35.93
CA PHE A 171 27.19 5.34 35.48
C PHE A 171 25.94 4.46 35.47
N ASP A 172 24.77 5.09 35.54
CA ASP A 172 23.51 4.35 35.49
C ASP A 172 23.24 3.94 34.06
N ILE A 173 22.39 2.93 33.87
CA ILE A 173 22.02 2.49 32.53
C ILE A 173 20.50 2.54 32.50
N GLU A 174 19.98 3.37 31.60
CA GLU A 174 18.54 3.56 31.47
C GLU A 174 17.93 2.98 30.20
N VAL A 175 16.66 2.60 30.26
CA VAL A 175 15.95 2.07 29.10
C VAL A 175 14.73 2.94 28.93
N ASP A 176 14.29 3.11 27.69
CA ASP A 176 13.15 3.96 27.43
C ASP A 176 12.37 3.55 26.18
N GLY A 177 11.13 3.14 26.40
CA GLY A 177 10.29 2.72 25.28
C GLY A 177 9.67 1.36 25.48
N GLY A 178 8.35 1.32 25.58
CA GLY A 178 7.66 0.06 25.75
C GLY A 178 7.99 -0.68 27.04
N VAL A 179 8.46 0.03 28.06
CA VAL A 179 8.77 -0.60 29.34
C VAL A 179 7.48 -0.71 30.15
N ASP A 180 7.09 -1.94 30.47
CA ASP A 180 5.88 -2.16 31.26
C ASP A 180 6.10 -3.31 32.24
N ASN A 181 5.02 -3.79 32.86
CA ASN A 181 5.13 -4.87 33.82
C ASN A 181 5.55 -6.20 33.19
N LYS A 182 5.38 -6.32 31.87
CA LYS A 182 5.77 -7.56 31.20
C LYS A 182 7.19 -7.50 30.65
N THR A 183 7.70 -6.29 30.44
CA THR A 183 9.04 -6.14 29.87
C THR A 183 10.13 -5.63 30.81
N ILE A 184 9.75 -4.96 31.90
CA ILE A 184 10.73 -4.39 32.80
C ILE A 184 11.73 -5.39 33.39
N ARG A 185 11.25 -6.58 33.78
CA ARG A 185 12.15 -7.59 34.34
C ARG A 185 13.30 -7.92 33.40
N ALA A 186 13.00 -8.08 32.11
CA ALA A 186 14.02 -8.39 31.12
C ALA A 186 15.03 -7.24 31.01
N CYS A 187 14.53 -6.01 31.09
CA CYS A 187 15.38 -4.84 31.02
C CYS A 187 16.38 -4.88 32.16
N TYR A 188 15.90 -5.23 33.34
CA TYR A 188 16.74 -5.32 34.52
C TYR A 188 17.80 -6.42 34.38
N GLU A 189 17.38 -7.62 33.98
CA GLU A 189 18.31 -8.72 33.83
C GLU A 189 19.38 -8.42 32.77
N ALA A 190 19.07 -7.49 31.87
CA ALA A 190 20.01 -7.11 30.81
C ALA A 190 21.09 -6.17 31.35
N GLY A 191 20.81 -5.51 32.47
CA GLY A 191 21.78 -4.60 33.05
C GLY A 191 21.29 -3.21 33.37
N ALA A 192 20.05 -2.89 33.04
CA ALA A 192 19.51 -1.55 33.31
C ALA A 192 19.09 -1.38 34.76
N ASN A 193 19.17 -0.15 35.28
CA ASN A 193 18.75 0.12 36.65
C ASN A 193 17.83 1.33 36.76
N VAL A 194 17.53 1.96 35.62
CA VAL A 194 16.62 3.09 35.60
C VAL A 194 15.65 2.84 34.46
N PHE A 195 14.37 2.86 34.78
CA PHE A 195 13.32 2.53 33.82
C PHE A 195 12.30 3.61 33.53
N VAL A 196 12.29 4.08 32.29
CA VAL A 196 11.34 5.10 31.87
C VAL A 196 10.07 4.43 31.37
N ALA A 197 8.92 4.92 31.84
CA ALA A 197 7.63 4.36 31.44
C ALA A 197 6.61 5.48 31.25
N GLY A 198 5.97 5.49 30.08
CA GLY A 198 4.99 6.51 29.80
C GLY A 198 3.56 5.99 29.84
N SER A 199 3.08 5.52 28.71
CA SER A 199 1.71 5.02 28.59
C SER A 199 1.28 3.97 29.62
N TYR A 200 2.19 3.06 29.99
CA TYR A 200 1.83 2.03 30.96
C TYR A 200 1.45 2.61 32.32
N LEU A 201 2.09 3.71 32.69
CA LEU A 201 1.81 4.33 33.97
C LEU A 201 0.63 5.28 33.92
N PHE A 202 0.65 6.20 32.96
CA PHE A 202 -0.40 7.19 32.88
C PHE A 202 -1.77 6.74 32.35
N LYS A 203 -1.86 5.50 31.87
CA LYS A 203 -3.15 5.01 31.40
C LYS A 203 -3.97 4.68 32.66
N ALA A 204 -3.28 4.53 33.79
CA ALA A 204 -3.93 4.22 35.05
C ALA A 204 -4.32 5.46 35.85
N SER A 205 -5.46 5.37 36.53
CA SER A 205 -5.95 6.48 37.35
C SER A 205 -5.20 6.49 38.68
N ASP A 206 -4.81 5.31 39.15
CA ASP A 206 -4.08 5.18 40.41
C ASP A 206 -2.60 5.04 40.09
N LEU A 207 -1.92 6.17 39.98
CA LEU A 207 -0.50 6.19 39.64
C LEU A 207 0.40 5.47 40.65
N VAL A 208 0.12 5.65 41.94
CA VAL A 208 0.93 5.03 42.97
C VAL A 208 0.88 3.51 42.86
N SER A 209 -0.32 2.99 42.62
CA SER A 209 -0.50 1.56 42.48
C SER A 209 0.19 1.05 41.21
N GLN A 210 0.03 1.80 40.12
CA GLN A 210 0.60 1.42 38.84
C GLN A 210 2.13 1.38 38.91
N VAL A 211 2.73 2.38 39.56
CA VAL A 211 4.18 2.39 39.70
C VAL A 211 4.61 1.16 40.50
N GLN A 212 3.80 0.79 41.48
CA GLN A 212 4.11 -0.37 42.31
C GLN A 212 4.10 -1.67 41.53
N THR A 213 3.24 -1.75 40.51
CA THR A 213 3.19 -2.96 39.69
C THR A 213 4.54 -3.15 39.02
N LEU A 214 5.18 -2.05 38.65
CA LEU A 214 6.48 -2.11 37.99
C LEU A 214 7.55 -2.61 38.95
N ARG A 215 7.58 -2.06 40.16
CA ARG A 215 8.59 -2.50 41.12
C ARG A 215 8.36 -3.96 41.49
N THR A 216 7.11 -4.36 41.56
CA THR A 216 6.77 -5.74 41.87
C THR A 216 7.29 -6.63 40.73
N ALA A 217 7.08 -6.16 39.50
CA ALA A 217 7.51 -6.90 38.32
C ALA A 217 9.03 -7.07 38.29
N LEU A 218 9.75 -6.11 38.85
CA LEU A 218 11.20 -6.20 38.91
C LEU A 218 11.58 -7.38 39.79
N ASN A 219 10.84 -7.53 40.89
CA ASN A 219 11.07 -8.63 41.82
C ASN A 219 12.50 -8.64 42.38
N SER B 2 26.74 62.46 3.38
CA SER B 2 26.72 62.97 1.98
C SER B 2 28.15 63.02 1.41
N THR B 3 29.13 62.69 2.24
CA THR B 3 30.51 62.70 1.80
C THR B 3 30.83 61.40 1.07
N LEU B 4 31.77 61.47 0.14
CA LEU B 4 32.16 60.30 -0.65
C LEU B 4 33.31 59.54 -0.03
N LYS B 5 33.14 58.24 0.17
CA LYS B 5 34.19 57.41 0.76
C LYS B 5 34.61 56.27 -0.14
N ILE B 6 35.89 55.93 -0.07
CA ILE B 6 36.47 54.83 -0.84
C ILE B 6 36.80 53.70 0.13
N ALA B 7 36.34 52.49 -0.18
CA ALA B 7 36.57 51.34 0.67
C ALA B 7 37.31 50.21 -0.02
N PRO B 8 38.64 50.24 -0.01
CA PRO B 8 39.40 49.17 -0.67
C PRO B 8 39.04 47.83 -0.05
N SER B 9 38.78 46.83 -0.88
CA SER B 9 38.42 45.49 -0.41
C SER B 9 39.66 44.63 -0.17
N ILE B 10 39.88 44.25 1.08
CA ILE B 10 41.04 43.47 1.46
C ILE B 10 41.07 42.07 0.81
N LEU B 11 39.92 41.63 0.28
CA LEU B 11 39.84 40.32 -0.37
C LEU B 11 40.74 40.26 -1.60
N ALA B 12 41.08 41.41 -2.14
CA ALA B 12 41.93 41.46 -3.34
C ALA B 12 43.40 41.70 -3.01
N ALA B 13 43.73 41.74 -1.73
CA ALA B 13 45.09 41.99 -1.29
C ALA B 13 45.92 40.73 -1.05
N ASP B 14 47.19 40.93 -0.67
CA ASP B 14 48.10 39.83 -0.37
C ASP B 14 47.77 39.28 1.01
N TYR B 15 47.11 38.11 1.05
CA TYR B 15 46.71 37.49 2.30
C TYR B 15 47.87 37.11 3.22
N ALA B 16 49.06 36.93 2.67
CA ALA B 16 50.21 36.55 3.48
C ALA B 16 50.85 37.75 4.21
N ASN B 17 50.35 38.94 3.94
CA ASN B 17 50.85 40.17 4.55
C ASN B 17 49.72 41.17 4.78
N PHE B 18 48.73 40.78 5.58
CA PHE B 18 47.61 41.68 5.83
C PHE B 18 48.09 43.00 6.43
N ALA B 19 49.05 42.92 7.35
CA ALA B 19 49.58 44.11 8.01
C ALA B 19 50.10 45.15 7.02
N SER B 20 51.07 44.78 6.19
CA SER B 20 51.61 45.73 5.22
C SER B 20 50.55 46.19 4.23
N GLU B 21 49.64 45.29 3.86
CA GLU B 21 48.58 45.64 2.92
C GLU B 21 47.66 46.69 3.55
N LEU B 22 47.38 46.55 4.84
CA LEU B 22 46.54 47.50 5.55
C LEU B 22 47.27 48.84 5.64
N ALA B 23 48.59 48.76 5.82
CA ALA B 23 49.41 49.96 5.91
C ALA B 23 49.40 50.70 4.58
N ARG B 24 49.37 49.95 3.47
CA ARG B 24 49.33 50.57 2.16
C ARG B 24 48.03 51.36 2.00
N ILE B 25 46.94 50.79 2.50
CA ILE B 25 45.64 51.45 2.41
C ILE B 25 45.64 52.76 3.19
N GLU B 26 46.25 52.74 4.38
CA GLU B 26 46.29 53.94 5.19
C GLU B 26 47.16 55.03 4.57
N GLU B 27 47.88 54.69 3.52
CA GLU B 27 48.73 55.66 2.81
C GLU B 27 47.86 56.45 1.84
N THR B 28 46.73 55.87 1.46
CA THR B 28 45.79 56.50 0.54
C THR B 28 44.81 57.34 1.33
N ASP B 29 43.88 58.01 0.64
CA ASP B 29 42.89 58.84 1.31
C ASP B 29 41.62 58.03 1.61
N ALA B 30 41.71 56.70 1.47
CA ALA B 30 40.58 55.82 1.74
C ALA B 30 40.24 55.85 3.23
N GLU B 31 38.96 55.90 3.56
CA GLU B 31 38.56 55.94 4.96
C GLU B 31 38.05 54.59 5.47
N TYR B 32 37.71 53.69 4.56
CA TYR B 32 37.20 52.36 4.92
C TYR B 32 38.08 51.23 4.42
N VAL B 33 37.96 50.10 5.09
CA VAL B 33 38.64 48.87 4.71
C VAL B 33 37.48 47.88 4.63
N HIS B 34 37.12 47.47 3.42
CA HIS B 34 36.02 46.52 3.22
C HIS B 34 36.53 45.11 3.45
N ILE B 35 35.91 44.39 4.37
CA ILE B 35 36.35 43.03 4.69
C ILE B 35 35.28 41.98 4.39
N ASP B 36 35.54 41.18 3.36
CA ASP B 36 34.59 40.15 2.96
C ASP B 36 34.71 38.81 3.68
N ILE B 37 33.66 38.49 4.44
CA ILE B 37 33.59 37.25 5.19
C ILE B 37 32.76 36.26 4.39
N MET B 38 33.34 35.11 4.05
CA MET B 38 32.65 34.08 3.27
C MET B 38 32.79 32.72 3.95
N ASP B 39 31.65 32.04 4.15
CA ASP B 39 31.63 30.76 4.85
C ASP B 39 31.46 29.47 4.04
N GLY B 40 31.58 29.52 2.72
CA GLY B 40 31.41 28.29 1.96
C GLY B 40 29.96 27.83 1.89
N GLN B 41 29.06 28.56 2.55
CA GLN B 41 27.63 28.25 2.52
C GLN B 41 26.83 29.32 1.76
N PHE B 42 26.96 30.59 2.18
CA PHE B 42 26.23 31.66 1.49
C PHE B 42 26.77 31.80 0.08
N VAL B 43 28.08 31.59 -0.05
CA VAL B 43 28.78 31.61 -1.33
C VAL B 43 29.66 30.37 -1.30
N PRO B 44 30.15 29.93 -2.46
CA PRO B 44 31.00 28.74 -2.58
C PRO B 44 32.28 28.68 -1.76
N ASN B 45 32.98 29.80 -1.68
CA ASN B 45 34.25 29.81 -0.97
C ASN B 45 34.29 30.32 0.46
N ILE B 46 35.41 30.03 1.12
CA ILE B 46 35.66 30.45 2.49
C ILE B 46 36.80 31.45 2.41
N SER B 47 36.59 32.66 2.89
CA SER B 47 37.65 33.65 2.87
C SER B 47 38.35 33.61 4.22
N PHE B 48 37.86 34.37 5.18
CA PHE B 48 38.44 34.40 6.52
C PHE B 48 37.37 34.84 7.53
N GLY B 49 37.58 34.51 8.80
CA GLY B 49 36.60 34.84 9.83
C GLY B 49 36.92 35.95 10.81
N ALA B 50 36.18 35.95 11.92
CA ALA B 50 36.30 36.95 12.98
C ALA B 50 37.70 37.07 13.57
N ASP B 51 38.35 35.95 13.82
CA ASP B 51 39.68 35.98 14.41
C ASP B 51 40.71 36.61 13.47
N VAL B 52 40.47 36.52 12.17
CA VAL B 52 41.41 37.13 11.24
C VAL B 52 41.15 38.64 11.31
N VAL B 53 39.88 39.04 11.41
CA VAL B 53 39.56 40.45 11.50
C VAL B 53 40.17 41.04 12.78
N ALA B 54 40.13 40.26 13.86
CA ALA B 54 40.67 40.70 15.14
C ALA B 54 42.17 40.96 15.02
N SER B 55 42.85 40.15 14.22
CA SER B 55 44.29 40.29 14.01
C SER B 55 44.57 41.53 13.16
N MET B 56 43.73 41.78 12.16
CA MET B 56 43.88 42.93 11.28
C MET B 56 43.67 44.24 12.03
N ARG B 57 42.71 44.22 12.95
CA ARG B 57 42.31 45.37 13.76
C ARG B 57 43.44 46.18 14.38
N LYS B 58 44.49 45.50 14.83
CA LYS B 58 45.61 46.18 15.48
C LYS B 58 46.64 46.76 14.51
N HIS B 59 46.34 46.69 13.22
CA HIS B 59 47.24 47.20 12.21
C HIS B 59 46.53 48.22 11.31
N SER B 60 45.42 48.74 11.80
CA SER B 60 44.66 49.72 11.04
C SER B 60 43.80 50.58 11.95
N LYS B 61 43.68 51.85 11.59
CA LYS B 61 42.88 52.80 12.35
C LYS B 61 41.70 53.22 11.49
N LEU B 62 41.55 52.57 10.35
CA LEU B 62 40.46 52.88 9.43
C LEU B 62 39.18 52.16 9.84
N VAL B 63 38.07 52.54 9.22
CA VAL B 63 36.76 51.95 9.50
C VAL B 63 36.69 50.52 8.96
N PHE B 64 36.45 49.56 9.85
CA PHE B 64 36.33 48.18 9.44
C PHE B 64 34.89 47.90 9.02
N ASP B 65 34.69 47.94 7.71
CA ASP B 65 33.41 47.73 7.04
C ASP B 65 33.32 46.25 6.70
N CYS B 66 32.84 45.46 7.65
CA CYS B 66 32.72 44.02 7.47
C CYS B 66 31.43 43.62 6.76
N HIS B 67 31.59 42.83 5.70
CA HIS B 67 30.49 42.35 4.89
C HIS B 67 30.38 40.83 5.08
N LEU B 68 29.30 40.38 5.70
CA LEU B 68 29.14 38.96 5.95
C LEU B 68 28.35 38.17 4.92
N MET B 69 29.07 37.44 4.09
CA MET B 69 28.46 36.58 3.09
C MET B 69 28.45 35.19 3.72
N VAL B 70 27.67 35.07 4.79
CA VAL B 70 27.54 33.83 5.52
C VAL B 70 26.09 33.59 5.89
N VAL B 71 25.73 32.33 6.13
CA VAL B 71 24.36 32.03 6.52
C VAL B 71 24.20 32.28 8.02
N ASP B 72 23.03 32.78 8.43
CA ASP B 72 22.75 33.06 9.85
C ASP B 72 23.83 33.91 10.49
N PRO B 73 24.02 35.14 9.99
CA PRO B 73 25.05 36.04 10.53
C PRO B 73 24.87 36.46 11.99
N GLU B 74 23.63 36.42 12.48
CA GLU B 74 23.39 36.85 13.84
C GLU B 74 24.26 36.16 14.88
N ARG B 75 24.70 34.94 14.58
CA ARG B 75 25.53 34.20 15.51
C ARG B 75 26.95 34.76 15.63
N TYR B 76 27.33 35.61 14.69
CA TYR B 76 28.67 36.19 14.69
C TYR B 76 28.75 37.65 15.15
N VAL B 77 27.62 38.20 15.59
CA VAL B 77 27.59 39.60 16.03
C VAL B 77 28.57 39.90 17.16
N GLU B 78 28.57 39.08 18.21
CA GLU B 78 29.49 39.33 19.33
C GLU B 78 30.95 39.17 18.88
N ALA B 79 31.22 38.16 18.06
CA ALA B 79 32.58 37.90 17.59
C ALA B 79 33.16 39.09 16.85
N PHE B 80 32.38 39.68 15.96
CA PHE B 80 32.86 40.81 15.21
C PHE B 80 32.91 42.08 16.04
N ALA B 81 32.07 42.16 17.07
CA ALA B 81 32.09 43.33 17.93
C ALA B 81 33.42 43.26 18.66
N GLN B 82 33.76 42.06 19.13
CA GLN B 82 35.01 41.82 19.85
C GLN B 82 36.21 41.92 18.93
N ALA B 83 36.01 41.63 17.66
CA ALA B 83 37.10 41.68 16.67
C ALA B 83 37.46 43.11 16.28
N GLY B 84 36.55 44.05 16.53
CA GLY B 84 36.82 45.43 16.19
C GLY B 84 36.11 45.94 14.95
N ALA B 85 35.09 45.22 14.49
CA ALA B 85 34.35 45.64 13.31
C ALA B 85 33.62 46.94 13.65
N ASP B 86 33.61 47.88 12.72
CA ASP B 86 32.95 49.17 12.94
C ASP B 86 31.56 49.17 12.32
N ILE B 87 31.44 48.46 11.20
CA ILE B 87 30.17 48.33 10.52
C ILE B 87 30.01 46.85 10.22
N MET B 88 28.81 46.34 10.39
CA MET B 88 28.52 44.95 10.09
C MET B 88 27.36 44.99 9.11
N THR B 89 27.62 44.56 7.88
CA THR B 89 26.61 44.56 6.83
C THR B 89 26.20 43.12 6.51
N ILE B 90 24.91 42.85 6.61
CA ILE B 90 24.42 41.49 6.39
C ILE B 90 23.37 41.37 5.29
N HIS B 91 23.31 40.19 4.68
CA HIS B 91 22.39 39.89 3.58
C HIS B 91 20.96 39.54 3.97
N THR B 92 20.00 40.17 3.30
CA THR B 92 18.59 39.88 3.56
C THR B 92 18.34 38.40 3.18
N GLU B 93 19.16 37.87 2.26
CA GLU B 93 19.01 36.49 1.81
C GLU B 93 19.62 35.46 2.76
N SER B 94 20.39 35.91 3.74
CA SER B 94 21.06 34.98 4.66
C SER B 94 20.35 34.62 5.96
N THR B 95 19.18 35.20 6.20
CA THR B 95 18.46 34.91 7.42
C THR B 95 16.99 35.18 7.21
N ARG B 96 16.14 34.53 8.00
CA ARG B 96 14.70 34.73 7.90
C ARG B 96 14.29 35.91 8.78
N HIS B 97 15.23 36.42 9.57
CA HIS B 97 14.96 37.51 10.51
C HIS B 97 15.95 38.65 10.36
N ILE B 98 15.99 39.24 9.17
CA ILE B 98 16.91 40.32 8.88
C ILE B 98 16.69 41.55 9.77
N HIS B 99 15.43 41.81 10.15
CA HIS B 99 15.15 42.97 11.00
C HIS B 99 15.80 42.81 12.37
N GLY B 100 15.50 41.70 13.04
CA GLY B 100 16.07 41.46 14.35
C GLY B 100 17.60 41.39 14.30
N ALA B 101 18.13 40.79 13.23
CA ALA B 101 19.58 40.67 13.10
C ALA B 101 20.23 42.04 13.09
N LEU B 102 19.60 42.99 12.40
CA LEU B 102 20.13 44.35 12.34
C LEU B 102 20.05 44.98 13.72
N GLN B 103 18.97 44.72 14.45
CA GLN B 103 18.82 45.26 15.80
C GLN B 103 19.96 44.74 16.68
N LYS B 104 20.32 43.47 16.48
CA LYS B 104 21.38 42.87 17.27
C LYS B 104 22.72 43.56 17.03
N ILE B 105 23.00 43.90 15.78
CA ILE B 105 24.25 44.59 15.45
C ILE B 105 24.33 45.95 16.14
N LYS B 106 23.23 46.71 16.06
CA LYS B 106 23.16 48.03 16.69
C LYS B 106 23.35 47.92 18.20
N ALA B 107 22.62 47.00 18.83
CA ALA B 107 22.71 46.81 20.27
C ALA B 107 24.11 46.37 20.69
N ALA B 108 24.85 45.80 19.74
CA ALA B 108 26.20 45.33 20.02
C ALA B 108 27.19 46.48 19.91
N GLY B 109 26.71 47.66 19.53
CA GLY B 109 27.58 48.82 19.43
C GLY B 109 28.19 49.12 18.08
N MET B 110 27.76 48.40 17.05
CA MET B 110 28.31 48.61 15.72
C MET B 110 27.27 49.29 14.83
N LYS B 111 27.73 49.84 13.72
CA LYS B 111 26.83 50.46 12.75
C LYS B 111 26.25 49.28 11.98
N ALA B 112 24.97 49.38 11.62
CA ALA B 112 24.29 48.30 10.91
C ALA B 112 24.10 48.54 9.42
N GLY B 113 24.57 47.58 8.62
CA GLY B 113 24.43 47.69 7.18
C GLY B 113 23.66 46.50 6.63
N VAL B 114 22.89 46.73 5.57
CA VAL B 114 22.14 45.65 4.94
C VAL B 114 22.49 45.62 3.47
N VAL B 115 22.61 44.42 2.94
CA VAL B 115 22.96 44.27 1.53
C VAL B 115 22.02 43.30 0.83
N ILE B 116 21.82 43.51 -0.46
CA ILE B 116 20.99 42.63 -1.26
C ILE B 116 21.74 42.25 -2.52
N ASN B 117 21.56 41.00 -2.94
CA ASN B 117 22.17 40.48 -4.15
C ASN B 117 21.52 41.10 -5.38
N PRO B 118 22.21 41.06 -6.53
CA PRO B 118 21.71 41.62 -7.80
C PRO B 118 20.30 41.17 -8.17
N GLY B 119 19.97 39.92 -7.85
CA GLY B 119 18.65 39.38 -8.18
C GLY B 119 17.56 39.68 -7.17
N THR B 120 17.93 40.25 -6.03
CA THR B 120 16.98 40.59 -4.99
C THR B 120 16.43 41.98 -5.25
N PRO B 121 15.09 42.13 -5.25
CA PRO B 121 14.43 43.41 -5.49
C PRO B 121 14.66 44.45 -4.39
N ALA B 122 14.65 45.72 -4.76
CA ALA B 122 14.87 46.80 -3.82
C ALA B 122 13.86 46.80 -2.69
N THR B 123 12.66 46.29 -2.95
CA THR B 123 11.63 46.28 -1.92
C THR B 123 12.02 45.45 -0.70
N ALA B 124 13.05 44.62 -0.84
CA ALA B 124 13.50 43.81 0.28
C ALA B 124 14.09 44.71 1.37
N LEU B 125 14.48 45.93 1.00
CA LEU B 125 15.09 46.89 1.94
C LEU B 125 14.10 47.83 2.61
N GLU B 126 12.95 48.01 1.99
CA GLU B 126 11.93 48.92 2.50
C GLU B 126 11.65 48.84 4.00
N PRO B 127 11.38 47.64 4.52
CA PRO B 127 11.10 47.52 5.96
C PRO B 127 12.28 47.76 6.91
N LEU B 128 13.48 47.95 6.35
CA LEU B 128 14.68 48.12 7.18
C LEU B 128 15.31 49.51 7.15
N LEU B 129 14.78 50.39 6.31
CA LEU B 129 15.36 51.73 6.17
C LEU B 129 15.60 52.52 7.46
N ASP B 130 14.64 52.49 8.37
CA ASP B 130 14.74 53.23 9.62
C ASP B 130 15.81 52.77 10.63
N LEU B 131 16.30 51.54 10.50
CA LEU B 131 17.29 51.08 11.46
C LEU B 131 18.72 50.92 10.95
N VAL B 132 18.94 51.08 9.66
CA VAL B 132 20.30 50.91 9.14
C VAL B 132 21.11 52.20 9.02
N ASP B 133 22.43 52.04 9.10
CA ASP B 133 23.34 53.16 8.98
C ASP B 133 23.93 53.11 7.57
N GLN B 134 23.73 51.97 6.91
CA GLN B 134 24.26 51.76 5.58
C GLN B 134 23.50 50.71 4.77
N VAL B 135 23.30 51.01 3.49
CA VAL B 135 22.65 50.09 2.58
C VAL B 135 23.67 49.81 1.49
N LEU B 136 23.96 48.53 1.28
CA LEU B 136 24.92 48.13 0.26
C LEU B 136 24.20 47.45 -0.90
N ILE B 137 24.36 47.98 -2.10
CA ILE B 137 23.76 47.37 -3.27
C ILE B 137 24.85 46.64 -4.04
N MET B 138 24.80 45.31 -4.06
CA MET B 138 25.80 44.54 -4.79
C MET B 138 25.69 44.87 -6.28
N THR B 139 26.82 45.10 -6.94
CA THR B 139 26.78 45.37 -8.36
C THR B 139 27.42 44.23 -9.14
N VAL B 140 27.63 43.12 -8.44
CA VAL B 140 28.15 41.88 -9.02
C VAL B 140 27.62 40.80 -8.10
N ASN B 141 27.53 39.57 -8.60
CA ASN B 141 27.05 38.46 -7.79
C ASN B 141 28.15 38.08 -6.79
N PRO B 142 27.84 38.11 -5.49
CA PRO B 142 28.79 37.78 -4.41
C PRO B 142 29.58 36.50 -4.64
N GLY B 143 30.82 36.48 -4.16
CA GLY B 143 31.63 35.30 -4.31
C GLY B 143 33.11 35.55 -4.54
N PHE B 144 33.42 36.49 -5.42
CA PHE B 144 34.81 36.79 -5.72
C PHE B 144 35.00 38.12 -6.45
N GLY B 145 36.26 38.51 -6.64
CA GLY B 145 36.56 39.75 -7.31
C GLY B 145 36.82 39.62 -8.79
N GLY B 146 36.82 40.75 -9.49
CA GLY B 146 37.08 40.73 -10.92
C GLY B 146 35.87 40.51 -11.80
N GLN B 147 34.68 40.39 -11.20
CA GLN B 147 33.46 40.17 -11.98
C GLN B 147 32.97 41.41 -12.71
N ALA B 148 32.16 41.20 -13.74
CA ALA B 148 31.61 42.27 -14.54
C ALA B 148 30.52 43.09 -13.84
N PHE B 149 30.66 44.41 -13.88
CA PHE B 149 29.72 45.35 -13.28
C PHE B 149 28.29 45.11 -13.83
N ILE B 150 27.29 45.16 -12.95
CA ILE B 150 25.91 44.96 -13.35
C ILE B 150 25.12 46.27 -13.25
N PRO B 151 25.09 47.04 -14.33
CA PRO B 151 24.39 48.34 -14.42
C PRO B 151 22.96 48.34 -13.88
N GLU B 152 22.19 47.32 -14.23
CA GLU B 152 20.80 47.24 -13.79
C GLU B 152 20.66 47.41 -12.27
N CYS B 153 21.68 47.02 -11.52
CA CYS B 153 21.63 47.14 -10.06
C CYS B 153 21.61 48.59 -9.60
N LEU B 154 22.03 49.49 -10.48
CA LEU B 154 22.05 50.91 -10.16
C LEU B 154 20.63 51.45 -10.00
N GLU B 155 19.67 50.78 -10.63
CA GLU B 155 18.28 51.20 -10.52
C GLU B 155 17.85 51.10 -9.07
N LYS B 156 18.35 50.09 -8.38
CA LYS B 156 18.02 49.89 -6.98
C LYS B 156 18.68 50.94 -6.10
N VAL B 157 19.83 51.44 -6.53
CA VAL B 157 20.52 52.46 -5.76
C VAL B 157 19.70 53.73 -5.80
N ALA B 158 19.18 54.06 -6.99
CA ALA B 158 18.36 55.25 -7.15
C ALA B 158 17.09 55.09 -6.32
N THR B 159 16.50 53.90 -6.39
CA THR B 159 15.29 53.61 -5.64
C THR B 159 15.45 53.79 -4.14
N VAL B 160 16.56 53.32 -3.59
CA VAL B 160 16.80 53.46 -2.15
C VAL B 160 17.11 54.91 -1.79
N ALA B 161 17.85 55.61 -2.66
CA ALA B 161 18.20 57.01 -2.42
C ALA B 161 16.91 57.83 -2.32
N LYS B 162 15.96 57.51 -3.18
CA LYS B 162 14.67 58.20 -3.20
C LYS B 162 13.89 57.93 -1.92
N TRP B 163 13.91 56.68 -1.45
CA TRP B 163 13.21 56.33 -0.22
C TRP B 163 13.88 57.03 0.95
N ARG B 164 15.20 57.14 0.90
CA ARG B 164 15.94 57.80 1.96
C ARG B 164 15.49 59.24 2.08
N ASP B 165 15.29 59.89 0.93
CA ASP B 165 14.85 61.28 0.92
C ASP B 165 13.43 61.42 1.41
N GLU B 166 12.52 60.64 0.86
CA GLU B 166 11.11 60.70 1.25
C GLU B 166 10.94 60.56 2.76
N LYS B 167 11.70 59.66 3.38
CA LYS B 167 11.61 59.44 4.82
C LYS B 167 12.58 60.37 5.54
N GLY B 168 13.37 61.11 4.78
CA GLY B 168 14.32 62.03 5.37
C GLY B 168 15.38 61.33 6.22
N LEU B 169 15.77 60.13 5.81
CA LEU B 169 16.79 59.37 6.54
C LEU B 169 18.18 59.79 6.07
N SER B 170 19.22 59.23 6.68
CA SER B 170 20.57 59.63 6.30
C SER B 170 21.63 58.54 6.30
N PHE B 171 21.24 57.31 5.97
CA PHE B 171 22.20 56.23 5.93
C PHE B 171 23.04 56.34 4.66
N ASP B 172 24.23 55.74 4.69
CA ASP B 172 25.11 55.76 3.52
C ASP B 172 24.63 54.71 2.53
N ILE B 173 24.89 54.95 1.25
CA ILE B 173 24.53 54.00 0.20
C ILE B 173 25.86 53.56 -0.41
N GLU B 174 26.11 52.26 -0.34
CA GLU B 174 27.36 51.68 -0.83
C GLU B 174 27.14 50.76 -2.02
N VAL B 175 28.16 50.63 -2.87
CA VAL B 175 28.10 49.75 -4.03
C VAL B 175 29.34 48.89 -3.95
N ASP B 176 29.24 47.68 -4.46
CA ASP B 176 30.36 46.77 -4.38
C ASP B 176 30.39 45.77 -5.52
N GLY B 177 31.50 45.74 -6.24
CA GLY B 177 31.66 44.82 -7.35
C GLY B 177 31.74 45.51 -8.70
N GLY B 178 32.85 45.30 -9.41
CA GLY B 178 33.02 45.91 -10.72
C GLY B 178 33.22 47.41 -10.66
N VAL B 179 33.47 47.95 -9.46
CA VAL B 179 33.68 49.38 -9.30
C VAL B 179 35.10 49.76 -9.71
N ASP B 180 35.20 50.61 -10.74
CA ASP B 180 36.49 51.08 -11.23
C ASP B 180 36.37 52.50 -11.72
N ASN B 181 37.43 53.02 -12.33
CA ASN B 181 37.43 54.40 -12.82
C ASN B 181 36.40 54.64 -13.93
N LYS B 182 35.99 53.57 -14.61
CA LYS B 182 35.02 53.70 -15.68
C LYS B 182 33.57 53.44 -15.27
N THR B 183 33.37 52.97 -14.04
CA THR B 183 32.02 52.70 -13.57
C THR B 183 31.61 53.48 -12.32
N ILE B 184 32.59 53.94 -11.55
CA ILE B 184 32.30 54.65 -10.31
C ILE B 184 31.44 55.92 -10.48
N ARG B 185 31.61 56.62 -11.59
CA ARG B 185 30.83 57.84 -11.80
C ARG B 185 29.34 57.52 -11.83
N ALA B 186 28.97 56.47 -12.57
CA ALA B 186 27.56 56.07 -12.67
C ALA B 186 27.00 55.72 -11.29
N CYS B 187 27.80 55.03 -10.49
CA CYS B 187 27.38 54.65 -9.15
C CYS B 187 27.07 55.92 -8.35
N TYR B 188 27.95 56.90 -8.48
CA TYR B 188 27.77 58.17 -7.78
C TYR B 188 26.49 58.86 -8.24
N GLU B 189 26.30 58.93 -9.55
CA GLU B 189 25.12 59.57 -10.12
C GLU B 189 23.83 58.87 -9.71
N ALA B 190 23.90 57.55 -9.52
CA ALA B 190 22.73 56.79 -9.12
C ALA B 190 22.34 57.12 -7.68
N GLY B 191 23.29 57.67 -6.94
CA GLY B 191 23.01 58.03 -5.56
C GLY B 191 23.88 57.41 -4.49
N ALA B 192 24.89 56.63 -4.89
CA ALA B 192 25.77 56.00 -3.92
C ALA B 192 26.86 56.97 -3.44
N ASN B 193 27.32 56.81 -2.21
CA ASN B 193 28.38 57.68 -1.69
C ASN B 193 29.55 56.90 -1.10
N VAL B 194 29.43 55.57 -1.04
CA VAL B 194 30.50 54.72 -0.55
C VAL B 194 30.81 53.71 -1.64
N PHE B 195 32.07 53.64 -2.04
CA PHE B 195 32.46 52.77 -3.15
C PHE B 195 33.55 51.76 -2.79
N VAL B 196 33.16 50.48 -2.82
CA VAL B 196 34.09 49.39 -2.52
C VAL B 196 34.81 48.99 -3.79
N ALA B 197 36.11 48.76 -3.71
CA ALA B 197 36.87 48.37 -4.90
C ALA B 197 38.05 47.47 -4.52
N GLY B 198 38.08 46.29 -5.12
CA GLY B 198 39.13 45.33 -4.85
C GLY B 198 40.15 45.20 -5.97
N SER B 199 39.83 44.37 -6.96
CA SER B 199 40.73 44.12 -8.09
C SER B 199 41.31 45.36 -8.78
N TYR B 200 40.46 46.33 -9.09
CA TYR B 200 40.92 47.54 -9.75
C TYR B 200 41.99 48.29 -8.98
N LEU B 201 41.91 48.24 -7.66
CA LEU B 201 42.90 48.92 -6.82
C LEU B 201 44.17 48.13 -6.58
N PHE B 202 44.03 46.91 -6.08
CA PHE B 202 45.19 46.08 -5.77
C PHE B 202 45.99 45.53 -6.94
N LYS B 203 45.49 45.67 -8.16
CA LYS B 203 46.22 45.20 -9.32
C LYS B 203 47.37 46.19 -9.57
N ALA B 204 47.23 47.37 -8.97
CA ALA B 204 48.22 48.44 -9.10
C ALA B 204 49.26 48.39 -7.99
N SER B 205 50.49 48.79 -8.32
CA SER B 205 51.60 48.81 -7.36
C SER B 205 51.50 50.06 -6.48
N ASP B 206 51.10 51.17 -7.09
CA ASP B 206 50.97 52.42 -6.36
C ASP B 206 49.52 52.61 -5.95
N LEU B 207 49.17 52.08 -4.78
CA LEU B 207 47.80 52.17 -4.27
C LEU B 207 47.32 53.59 -4.07
N VAL B 208 48.15 54.43 -3.45
CA VAL B 208 47.76 55.82 -3.21
C VAL B 208 47.39 56.49 -4.53
N SER B 209 48.14 56.16 -5.57
CA SER B 209 47.90 56.70 -6.89
C SER B 209 46.65 56.09 -7.52
N GLN B 210 46.50 54.78 -7.39
CA GLN B 210 45.35 54.07 -7.95
C GLN B 210 44.05 54.54 -7.30
N VAL B 211 44.10 54.82 -6.00
CA VAL B 211 42.92 55.29 -5.27
C VAL B 211 42.53 56.68 -5.77
N GLN B 212 43.54 57.45 -6.17
CA GLN B 212 43.29 58.79 -6.66
C GLN B 212 42.55 58.78 -8.00
N THR B 213 42.77 57.75 -8.80
CA THR B 213 42.09 57.65 -10.08
C THR B 213 40.59 57.56 -9.84
N LEU B 214 40.21 56.96 -8.71
CA LEU B 214 38.80 56.84 -8.38
C LEU B 214 38.25 58.20 -7.96
N ARG B 215 39.00 58.91 -7.13
CA ARG B 215 38.59 60.22 -6.68
C ARG B 215 38.39 61.12 -7.90
N THR B 216 39.39 61.13 -8.79
CA THR B 216 39.31 61.95 -9.99
C THR B 216 38.11 61.57 -10.85
N ALA B 217 37.89 60.27 -11.02
CA ALA B 217 36.77 59.78 -11.81
C ALA B 217 35.43 60.29 -11.28
N LEU B 218 35.36 60.49 -9.97
CA LEU B 218 34.13 61.00 -9.36
C LEU B 218 33.93 62.49 -9.65
N SER C 2 21.29 -21.45 -0.31
CA SER C 2 20.99 -20.03 -0.62
C SER C 2 21.03 -19.79 -2.12
N THR C 3 19.91 -19.34 -2.66
CA THR C 3 19.79 -19.07 -4.09
C THR C 3 20.69 -17.95 -4.56
N LEU C 4 21.46 -18.21 -5.62
CA LEU C 4 22.35 -17.19 -6.19
C LEU C 4 21.52 -16.43 -7.22
N LYS C 5 21.42 -15.12 -7.03
CA LYS C 5 20.62 -14.28 -7.92
C LYS C 5 21.40 -13.16 -8.61
N ILE C 6 21.01 -12.86 -9.85
CA ILE C 6 21.63 -11.80 -10.64
C ILE C 6 20.63 -10.66 -10.76
N ALA C 7 21.08 -9.44 -10.46
CA ALA C 7 20.21 -8.28 -10.50
C ALA C 7 20.73 -7.16 -11.40
N PRO C 8 20.42 -7.23 -12.71
CA PRO C 8 20.88 -6.19 -13.63
C PRO C 8 20.41 -4.82 -13.15
N SER C 9 21.33 -3.84 -13.16
CA SER C 9 21.00 -2.49 -12.70
C SER C 9 20.48 -1.64 -13.86
N ILE C 10 19.21 -1.25 -13.79
CA ILE C 10 18.61 -0.48 -14.85
C ILE C 10 19.29 0.88 -15.03
N LEU C 11 20.07 1.30 -14.03
CA LEU C 11 20.76 2.58 -14.12
C LEU C 11 21.67 2.59 -15.36
N ALA C 12 22.13 1.41 -15.77
CA ALA C 12 23.02 1.31 -16.94
C ALA C 12 22.27 1.12 -18.25
N ALA C 13 20.94 1.05 -18.19
CA ALA C 13 20.14 0.82 -19.38
C ALA C 13 19.84 2.08 -20.19
N ASP C 14 19.08 1.91 -21.27
CA ASP C 14 18.68 3.00 -22.16
C ASP C 14 17.38 3.60 -21.57
N TYR C 15 17.52 4.74 -20.87
CA TYR C 15 16.38 5.38 -20.23
C TYR C 15 15.23 5.75 -21.17
N ALA C 16 15.53 5.87 -22.45
CA ALA C 16 14.54 6.23 -23.46
C ALA C 16 13.64 5.05 -23.82
N ASN C 17 14.03 3.85 -23.41
CA ASN C 17 13.25 2.66 -23.71
C ASN C 17 13.22 1.68 -22.54
N PHE C 18 12.71 2.13 -21.41
CA PHE C 18 12.64 1.27 -20.23
C PHE C 18 11.87 -0.05 -20.47
N ALA C 19 10.73 0.03 -21.15
CA ALA C 19 9.96 -1.19 -21.39
C ALA C 19 10.80 -2.21 -22.17
N SER C 20 11.45 -1.75 -23.23
CA SER C 20 12.31 -2.57 -24.08
C SER C 20 13.48 -3.18 -23.30
N GLU C 21 14.16 -2.36 -22.50
CA GLU C 21 15.29 -2.83 -21.71
C GLU C 21 14.83 -3.89 -20.71
N LEU C 22 13.65 -3.69 -20.12
CA LEU C 22 13.13 -4.67 -19.16
C LEU C 22 12.83 -6.01 -19.85
N ALA C 23 12.39 -5.94 -21.10
CA ALA C 23 12.10 -7.14 -21.88
C ALA C 23 13.40 -7.92 -22.10
N ARG C 24 14.49 -7.20 -22.35
CA ARG C 24 15.79 -7.84 -22.55
C ARG C 24 16.22 -8.56 -21.28
N ILE C 25 15.99 -7.93 -20.13
CA ILE C 25 16.36 -8.54 -18.87
C ILE C 25 15.57 -9.83 -18.69
N GLU C 26 14.28 -9.79 -19.03
CA GLU C 26 13.40 -10.94 -18.91
C GLU C 26 13.82 -12.12 -19.77
N GLU C 27 14.59 -11.88 -20.82
CA GLU C 27 15.05 -12.96 -21.69
C GLU C 27 16.18 -13.72 -20.99
N THR C 28 16.86 -13.04 -20.06
CA THR C 28 17.96 -13.67 -19.33
C THR C 28 17.38 -14.43 -18.15
N ASP C 29 18.24 -15.06 -17.36
CA ASP C 29 17.75 -15.78 -16.19
C ASP C 29 17.92 -14.95 -14.92
N ALA C 30 17.96 -13.64 -15.10
CA ALA C 30 18.08 -12.72 -13.97
C ALA C 30 16.76 -12.79 -13.22
N GLU C 31 16.82 -12.72 -11.89
CA GLU C 31 15.61 -12.79 -11.07
C GLU C 31 15.14 -11.41 -10.60
N TYR C 32 16.08 -10.49 -10.50
CA TYR C 32 15.81 -9.12 -10.04
C TYR C 32 16.17 -8.06 -11.07
N VAL C 33 15.61 -6.88 -10.86
CA VAL C 33 15.92 -5.70 -11.65
C VAL C 33 16.32 -4.74 -10.54
N HIS C 34 17.58 -4.31 -10.52
CA HIS C 34 18.03 -3.38 -9.48
C HIS C 34 17.73 -1.95 -9.94
N ILE C 35 17.01 -1.21 -9.12
CA ILE C 35 16.60 0.15 -9.47
C ILE C 35 17.14 1.20 -8.51
N ASP C 36 18.11 1.96 -9.00
CA ASP C 36 18.79 3.00 -8.25
C ASP C 36 18.10 4.36 -8.26
N ILE C 37 17.53 4.72 -7.11
CA ILE C 37 16.84 6.00 -6.92
C ILE C 37 17.84 6.99 -6.32
N MET C 38 18.15 8.05 -7.05
CA MET C 38 19.08 9.09 -6.59
C MET C 38 18.38 10.44 -6.58
N ASP C 39 18.55 11.21 -5.50
CA ASP C 39 17.88 12.50 -5.37
C ASP C 39 18.74 13.76 -5.45
N GLY C 40 20.00 13.62 -5.83
CA GLY C 40 20.85 14.80 -5.90
C GLY C 40 21.28 15.33 -4.53
N GLN C 41 20.89 14.65 -3.45
CA GLN C 41 21.29 15.06 -2.10
C GLN C 41 22.21 14.00 -1.51
N PHE C 42 21.71 12.76 -1.40
CA PHE C 42 22.52 11.67 -0.86
C PHE C 42 23.73 11.46 -1.77
N VAL C 43 23.50 11.60 -3.07
CA VAL C 43 24.54 11.51 -4.09
C VAL C 43 24.29 12.73 -4.98
N PRO C 44 25.31 13.16 -5.74
CA PRO C 44 25.25 14.32 -6.63
C PRO C 44 24.17 14.35 -7.72
N ASN C 45 23.88 13.20 -8.31
CA ASN C 45 22.91 13.16 -9.40
C ASN C 45 21.51 12.74 -9.04
N ILE C 46 20.60 13.01 -9.96
CA ILE C 46 19.20 12.64 -9.83
C ILE C 46 19.00 11.61 -10.95
N SER C 47 18.48 10.43 -10.61
CA SER C 47 18.25 9.40 -11.61
C SER C 47 16.77 9.41 -11.97
N PHE C 48 15.95 8.73 -11.18
CA PHE C 48 14.51 8.69 -11.40
C PHE C 48 13.76 8.35 -10.12
N GLY C 49 12.48 8.71 -10.06
CA GLY C 49 11.70 8.49 -8.86
C GLY C 49 10.65 7.39 -8.86
N ALA C 50 9.79 7.42 -7.86
CA ALA C 50 8.74 6.43 -7.70
C ALA C 50 7.79 6.34 -8.87
N ASP C 51 7.47 7.47 -9.49
CA ASP C 51 6.53 7.45 -10.60
C ASP C 51 7.14 6.75 -11.80
N VAL C 52 8.46 6.82 -11.93
CA VAL C 52 9.11 6.12 -13.03
C VAL C 52 9.06 4.61 -12.71
N VAL C 53 9.25 4.25 -11.44
CA VAL C 53 9.18 2.85 -11.04
C VAL C 53 7.77 2.32 -11.30
N ALA C 54 6.78 3.15 -11.00
CA ALA C 54 5.39 2.78 -11.21
C ALA C 54 5.14 2.45 -12.68
N SER C 55 5.76 3.22 -13.57
CA SER C 55 5.60 3.01 -15.00
C SER C 55 6.30 1.75 -15.50
N MET C 56 7.42 1.42 -14.87
CA MET C 56 8.20 0.24 -15.26
C MET C 56 7.51 -1.05 -14.83
N ARG C 57 6.78 -0.97 -13.72
CA ARG C 57 6.10 -2.12 -13.13
C ARG C 57 5.28 -3.00 -14.09
N LYS C 58 4.55 -2.39 -15.00
CA LYS C 58 3.71 -3.16 -15.93
C LYS C 58 4.52 -3.89 -16.98
N HIS C 59 5.78 -3.51 -17.15
CA HIS C 59 6.61 -4.13 -18.16
C HIS C 59 7.62 -5.15 -17.63
N SER C 60 7.38 -5.66 -16.43
CA SER C 60 8.30 -6.65 -15.85
C SER C 60 7.62 -7.54 -14.81
N LYS C 61 8.02 -8.80 -14.78
CA LYS C 61 7.46 -9.76 -13.84
C LYS C 61 8.50 -10.04 -12.75
N LEU C 62 9.67 -9.43 -12.89
CA LEU C 62 10.74 -9.66 -11.94
C LEU C 62 10.65 -8.90 -10.61
N VAL C 63 11.53 -9.27 -9.69
CA VAL C 63 11.58 -8.64 -8.39
C VAL C 63 12.16 -7.24 -8.55
N PHE C 64 11.42 -6.24 -8.12
CA PHE C 64 11.90 -4.86 -8.20
C PHE C 64 12.69 -4.58 -6.93
N ASP C 65 14.01 -4.62 -7.09
CA ASP C 65 14.96 -4.40 -6.00
C ASP C 65 15.33 -2.91 -6.00
N CYS C 66 14.54 -2.10 -5.29
CA CYS C 66 14.76 -0.67 -5.23
C CYS C 66 15.77 -0.25 -4.16
N HIS C 67 16.78 0.49 -4.62
CA HIS C 67 17.86 0.98 -3.79
C HIS C 67 17.74 2.49 -3.69
N LEU C 68 17.37 2.99 -2.52
CA LEU C 68 17.22 4.44 -2.35
C LEU C 68 18.43 5.22 -1.88
N MET C 69 19.10 5.87 -2.83
CA MET C 69 20.24 6.72 -2.50
C MET C 69 19.65 8.12 -2.39
N VAL C 70 18.83 8.31 -1.36
CA VAL C 70 18.15 9.56 -1.12
C VAL C 70 18.17 9.85 0.37
N VAL C 71 18.07 11.12 0.73
CA VAL C 71 18.04 11.48 2.14
C VAL C 71 16.63 11.29 2.67
N ASP C 72 16.53 10.85 3.93
CA ASP C 72 15.24 10.64 4.58
C ASP C 72 14.30 9.75 3.75
N PRO C 73 14.72 8.52 3.46
CA PRO C 73 13.91 7.58 2.68
C PRO C 73 12.52 7.22 3.22
N GLU C 74 12.30 7.32 4.52
CA GLU C 74 11.00 6.95 5.06
C GLU C 74 9.82 7.67 4.43
N ARG C 75 10.03 8.90 3.94
CA ARG C 75 8.94 9.66 3.32
C ARG C 75 8.52 9.05 1.98
N TYR C 76 9.30 8.12 1.44
CA TYR C 76 8.95 7.50 0.17
C TYR C 76 8.45 6.06 0.28
N VAL C 77 8.33 5.53 1.49
CA VAL C 77 7.87 4.15 1.67
C VAL C 77 6.55 3.86 0.98
N GLU C 78 5.54 4.67 1.25
CA GLU C 78 4.23 4.44 0.63
C GLU C 78 4.27 4.59 -0.89
N ALA C 79 5.01 5.58 -1.38
CA ALA C 79 5.10 5.82 -2.80
C ALA C 79 5.66 4.61 -3.54
N PHE C 80 6.72 4.02 -2.98
CA PHE C 80 7.33 2.87 -3.62
C PHE C 80 6.50 1.60 -3.48
N ALA C 81 5.77 1.49 -2.38
CA ALA C 81 4.91 0.32 -2.17
C ALA C 81 3.85 0.35 -3.27
N GLN C 82 3.27 1.53 -3.48
CA GLN C 82 2.23 1.70 -4.51
C GLN C 82 2.79 1.63 -5.93
N ALA C 83 4.08 1.93 -6.09
CA ALA C 83 4.69 1.87 -7.41
C ALA C 83 4.97 0.41 -7.78
N GLY C 84 4.95 -0.47 -6.78
CA GLY C 84 5.19 -1.87 -7.04
C GLY C 84 6.56 -2.40 -6.69
N ALA C 85 7.31 -1.66 -5.88
CA ALA C 85 8.63 -2.12 -5.48
C ALA C 85 8.46 -3.39 -4.63
N ASP C 86 9.33 -4.38 -4.82
CA ASP C 86 9.21 -5.60 -4.02
C ASP C 86 10.14 -5.56 -2.81
N ILE C 87 11.30 -4.93 -2.99
CA ILE C 87 12.28 -4.77 -1.93
C ILE C 87 12.65 -3.29 -1.92
N MET C 88 12.74 -2.70 -0.73
CA MET C 88 13.14 -1.31 -0.60
C MET C 88 14.38 -1.36 0.28
N THR C 89 15.53 -0.97 -0.28
CA THR C 89 16.79 -0.98 0.47
C THR C 89 17.26 0.43 0.72
N ILE C 90 17.49 0.74 1.99
CA ILE C 90 17.88 2.08 2.41
C ILE C 90 19.21 2.16 3.16
N HIS C 91 19.85 3.32 3.03
CA HIS C 91 21.14 3.60 3.64
C HIS C 91 21.12 3.99 5.12
N THR C 92 22.04 3.41 5.89
CA THR C 92 22.12 3.74 7.31
C THR C 92 22.57 5.20 7.41
N GLU C 93 23.29 5.66 6.39
CA GLU C 93 23.81 7.03 6.38
C GLU C 93 22.77 8.08 5.96
N SER C 94 21.63 7.62 5.46
CA SER C 94 20.59 8.55 4.97
C SER C 94 19.52 8.98 5.98
N THR C 95 19.53 8.41 7.17
CA THR C 95 18.55 8.76 8.17
C THR C 95 19.09 8.53 9.56
N ARG C 96 18.55 9.26 10.53
CA ARG C 96 19.00 9.09 11.92
C ARG C 96 18.24 7.94 12.56
N HIS C 97 17.20 7.47 11.87
CA HIS C 97 16.35 6.41 12.41
C HIS C 97 16.24 5.20 11.49
N ILE C 98 17.38 4.62 11.15
CA ILE C 98 17.39 3.48 10.25
C ILE C 98 16.50 2.32 10.75
N HIS C 99 16.54 2.01 12.04
CA HIS C 99 15.71 0.92 12.55
C HIS C 99 14.22 1.14 12.28
N GLY C 100 13.70 2.30 12.66
CA GLY C 100 12.31 2.61 12.42
C GLY C 100 11.98 2.64 10.93
N ALA C 101 12.90 3.16 10.14
CA ALA C 101 12.70 3.25 8.69
C ALA C 101 12.52 1.86 8.10
N LEU C 102 13.31 0.92 8.57
CA LEU C 102 13.21 -0.45 8.08
C LEU C 102 11.89 -1.07 8.53
N GLN C 103 11.49 -0.79 9.77
CA GLN C 103 10.23 -1.32 10.28
C GLN C 103 9.10 -0.82 9.40
N LYS C 104 9.20 0.45 8.99
CA LYS C 104 8.17 1.05 8.16
C LYS C 104 8.06 0.39 6.79
N ILE C 105 9.21 -0.01 6.25
CA ILE C 105 9.22 -0.68 4.96
C ILE C 105 8.50 -2.02 5.07
N LYS C 106 8.76 -2.74 6.16
CA LYS C 106 8.12 -4.05 6.36
C LYS C 106 6.62 -3.88 6.58
N ALA C 107 6.26 -2.84 7.32
CA ALA C 107 4.86 -2.57 7.63
C ALA C 107 4.07 -2.24 6.38
N ALA C 108 4.76 -1.76 5.36
CA ALA C 108 4.11 -1.41 4.10
C ALA C 108 4.02 -2.64 3.19
N GLY C 109 4.39 -3.81 3.70
CA GLY C 109 4.29 -5.02 2.92
C GLY C 109 5.43 -5.30 1.94
N MET C 110 6.54 -4.58 2.11
CA MET C 110 7.67 -4.80 1.21
C MET C 110 8.80 -5.49 1.95
N LYS C 111 9.74 -6.05 1.21
CA LYS C 111 10.90 -6.69 1.81
C LYS C 111 11.84 -5.54 2.16
N ALA C 112 12.47 -5.61 3.32
CA ALA C 112 13.36 -4.54 3.75
C ALA C 112 14.84 -4.85 3.62
N GLY C 113 15.54 -3.94 2.97
CA GLY C 113 16.97 -4.09 2.79
C GLY C 113 17.68 -2.91 3.41
N VAL C 114 18.90 -3.14 3.89
CA VAL C 114 19.71 -2.08 4.47
C VAL C 114 21.04 -2.10 3.73
N VAL C 115 21.63 -0.92 3.51
CA VAL C 115 22.88 -0.84 2.78
C VAL C 115 23.86 0.13 3.45
N ILE C 116 25.16 -0.17 3.34
CA ILE C 116 26.17 0.72 3.90
C ILE C 116 27.21 1.06 2.83
N ASN C 117 27.66 2.32 2.83
CA ASN C 117 28.66 2.78 1.88
C ASN C 117 30.01 2.13 2.21
N PRO C 118 30.97 2.18 1.27
CA PRO C 118 32.30 1.59 1.47
C PRO C 118 33.00 2.06 2.75
N GLY C 119 32.88 3.35 3.05
CA GLY C 119 33.52 3.90 4.23
C GLY C 119 32.78 3.67 5.54
N THR C 120 31.61 3.05 5.47
CA THR C 120 30.82 2.79 6.68
C THR C 120 31.15 1.40 7.26
N PRO C 121 31.50 1.33 8.55
CA PRO C 121 31.83 0.07 9.22
C PRO C 121 30.68 -0.94 9.31
N ALA C 122 31.04 -2.21 9.27
CA ALA C 122 30.04 -3.29 9.33
C ALA C 122 29.20 -3.21 10.60
N THR C 123 29.74 -2.64 11.69
CA THR C 123 28.96 -2.54 12.93
C THR C 123 27.68 -1.73 12.76
N ALA C 124 27.64 -0.83 11.79
CA ALA C 124 26.43 -0.04 11.55
C ALA C 124 25.26 -1.01 11.26
N LEU C 125 25.61 -2.23 10.83
CA LEU C 125 24.63 -3.27 10.51
C LEU C 125 24.13 -4.12 11.68
N GLU C 126 24.97 -4.32 12.69
CA GLU C 126 24.62 -5.17 13.82
C GLU C 126 23.23 -5.07 14.45
N PRO C 127 22.78 -3.87 14.79
CA PRO C 127 21.44 -3.79 15.40
C PRO C 127 20.26 -4.00 14.43
N LEU C 128 20.57 -4.15 13.14
CA LEU C 128 19.52 -4.32 12.14
C LEU C 128 19.33 -5.73 11.60
N LEU C 129 20.26 -6.63 11.92
CA LEU C 129 20.21 -7.99 11.40
C LEU C 129 18.89 -8.74 11.57
N ASP C 130 18.30 -8.68 12.75
CA ASP C 130 17.04 -9.39 13.00
C ASP C 130 15.82 -8.88 12.24
N LEU C 131 15.86 -7.66 11.74
CA LEU C 131 14.68 -7.17 11.03
C LEU C 131 14.72 -7.12 9.52
N VAL C 132 15.90 -7.19 8.91
CA VAL C 132 15.97 -7.10 7.45
C VAL C 132 15.84 -8.41 6.68
N ASP C 133 15.54 -8.29 5.39
CA ASP C 133 15.41 -9.43 4.49
C ASP C 133 16.63 -9.47 3.59
N GLN C 134 17.36 -8.35 3.54
CA GLN C 134 18.54 -8.25 2.69
C GLN C 134 19.55 -7.21 3.18
N VAL C 135 20.82 -7.55 3.08
CA VAL C 135 21.87 -6.63 3.47
C VAL C 135 22.70 -6.36 2.22
N LEU C 136 22.79 -5.09 1.84
CA LEU C 136 23.58 -4.75 0.66
C LEU C 136 24.88 -4.07 1.08
N ILE C 137 25.99 -4.58 0.56
CA ILE C 137 27.31 -4.02 0.84
C ILE C 137 27.79 -3.34 -0.44
N MET C 138 27.91 -2.02 -0.40
CA MET C 138 28.37 -1.30 -1.59
C MET C 138 29.81 -1.71 -1.85
N THR C 139 30.13 -1.99 -3.10
CA THR C 139 31.48 -2.36 -3.49
C THR C 139 32.13 -1.25 -4.32
N VAL C 140 31.41 -0.13 -4.39
CA VAL C 140 31.89 1.10 -5.04
C VAL C 140 31.15 2.17 -4.26
N ASN C 141 31.66 3.39 -4.29
CA ASN C 141 30.99 4.48 -3.59
C ASN C 141 29.77 4.85 -4.44
N PRO C 142 28.59 4.92 -3.82
CA PRO C 142 27.36 5.24 -4.55
C PRO C 142 27.48 6.48 -5.43
N GLY C 143 26.77 6.49 -6.56
CA GLY C 143 26.81 7.63 -7.44
C GLY C 143 26.60 7.34 -8.90
N PHE C 144 27.36 6.39 -9.44
CA PHE C 144 27.24 6.04 -10.85
C PHE C 144 27.87 4.70 -11.19
N GLY C 145 27.69 4.26 -12.43
CA GLY C 145 28.25 2.99 -12.84
C GLY C 145 29.65 3.15 -13.41
N GLY C 146 30.26 2.03 -13.76
CA GLY C 146 31.60 2.06 -14.33
C GLY C 146 32.77 2.26 -13.37
N GLN C 147 32.48 2.32 -12.08
CA GLN C 147 33.54 2.54 -11.10
C GLN C 147 34.37 1.30 -10.78
N ALA C 148 35.54 1.52 -10.20
CA ALA C 148 36.44 0.43 -9.84
C ALA C 148 35.97 -0.32 -8.60
N PHE C 149 36.01 -1.65 -8.66
CA PHE C 149 35.59 -2.51 -7.55
C PHE C 149 36.47 -2.24 -6.32
N ILE C 150 35.88 -2.24 -5.13
CA ILE C 150 36.61 -2.00 -3.89
C ILE C 150 36.71 -3.31 -3.09
N PRO C 151 37.83 -4.04 -3.25
CA PRO C 151 38.06 -5.31 -2.56
C PRO C 151 37.85 -5.30 -1.04
N GLU C 152 38.31 -4.25 -0.37
CA GLU C 152 38.17 -4.17 1.09
C GLU C 152 36.72 -4.33 1.54
N CYS C 153 35.79 -3.93 0.69
CA CYS C 153 34.39 -4.05 1.07
C CYS C 153 33.96 -5.50 1.27
N LEU C 154 34.66 -6.43 0.62
CA LEU C 154 34.33 -7.85 0.76
C LEU C 154 34.58 -8.32 2.20
N GLU C 155 35.42 -7.59 2.93
CA GLU C 155 35.70 -7.93 4.32
C GLU C 155 34.41 -7.76 5.11
N LYS C 156 33.61 -6.75 4.74
CA LYS C 156 32.34 -6.51 5.42
C LYS C 156 31.29 -7.54 5.04
N VAL C 157 31.43 -8.12 3.86
CA VAL C 157 30.50 -9.17 3.41
C VAL C 157 30.74 -10.39 4.28
N ALA C 158 32.01 -10.70 4.51
CA ALA C 158 32.35 -11.87 5.31
C ALA C 158 31.86 -11.67 6.75
N THR C 159 32.12 -10.48 7.29
CA THR C 159 31.72 -10.17 8.66
C THR C 159 30.22 -10.35 8.88
N VAL C 160 29.41 -9.85 7.94
CA VAL C 160 27.95 -9.97 8.08
C VAL C 160 27.47 -11.42 7.91
N ALA C 161 28.09 -12.14 6.98
CA ALA C 161 27.74 -13.55 6.76
C ALA C 161 28.04 -14.30 8.05
N LYS C 162 29.16 -13.96 8.69
CA LYS C 162 29.56 -14.59 9.95
C LYS C 162 28.49 -14.30 11.01
N TRP C 163 28.08 -13.04 11.10
CA TRP C 163 27.05 -12.67 12.08
C TRP C 163 25.73 -13.40 11.79
N ARG C 164 25.35 -13.44 10.51
CA ARG C 164 24.11 -14.10 10.11
C ARG C 164 24.12 -15.54 10.60
N ASP C 165 25.28 -16.19 10.44
CA ASP C 165 25.46 -17.57 10.85
C ASP C 165 25.38 -17.69 12.38
N GLU C 166 26.00 -16.75 13.09
CA GLU C 166 25.97 -16.79 14.55
C GLU C 166 24.56 -16.66 15.10
N LYS C 167 23.75 -15.82 14.48
CA LYS C 167 22.39 -15.59 14.95
C LYS C 167 21.36 -16.52 14.31
N GLY C 168 21.82 -17.38 13.40
CA GLY C 168 20.91 -18.30 12.74
C GLY C 168 19.88 -17.61 11.86
N LEU C 169 20.27 -16.47 11.29
CA LEU C 169 19.39 -15.72 10.42
C LEU C 169 19.53 -16.20 8.99
N SER C 170 18.68 -15.70 8.10
CA SER C 170 18.74 -16.15 6.71
C SER C 170 18.52 -15.08 5.64
N PHE C 171 18.83 -13.82 5.96
CA PHE C 171 18.63 -12.76 4.99
C PHE C 171 19.64 -12.89 3.86
N ASP C 172 19.28 -12.36 2.69
CA ASP C 172 20.18 -12.40 1.55
C ASP C 172 21.29 -11.37 1.79
N ILE C 173 22.43 -11.55 1.14
CA ILE C 173 23.55 -10.63 1.24
C ILE C 173 23.86 -10.24 -0.19
N GLU C 174 23.70 -8.96 -0.48
CA GLU C 174 23.91 -8.45 -1.82
C GLU C 174 25.14 -7.55 -1.94
N VAL C 175 25.70 -7.48 -3.14
CA VAL C 175 26.83 -6.62 -3.42
C VAL C 175 26.44 -5.79 -4.63
N ASP C 176 26.96 -4.58 -4.71
CA ASP C 176 26.63 -3.71 -5.82
C ASP C 176 27.76 -2.71 -6.11
N GLY C 177 28.27 -2.77 -7.34
CA GLY C 177 29.33 -1.88 -7.74
C GLY C 177 30.58 -2.59 -8.22
N GLY C 178 30.86 -2.49 -9.51
CA GLY C 178 32.04 -3.12 -10.08
C GLY C 178 31.97 -4.62 -10.16
N VAL C 179 30.77 -5.19 -10.05
CA VAL C 179 30.61 -6.63 -10.15
C VAL C 179 30.69 -7.05 -11.60
N ASP C 180 31.64 -7.91 -11.93
CA ASP C 180 31.77 -8.39 -13.30
C ASP C 180 32.25 -9.84 -13.30
N ASN C 181 32.58 -10.37 -14.47
CA ASN C 181 33.04 -11.76 -14.54
C ASN C 181 34.32 -12.04 -13.76
N LYS C 182 35.13 -11.02 -13.55
CA LYS C 182 36.40 -11.19 -12.83
C LYS C 182 36.32 -10.93 -11.33
N THR C 183 35.27 -10.28 -10.87
CA THR C 183 35.14 -10.00 -9.45
C THR C 183 33.99 -10.72 -8.77
N ILE C 184 33.02 -11.18 -9.55
CA ILE C 184 31.86 -11.85 -8.97
C ILE C 184 32.16 -13.09 -8.11
N ARG C 185 33.11 -13.92 -8.52
CA ARG C 185 33.44 -15.10 -7.76
C ARG C 185 33.93 -14.72 -6.35
N ALA C 186 34.74 -13.68 -6.27
CA ALA C 186 35.27 -13.21 -4.99
C ALA C 186 34.12 -12.75 -4.08
N CYS C 187 33.09 -12.15 -4.66
CA CYS C 187 31.94 -11.68 -3.89
C CYS C 187 31.23 -12.90 -3.32
N TYR C 188 31.11 -13.93 -4.14
CA TYR C 188 30.47 -15.17 -3.74
C TYR C 188 31.24 -15.79 -2.57
N GLU C 189 32.54 -16.01 -2.78
CA GLU C 189 33.37 -16.61 -1.74
C GLU C 189 33.33 -15.83 -0.43
N ALA C 190 33.09 -14.52 -0.50
CA ALA C 190 33.04 -13.71 0.71
C ALA C 190 31.73 -13.93 1.47
N GLY C 191 30.69 -14.40 0.79
CA GLY C 191 29.42 -14.65 1.47
C GLY C 191 28.17 -14.09 0.80
N ALA C 192 28.33 -13.36 -0.30
CA ALA C 192 27.19 -12.78 -1.00
C ALA C 192 26.48 -13.81 -1.89
N ASN C 193 25.17 -13.63 -2.05
CA ASN C 193 24.39 -14.52 -2.89
C ASN C 193 23.51 -13.76 -3.88
N VAL C 194 23.60 -12.43 -3.85
CA VAL C 194 22.85 -11.56 -4.78
C VAL C 194 23.84 -10.58 -5.37
N PHE C 195 23.96 -10.57 -6.69
CA PHE C 195 24.94 -9.72 -7.36
C PHE C 195 24.35 -8.71 -8.33
N VAL C 196 24.53 -7.43 -8.03
CA VAL C 196 24.05 -6.35 -8.89
C VAL C 196 25.14 -6.02 -9.91
N ALA C 197 24.75 -5.87 -11.17
CA ALA C 197 25.71 -5.54 -12.22
C ALA C 197 25.03 -4.62 -13.23
N GLY C 198 25.67 -3.49 -13.49
CA GLY C 198 25.14 -2.52 -14.43
C GLY C 198 25.95 -2.42 -15.70
N SER C 199 27.01 -1.62 -15.68
CA SER C 199 27.85 -1.42 -16.86
C SER C 199 28.35 -2.70 -17.53
N TYR C 200 28.72 -3.70 -16.75
CA TYR C 200 29.22 -4.94 -17.31
C TYR C 200 28.19 -5.67 -18.17
N LEU C 201 26.94 -5.66 -17.71
CA LEU C 201 25.88 -6.32 -18.43
C LEU C 201 25.38 -5.52 -19.64
N PHE C 202 24.98 -4.28 -19.40
CA PHE C 202 24.46 -3.44 -20.47
C PHE C 202 25.41 -2.93 -21.55
N LYS C 203 26.70 -3.09 -21.36
CA LYS C 203 27.64 -2.66 -22.39
C LYS C 203 27.57 -3.68 -23.52
N ALA C 204 26.94 -4.81 -23.24
CA ALA C 204 26.81 -5.89 -24.23
C ALA C 204 25.44 -5.88 -24.90
N SER C 205 25.42 -6.09 -26.21
CA SER C 205 24.18 -6.11 -26.98
C SER C 205 23.42 -7.41 -26.72
N ASP C 206 24.15 -8.49 -26.45
CA ASP C 206 23.54 -9.77 -26.15
C ASP C 206 23.53 -9.91 -24.63
N LEU C 207 22.45 -9.45 -24.01
CA LEU C 207 22.32 -9.50 -22.56
C LEU C 207 22.28 -10.92 -22.01
N VAL C 208 21.61 -11.81 -22.74
CA VAL C 208 21.48 -13.21 -22.33
C VAL C 208 22.84 -13.90 -22.12
N SER C 209 23.74 -13.78 -23.10
CA SER C 209 25.04 -14.42 -22.96
C SER C 209 25.87 -13.69 -21.91
N GLN C 210 25.68 -12.38 -21.80
CA GLN C 210 26.45 -11.59 -20.84
C GLN C 210 26.10 -11.99 -19.41
N VAL C 211 24.81 -12.21 -19.14
CA VAL C 211 24.42 -12.63 -17.80
C VAL C 211 24.99 -14.02 -17.55
N GLN C 212 24.99 -14.87 -18.58
CA GLN C 212 25.54 -16.21 -18.45
C GLN C 212 27.01 -16.23 -18.06
N THR C 213 27.78 -15.25 -18.53
CA THR C 213 29.20 -15.21 -18.20
C THR C 213 29.36 -15.03 -16.69
N LEU C 214 28.42 -14.34 -16.07
CA LEU C 214 28.48 -14.15 -14.62
C LEU C 214 28.17 -15.47 -13.95
N ARG C 215 27.13 -16.14 -14.46
CA ARG C 215 26.71 -17.45 -13.94
C ARG C 215 27.88 -18.43 -14.01
N THR C 216 28.60 -18.39 -15.12
CA THR C 216 29.75 -19.27 -15.34
C THR C 216 30.89 -18.91 -14.38
N ALA C 217 31.14 -17.61 -14.24
CA ALA C 217 32.17 -17.12 -13.34
C ALA C 217 31.85 -17.58 -11.93
N LEU C 218 30.56 -17.61 -11.60
CA LEU C 218 30.14 -18.05 -10.27
C LEU C 218 30.52 -19.51 -10.15
N ASN C 219 30.59 -20.16 -11.31
CA ASN C 219 30.98 -21.57 -11.38
C ASN C 219 30.14 -22.47 -10.49
N VAL C 220 29.08 -21.91 -9.92
CA VAL C 220 28.21 -22.68 -9.04
C VAL C 220 26.80 -22.76 -9.60
N SER D 2 4.87 37.01 -29.14
CA SER D 2 3.95 37.11 -30.31
C SER D 2 3.68 35.74 -30.92
N THR D 3 4.70 34.88 -30.99
CA THR D 3 4.52 33.53 -31.54
C THR D 3 3.96 32.60 -30.48
N LEU D 4 2.80 32.01 -30.75
CA LEU D 4 2.17 31.10 -29.80
C LEU D 4 2.77 29.70 -29.93
N LYS D 5 3.34 29.21 -28.82
CA LYS D 5 3.98 27.90 -28.80
C LYS D 5 3.31 26.96 -27.80
N ILE D 6 3.26 25.67 -28.13
CA ILE D 6 2.67 24.67 -27.26
C ILE D 6 3.79 23.75 -26.78
N ALA D 7 3.86 23.53 -25.47
CA ALA D 7 4.91 22.69 -24.89
C ALA D 7 4.36 21.51 -24.08
N PRO D 8 4.10 20.37 -24.74
CA PRO D 8 3.57 19.22 -23.99
C PRO D 8 4.55 18.86 -22.87
N SER D 9 4.04 18.55 -21.68
CA SER D 9 4.90 18.19 -20.57
C SER D 9 5.08 16.68 -20.50
N ILE D 10 6.31 16.23 -20.70
CA ILE D 10 6.64 14.80 -20.68
C ILE D 10 6.35 14.14 -19.32
N LEU D 11 6.09 14.95 -18.30
CA LEU D 11 5.79 14.42 -16.97
C LEU D 11 4.47 13.64 -17.00
N ALA D 12 3.61 13.97 -17.96
CA ALA D 12 2.33 13.29 -18.07
C ALA D 12 2.35 12.13 -19.07
N ALA D 13 3.52 11.84 -19.63
CA ALA D 13 3.66 10.77 -20.61
C ALA D 13 4.00 9.39 -20.03
N ASP D 14 4.21 8.42 -20.91
CA ASP D 14 4.55 7.05 -20.50
C ASP D 14 6.07 6.95 -20.32
N TYR D 15 6.51 7.01 -19.06
CA TYR D 15 7.93 6.95 -18.73
C TYR D 15 8.67 5.73 -19.24
N ALA D 16 7.96 4.61 -19.40
CA ALA D 16 8.60 3.37 -19.86
C ALA D 16 8.87 3.41 -21.36
N ASN D 17 8.38 4.45 -22.03
CA ASN D 17 8.58 4.59 -23.46
C ASN D 17 8.78 6.06 -23.84
N PHE D 18 9.84 6.68 -23.33
CA PHE D 18 10.10 8.08 -23.65
C PHE D 18 10.31 8.31 -25.15
N ALA D 19 11.01 7.39 -25.82
CA ALA D 19 11.26 7.52 -27.24
C ALA D 19 9.97 7.61 -28.07
N SER D 20 9.07 6.65 -27.89
CA SER D 20 7.82 6.67 -28.66
C SER D 20 6.92 7.84 -28.27
N GLU D 21 7.01 8.29 -27.02
CA GLU D 21 6.21 9.42 -26.58
C GLU D 21 6.73 10.70 -27.23
N LEU D 22 8.05 10.80 -27.40
CA LEU D 22 8.65 11.97 -28.04
C LEU D 22 8.26 12.00 -29.52
N ALA D 23 8.17 10.83 -30.13
CA ALA D 23 7.78 10.73 -31.53
C ALA D 23 6.31 11.16 -31.69
N ARG D 24 5.48 10.80 -30.72
CA ARG D 24 4.07 11.18 -30.79
C ARG D 24 3.98 12.70 -30.75
N ILE D 25 4.83 13.32 -29.94
CA ILE D 25 4.82 14.77 -29.81
C ILE D 25 5.26 15.40 -31.14
N GLU D 26 6.28 14.83 -31.77
CA GLU D 26 6.76 15.36 -33.04
C GLU D 26 5.75 15.22 -34.17
N GLU D 27 4.67 14.49 -33.91
CA GLU D 27 3.62 14.31 -34.90
C GLU D 27 2.68 15.50 -34.85
N THR D 28 2.72 16.22 -33.74
CA THR D 28 1.88 17.40 -33.56
C THR D 28 2.68 18.60 -34.06
N ASP D 29 2.11 19.79 -33.89
CA ASP D 29 2.80 20.99 -34.31
C ASP D 29 3.44 21.68 -33.11
N ALA D 30 3.49 20.97 -31.98
CA ALA D 30 4.10 21.50 -30.77
C ALA D 30 5.58 21.73 -31.06
N GLU D 31 6.15 22.83 -30.58
CA GLU D 31 7.55 23.10 -30.86
C GLU D 31 8.50 22.83 -29.68
N TYR D 32 7.93 22.71 -28.49
CA TYR D 32 8.70 22.47 -27.27
C TYR D 32 8.31 21.16 -26.57
N VAL D 33 9.26 20.59 -25.84
CA VAL D 33 8.97 19.43 -25.02
C VAL D 33 9.30 20.01 -23.64
N HIS D 34 8.31 20.07 -22.75
CA HIS D 34 8.55 20.60 -21.41
C HIS D 34 8.97 19.47 -20.52
N ILE D 35 10.16 19.60 -19.93
CA ILE D 35 10.73 18.54 -19.09
C ILE D 35 10.88 18.96 -17.63
N ASP D 36 10.03 18.41 -16.77
CA ASP D 36 10.05 18.71 -15.34
C ASP D 36 11.06 17.91 -14.53
N ILE D 37 12.04 18.60 -13.95
CA ILE D 37 13.08 17.97 -13.15
C ILE D 37 12.77 18.22 -11.67
N MET D 38 12.48 17.17 -10.92
CA MET D 38 12.15 17.27 -9.49
C MET D 38 13.11 16.45 -8.63
N ASP D 39 13.61 17.04 -7.55
CA ASP D 39 14.58 16.36 -6.69
C ASP D 39 14.11 15.91 -5.29
N GLY D 40 12.81 15.98 -5.03
CA GLY D 40 12.34 15.58 -3.72
C GLY D 40 12.65 16.58 -2.62
N GLN D 41 13.35 17.66 -2.96
CA GLN D 41 13.68 18.70 -1.99
C GLN D 41 12.86 19.96 -2.27
N PHE D 42 13.01 20.53 -3.45
CA PHE D 42 12.27 21.74 -3.82
C PHE D 42 10.79 21.40 -3.83
N VAL D 43 10.49 20.17 -4.24
CA VAL D 43 9.13 19.64 -4.27
C VAL D 43 9.22 18.26 -3.63
N PRO D 44 8.08 17.71 -3.19
CA PRO D 44 8.07 16.39 -2.56
C PRO D 44 8.63 15.20 -3.36
N ASN D 45 8.31 15.14 -4.66
CA ASN D 45 8.74 14.00 -5.47
C ASN D 45 9.97 14.16 -6.35
N ILE D 46 10.47 13.01 -6.79
CA ILE D 46 11.63 12.92 -7.66
C ILE D 46 11.11 12.47 -9.02
N SER D 47 11.42 13.21 -10.07
CA SER D 47 10.97 12.81 -11.41
C SER D 47 12.09 12.07 -12.12
N PHE D 48 12.99 12.81 -12.75
CA PHE D 48 14.13 12.27 -13.47
C PHE D 48 15.18 13.36 -13.62
N GLY D 49 16.43 12.97 -13.87
CA GLY D 49 17.50 13.95 -13.98
C GLY D 49 18.11 14.17 -15.37
N ALA D 50 19.28 14.79 -15.37
CA ALA D 50 19.99 15.10 -16.60
C ALA D 50 20.32 13.90 -17.48
N ASP D 51 20.65 12.77 -16.87
CA ASP D 51 20.99 11.58 -17.65
C ASP D 51 19.77 11.05 -18.42
N VAL D 52 18.59 11.20 -17.83
CA VAL D 52 17.36 10.77 -18.50
C VAL D 52 17.13 11.74 -19.65
N VAL D 53 17.35 13.03 -19.41
CA VAL D 53 17.17 14.03 -20.46
C VAL D 53 18.15 13.77 -21.59
N ALA D 54 19.40 13.45 -21.23
CA ALA D 54 20.42 13.16 -22.22
C ALA D 54 20.02 11.97 -23.09
N SER D 55 19.43 10.96 -22.46
CA SER D 55 18.99 9.78 -23.19
C SER D 55 17.87 10.11 -24.15
N MET D 56 17.03 11.08 -23.78
CA MET D 56 15.90 11.49 -24.61
C MET D 56 16.33 12.32 -25.82
N ARG D 57 17.42 13.06 -25.66
CA ARG D 57 17.93 13.98 -26.67
C ARG D 57 17.99 13.48 -28.12
N LYS D 58 18.48 12.26 -28.32
CA LYS D 58 18.59 11.74 -29.68
C LYS D 58 17.25 11.37 -30.31
N HIS D 59 16.20 11.30 -29.50
CA HIS D 59 14.88 10.92 -29.98
C HIS D 59 13.95 12.11 -30.25
N SER D 60 14.51 13.32 -30.28
CA SER D 60 13.70 14.50 -30.52
C SER D 60 14.50 15.63 -31.14
N LYS D 61 13.87 16.38 -32.04
CA LYS D 61 14.55 17.50 -32.67
C LYS D 61 13.87 18.78 -32.20
N LEU D 62 13.00 18.63 -31.20
CA LEU D 62 12.28 19.77 -30.66
C LEU D 62 13.10 20.49 -29.58
N VAL D 63 12.60 21.65 -29.15
CA VAL D 63 13.28 22.43 -28.12
C VAL D 63 13.07 21.79 -26.76
N PHE D 64 14.16 21.44 -26.09
CA PHE D 64 14.08 20.85 -24.75
C PHE D 64 14.00 21.99 -23.75
N ASP D 65 12.79 22.21 -23.26
CA ASP D 65 12.46 23.26 -22.33
C ASP D 65 12.48 22.68 -20.92
N CYS D 66 13.67 22.62 -20.32
CA CYS D 66 13.85 22.03 -19.00
C CYS D 66 13.49 22.98 -17.83
N HIS D 67 12.66 22.48 -16.94
CA HIS D 67 12.19 23.23 -15.79
C HIS D 67 12.74 22.57 -14.53
N LEU D 68 13.64 23.26 -13.84
CA LEU D 68 14.25 22.69 -12.65
C LEU D 68 13.62 22.99 -11.30
N MET D 69 12.86 22.01 -10.80
CA MET D 69 12.22 22.12 -9.50
C MET D 69 13.15 21.37 -8.56
N VAL D 70 14.36 21.90 -8.43
CA VAL D 70 15.38 21.32 -7.59
C VAL D 70 16.03 22.47 -6.82
N VAL D 71 16.59 22.18 -5.65
CA VAL D 71 17.28 23.22 -4.89
C VAL D 71 18.68 23.38 -5.45
N ASP D 72 19.21 24.61 -5.38
CA ASP D 72 20.56 24.91 -5.87
C ASP D 72 20.83 24.39 -7.28
N PRO D 73 20.01 24.82 -8.25
CA PRO D 73 20.13 24.41 -9.64
C PRO D 73 21.46 24.68 -10.33
N GLU D 74 22.20 25.69 -9.88
CA GLU D 74 23.46 26.02 -10.53
C GLU D 74 24.40 24.84 -10.72
N ARG D 75 24.39 23.91 -9.77
CA ARG D 75 25.26 22.75 -9.85
C ARG D 75 24.93 21.82 -11.02
N TYR D 76 23.78 22.02 -11.65
CA TYR D 76 23.38 21.17 -12.77
C TYR D 76 23.44 21.85 -14.14
N VAL D 77 23.90 23.10 -14.20
CA VAL D 77 23.96 23.79 -15.49
C VAL D 77 24.79 23.00 -16.49
N GLU D 78 26.00 22.63 -16.08
CA GLU D 78 26.88 21.88 -16.96
C GLU D 78 26.24 20.56 -17.42
N ALA D 79 25.67 19.81 -16.48
CA ALA D 79 25.03 18.54 -16.83
C ALA D 79 23.91 18.73 -17.86
N PHE D 80 23.03 19.69 -17.62
CA PHE D 80 21.95 19.91 -18.57
C PHE D 80 22.42 20.45 -19.90
N ALA D 81 23.54 21.17 -19.90
CA ALA D 81 24.09 21.70 -21.13
C ALA D 81 24.59 20.53 -21.98
N GLN D 82 25.25 19.58 -21.32
CA GLN D 82 25.77 18.41 -22.01
C GLN D 82 24.65 17.43 -22.35
N ALA D 83 23.54 17.48 -21.61
CA ALA D 83 22.41 16.59 -21.84
C ALA D 83 21.63 17.01 -23.09
N GLY D 84 21.88 18.22 -23.56
CA GLY D 84 21.20 18.71 -24.76
C GLY D 84 20.03 19.63 -24.48
N ALA D 85 19.92 20.12 -23.25
CA ALA D 85 18.83 21.04 -22.92
C ALA D 85 19.00 22.31 -23.75
N ASP D 86 17.90 22.86 -24.26
CA ASP D 86 17.97 24.09 -25.05
C ASP D 86 17.60 25.31 -24.19
N ILE D 87 16.67 25.08 -23.26
CA ILE D 87 16.21 26.11 -22.35
C ILE D 87 16.29 25.55 -20.94
N MET D 88 16.79 26.36 -20.01
CA MET D 88 16.90 25.95 -18.62
C MET D 88 16.18 26.99 -17.77
N THR D 89 15.05 26.62 -17.18
CA THR D 89 14.28 27.53 -16.37
C THR D 89 14.38 27.19 -14.89
N ILE D 90 14.84 28.16 -14.10
CA ILE D 90 15.03 27.95 -12.67
C ILE D 90 14.19 28.85 -11.77
N HIS D 91 13.87 28.34 -10.60
CA HIS D 91 13.04 29.02 -9.61
C HIS D 91 13.81 30.02 -8.77
N THR D 92 13.24 31.22 -8.60
CA THR D 92 13.86 32.26 -7.78
C THR D 92 13.92 31.77 -6.32
N GLU D 93 12.99 30.88 -5.97
CA GLU D 93 12.93 30.36 -4.61
C GLU D 93 13.90 29.20 -4.37
N SER D 94 14.65 28.81 -5.39
CA SER D 94 15.57 27.68 -5.25
C SER D 94 17.04 28.04 -5.02
N THR D 95 17.35 29.34 -4.97
CA THR D 95 18.71 29.78 -4.77
C THR D 95 18.75 31.21 -4.24
N ARG D 96 19.82 31.55 -3.53
CA ARG D 96 19.97 32.89 -2.98
C ARG D 96 20.62 33.79 -4.02
N HIS D 97 21.10 33.18 -5.10
CA HIS D 97 21.78 33.93 -6.15
C HIS D 97 21.14 33.71 -7.51
N ILE D 98 19.84 34.00 -7.63
CA ILE D 98 19.13 33.79 -8.89
C ILE D 98 19.73 34.53 -10.08
N HIS D 99 20.23 35.76 -9.86
CA HIS D 99 20.81 36.53 -10.95
C HIS D 99 22.05 35.81 -11.54
N GLY D 100 23.01 35.50 -10.69
CA GLY D 100 24.21 34.81 -11.16
C GLY D 100 23.89 33.44 -11.74
N ALA D 101 22.87 32.79 -11.18
CA ALA D 101 22.45 31.47 -11.66
C ALA D 101 21.99 31.58 -13.10
N LEU D 102 21.24 32.64 -13.41
CA LEU D 102 20.76 32.86 -14.76
C LEU D 102 21.94 33.16 -15.67
N GLN D 103 22.90 33.93 -15.17
CA GLN D 103 24.09 34.25 -15.95
C GLN D 103 24.81 32.96 -16.33
N LYS D 104 24.93 32.05 -15.36
CA LYS D 104 25.62 30.77 -15.59
C LYS D 104 24.92 29.97 -16.68
N ILE D 105 23.58 30.00 -16.69
CA ILE D 105 22.84 29.26 -17.71
C ILE D 105 23.19 29.82 -19.09
N LYS D 106 23.17 31.14 -19.23
CA LYS D 106 23.51 31.76 -20.51
C LYS D 106 24.97 31.50 -20.92
N ALA D 107 25.87 31.59 -19.96
CA ALA D 107 27.29 31.37 -20.26
C ALA D 107 27.56 29.94 -20.73
N ALA D 108 26.64 29.03 -20.41
CA ALA D 108 26.78 27.63 -20.81
C ALA D 108 26.20 27.35 -22.20
N GLY D 109 25.70 28.41 -22.85
CA GLY D 109 25.14 28.26 -24.19
C GLY D 109 23.66 27.94 -24.32
N MET D 110 22.92 28.02 -23.22
CA MET D 110 21.49 27.72 -23.25
C MET D 110 20.65 28.98 -23.02
N LYS D 111 19.39 28.90 -23.39
CA LYS D 111 18.46 30.01 -23.18
C LYS D 111 18.17 29.94 -21.70
N ALA D 112 18.09 31.09 -21.04
CA ALA D 112 17.84 31.13 -19.61
C ALA D 112 16.41 31.51 -19.27
N GLY D 113 15.76 30.70 -18.45
CA GLY D 113 14.39 30.98 -18.06
C GLY D 113 14.29 31.14 -16.56
N VAL D 114 13.35 31.96 -16.10
CA VAL D 114 13.14 32.13 -14.67
C VAL D 114 11.66 31.85 -14.40
N VAL D 115 11.37 31.22 -13.27
CA VAL D 115 10.00 30.89 -12.90
C VAL D 115 9.71 31.23 -11.44
N ILE D 116 8.45 31.54 -11.13
CA ILE D 116 8.07 31.84 -9.76
C ILE D 116 6.83 31.05 -9.40
N ASN D 117 6.79 30.58 -8.16
CA ASN D 117 5.66 29.82 -7.68
C ASN D 117 4.44 30.73 -7.54
N PRO D 118 3.26 30.14 -7.37
CA PRO D 118 2.02 30.91 -7.22
C PRO D 118 2.08 31.92 -6.08
N GLY D 119 2.73 31.55 -4.99
CA GLY D 119 2.82 32.43 -3.84
C GLY D 119 3.91 33.48 -3.87
N THR D 120 4.73 33.46 -4.91
CA THR D 120 5.81 34.43 -5.05
C THR D 120 5.34 35.63 -5.88
N PRO D 121 5.55 36.86 -5.38
CA PRO D 121 5.15 38.10 -6.08
C PRO D 121 5.90 38.34 -7.38
N ALA D 122 5.23 38.93 -8.36
CA ALA D 122 5.87 39.20 -9.64
C ALA D 122 7.09 40.12 -9.49
N THR D 123 7.15 40.88 -8.41
CA THR D 123 8.26 41.79 -8.20
C THR D 123 9.60 41.07 -8.06
N ALA D 124 9.56 39.78 -7.81
CA ALA D 124 10.79 39.00 -7.68
C ALA D 124 11.48 38.88 -9.04
N LEU D 125 10.74 39.15 -10.10
CA LEU D 125 11.25 39.05 -11.46
C LEU D 125 11.91 40.31 -12.00
N GLU D 126 11.48 41.47 -11.50
CA GLU D 126 12.01 42.73 -11.99
C GLU D 126 13.53 42.83 -12.16
N PRO D 127 14.30 42.47 -11.13
CA PRO D 127 15.76 42.53 -11.25
C PRO D 127 16.34 41.60 -12.31
N LEU D 128 15.52 40.69 -12.83
CA LEU D 128 16.00 39.70 -13.79
C LEU D 128 15.52 39.85 -15.23
N LEU D 129 14.64 40.80 -15.49
CA LEU D 129 14.08 41.00 -16.82
C LEU D 129 15.06 41.19 -17.96
N ASP D 130 16.23 41.76 -17.69
CA ASP D 130 17.22 42.03 -18.73
C ASP D 130 18.06 40.85 -19.21
N LEU D 131 18.14 39.78 -18.43
CA LEU D 131 18.97 38.66 -18.86
C LEU D 131 18.24 37.39 -19.25
N VAL D 132 16.93 37.33 -19.00
CA VAL D 132 16.20 36.12 -19.34
C VAL D 132 15.66 36.05 -20.77
N ASP D 133 15.42 34.83 -21.24
CA ASP D 133 14.87 34.60 -22.57
C ASP D 133 13.44 34.13 -22.37
N GLN D 134 13.11 33.77 -21.14
CA GLN D 134 11.79 33.29 -20.84
C GLN D 134 11.40 33.49 -19.39
N VAL D 135 10.14 33.85 -19.17
CA VAL D 135 9.63 34.02 -17.83
C VAL D 135 8.48 33.04 -17.73
N LEU D 136 8.59 32.11 -16.78
CA LEU D 136 7.56 31.12 -16.58
C LEU D 136 6.77 31.47 -15.33
N ILE D 137 5.45 31.58 -15.47
CA ILE D 137 4.60 31.87 -14.33
C ILE D 137 3.84 30.60 -14.01
N MET D 138 4.08 30.00 -12.85
CA MET D 138 3.38 28.78 -12.49
C MET D 138 1.89 29.09 -12.29
N THR D 139 1.04 28.27 -12.87
CA THR D 139 -0.40 28.45 -12.72
C THR D 139 -1.00 27.38 -11.79
N VAL D 140 -0.09 26.67 -11.12
CA VAL D 140 -0.41 25.65 -10.11
C VAL D 140 0.85 25.60 -9.25
N ASN D 141 0.72 25.11 -8.03
CA ASN D 141 1.89 24.98 -7.16
C ASN D 141 2.68 23.78 -7.67
N PRO D 142 3.98 23.96 -7.98
CA PRO D 142 4.87 22.91 -8.49
C PRO D 142 4.75 21.60 -7.71
N GLY D 143 4.95 20.48 -8.41
CA GLY D 143 4.89 19.19 -7.75
C GLY D 143 4.33 18.08 -8.61
N PHE D 144 3.21 18.34 -9.27
CA PHE D 144 2.60 17.34 -10.13
C PHE D 144 1.54 17.89 -11.07
N GLY D 145 1.00 17.01 -11.91
CA GLY D 145 -0.01 17.42 -12.86
C GLY D 145 -1.44 17.20 -12.42
N GLY D 146 -2.39 17.55 -13.28
CA GLY D 146 -3.79 17.37 -12.97
C GLY D 146 -4.32 18.25 -11.86
N GLN D 147 -3.57 19.28 -11.49
CA GLN D 147 -4.01 20.18 -10.43
C GLN D 147 -4.94 21.25 -11.01
N ALA D 148 -5.69 21.91 -10.13
CA ALA D 148 -6.64 22.94 -10.52
C ALA D 148 -5.94 24.26 -10.88
N PHE D 149 -6.34 24.82 -12.03
CA PHE D 149 -5.79 26.08 -12.52
C PHE D 149 -5.95 27.19 -11.46
N ILE D 150 -4.97 28.09 -11.39
CA ILE D 150 -5.00 29.21 -10.44
C ILE D 150 -5.10 30.54 -11.20
N PRO D 151 -6.32 31.02 -11.44
CA PRO D 151 -6.60 32.27 -12.16
C PRO D 151 -5.78 33.47 -11.67
N GLU D 152 -5.67 33.60 -10.35
CA GLU D 152 -4.93 34.70 -9.73
C GLU D 152 -3.53 34.88 -10.28
N CYS D 153 -2.88 33.79 -10.69
CA CYS D 153 -1.52 33.87 -11.22
C CYS D 153 -1.46 34.63 -12.54
N LEU D 154 -2.59 34.74 -13.22
CA LEU D 154 -2.65 35.45 -14.48
C LEU D 154 -2.31 36.94 -14.29
N GLU D 155 -2.58 37.48 -13.10
CA GLU D 155 -2.28 38.88 -12.82
C GLU D 155 -0.78 39.13 -12.96
N LYS D 156 0.02 38.12 -12.63
CA LYS D 156 1.48 38.23 -12.73
C LYS D 156 1.92 38.12 -14.19
N VAL D 157 1.19 37.33 -14.97
CA VAL D 157 1.49 37.20 -16.39
C VAL D 157 1.26 38.59 -17.00
N ALA D 158 0.15 39.21 -16.60
CA ALA D 158 -0.18 40.54 -17.11
C ALA D 158 0.87 41.55 -16.67
N THR D 159 1.22 41.54 -15.39
CA THR D 159 2.22 42.47 -14.87
C THR D 159 3.51 42.38 -15.66
N VAL D 160 3.97 41.16 -15.90
CA VAL D 160 5.22 40.95 -16.65
C VAL D 160 5.10 41.30 -18.13
N ALA D 161 3.94 41.08 -18.73
CA ALA D 161 3.78 41.43 -20.14
C ALA D 161 3.86 42.95 -20.25
N LYS D 162 3.42 43.64 -19.19
CA LYS D 162 3.48 45.09 -19.17
C LYS D 162 4.92 45.56 -19.05
N TRP D 163 5.67 44.96 -18.12
CA TRP D 163 7.07 45.35 -17.93
C TRP D 163 7.86 45.14 -19.20
N ARG D 164 7.60 44.03 -19.89
CA ARG D 164 8.31 43.75 -21.13
C ARG D 164 8.06 44.88 -22.12
N ASP D 165 6.83 45.37 -22.14
CA ASP D 165 6.44 46.46 -23.03
C ASP D 165 7.21 47.73 -22.68
N GLU D 166 7.13 48.15 -21.42
CA GLU D 166 7.80 49.35 -20.96
C GLU D 166 9.31 49.32 -21.18
N LYS D 167 9.92 48.18 -20.95
CA LYS D 167 11.37 48.04 -21.13
C LYS D 167 11.77 47.67 -22.55
N GLY D 168 10.78 47.39 -23.39
CA GLY D 168 11.04 47.04 -24.76
C GLY D 168 11.85 45.76 -24.93
N LEU D 169 11.60 44.79 -24.07
CA LEU D 169 12.30 43.51 -24.11
C LEU D 169 11.52 42.50 -24.96
N SER D 170 12.12 41.36 -25.26
CA SER D 170 11.46 40.36 -26.09
C SER D 170 11.50 38.89 -25.62
N PHE D 171 11.50 38.68 -24.31
CA PHE D 171 11.52 37.32 -23.78
C PHE D 171 10.14 36.70 -23.88
N ASP D 172 10.08 35.37 -23.93
CA ASP D 172 8.80 34.67 -23.98
C ASP D 172 8.18 34.65 -22.60
N ILE D 173 6.86 34.53 -22.55
CA ILE D 173 6.17 34.44 -21.28
C ILE D 173 5.47 33.08 -21.34
N GLU D 174 5.82 32.22 -20.38
CA GLU D 174 5.26 30.88 -20.35
C GLU D 174 4.37 30.69 -19.15
N VAL D 175 3.41 29.78 -19.28
CA VAL D 175 2.50 29.44 -18.20
C VAL D 175 2.56 27.92 -18.10
N ASP D 176 2.31 27.39 -16.91
CA ASP D 176 2.39 25.96 -16.73
C ASP D 176 1.63 25.50 -15.49
N GLY D 177 0.69 24.58 -15.73
CA GLY D 177 -0.13 24.06 -14.66
C GLY D 177 -1.61 24.33 -14.91
N GLY D 178 -2.40 23.25 -15.00
CA GLY D 178 -3.82 23.41 -15.22
C GLY D 178 -4.21 24.07 -16.52
N VAL D 179 -3.33 23.97 -17.52
CA VAL D 179 -3.63 24.55 -18.83
C VAL D 179 -4.34 23.52 -19.69
N ASP D 180 -5.56 23.85 -20.13
CA ASP D 180 -6.34 22.97 -20.98
C ASP D 180 -7.14 23.79 -21.99
N ASN D 181 -8.03 23.14 -22.74
CA ASN D 181 -8.81 23.85 -23.75
C ASN D 181 -9.74 24.93 -23.18
N LYS D 182 -10.02 24.87 -21.88
CA LYS D 182 -10.90 25.85 -21.27
C LYS D 182 -10.16 26.98 -20.54
N THR D 183 -8.88 26.79 -20.28
CA THR D 183 -8.11 27.82 -19.58
C THR D 183 -7.04 28.49 -20.43
N ILE D 184 -6.57 27.81 -21.47
CA ILE D 184 -5.52 28.37 -22.30
C ILE D 184 -5.85 29.74 -22.90
N ARG D 185 -7.12 29.98 -23.19
CA ARG D 185 -7.52 31.27 -23.77
C ARG D 185 -7.20 32.42 -22.82
N ALA D 186 -7.63 32.28 -21.57
CA ALA D 186 -7.39 33.32 -20.57
C ALA D 186 -5.88 33.57 -20.40
N CYS D 187 -5.09 32.50 -20.46
CA CYS D 187 -3.63 32.63 -20.33
C CYS D 187 -3.11 33.53 -21.44
N TYR D 188 -3.55 33.24 -22.66
CA TYR D 188 -3.13 33.99 -23.83
C TYR D 188 -3.52 35.46 -23.69
N GLU D 189 -4.77 35.70 -23.27
CA GLU D 189 -5.25 37.07 -23.10
C GLU D 189 -4.40 37.83 -22.07
N ALA D 190 -3.99 37.14 -21.01
CA ALA D 190 -3.19 37.76 -19.97
C ALA D 190 -1.83 38.22 -20.46
N GLY D 191 -1.37 37.67 -21.58
CA GLY D 191 -0.08 38.07 -22.11
C GLY D 191 0.92 36.95 -22.36
N ALA D 192 0.54 35.70 -22.13
CA ALA D 192 1.45 34.59 -22.36
C ALA D 192 1.47 34.11 -23.80
N ASN D 193 2.61 33.58 -24.24
CA ASN D 193 2.70 33.05 -25.60
C ASN D 193 3.23 31.60 -25.65
N VAL D 194 3.61 31.06 -24.50
CA VAL D 194 4.11 29.67 -24.44
C VAL D 194 3.25 28.92 -23.43
N PHE D 195 2.62 27.83 -23.87
CA PHE D 195 1.72 27.09 -23.02
C PHE D 195 2.08 25.63 -22.79
N VAL D 196 2.40 25.31 -21.53
CA VAL D 196 2.75 23.95 -21.13
C VAL D 196 1.48 23.21 -20.72
N ALA D 197 1.30 22.02 -21.27
CA ALA D 197 0.12 21.22 -20.97
C ALA D 197 0.56 19.77 -20.75
N GLY D 198 0.06 19.15 -19.70
CA GLY D 198 0.43 17.78 -19.40
C GLY D 198 -0.72 16.81 -19.45
N SER D 199 -1.47 16.70 -18.35
CA SER D 199 -2.59 15.78 -18.25
C SER D 199 -3.66 15.95 -19.32
N TYR D 200 -3.98 17.19 -19.66
CA TYR D 200 -5.01 17.43 -20.67
C TYR D 200 -4.62 16.88 -22.05
N LEU D 201 -3.33 16.88 -22.37
CA LEU D 201 -2.90 16.39 -23.67
C LEU D 201 -2.65 14.89 -23.70
N PHE D 202 -1.93 14.37 -22.71
CA PHE D 202 -1.63 12.95 -22.71
C PHE D 202 -2.77 12.02 -22.31
N LYS D 203 -3.87 12.59 -21.85
CA LYS D 203 -5.03 11.77 -21.49
C LYS D 203 -5.73 11.30 -22.77
N ALA D 204 -5.34 11.91 -23.89
CA ALA D 204 -5.94 11.56 -25.19
C ALA D 204 -5.10 10.57 -25.97
N SER D 205 -5.76 9.75 -26.77
CA SER D 205 -5.09 8.76 -27.59
C SER D 205 -4.47 9.47 -28.79
N ASP D 206 -5.23 10.42 -29.34
CA ASP D 206 -4.76 11.18 -30.50
C ASP D 206 -4.14 12.47 -30.03
N LEU D 207 -2.81 12.47 -29.94
CA LEU D 207 -2.07 13.63 -29.46
C LEU D 207 -2.11 14.77 -30.48
N VAL D 208 -2.09 14.42 -31.76
CA VAL D 208 -2.13 15.41 -32.83
C VAL D 208 -3.39 16.27 -32.78
N SER D 209 -4.55 15.62 -32.63
CA SER D 209 -5.80 16.36 -32.58
C SER D 209 -6.01 17.03 -31.22
N GLN D 210 -5.46 16.43 -30.17
CA GLN D 210 -5.60 16.99 -28.84
C GLN D 210 -4.86 18.32 -28.74
N VAL D 211 -3.72 18.42 -29.43
CA VAL D 211 -2.94 19.66 -29.45
C VAL D 211 -3.73 20.69 -30.25
N GLN D 212 -4.43 20.23 -31.27
CA GLN D 212 -5.22 21.11 -32.11
C GLN D 212 -6.32 21.80 -31.33
N THR D 213 -6.90 21.09 -30.36
CA THR D 213 -7.97 21.69 -29.55
C THR D 213 -7.42 22.90 -28.81
N LEU D 214 -6.12 22.89 -28.51
CA LEU D 214 -5.52 24.02 -27.81
C LEU D 214 -5.35 25.17 -28.79
N ARG D 215 -4.85 24.87 -29.98
CA ARG D 215 -4.66 25.88 -31.02
C ARG D 215 -6.00 26.57 -31.31
N THR D 216 -7.06 25.76 -31.44
CA THR D 216 -8.37 26.30 -31.74
C THR D 216 -8.89 27.13 -30.56
N ALA D 217 -8.64 26.66 -29.34
CA ALA D 217 -9.08 27.39 -28.16
C ALA D 217 -8.39 28.76 -28.11
N LEU D 218 -7.18 28.82 -28.65
CA LEU D 218 -6.40 30.05 -28.70
C LEU D 218 -6.95 31.05 -29.71
N THR E 3 59.28 8.24 10.85
CA THR E 3 59.98 9.23 11.72
C THR E 3 59.01 10.17 12.43
N LEU E 4 59.51 10.88 13.43
CA LEU E 4 58.69 11.81 14.21
C LEU E 4 58.67 13.21 13.63
N LYS E 5 57.46 13.69 13.32
CA LYS E 5 57.30 15.01 12.73
C LYS E 5 56.55 15.97 13.65
N ILE E 6 56.98 17.23 13.64
CA ILE E 6 56.36 18.29 14.43
C ILE E 6 55.60 19.15 13.44
N ALA E 7 54.34 19.44 13.74
CA ALA E 7 53.53 20.24 12.84
C ALA E 7 52.87 21.42 13.53
N PRO E 8 53.55 22.58 13.54
CA PRO E 8 53.02 23.78 14.17
C PRO E 8 51.71 24.17 13.50
N SER E 9 50.71 24.51 14.31
CA SER E 9 49.41 24.90 13.77
C SER E 9 49.38 26.39 13.56
N ILE E 10 49.24 26.80 12.30
CA ILE E 10 49.22 28.21 11.95
C ILE E 10 48.00 28.92 12.54
N LEU E 11 47.01 28.14 12.99
CA LEU E 11 45.80 28.69 13.61
C LEU E 11 46.20 29.52 14.83
N ALA E 12 47.35 29.19 15.40
CA ALA E 12 47.87 29.87 16.60
C ALA E 12 48.84 31.00 16.31
N ALA E 13 49.11 31.25 15.02
CA ALA E 13 50.04 32.30 14.61
C ALA E 13 49.40 33.67 14.39
N ASP E 14 50.24 34.66 14.07
CA ASP E 14 49.79 36.02 13.82
C ASP E 14 49.23 36.14 12.41
N TYR E 15 47.90 36.07 12.31
CA TYR E 15 47.22 36.12 11.01
C TYR E 15 47.55 37.33 10.13
N ALA E 16 47.97 38.44 10.73
CA ALA E 16 48.28 39.63 9.96
C ALA E 16 49.66 39.58 9.29
N ASN E 17 50.41 38.53 9.60
CA ASN E 17 51.75 38.35 9.03
C ASN E 17 52.04 36.88 8.79
N PHE E 18 51.22 36.24 7.97
CA PHE E 18 51.43 34.82 7.69
C PHE E 18 52.81 34.53 7.13
N ALA E 19 53.28 35.35 6.21
CA ALA E 19 54.59 35.16 5.61
C ALA E 19 55.72 35.11 6.63
N SER E 20 55.75 36.05 7.57
CA SER E 20 56.81 36.04 8.57
C SER E 20 56.64 34.90 9.58
N GLU E 21 55.40 34.45 9.79
CA GLU E 21 55.18 33.34 10.71
C GLU E 21 55.67 32.06 10.06
N LEU E 22 55.44 31.94 8.75
CA LEU E 22 55.87 30.76 8.02
C LEU E 22 57.39 30.71 8.01
N ALA E 23 58.01 31.88 7.95
CA ALA E 23 59.46 31.97 7.96
C ALA E 23 59.97 31.50 9.32
N ARG E 24 59.31 31.94 10.39
CA ARG E 24 59.74 31.53 11.72
C ARG E 24 59.69 30.02 11.86
N ILE E 25 58.65 29.40 11.29
CA ILE E 25 58.53 27.96 11.38
C ILE E 25 59.67 27.29 10.65
N GLU E 26 60.02 27.80 9.48
CA GLU E 26 61.10 27.21 8.70
C GLU E 26 62.46 27.35 9.38
N GLU E 27 62.53 28.15 10.44
CA GLU E 27 63.79 28.30 11.17
C GLU E 27 63.97 27.10 12.09
N THR E 28 62.84 26.50 12.48
CA THR E 28 62.84 25.33 13.36
C THR E 28 63.10 24.09 12.53
N ASP E 29 63.05 22.92 13.17
CA ASP E 29 63.24 21.69 12.41
C ASP E 29 61.91 21.03 12.10
N ALA E 30 60.80 21.72 12.39
CA ALA E 30 59.48 21.18 12.09
C ALA E 30 59.41 20.95 10.60
N GLU E 31 58.79 19.85 10.18
CA GLU E 31 58.71 19.57 8.75
C GLU E 31 57.35 19.85 8.11
N TYR E 32 56.33 20.03 8.94
CA TYR E 32 54.95 20.29 8.50
C TYR E 32 54.43 21.62 9.00
N VAL E 33 53.40 22.14 8.34
CA VAL E 33 52.71 23.34 8.78
C VAL E 33 51.26 22.83 8.82
N HIS E 34 50.65 22.81 10.00
CA HIS E 34 49.27 22.32 10.11
C HIS E 34 48.34 23.49 9.86
N ILE E 35 47.44 23.33 8.89
CA ILE E 35 46.51 24.40 8.53
C ILE E 35 45.05 24.02 8.74
N ASP E 36 44.42 24.69 9.71
CA ASP E 36 43.02 24.45 10.07
C ASP E 36 42.01 25.28 9.31
N ILE E 37 41.21 24.62 8.50
CA ILE E 37 40.17 25.26 7.70
C ILE E 37 38.85 25.07 8.44
N MET E 38 38.20 26.17 8.82
CA MET E 38 36.93 26.11 9.54
C MET E 38 35.86 26.91 8.81
N ASP E 39 34.71 26.29 8.59
CA ASP E 39 33.66 26.97 7.84
C ASP E 39 32.44 27.49 8.60
N GLY E 40 32.45 27.42 9.92
CA GLY E 40 31.30 27.91 10.66
C GLY E 40 30.14 26.91 10.67
N GLN E 41 30.29 25.82 9.93
CA GLN E 41 29.25 24.78 9.89
C GLN E 41 29.72 23.56 10.67
N PHE E 42 30.85 22.99 10.25
CA PHE E 42 31.37 21.82 10.95
C PHE E 42 31.73 22.17 12.39
N VAL E 43 32.27 23.38 12.56
CA VAL E 43 32.63 23.94 13.86
C VAL E 43 32.06 25.36 13.86
N PRO E 44 31.84 25.95 15.04
CA PRO E 44 31.27 27.29 15.18
C PRO E 44 31.92 28.45 14.42
N ASN E 45 33.24 28.46 14.36
CA ASN E 45 33.93 29.57 13.72
C ASN E 45 34.45 29.36 12.30
N ILE E 46 34.84 30.48 11.69
CA ILE E 46 35.39 30.50 10.35
C ILE E 46 36.85 30.91 10.54
N SER E 47 37.78 30.14 9.99
CA SER E 47 39.19 30.50 10.11
C SER E 47 39.63 31.16 8.80
N PHE E 48 39.99 30.35 7.82
CA PHE E 48 40.42 30.84 6.51
C PHE E 48 40.27 29.71 5.50
N GLY E 49 40.13 30.05 4.23
CA GLY E 49 39.94 29.04 3.20
C GLY E 49 41.11 28.78 2.24
N ALA E 50 40.78 28.15 1.13
CA ALA E 50 41.77 27.77 0.12
C ALA E 50 42.59 28.91 -0.47
N ASP E 51 41.98 30.06 -0.71
CA ASP E 51 42.73 31.17 -1.29
C ASP E 51 43.78 31.68 -0.32
N VAL E 52 43.50 31.56 0.98
CA VAL E 52 44.47 31.98 1.98
C VAL E 52 45.62 30.98 1.96
N VAL E 53 45.29 29.70 1.82
CA VAL E 53 46.32 28.66 1.77
C VAL E 53 47.19 28.85 0.53
N ALA E 54 46.57 29.18 -0.59
CA ALA E 54 47.30 29.39 -1.84
C ALA E 54 48.33 30.50 -1.63
N SER E 55 47.92 31.54 -0.91
CA SER E 55 48.79 32.68 -0.62
C SER E 55 49.97 32.27 0.27
N MET E 56 49.71 31.38 1.24
CA MET E 56 50.75 30.90 2.15
C MET E 56 51.76 30.02 1.42
N ARG E 57 51.27 29.25 0.45
CA ARG E 57 52.07 28.31 -0.33
C ARG E 57 53.32 28.94 -0.91
N LYS E 58 53.17 30.15 -1.45
CA LYS E 58 54.26 30.88 -2.09
C LYS E 58 55.35 31.30 -1.11
N HIS E 59 55.06 31.23 0.19
CA HIS E 59 56.03 31.65 1.20
C HIS E 59 56.57 30.52 2.07
N SER E 60 56.35 29.27 1.66
CA SER E 60 56.83 28.15 2.45
C SER E 60 57.22 26.95 1.59
N LYS E 61 58.19 26.19 2.08
CA LYS E 61 58.67 25.01 1.38
C LYS E 61 58.33 23.77 2.19
N LEU E 62 57.61 23.95 3.30
CA LEU E 62 57.24 22.82 4.14
C LEU E 62 56.02 22.06 3.65
N VAL E 63 55.73 20.95 4.30
CA VAL E 63 54.57 20.15 3.92
C VAL E 63 53.31 20.84 4.45
N PHE E 64 52.38 21.13 3.55
CA PHE E 64 51.13 21.77 3.93
C PHE E 64 50.14 20.68 4.32
N ASP E 65 49.99 20.51 5.63
CA ASP E 65 49.12 19.51 6.25
C ASP E 65 47.77 20.17 6.54
N CYS E 66 46.88 20.17 5.55
CA CYS E 66 45.57 20.79 5.67
C CYS E 66 44.49 19.93 6.32
N HIS E 67 43.86 20.50 7.34
CA HIS E 67 42.82 19.84 8.13
C HIS E 67 41.49 20.55 7.85
N LEU E 68 40.57 19.86 7.20
CA LEU E 68 39.31 20.49 6.87
C LEU E 68 38.17 20.26 7.84
N MET E 69 37.93 21.24 8.70
CA MET E 69 36.82 21.17 9.62
C MET E 69 35.69 21.94 8.94
N VAL E 70 35.21 21.35 7.84
CA VAL E 70 34.15 21.91 7.02
C VAL E 70 33.19 20.79 6.61
N VAL E 71 31.94 21.13 6.34
CA VAL E 71 30.98 20.12 5.90
C VAL E 71 31.19 19.91 4.40
N ASP E 72 31.00 18.67 3.94
CA ASP E 72 31.13 18.30 2.53
C ASP E 72 32.46 18.73 1.93
N PRO E 73 33.57 18.25 2.48
CA PRO E 73 34.92 18.60 2.00
C PRO E 73 35.30 18.25 0.57
N GLU E 74 34.60 17.31 -0.06
CA GLU E 74 34.96 16.97 -1.42
C GLU E 74 34.83 18.12 -2.41
N ARG E 75 33.99 19.11 -2.11
CA ARG E 75 33.83 20.25 -3.01
C ARG E 75 35.07 21.16 -3.03
N TYR E 76 35.99 20.93 -2.10
CA TYR E 76 37.20 21.75 -2.05
C TYR E 76 38.47 21.01 -2.47
N VAL E 77 38.35 19.75 -2.85
CA VAL E 77 39.53 18.97 -3.23
C VAL E 77 40.33 19.67 -4.32
N GLU E 78 39.65 20.11 -5.37
CA GLU E 78 40.31 20.79 -6.48
C GLU E 78 40.97 22.10 -6.02
N ALA E 79 40.24 22.86 -5.20
CA ALA E 79 40.77 24.13 -4.72
C ALA E 79 42.04 23.96 -3.89
N PHE E 80 42.07 22.97 -3.02
CA PHE E 80 43.25 22.75 -2.19
C PHE E 80 44.42 22.21 -2.99
N ALA E 81 44.12 21.44 -4.03
CA ALA E 81 45.16 20.90 -4.88
C ALA E 81 45.80 22.09 -5.60
N GLN E 82 44.97 23.04 -6.04
CA GLN E 82 45.48 24.22 -6.73
C GLN E 82 46.21 25.16 -5.79
N ALA E 83 45.82 25.15 -4.52
CA ALA E 83 46.43 26.02 -3.52
C ALA E 83 47.77 25.45 -3.04
N GLY E 84 48.04 24.21 -3.41
CA GLY E 84 49.29 23.58 -3.03
C GLY E 84 49.27 22.75 -1.76
N ALA E 85 48.10 22.26 -1.36
CA ALA E 85 48.05 21.42 -0.16
C ALA E 85 48.78 20.11 -0.43
N ASP E 86 49.62 19.67 0.51
CA ASP E 86 50.35 18.43 0.32
C ASP E 86 49.56 17.26 0.88
N ILE E 87 48.85 17.53 1.97
CA ILE E 87 48.03 16.51 2.61
C ILE E 87 46.67 17.14 2.86
N MET E 88 45.61 16.36 2.66
CA MET E 88 44.26 16.86 2.91
C MET E 88 43.62 15.86 3.85
N THR E 89 43.34 16.31 5.06
CA THR E 89 42.74 15.44 6.08
C THR E 89 41.31 15.88 6.32
N ILE E 90 40.39 14.93 6.17
CA ILE E 90 38.97 15.21 6.32
C ILE E 90 38.29 14.33 7.36
N HIS E 91 37.21 14.88 7.93
CA HIS E 91 36.43 14.22 8.99
C HIS E 91 35.42 13.18 8.51
N THR E 92 35.39 12.05 9.20
CA THR E 92 34.42 11.01 8.86
C THR E 92 33.03 11.54 9.17
N GLU E 93 32.95 12.55 10.03
CA GLU E 93 31.68 13.14 10.44
C GLU E 93 31.20 14.26 9.52
N SER E 94 32.01 14.62 8.53
CA SER E 94 31.66 15.71 7.63
C SER E 94 31.09 15.32 6.28
N THR E 95 30.95 14.03 6.03
CA THR E 95 30.41 13.55 4.76
C THR E 95 29.83 12.16 4.92
N ARG E 96 28.88 11.82 4.05
CA ARG E 96 28.25 10.50 4.10
C ARG E 96 29.06 9.51 3.26
N HIS E 97 30.04 10.04 2.53
CA HIS E 97 30.88 9.23 1.64
C HIS E 97 32.37 9.44 1.90
N ILE E 98 32.79 9.18 3.12
CA ILE E 98 34.19 9.37 3.49
C ILE E 98 35.17 8.61 2.60
N HIS E 99 34.84 7.37 2.22
CA HIS E 99 35.72 6.57 1.40
C HIS E 99 35.93 7.23 0.04
N GLY E 100 34.83 7.61 -0.61
CA GLY E 100 34.93 8.26 -1.91
C GLY E 100 35.66 9.59 -1.83
N ALA E 101 35.44 10.33 -0.75
CA ALA E 101 36.07 11.62 -0.57
C ALA E 101 37.59 11.44 -0.48
N LEU E 102 38.01 10.39 0.19
CA LEU E 102 39.43 10.10 0.32
C LEU E 102 40.02 9.69 -1.04
N GLN E 103 39.27 8.94 -1.85
CA GLN E 103 39.76 8.54 -3.17
C GLN E 103 39.93 9.78 -4.02
N LYS E 104 39.00 10.73 -3.87
CA LYS E 104 39.03 11.96 -4.63
C LYS E 104 40.31 12.75 -4.32
N ILE E 105 40.68 12.79 -3.04
CA ILE E 105 41.87 13.50 -2.61
C ILE E 105 43.10 12.92 -3.27
N LYS E 106 43.21 11.60 -3.24
CA LYS E 106 44.35 10.92 -3.84
C LYS E 106 44.36 11.07 -5.36
N ALA E 107 43.20 10.96 -6.00
CA ALA E 107 43.12 11.09 -7.45
C ALA E 107 43.56 12.48 -7.87
N ALA E 108 43.46 13.44 -6.94
CA ALA E 108 43.85 14.82 -7.21
C ALA E 108 45.36 15.03 -7.01
N GLY E 109 46.07 13.99 -6.59
CA GLY E 109 47.51 14.09 -6.41
C GLY E 109 48.02 14.44 -5.02
N MET E 110 47.13 14.50 -4.04
CA MET E 110 47.53 14.85 -2.67
C MET E 110 47.51 13.61 -1.78
N LYS E 111 48.17 13.70 -0.63
CA LYS E 111 48.15 12.60 0.32
C LYS E 111 46.79 12.73 1.02
N ALA E 112 46.17 11.60 1.33
CA ALA E 112 44.85 11.61 1.96
C ALA E 112 44.87 11.35 3.45
N GLY E 113 44.26 12.23 4.22
CA GLY E 113 44.20 12.06 5.65
C GLY E 113 42.78 11.93 6.15
N VAL E 114 42.58 11.08 7.15
CA VAL E 114 41.25 10.92 7.75
C VAL E 114 41.36 11.24 9.23
N VAL E 115 40.40 12.01 9.75
CA VAL E 115 40.39 12.38 11.16
C VAL E 115 39.05 12.07 11.79
N ILE E 116 39.04 11.74 13.07
CA ILE E 116 37.80 11.49 13.80
C ILE E 116 37.80 12.29 15.08
N ASN E 117 36.62 12.77 15.47
CA ASN E 117 36.46 13.55 16.69
C ASN E 117 36.62 12.68 17.94
N PRO E 118 36.85 13.31 19.09
CA PRO E 118 37.02 12.57 20.35
C PRO E 118 35.89 11.58 20.63
N GLY E 119 34.67 11.96 20.28
CA GLY E 119 33.53 11.09 20.53
C GLY E 119 33.24 10.04 19.48
N THR E 120 34.01 10.05 18.40
CA THR E 120 33.81 9.08 17.34
C THR E 120 34.65 7.85 17.60
N PRO E 121 34.05 6.65 17.53
CA PRO E 121 34.77 5.41 17.77
C PRO E 121 35.83 5.13 16.70
N ALA E 122 36.89 4.44 17.11
CA ALA E 122 37.98 4.10 16.19
C ALA E 122 37.49 3.25 15.02
N THR E 123 36.46 2.44 15.28
CA THR E 123 35.90 1.58 14.25
C THR E 123 35.50 2.33 12.99
N ALA E 124 35.25 3.63 13.12
CA ALA E 124 34.88 4.44 11.96
C ALA E 124 36.05 4.54 10.98
N LEU E 125 37.24 4.18 11.46
CA LEU E 125 38.47 4.22 10.65
C LEU E 125 38.80 2.93 9.91
N GLU E 126 38.41 1.80 10.47
CA GLU E 126 38.72 0.50 9.87
C GLU E 126 38.49 0.33 8.36
N PRO E 127 37.33 0.76 7.87
CA PRO E 127 37.07 0.62 6.43
C PRO E 127 37.97 1.49 5.54
N LEU E 128 38.73 2.39 6.16
CA LEU E 128 39.59 3.30 5.40
C LEU E 128 41.11 3.12 5.49
N LEU E 129 41.58 2.24 6.36
CA LEU E 129 43.02 2.04 6.54
C LEU E 129 43.84 1.76 5.28
N ASP E 130 43.34 0.90 4.40
CA ASP E 130 44.06 0.55 3.18
C ASP E 130 44.16 1.70 2.18
N LEU E 131 43.40 2.76 2.44
CA LEU E 131 43.34 3.90 1.53
C LEU E 131 44.14 5.15 1.93
N VAL E 132 44.18 5.46 3.21
CA VAL E 132 44.83 6.67 3.70
C VAL E 132 46.34 6.68 3.88
N ASP E 133 46.90 7.89 3.87
CA ASP E 133 48.33 8.10 4.05
C ASP E 133 48.56 8.59 5.48
N GLN E 134 47.48 9.05 6.10
CA GLN E 134 47.56 9.57 7.46
C GLN E 134 46.26 9.37 8.19
N VAL E 135 46.37 9.09 9.49
CA VAL E 135 45.19 8.96 10.33
C VAL E 135 45.41 9.97 11.44
N LEU E 136 44.49 10.91 11.60
CA LEU E 136 44.61 11.91 12.65
C LEU E 136 43.58 11.67 13.75
N ILE E 137 44.05 11.54 14.98
CA ILE E 137 43.17 11.33 16.12
C ILE E 137 43.09 12.65 16.89
N MET E 138 41.91 13.26 16.89
CA MET E 138 41.74 14.51 17.62
C MET E 138 41.90 14.22 19.11
N THR E 139 42.69 15.04 19.80
CA THR E 139 42.90 14.88 21.23
C THR E 139 42.22 16.01 22.00
N VAL E 140 41.39 16.78 21.29
CA VAL E 140 40.58 17.86 21.83
C VAL E 140 39.42 17.97 20.86
N ASN E 141 38.30 18.55 21.30
CA ASN E 141 37.17 18.72 20.41
C ASN E 141 37.48 19.90 19.48
N PRO E 142 37.45 19.67 18.15
CA PRO E 142 37.74 20.71 17.16
C PRO E 142 36.99 22.02 17.31
N GLY E 143 37.62 23.09 16.82
CA GLY E 143 37.00 24.40 16.91
C GLY E 143 37.95 25.52 17.26
N PHE E 144 38.91 25.25 18.14
CA PHE E 144 39.87 26.29 18.54
C PHE E 144 41.05 25.73 19.32
N GLY E 145 42.07 26.56 19.52
CA GLY E 145 43.25 26.12 20.25
C GLY E 145 43.19 26.43 21.74
N GLY E 146 44.18 25.94 22.48
CA GLY E 146 44.24 26.17 23.91
C GLY E 146 43.31 25.32 24.77
N GLN E 147 42.78 24.25 24.20
CA GLN E 147 41.88 23.36 24.94
C GLN E 147 42.62 22.28 25.73
N ALA E 148 41.92 21.69 26.69
CA ALA E 148 42.49 20.65 27.54
C ALA E 148 42.63 19.32 26.83
N PHE E 149 43.82 18.72 26.96
CA PHE E 149 44.15 17.45 26.35
C PHE E 149 43.19 16.36 26.86
N ILE E 150 42.75 15.50 25.94
CA ILE E 150 41.83 14.41 26.29
C ILE E 150 42.61 13.09 26.17
N PRO E 151 43.21 12.63 27.28
CA PRO E 151 43.99 11.38 27.30
C PRO E 151 43.29 10.13 26.78
N GLU E 152 41.97 10.05 26.96
CA GLU E 152 41.20 8.90 26.51
C GLU E 152 41.37 8.66 25.02
N CYS E 153 41.52 9.75 24.27
CA CYS E 153 41.68 9.66 22.82
C CYS E 153 42.93 8.89 22.42
N LEU E 154 43.89 8.82 23.32
CA LEU E 154 45.12 8.10 23.04
C LEU E 154 44.84 6.60 22.87
N GLU E 155 43.70 6.14 23.37
CA GLU E 155 43.35 4.73 23.24
C GLU E 155 43.10 4.42 21.77
N LYS E 156 42.49 5.38 21.07
CA LYS E 156 42.18 5.20 19.66
C LYS E 156 43.47 5.23 18.84
N VAL E 157 44.47 5.96 19.35
CA VAL E 157 45.77 6.01 18.67
C VAL E 157 46.38 4.61 18.74
N ALA E 158 46.32 4.01 19.91
CA ALA E 158 46.88 2.67 20.12
C ALA E 158 46.16 1.65 19.25
N THR E 159 44.84 1.69 19.26
CA THR E 159 44.03 0.77 18.46
C THR E 159 44.41 0.83 16.99
N VAL E 160 44.49 2.04 16.43
CA VAL E 160 44.83 2.20 15.02
C VAL E 160 46.26 1.74 14.72
N ALA E 161 47.18 1.98 15.65
CA ALA E 161 48.57 1.56 15.47
C ALA E 161 48.61 0.04 15.40
N LYS E 162 47.81 -0.60 16.26
CA LYS E 162 47.75 -2.05 16.28
C LYS E 162 47.20 -2.54 14.94
N TRP E 163 46.12 -1.93 14.47
CA TRP E 163 45.54 -2.33 13.19
C TRP E 163 46.55 -2.18 12.06
N ARG E 164 47.24 -1.05 12.03
CA ARG E 164 48.22 -0.80 10.99
C ARG E 164 49.21 -1.95 10.95
N ASP E 165 49.64 -2.39 12.12
CA ASP E 165 50.59 -3.51 12.20
C ASP E 165 49.96 -4.79 11.65
N GLU E 166 48.79 -5.13 12.15
CA GLU E 166 48.10 -6.33 11.72
C GLU E 166 47.91 -6.42 10.21
N LYS E 167 47.74 -5.27 9.55
CA LYS E 167 47.55 -5.23 8.10
C LYS E 167 48.84 -4.94 7.36
N GLY E 168 49.91 -4.66 8.11
CA GLY E 168 51.18 -4.37 7.49
C GLY E 168 51.13 -3.09 6.68
N LEU E 169 50.34 -2.12 7.14
CA LEU E 169 50.21 -0.84 6.44
C LEU E 169 51.25 0.12 6.98
N SER E 170 51.41 1.29 6.37
CA SER E 170 52.43 2.23 6.83
C SER E 170 52.06 3.71 6.89
N PHE E 171 50.79 4.03 7.03
CA PHE E 171 50.38 5.43 7.10
C PHE E 171 50.83 6.08 8.41
N ASP E 172 50.91 7.41 8.41
CA ASP E 172 51.31 8.13 9.61
C ASP E 172 50.13 8.22 10.56
N ILE E 173 50.43 8.42 11.85
CA ILE E 173 49.38 8.58 12.84
C ILE E 173 49.64 9.92 13.51
N GLU E 174 48.69 10.84 13.38
CA GLU E 174 48.84 12.17 13.93
C GLU E 174 47.89 12.43 15.10
N VAL E 175 48.28 13.35 15.97
CA VAL E 175 47.44 13.77 17.09
C VAL E 175 47.35 15.29 16.96
N ASP E 176 46.24 15.84 17.43
CA ASP E 176 46.03 17.28 17.32
C ASP E 176 45.14 17.79 18.44
N GLY E 177 45.67 18.72 19.23
CA GLY E 177 44.93 19.29 20.34
C GLY E 177 45.58 19.04 21.69
N GLY E 178 45.86 20.11 22.42
CA GLY E 178 46.46 19.99 23.74
C GLY E 178 47.82 19.34 23.76
N VAL E 179 48.52 19.35 22.62
CA VAL E 179 49.84 18.77 22.55
C VAL E 179 50.86 19.80 23.04
N ASP E 180 51.63 19.43 24.06
CA ASP E 180 52.64 20.33 24.60
C ASP E 180 53.80 19.55 25.18
N ASN E 181 54.72 20.23 25.85
CA ASN E 181 55.87 19.57 26.42
C ASN E 181 55.52 18.52 27.49
N LYS E 182 54.35 18.65 28.09
CA LYS E 182 53.93 17.71 29.12
C LYS E 182 53.06 16.56 28.62
N THR E 183 52.48 16.70 27.42
CA THR E 183 51.62 15.63 26.91
C THR E 183 52.13 14.89 25.67
N ILE E 184 53.05 15.48 24.92
CA ILE E 184 53.56 14.85 23.70
C ILE E 184 54.15 13.46 23.90
N ARG E 185 54.80 13.24 25.04
CA ARG E 185 55.42 11.94 25.30
C ARG E 185 54.38 10.84 25.32
N ALA E 186 53.24 11.12 25.96
CA ALA E 186 52.15 10.15 26.05
C ALA E 186 51.62 9.82 24.65
N CYS E 187 51.62 10.82 23.78
CA CYS E 187 51.15 10.63 22.42
C CYS E 187 52.08 9.68 21.68
N TYR E 188 53.38 9.90 21.83
CA TYR E 188 54.38 9.05 21.18
C TYR E 188 54.23 7.60 21.63
N GLU E 189 54.17 7.41 22.94
CA GLU E 189 54.03 6.07 23.50
C GLU E 189 52.77 5.37 23.04
N ALA E 190 51.71 6.14 22.83
CA ALA E 190 50.44 5.56 22.38
C ALA E 190 50.57 5.04 20.95
N GLY E 191 51.49 5.63 20.18
CA GLY E 191 51.68 5.19 18.79
C GLY E 191 51.68 6.26 17.71
N ALA E 192 51.52 7.52 18.09
CA ALA E 192 51.51 8.60 17.11
C ALA E 192 52.93 8.99 16.69
N ASN E 193 53.11 9.47 15.46
CA ASN E 193 54.43 9.89 15.00
C ASN E 193 54.40 11.30 14.41
N VAL E 194 53.21 11.91 14.39
CA VAL E 194 53.08 13.28 13.88
C VAL E 194 52.34 14.04 14.97
N PHE E 195 52.92 15.15 15.41
CA PHE E 195 52.36 15.94 16.50
C PHE E 195 52.07 17.39 16.14
N VAL E 196 50.79 17.74 16.20
CA VAL E 196 50.36 19.09 15.89
C VAL E 196 50.34 19.88 17.19
N ALA E 197 50.85 21.11 17.15
CA ALA E 197 50.86 21.97 18.33
C ALA E 197 50.68 23.42 17.95
N GLY E 198 49.64 24.04 18.51
CA GLY E 198 49.37 25.43 18.19
C GLY E 198 49.72 26.38 19.33
N SER E 199 48.78 26.58 20.25
CA SER E 199 48.96 27.49 21.37
C SER E 199 50.28 27.34 22.13
N TYR E 200 50.70 26.11 22.42
CA TYR E 200 51.94 25.93 23.16
C TYR E 200 53.14 26.56 22.45
N LEU E 201 53.33 26.21 21.18
CA LEU E 201 54.47 26.73 20.42
C LEU E 201 54.45 28.23 20.18
N PHE E 202 53.30 28.77 19.79
CA PHE E 202 53.22 30.19 19.49
C PHE E 202 53.11 31.14 20.67
N LYS E 203 53.12 30.61 21.89
CA LYS E 203 53.07 31.50 23.03
C LYS E 203 54.49 31.94 23.40
N ALA E 204 55.47 31.37 22.69
CA ALA E 204 56.87 31.69 22.92
C ALA E 204 57.41 32.54 21.77
N SER E 205 58.32 33.46 22.10
CA SER E 205 58.92 34.32 21.09
C SER E 205 59.99 33.54 20.34
N ASP E 206 60.67 32.66 21.07
CA ASP E 206 61.72 31.84 20.46
C ASP E 206 61.08 30.54 19.97
N LEU E 207 60.49 30.62 18.79
CA LEU E 207 59.82 29.45 18.21
C LEU E 207 60.78 28.28 18.04
N VAL E 208 62.03 28.57 17.70
CA VAL E 208 63.01 27.50 17.51
C VAL E 208 63.25 26.69 18.77
N SER E 209 63.39 27.38 19.90
CA SER E 209 63.63 26.69 21.16
C SER E 209 62.36 25.99 21.64
N GLN E 210 61.20 26.59 21.38
CA GLN E 210 59.94 25.98 21.79
C GLN E 210 59.73 24.65 21.08
N VAL E 211 60.05 24.59 19.79
CA VAL E 211 59.92 23.36 19.03
C VAL E 211 60.90 22.33 19.61
N GLN E 212 62.03 22.81 20.10
CA GLN E 212 63.02 21.92 20.68
C GLN E 212 62.54 21.34 21.99
N THR E 213 61.73 22.07 22.74
CA THR E 213 61.23 21.54 24.00
C THR E 213 60.36 20.31 23.72
N LEU E 214 59.73 20.28 22.55
CA LEU E 214 58.89 19.14 22.19
C LEU E 214 59.73 17.93 21.77
N ARG E 215 60.79 18.19 21.01
CA ARG E 215 61.70 17.14 20.56
C ARG E 215 62.33 16.48 21.79
N THR E 216 62.72 17.30 22.74
CA THR E 216 63.34 16.82 23.97
C THR E 216 62.34 16.00 24.78
N ALA E 217 61.10 16.49 24.87
CA ALA E 217 60.08 15.78 25.63
C ALA E 217 59.87 14.38 25.03
N LEU E 218 60.07 14.28 23.71
CA LEU E 218 59.93 13.01 23.01
C LEU E 218 60.99 12.00 23.42
N THR F 3 -15.08 43.35 12.86
CA THR F 3 -15.19 43.56 14.34
C THR F 3 -13.83 43.39 15.02
N LEU F 4 -13.63 44.10 16.12
CA LEU F 4 -12.38 44.07 16.87
C LEU F 4 -12.27 42.91 17.85
N LYS F 5 -11.17 42.17 17.76
CA LYS F 5 -10.95 41.01 18.62
C LYS F 5 -9.65 41.11 19.41
N ILE F 6 -9.65 40.54 20.61
CA ILE F 6 -8.49 40.51 21.49
C ILE F 6 -8.03 39.06 21.60
N ALA F 7 -6.75 38.81 21.36
CA ALA F 7 -6.23 37.45 21.42
C ALA F 7 -5.06 37.30 22.38
N PRO F 8 -5.34 37.00 23.65
CA PRO F 8 -4.28 36.81 24.65
C PRO F 8 -3.34 35.71 24.17
N SER F 9 -2.04 35.89 24.40
CA SER F 9 -1.04 34.92 23.96
C SER F 9 -0.70 33.95 25.10
N ILE F 10 -1.02 32.68 24.92
CA ILE F 10 -0.75 31.69 25.95
C ILE F 10 0.74 31.51 26.21
N LEU F 11 1.56 32.02 25.30
CA LEU F 11 3.01 31.93 25.43
C LEU F 11 3.43 32.65 26.71
N ALA F 12 2.66 33.67 27.11
CA ALA F 12 2.99 34.44 28.31
C ALA F 12 2.35 33.90 29.61
N ALA F 13 1.56 32.84 29.49
CA ALA F 13 0.88 32.26 30.65
C ALA F 13 1.74 31.26 31.43
N ASP F 14 1.15 30.69 32.47
CA ASP F 14 1.82 29.69 33.31
C ASP F 14 1.68 28.32 32.65
N TYR F 15 2.75 27.83 32.05
CA TYR F 15 2.73 26.55 31.34
C TYR F 15 2.36 25.32 32.18
N ALA F 16 2.63 25.36 33.48
CA ALA F 16 2.34 24.24 34.35
C ALA F 16 0.84 24.15 34.71
N ASN F 17 0.05 25.08 34.19
CA ASN F 17 -1.39 25.10 34.47
C ASN F 17 -2.17 25.65 33.29
N PHE F 18 -1.92 25.08 32.10
CA PHE F 18 -2.61 25.56 30.91
C PHE F 18 -4.12 25.57 31.10
N ALA F 19 -4.64 24.56 31.78
CA ALA F 19 -6.08 24.46 32.01
C ALA F 19 -6.63 25.71 32.72
N SER F 20 -6.13 25.99 33.91
CA SER F 20 -6.59 27.15 34.68
C SER F 20 -6.33 28.47 33.98
N GLU F 21 -5.24 28.55 33.22
CA GLU F 21 -4.91 29.77 32.49
C GLU F 21 -5.93 30.05 31.40
N LEU F 22 -6.37 29.00 30.70
CA LEU F 22 -7.35 29.16 29.64
C LEU F 22 -8.66 29.58 30.28
N ALA F 23 -8.90 29.09 31.49
CA ALA F 23 -10.13 29.41 32.21
C ALA F 23 -10.14 30.92 32.46
N ARG F 24 -8.99 31.46 32.84
CA ARG F 24 -8.88 32.89 33.11
C ARG F 24 -9.22 33.68 31.85
N ILE F 25 -8.70 33.24 30.71
CA ILE F 25 -8.96 33.92 29.45
C ILE F 25 -10.46 33.90 29.13
N GLU F 26 -11.11 32.78 29.41
CA GLU F 26 -12.53 32.65 29.11
C GLU F 26 -13.40 33.55 29.98
N GLU F 27 -12.84 34.07 31.07
CA GLU F 27 -13.56 34.97 31.97
C GLU F 27 -13.62 36.38 31.40
N THR F 28 -12.71 36.68 30.47
CA THR F 28 -12.65 38.00 29.84
C THR F 28 -13.57 37.94 28.63
N ASP F 29 -13.60 39.00 27.84
CA ASP F 29 -14.44 38.97 26.64
C ASP F 29 -13.56 38.75 25.42
N ALA F 30 -12.35 38.23 25.66
CA ALA F 30 -11.42 37.94 24.58
C ALA F 30 -12.05 36.81 23.79
N GLU F 31 -11.95 36.86 22.47
CA GLU F 31 -12.55 35.82 21.66
C GLU F 31 -11.57 34.79 21.09
N TYR F 32 -10.27 35.10 21.17
CA TYR F 32 -9.23 34.19 20.66
C TYR F 32 -8.21 33.83 21.72
N VAL F 33 -7.50 32.73 21.47
CA VAL F 33 -6.42 32.28 22.34
C VAL F 33 -5.30 32.13 21.33
N HIS F 34 -4.32 33.02 21.40
CA HIS F 34 -3.20 32.96 20.48
C HIS F 34 -2.21 31.92 20.97
N ILE F 35 -1.91 30.94 20.11
CA ILE F 35 -1.01 29.85 20.46
C ILE F 35 0.23 29.83 19.56
N ASP F 36 1.37 30.16 20.17
CA ASP F 36 2.65 30.21 19.46
C ASP F 36 3.44 28.91 19.47
N ILE F 37 3.54 28.31 18.29
CA ILE F 37 4.25 27.05 18.07
C ILE F 37 5.66 27.37 17.57
N MET F 38 6.68 27.03 18.35
CA MET F 38 8.07 27.30 17.97
C MET F 38 8.85 25.99 17.94
N ASP F 39 9.64 25.77 16.89
CA ASP F 39 10.38 24.53 16.74
C ASP F 39 11.90 24.57 16.90
N GLY F 40 12.44 25.70 17.34
CA GLY F 40 13.88 25.79 17.51
C GLY F 40 14.63 25.93 16.19
N GLN F 41 13.89 25.96 15.07
CA GLN F 41 14.49 26.14 13.76
C GLN F 41 14.12 27.51 13.17
N PHE F 42 12.81 27.77 13.07
CA PHE F 42 12.36 29.05 12.53
C PHE F 42 12.82 30.16 13.49
N VAL F 43 12.71 29.89 14.78
CA VAL F 43 13.16 30.80 15.82
C VAL F 43 14.04 29.90 16.70
N PRO F 44 14.94 30.48 17.50
CA PRO F 44 15.81 29.64 18.34
C PRO F 44 15.22 28.77 19.43
N ASN F 45 14.03 29.09 19.92
CA ASN F 45 13.46 28.28 20.99
C ASN F 45 12.32 27.37 20.58
N ILE F 46 12.02 26.42 21.48
CA ILE F 46 10.93 25.47 21.30
C ILE F 46 9.89 25.76 22.37
N SER F 47 8.63 25.93 21.97
CA SER F 47 7.59 26.19 22.96
C SER F 47 6.81 24.90 23.23
N PHE F 48 5.88 24.58 22.35
CA PHE F 48 5.05 23.37 22.48
C PHE F 48 4.43 23.03 21.13
N GLY F 49 4.08 21.76 20.94
CA GLY F 49 3.51 21.35 19.67
C GLY F 49 2.02 21.05 19.61
N ALA F 50 1.63 20.33 18.56
CA ALA F 50 0.23 19.95 18.31
C ALA F 50 -0.42 19.13 19.42
N ASP F 51 0.35 18.25 20.06
CA ASP F 51 -0.23 17.45 21.14
C ASP F 51 -0.54 18.32 22.35
N VAL F 52 0.25 19.36 22.57
CA VAL F 52 0.01 20.26 23.69
C VAL F 52 -1.28 21.03 23.39
N VAL F 53 -1.43 21.45 22.13
CA VAL F 53 -2.63 22.17 21.74
C VAL F 53 -3.83 21.24 21.87
N ALA F 54 -3.62 19.98 21.49
CA ALA F 54 -4.68 18.98 21.56
C ALA F 54 -5.26 18.89 22.97
N SER F 55 -4.39 18.84 23.97
CA SER F 55 -4.85 18.74 25.36
C SER F 55 -5.48 20.04 25.86
N MET F 56 -5.15 21.15 25.19
CA MET F 56 -5.68 22.46 25.55
C MET F 56 -7.11 22.65 25.04
N ARG F 57 -7.41 21.96 23.95
CA ARG F 57 -8.70 22.04 23.28
C ARG F 57 -9.95 21.87 24.16
N LYS F 58 -10.00 20.82 24.98
CA LYS F 58 -11.18 20.61 25.80
C LYS F 58 -11.33 21.58 26.97
N HIS F 59 -10.33 22.44 27.17
CA HIS F 59 -10.38 23.41 28.25
C HIS F 59 -10.70 24.81 27.76
N SER F 60 -11.14 24.93 26.52
CA SER F 60 -11.49 26.23 25.96
C SER F 60 -12.49 26.15 24.82
N LYS F 61 -13.41 27.12 24.80
CA LYS F 61 -14.43 27.20 23.78
C LYS F 61 -14.09 28.38 22.87
N LEU F 62 -12.93 28.97 23.07
CA LEU F 62 -12.50 30.10 22.27
C LEU F 62 -11.89 29.64 20.96
N VAL F 63 -11.59 30.60 20.09
CA VAL F 63 -11.00 30.30 18.79
C VAL F 63 -9.49 30.05 18.97
N PHE F 64 -9.06 28.86 18.59
CA PHE F 64 -7.63 28.54 18.70
C PHE F 64 -6.95 29.12 17.48
N ASP F 65 -6.23 30.21 17.72
CA ASP F 65 -5.49 30.94 16.70
C ASP F 65 -4.02 30.54 16.78
N CYS F 66 -3.69 29.43 16.12
CA CYS F 66 -2.33 28.88 16.13
C CYS F 66 -1.39 29.54 15.13
N HIS F 67 -0.28 30.05 15.66
CA HIS F 67 0.74 30.72 14.87
C HIS F 67 1.97 29.82 14.81
N LEU F 68 2.26 29.27 13.64
CA LEU F 68 3.40 28.37 13.51
C LEU F 68 4.71 29.02 13.08
N MET F 69 5.59 29.20 14.05
CA MET F 69 6.91 29.73 13.77
C MET F 69 7.76 28.46 13.70
N VAL F 70 7.53 27.69 12.64
CA VAL F 70 8.23 26.44 12.41
C VAL F 70 8.58 26.33 10.93
N VAL F 71 9.66 25.64 10.62
CA VAL F 71 10.01 25.47 9.22
C VAL F 71 9.12 24.37 8.62
N ASP F 72 8.80 24.52 7.34
CA ASP F 72 7.97 23.55 6.61
C ASP F 72 6.68 23.21 7.35
N PRO F 73 5.85 24.23 7.61
CA PRO F 73 4.59 24.08 8.33
C PRO F 73 3.55 23.15 7.69
N GLU F 74 3.64 22.89 6.39
CA GLU F 74 2.66 22.03 5.74
C GLU F 74 2.56 20.62 6.32
N ARG F 75 3.67 20.10 6.86
CA ARG F 75 3.68 18.77 7.45
C ARG F 75 2.88 18.71 8.77
N TYR F 76 2.41 19.85 9.25
CA TYR F 76 1.67 19.88 10.52
C TYR F 76 0.19 20.25 10.39
N VAL F 77 -0.29 20.48 9.16
CA VAL F 77 -1.69 20.84 8.94
C VAL F 77 -2.64 19.80 9.52
N GLU F 78 -2.48 18.55 9.11
CA GLU F 78 -3.32 17.46 9.60
C GLU F 78 -3.29 17.36 11.11
N ALA F 79 -2.09 17.46 11.69
CA ALA F 79 -1.92 17.36 13.13
C ALA F 79 -2.67 18.46 13.90
N PHE F 80 -2.59 19.69 13.41
CA PHE F 80 -3.28 20.78 14.10
C PHE F 80 -4.79 20.76 13.85
N ALA F 81 -5.20 20.29 12.68
CA ALA F 81 -6.62 20.19 12.37
C ALA F 81 -7.21 19.21 13.38
N GLN F 82 -6.51 18.12 13.63
CA GLN F 82 -6.96 17.10 14.57
C GLN F 82 -6.87 17.58 16.02
N ALA F 83 -5.90 18.45 16.31
CA ALA F 83 -5.73 18.97 17.66
C ALA F 83 -6.83 19.98 18.00
N GLY F 84 -7.52 20.49 17.00
CA GLY F 84 -8.58 21.44 17.26
C GLY F 84 -8.28 22.89 16.92
N ALA F 85 -7.23 23.12 16.14
CA ALA F 85 -6.89 24.47 15.75
C ALA F 85 -8.04 25.01 14.87
N ASP F 86 -8.43 26.26 15.09
CA ASP F 86 -9.51 26.88 14.31
C ASP F 86 -8.91 27.70 13.18
N ILE F 87 -7.77 28.33 13.47
CA ILE F 87 -7.08 29.12 12.47
C ILE F 87 -5.63 28.65 12.49
N MET F 88 -5.01 28.61 11.32
CA MET F 88 -3.62 28.19 11.23
C MET F 88 -2.91 29.27 10.43
N THR F 89 -2.00 29.99 11.08
CA THR F 89 -1.26 31.06 10.45
C THR F 89 0.20 30.67 10.27
N ILE F 90 0.67 30.76 9.03
CA ILE F 90 2.03 30.37 8.70
C ILE F 90 2.85 31.51 8.10
N HIS F 91 4.16 31.40 8.25
CA HIS F 91 5.10 32.41 7.76
C HIS F 91 5.50 32.20 6.31
N THR F 92 5.52 33.29 5.53
CA THR F 92 5.91 33.20 4.13
C THR F 92 7.38 32.81 4.04
N GLU F 93 8.12 33.06 5.11
CA GLU F 93 9.55 32.75 5.15
C GLU F 93 9.84 31.32 5.60
N SER F 94 8.79 30.55 5.90
CA SER F 94 8.96 29.18 6.38
C SER F 94 8.86 28.07 5.35
N THR F 95 8.51 28.42 4.12
CA THR F 95 8.36 27.44 3.04
C THR F 95 8.51 28.13 1.70
N ARG F 96 8.89 27.37 0.69
CA ARG F 96 9.07 27.90 -0.67
C ARG F 96 7.72 27.85 -1.41
N HIS F 97 6.71 27.26 -0.77
CA HIS F 97 5.40 27.11 -1.40
C HIS F 97 4.28 27.60 -0.50
N ILE F 98 4.35 28.89 -0.13
CA ILE F 98 3.36 29.45 0.77
C ILE F 98 1.93 29.31 0.23
N HIS F 99 1.74 29.47 -1.08
CA HIS F 99 0.42 29.37 -1.68
C HIS F 99 -0.21 27.99 -1.44
N GLY F 100 0.44 26.93 -1.92
CA GLY F 100 -0.07 25.59 -1.70
C GLY F 100 -0.25 25.27 -0.23
N ALA F 101 0.65 25.78 0.62
CA ALA F 101 0.55 25.54 2.06
C ALA F 101 -0.76 26.11 2.59
N LEU F 102 -1.11 27.30 2.14
CA LEU F 102 -2.35 27.94 2.55
C LEU F 102 -3.57 27.19 2.01
N GLN F 103 -3.48 26.67 0.78
CA GLN F 103 -4.58 25.91 0.22
C GLN F 103 -4.80 24.66 1.07
N LYS F 104 -3.69 24.05 1.47
CA LYS F 104 -3.73 22.85 2.30
C LYS F 104 -4.47 23.13 3.61
N ILE F 105 -4.15 24.25 4.25
CA ILE F 105 -4.80 24.61 5.50
C ILE F 105 -6.31 24.74 5.33
N LYS F 106 -6.74 25.32 4.21
CA LYS F 106 -8.17 25.49 3.94
C LYS F 106 -8.82 24.15 3.60
N ALA F 107 -8.13 23.36 2.79
CA ALA F 107 -8.64 22.05 2.40
C ALA F 107 -8.83 21.21 3.67
N ALA F 108 -8.12 21.56 4.72
CA ALA F 108 -8.20 20.83 5.99
C ALA F 108 -9.34 21.30 6.89
N GLY F 109 -10.12 22.27 6.42
CA GLY F 109 -11.23 22.75 7.21
C GLY F 109 -10.88 23.80 8.25
N MET F 110 -9.74 24.45 8.08
CA MET F 110 -9.33 25.48 9.01
C MET F 110 -9.24 26.83 8.31
N LYS F 111 -9.30 27.89 9.09
CA LYS F 111 -9.18 29.24 8.56
C LYS F 111 -7.69 29.38 8.26
N ALA F 112 -7.34 29.90 7.08
CA ALA F 112 -5.94 30.06 6.73
C ALA F 112 -5.42 31.45 7.02
N GLY F 113 -4.29 31.53 7.70
CA GLY F 113 -3.68 32.81 8.02
C GLY F 113 -2.25 32.85 7.53
N VAL F 114 -1.80 34.03 7.10
CA VAL F 114 -0.43 34.18 6.65
C VAL F 114 0.24 35.33 7.41
N VAL F 115 1.49 35.12 7.82
CA VAL F 115 2.22 36.13 8.56
C VAL F 115 3.59 36.42 7.97
N ILE F 116 4.07 37.65 8.16
CA ILE F 116 5.38 38.06 7.68
C ILE F 116 6.18 38.71 8.81
N ASN F 117 7.49 38.48 8.81
CA ASN F 117 8.35 39.04 9.85
C ASN F 117 8.52 40.54 9.65
N PRO F 118 8.99 41.26 10.68
CA PRO F 118 9.18 42.70 10.58
C PRO F 118 10.01 43.08 9.35
N GLY F 119 11.06 42.31 9.08
CA GLY F 119 11.93 42.60 7.96
C GLY F 119 11.41 42.19 6.59
N THR F 120 10.29 41.47 6.57
CA THR F 120 9.72 41.03 5.31
C THR F 120 8.76 42.05 4.71
N PRO F 121 8.95 42.38 3.42
CA PRO F 121 8.13 43.35 2.69
C PRO F 121 6.68 42.90 2.48
N ALA F 122 5.76 43.87 2.46
CA ALA F 122 4.35 43.57 2.25
C ALA F 122 4.11 42.91 0.90
N THR F 123 5.03 43.09 -0.03
CA THR F 123 4.91 42.50 -1.37
C THR F 123 4.75 40.99 -1.29
N ALA F 124 5.29 40.39 -0.22
CA ALA F 124 5.19 38.96 -0.02
C ALA F 124 3.75 38.48 0.14
N LEU F 125 2.86 39.36 0.61
CA LEU F 125 1.46 38.98 0.81
C LEU F 125 0.63 39.13 -0.45
N GLU F 126 1.06 40.01 -1.35
CA GLU F 126 0.34 40.30 -2.59
C GLU F 126 -0.38 39.12 -3.27
N PRO F 127 0.35 38.05 -3.64
CA PRO F 127 -0.38 36.96 -4.28
C PRO F 127 -1.17 36.01 -3.37
N LEU F 128 -1.25 36.32 -2.08
CA LEU F 128 -1.95 35.45 -1.14
C LEU F 128 -3.26 35.97 -0.57
N LEU F 129 -3.64 37.20 -0.91
CA LEU F 129 -4.86 37.78 -0.36
C LEU F 129 -6.20 37.08 -0.65
N ASP F 130 -6.36 36.55 -1.86
CA ASP F 130 -7.61 35.88 -2.23
C ASP F 130 -7.79 34.56 -1.51
N LEU F 131 -6.69 34.04 -0.95
CA LEU F 131 -6.67 32.75 -0.29
C LEU F 131 -6.82 32.72 1.23
N VAL F 132 -6.45 33.82 1.89
CA VAL F 132 -6.51 33.85 3.35
C VAL F 132 -7.76 34.40 4.02
N ASP F 133 -7.90 34.07 5.30
CA ASP F 133 -9.00 34.54 6.12
C ASP F 133 -8.41 35.53 7.12
N GLN F 134 -7.09 35.52 7.23
CA GLN F 134 -6.39 36.38 8.16
C GLN F 134 -4.95 36.69 7.71
N VAL F 135 -4.54 37.94 7.88
CA VAL F 135 -3.18 38.36 7.57
C VAL F 135 -2.62 38.91 8.87
N LEU F 136 -1.50 38.34 9.32
CA LEU F 136 -0.88 38.78 10.56
C LEU F 136 0.42 39.51 10.25
N ILE F 137 0.55 40.72 10.79
CA ILE F 137 1.77 41.49 10.61
C ILE F 137 2.49 41.50 11.96
N MET F 138 3.68 40.89 12.02
CA MET F 138 4.43 40.87 13.26
C MET F 138 4.86 42.31 13.57
N THR F 139 4.76 42.71 14.83
CA THR F 139 5.17 44.04 15.22
C THR F 139 6.41 43.96 16.09
N VAL F 140 6.95 42.75 16.17
CA VAL F 140 8.19 42.44 16.88
C VAL F 140 8.79 41.26 16.15
N ASN F 141 10.10 41.06 16.26
CA ASN F 141 10.73 39.91 15.62
C ASN F 141 10.34 38.67 16.43
N PRO F 142 9.72 37.67 15.77
CA PRO F 142 9.29 36.44 16.44
C PRO F 142 10.38 35.78 17.29
N GLY F 143 9.95 35.19 18.41
CA GLY F 143 10.89 34.53 19.30
C GLY F 143 10.40 34.47 20.74
N PHE F 144 9.94 35.60 21.25
CA PHE F 144 9.44 35.66 22.62
C PHE F 144 8.73 36.99 22.92
N GLY F 145 8.07 37.05 24.07
CA GLY F 145 7.34 38.25 24.43
C GLY F 145 8.16 39.32 25.09
N GLY F 146 7.48 40.41 25.48
CA GLY F 146 8.14 41.51 26.14
C GLY F 146 9.04 42.37 25.28
N GLN F 147 9.07 42.10 23.98
CA GLN F 147 9.91 42.89 23.10
C GLN F 147 9.30 44.23 22.76
N ALA F 148 10.12 45.13 22.24
CA ALA F 148 9.66 46.49 21.89
C ALA F 148 8.85 46.55 20.59
N PHE F 149 7.73 47.25 20.66
CA PHE F 149 6.87 47.43 19.50
C PHE F 149 7.69 48.02 18.35
N ILE F 150 7.45 47.56 17.14
CA ILE F 150 8.15 48.08 15.95
C ILE F 150 7.16 48.85 15.10
N PRO F 151 7.01 50.17 15.37
CA PRO F 151 6.10 51.08 14.66
C PRO F 151 6.10 50.99 13.14
N GLU F 152 7.28 50.92 12.54
CA GLU F 152 7.41 50.83 11.09
C GLU F 152 6.58 49.70 10.47
N CYS F 153 6.32 48.65 11.24
CA CYS F 153 5.54 47.52 10.72
C CYS F 153 4.10 47.92 10.42
N LEU F 154 3.63 48.99 11.04
CA LEU F 154 2.27 49.45 10.82
C LEU F 154 2.09 49.93 9.38
N GLU F 155 3.19 50.35 8.75
CA GLU F 155 3.12 50.82 7.37
C GLU F 155 2.64 49.65 6.52
N LYS F 156 2.99 48.43 6.93
CA LYS F 156 2.58 47.24 6.20
C LYS F 156 1.13 46.88 6.51
N VAL F 157 0.71 47.11 7.75
CA VAL F 157 -0.68 46.83 8.13
C VAL F 157 -1.57 47.69 7.24
N ALA F 158 -1.12 48.92 6.98
CA ALA F 158 -1.85 49.85 6.16
C ALA F 158 -1.82 49.44 4.68
N THR F 159 -0.68 48.96 4.20
CA THR F 159 -0.61 48.54 2.81
C THR F 159 -1.60 47.40 2.52
N VAL F 160 -1.64 46.40 3.41
CA VAL F 160 -2.54 45.28 3.20
C VAL F 160 -4.00 45.72 3.34
N ALA F 161 -4.29 46.59 4.29
CA ALA F 161 -5.65 47.08 4.46
C ALA F 161 -6.09 47.73 3.15
N LYS F 162 -5.21 48.54 2.58
CA LYS F 162 -5.49 49.22 1.33
C LYS F 162 -5.74 48.21 0.21
N TRP F 163 -4.90 47.18 0.13
CA TRP F 163 -5.08 46.17 -0.90
C TRP F 163 -6.42 45.46 -0.70
N ARG F 164 -6.73 45.12 0.56
CA ARG F 164 -7.96 44.42 0.88
C ARG F 164 -9.18 45.14 0.29
N ASP F 165 -9.19 46.46 0.42
CA ASP F 165 -10.29 47.27 -0.10
C ASP F 165 -10.30 47.33 -1.62
N GLU F 166 -9.16 47.62 -2.23
CA GLU F 166 -9.07 47.68 -3.68
C GLU F 166 -9.54 46.38 -4.32
N LYS F 167 -9.36 45.27 -3.61
CA LYS F 167 -9.75 43.96 -4.12
C LYS F 167 -11.11 43.53 -3.56
N GLY F 168 -11.67 44.33 -2.65
CA GLY F 168 -12.95 44.00 -2.08
C GLY F 168 -12.95 42.68 -1.34
N LEU F 169 -11.87 42.41 -0.63
CA LEU F 169 -11.73 41.18 0.14
C LEU F 169 -12.14 41.50 1.57
N SER F 170 -12.32 40.47 2.40
CA SER F 170 -12.75 40.74 3.77
C SER F 170 -12.03 40.00 4.89
N PHE F 171 -10.75 39.66 4.68
CA PHE F 171 -9.99 38.94 5.71
C PHE F 171 -9.63 39.82 6.90
N ASP F 172 -9.37 39.19 8.04
CA ASP F 172 -8.97 39.94 9.23
C ASP F 172 -7.50 40.33 9.12
N ILE F 173 -7.12 41.38 9.83
CA ILE F 173 -5.73 41.83 9.85
C ILE F 173 -5.35 41.84 11.31
N GLU F 174 -4.39 40.99 11.65
CA GLU F 174 -3.92 40.84 13.02
C GLU F 174 -2.52 41.42 13.18
N VAL F 175 -2.19 41.77 14.42
CA VAL F 175 -0.86 42.30 14.74
C VAL F 175 -0.43 41.53 15.97
N ASP F 176 0.88 41.33 16.11
CA ASP F 176 1.38 40.57 17.24
C ASP F 176 2.79 40.97 17.66
N GLY F 177 2.92 41.34 18.92
CA GLY F 177 4.20 41.75 19.47
C GLY F 177 4.18 43.20 19.94
N GLY F 178 4.45 43.40 21.24
CA GLY F 178 4.49 44.75 21.79
C GLY F 178 3.16 45.48 21.84
N VAL F 179 2.06 44.75 21.77
CA VAL F 179 0.74 45.38 21.81
C VAL F 179 0.27 45.55 23.26
N ASP F 180 0.09 46.80 23.66
CA ASP F 180 -0.38 47.10 25.00
C ASP F 180 -1.39 48.24 24.97
N ASN F 181 -1.79 48.74 26.13
CA ASN F 181 -2.78 49.81 26.18
C ASN F 181 -2.27 51.07 25.51
N LYS F 182 -0.95 51.17 25.34
CA LYS F 182 -0.33 52.34 24.71
C LYS F 182 -0.10 52.22 23.21
N THR F 183 0.07 51.00 22.71
CA THR F 183 0.33 50.82 21.27
C THR F 183 -0.85 50.31 20.46
N ILE F 184 -1.83 49.71 21.12
CA ILE F 184 -2.97 49.15 20.41
C ILE F 184 -3.75 50.14 19.57
N ARG F 185 -3.92 51.36 20.07
CA ARG F 185 -4.67 52.38 19.32
C ARG F 185 -4.09 52.59 17.92
N ALA F 186 -2.77 52.76 17.84
CA ALA F 186 -2.11 52.96 16.55
C ALA F 186 -2.41 51.77 15.64
N CYS F 187 -2.20 50.56 16.15
CA CYS F 187 -2.44 49.34 15.38
C CYS F 187 -3.84 49.37 14.74
N TYR F 188 -4.81 49.90 15.48
CA TYR F 188 -6.17 49.98 14.97
C TYR F 188 -6.27 51.01 13.85
N GLU F 189 -5.64 52.16 14.04
CA GLU F 189 -5.68 53.21 13.03
C GLU F 189 -4.92 52.78 11.78
N ALA F 190 -4.00 51.83 11.96
CA ALA F 190 -3.22 51.34 10.83
C ALA F 190 -4.09 50.41 9.98
N GLY F 191 -5.16 49.90 10.57
CA GLY F 191 -6.06 49.02 9.83
C GLY F 191 -6.25 47.62 10.39
N ALA F 192 -5.59 47.30 11.50
CA ALA F 192 -5.73 45.97 12.09
C ALA F 192 -7.02 45.89 12.89
N ASN F 193 -7.53 44.67 13.06
CA ASN F 193 -8.76 44.49 13.83
C ASN F 193 -8.67 43.32 14.82
N VAL F 194 -7.54 42.62 14.79
CA VAL F 194 -7.30 41.51 15.70
C VAL F 194 -5.97 41.79 16.38
N PHE F 195 -5.98 41.85 17.71
CA PHE F 195 -4.79 42.19 18.47
C PHE F 195 -4.32 41.13 19.47
N VAL F 196 -3.10 40.65 19.26
CA VAL F 196 -2.50 39.65 20.15
C VAL F 196 -1.70 40.37 21.23
N ALA F 197 -1.82 39.90 22.46
CA ALA F 197 -1.07 40.50 23.57
C ALA F 197 -0.69 39.43 24.58
N GLY F 198 0.59 39.39 24.94
CA GLY F 198 1.06 38.41 25.90
C GLY F 198 1.47 38.98 27.25
N SER F 199 2.68 39.51 27.31
CA SER F 199 3.21 40.07 28.55
C SER F 199 2.33 41.14 29.18
N TYR F 200 1.77 42.03 28.36
CA TYR F 200 0.92 43.08 28.92
C TYR F 200 -0.28 42.54 29.69
N LEU F 201 -0.88 41.47 29.19
CA LEU F 201 -2.04 40.86 29.85
C LEU F 201 -1.70 39.98 31.05
N PHE F 202 -0.85 38.99 30.81
CA PHE F 202 -0.48 38.05 31.87
C PHE F 202 0.37 38.57 33.01
N LYS F 203 0.87 39.80 32.89
CA LYS F 203 1.68 40.37 33.98
C LYS F 203 0.74 40.76 35.12
N ALA F 204 -0.55 40.72 34.88
CA ALA F 204 -1.54 41.09 35.89
C ALA F 204 -2.36 39.91 36.43
N SER F 205 -2.74 40.02 37.70
CA SER F 205 -3.52 38.98 38.34
C SER F 205 -4.98 39.06 37.91
N ASP F 206 -5.46 40.27 37.61
CA ASP F 206 -6.84 40.46 37.16
C ASP F 206 -6.85 40.58 35.64
N LEU F 207 -6.90 39.43 34.98
CA LEU F 207 -6.88 39.36 33.51
C LEU F 207 -8.11 39.98 32.86
N VAL F 208 -9.26 39.86 33.53
CA VAL F 208 -10.51 40.40 33.00
C VAL F 208 -10.44 41.90 32.78
N SER F 209 -9.91 42.62 33.75
CA SER F 209 -9.79 44.08 33.64
C SER F 209 -8.65 44.48 32.71
N GLN F 210 -7.60 43.67 32.67
CA GLN F 210 -6.47 43.96 31.78
C GLN F 210 -6.91 43.96 30.33
N VAL F 211 -7.77 43.01 29.96
CA VAL F 211 -8.23 42.93 28.59
C VAL F 211 -9.14 44.12 28.27
N GLN F 212 -9.80 44.63 29.29
CA GLN F 212 -10.67 45.78 29.12
C GLN F 212 -9.85 47.05 28.90
N THR F 213 -8.65 47.09 29.46
CA THR F 213 -7.79 48.26 29.28
C THR F 213 -7.43 48.38 27.81
N LEU F 214 -7.44 47.25 27.10
CA LEU F 214 -7.13 47.24 25.68
C LEU F 214 -8.40 47.61 24.92
N ARG F 215 -9.54 47.16 25.42
CA ARG F 215 -10.83 47.48 24.80
C ARG F 215 -11.02 48.98 24.85
N THR F 216 -10.67 49.57 26.00
CA THR F 216 -10.80 51.00 26.22
C THR F 216 -9.83 51.79 25.34
N ALA F 217 -8.55 51.43 25.41
CA ALA F 217 -7.53 52.11 24.62
C ALA F 217 -7.91 52.13 23.14
N LEU F 218 -8.86 51.29 22.76
CA LEU F 218 -9.31 51.25 21.38
C LEU F 218 -10.36 52.33 21.15
N SER G 2 -15.74 4.67 -35.97
CA SER G 2 -14.70 5.32 -36.83
C SER G 2 -14.33 4.41 -38.01
N THR G 3 -13.05 4.37 -38.34
CA THR G 3 -12.59 3.53 -39.44
C THR G 3 -12.97 2.09 -39.09
N LEU G 4 -13.18 1.28 -40.11
CA LEU G 4 -13.57 -0.10 -39.90
C LEU G 4 -12.35 -0.99 -39.71
N LYS G 5 -12.38 -1.80 -38.65
CA LYS G 5 -11.29 -2.70 -38.33
C LYS G 5 -11.70 -4.17 -38.40
N ILE G 6 -10.74 -5.02 -38.71
CA ILE G 6 -10.97 -6.45 -38.79
C ILE G 6 -10.14 -7.09 -37.69
N ALA G 7 -10.81 -7.87 -36.85
CA ALA G 7 -10.15 -8.54 -35.73
C ALA G 7 -10.22 -10.06 -35.83
N PRO G 8 -9.25 -10.67 -36.53
CA PRO G 8 -9.25 -12.13 -36.67
C PRO G 8 -9.17 -12.76 -35.28
N SER G 9 -9.92 -13.84 -35.07
CA SER G 9 -9.95 -14.51 -33.77
C SER G 9 -8.94 -15.66 -33.68
N ILE G 10 -7.90 -15.48 -32.90
CA ILE G 10 -6.86 -16.49 -32.75
C ILE G 10 -7.40 -17.85 -32.29
N LEU G 11 -8.59 -17.86 -31.72
CA LEU G 11 -9.21 -19.09 -31.25
C LEU G 11 -9.39 -20.10 -32.40
N ALA G 12 -9.41 -19.60 -33.63
CA ALA G 12 -9.60 -20.45 -34.80
C ALA G 12 -8.29 -20.81 -35.51
N ALA G 13 -7.17 -20.30 -35.00
CA ALA G 13 -5.88 -20.56 -35.61
C ALA G 13 -5.19 -21.81 -35.06
N ASP G 14 -4.02 -22.12 -35.62
CA ASP G 14 -3.25 -23.28 -35.19
C ASP G 14 -2.51 -22.97 -33.89
N TYR G 15 -3.02 -23.52 -32.79
CA TYR G 15 -2.43 -23.28 -31.46
C TYR G 15 -1.00 -23.74 -31.31
N ALA G 16 -0.59 -24.70 -32.12
CA ALA G 16 0.77 -25.24 -32.05
C ALA G 16 1.78 -24.31 -32.71
N ASN G 17 1.28 -23.26 -33.36
CA ASN G 17 2.14 -22.29 -34.03
C ASN G 17 1.57 -20.88 -33.97
N PHE G 18 1.39 -20.37 -32.75
CA PHE G 18 0.85 -19.02 -32.58
C PHE G 18 1.72 -17.96 -33.25
N ALA G 19 3.04 -18.08 -33.09
CA ALA G 19 3.96 -17.13 -33.69
C ALA G 19 3.70 -17.02 -35.19
N SER G 20 3.69 -18.16 -35.86
CA SER G 20 3.45 -18.23 -37.30
C SER G 20 2.08 -17.69 -37.67
N GLU G 21 1.08 -18.00 -36.83
CA GLU G 21 -0.28 -17.54 -37.09
C GLU G 21 -0.38 -16.04 -36.94
N LEU G 22 0.32 -15.48 -35.96
CA LEU G 22 0.28 -14.04 -35.76
C LEU G 22 0.91 -13.32 -36.95
N ALA G 23 1.98 -13.89 -37.49
CA ALA G 23 2.65 -13.29 -38.65
C ALA G 23 1.69 -13.24 -39.84
N ARG G 24 0.92 -14.30 -40.03
CA ARG G 24 -0.04 -14.35 -41.14
C ARG G 24 -1.06 -13.22 -41.05
N ILE G 25 -1.46 -12.88 -39.83
CA ILE G 25 -2.44 -11.81 -39.65
C ILE G 25 -1.80 -10.47 -39.96
N GLU G 26 -0.57 -10.23 -39.48
CA GLU G 26 0.11 -8.97 -39.73
C GLU G 26 0.42 -8.82 -41.21
N GLU G 27 0.29 -9.91 -41.95
CA GLU G 27 0.53 -9.92 -43.38
C GLU G 27 -0.70 -9.33 -44.09
N THR G 28 -1.83 -9.36 -43.39
CA THR G 28 -3.08 -8.82 -43.91
C THR G 28 -3.15 -7.38 -43.41
N ASP G 29 -4.26 -6.72 -43.65
CA ASP G 29 -4.40 -5.34 -43.18
C ASP G 29 -5.23 -5.24 -41.89
N ALA G 30 -5.45 -6.38 -41.25
CA ALA G 30 -6.19 -6.43 -40.00
C ALA G 30 -5.37 -5.71 -38.95
N GLU G 31 -6.01 -4.90 -38.12
CA GLU G 31 -5.30 -4.15 -37.09
C GLU G 31 -5.47 -4.69 -35.69
N TYR G 32 -6.34 -5.70 -35.55
CA TYR G 32 -6.61 -6.31 -34.25
C TYR G 32 -6.45 -7.82 -34.25
N VAL G 33 -5.98 -8.34 -33.13
CA VAL G 33 -5.86 -9.78 -32.95
C VAL G 33 -6.83 -10.03 -31.79
N HIS G 34 -7.96 -10.66 -32.09
CA HIS G 34 -8.96 -10.95 -31.07
C HIS G 34 -8.52 -12.18 -30.31
N ILE G 35 -8.40 -12.06 -28.99
CA ILE G 35 -7.96 -13.17 -28.17
C ILE G 35 -9.02 -13.58 -27.13
N ASP G 36 -9.58 -14.77 -27.32
CA ASP G 36 -10.63 -15.32 -26.47
C ASP G 36 -10.16 -16.12 -25.26
N ILE G 37 -10.41 -15.59 -24.07
CA ILE G 37 -10.02 -16.25 -22.83
C ILE G 37 -11.24 -16.94 -22.22
N MET G 38 -11.17 -18.26 -22.07
CA MET G 38 -12.28 -19.04 -21.52
C MET G 38 -11.74 -19.83 -20.33
N ASP G 39 -12.48 -19.85 -19.23
CA ASP G 39 -12.02 -20.53 -18.03
C ASP G 39 -12.77 -21.81 -17.63
N GLY G 40 -13.67 -22.28 -18.48
CA GLY G 40 -14.40 -23.48 -18.15
C GLY G 40 -15.50 -23.21 -17.13
N GLN G 41 -15.66 -21.96 -16.71
CA GLN G 41 -16.72 -21.61 -15.77
C GLN G 41 -17.75 -20.74 -16.47
N PHE G 42 -17.32 -19.60 -17.01
CA PHE G 42 -18.24 -18.71 -17.73
C PHE G 42 -18.77 -19.47 -18.93
N VAL G 43 -17.88 -20.21 -19.61
CA VAL G 43 -18.26 -21.06 -20.74
C VAL G 43 -17.75 -22.45 -20.39
N PRO G 44 -18.25 -23.50 -21.06
CA PRO G 44 -17.83 -24.87 -20.79
C PRO G 44 -16.36 -25.23 -20.95
N ASN G 45 -15.69 -24.66 -21.95
CA ASN G 45 -14.29 -25.01 -22.20
C ASN G 45 -13.24 -24.01 -21.75
N ILE G 46 -12.00 -24.50 -21.71
CA ILE G 46 -10.84 -23.69 -21.35
C ILE G 46 -10.01 -23.47 -22.62
N SER G 47 -9.74 -22.22 -22.97
CA SER G 47 -8.93 -21.95 -24.16
C SER G 47 -7.49 -21.74 -23.70
N PHE G 48 -7.17 -20.52 -23.31
CA PHE G 48 -5.82 -20.20 -22.84
C PHE G 48 -5.85 -18.93 -21.98
N GLY G 49 -4.84 -18.77 -21.13
CA GLY G 49 -4.80 -17.63 -20.23
C GLY G 49 -3.82 -16.51 -20.51
N ALA G 50 -3.60 -15.68 -19.49
CA ALA G 50 -2.70 -14.52 -19.59
C ALA G 50 -1.29 -14.89 -20.04
N ASP G 51 -0.73 -15.95 -19.46
CA ASP G 51 0.62 -16.36 -19.83
C ASP G 51 0.74 -16.68 -21.31
N VAL G 52 -0.31 -17.27 -21.89
CA VAL G 52 -0.29 -17.57 -23.31
C VAL G 52 -0.24 -16.25 -24.08
N VAL G 53 -1.06 -15.29 -23.68
CA VAL G 53 -1.06 -13.98 -24.35
C VAL G 53 0.31 -13.31 -24.21
N ALA G 54 0.89 -13.36 -23.02
CA ALA G 54 2.20 -12.75 -22.78
C ALA G 54 3.28 -13.26 -23.73
N SER G 55 3.20 -14.55 -24.11
CA SER G 55 4.18 -15.13 -25.01
C SER G 55 3.87 -14.76 -26.45
N MET G 56 2.61 -14.48 -26.74
CA MET G 56 2.19 -14.08 -28.08
C MET G 56 2.63 -12.65 -28.34
N ARG G 57 2.56 -11.84 -27.29
CA ARG G 57 2.90 -10.43 -27.32
C ARG G 57 4.09 -10.05 -28.20
N LYS G 58 5.25 -10.63 -27.92
CA LYS G 58 6.45 -10.29 -28.70
C LYS G 58 6.41 -10.76 -30.15
N HIS G 59 5.37 -11.50 -30.52
CA HIS G 59 5.28 -12.00 -31.88
C HIS G 59 4.29 -11.22 -32.74
N SER G 60 3.77 -10.14 -32.18
CA SER G 60 2.84 -9.32 -32.90
C SER G 60 2.99 -7.84 -32.58
N LYS G 61 2.61 -7.00 -33.53
CA LYS G 61 2.69 -5.57 -33.39
C LYS G 61 1.26 -5.03 -33.44
N LEU G 62 0.30 -5.93 -33.57
CA LEU G 62 -1.09 -5.53 -33.65
C LEU G 62 -1.74 -5.28 -32.30
N VAL G 63 -2.96 -4.77 -32.32
CA VAL G 63 -3.70 -4.47 -31.10
C VAL G 63 -4.28 -5.75 -30.50
N PHE G 64 -3.82 -6.09 -29.31
CA PHE G 64 -4.31 -7.29 -28.64
C PHE G 64 -5.66 -7.00 -28.01
N ASP G 65 -6.69 -7.49 -28.66
CA ASP G 65 -8.07 -7.33 -28.26
C ASP G 65 -8.52 -8.56 -27.45
N CYS G 66 -8.20 -8.56 -26.15
CA CYS G 66 -8.55 -9.68 -25.28
C CYS G 66 -9.99 -9.65 -24.79
N HIS G 67 -10.70 -10.76 -25.02
CA HIS G 67 -12.09 -10.94 -24.64
C HIS G 67 -12.14 -12.01 -23.54
N LEU G 68 -12.51 -11.60 -22.33
CA LEU G 68 -12.53 -12.55 -21.22
C LEU G 68 -13.84 -13.23 -20.90
N MET G 69 -13.94 -14.49 -21.29
CA MET G 69 -15.11 -15.29 -20.99
C MET G 69 -14.70 -16.11 -19.78
N VAL G 70 -14.56 -15.40 -18.66
CA VAL G 70 -14.16 -16.00 -17.39
C VAL G 70 -15.00 -15.36 -16.28
N VAL G 71 -15.16 -16.05 -15.17
CA VAL G 71 -15.91 -15.48 -14.06
C VAL G 71 -14.97 -14.59 -13.25
N ASP G 72 -15.52 -13.51 -12.69
CA ASP G 72 -14.75 -12.57 -11.88
C ASP G 72 -13.48 -12.09 -12.59
N PRO G 73 -13.64 -11.41 -13.74
CA PRO G 73 -12.49 -10.91 -14.50
C PRO G 73 -11.56 -9.90 -13.83
N GLU G 74 -12.04 -9.13 -12.85
CA GLU G 74 -11.18 -8.14 -12.24
C GLU G 74 -9.92 -8.72 -11.61
N ARG G 75 -9.93 -10.01 -11.30
CA ARG G 75 -8.74 -10.64 -10.71
C ARG G 75 -7.63 -10.84 -11.75
N TYR G 76 -7.95 -10.64 -13.03
CA TYR G 76 -6.96 -10.82 -14.08
C TYR G 76 -6.46 -9.54 -14.75
N VAL G 77 -6.91 -8.40 -14.27
CA VAL G 77 -6.51 -7.13 -14.84
C VAL G 77 -5.00 -6.93 -14.86
N GLU G 78 -4.37 -7.04 -13.70
CA GLU G 78 -2.90 -6.87 -13.62
C GLU G 78 -2.20 -7.85 -14.57
N ALA G 79 -2.63 -9.11 -14.54
CA ALA G 79 -2.04 -10.15 -15.36
C ALA G 79 -2.02 -9.83 -16.86
N PHE G 80 -3.16 -9.42 -17.40
CA PHE G 80 -3.22 -9.09 -18.82
C PHE G 80 -2.48 -7.80 -19.12
N ALA G 81 -2.48 -6.88 -18.17
CA ALA G 81 -1.76 -5.63 -18.35
C ALA G 81 -0.30 -6.00 -18.55
N GLN G 82 0.22 -6.87 -17.70
CA GLN G 82 1.61 -7.29 -17.80
C GLN G 82 1.87 -8.13 -19.05
N ALA G 83 0.85 -8.85 -19.50
CA ALA G 83 0.96 -9.70 -20.68
C ALA G 83 1.04 -8.87 -21.95
N GLY G 84 0.56 -7.64 -21.89
CA GLY G 84 0.61 -6.78 -23.06
C GLY G 84 -0.72 -6.57 -23.77
N ALA G 85 -1.81 -6.88 -23.08
CA ALA G 85 -3.12 -6.69 -23.68
C ALA G 85 -3.32 -5.18 -23.91
N ASP G 86 -3.95 -4.82 -25.02
CA ASP G 86 -4.18 -3.41 -25.31
C ASP G 86 -5.61 -3.08 -24.92
N ILE G 87 -6.49 -4.03 -25.18
CA ILE G 87 -7.90 -3.88 -24.85
C ILE G 87 -8.32 -5.08 -24.00
N MET G 88 -9.11 -4.82 -22.97
CA MET G 88 -9.61 -5.89 -22.12
C MET G 88 -11.12 -5.73 -22.09
N THR G 89 -11.82 -6.69 -22.69
CA THR G 89 -13.28 -6.64 -22.76
C THR G 89 -13.90 -7.68 -21.84
N ILE G 90 -14.78 -7.22 -20.96
CA ILE G 90 -15.40 -8.10 -19.99
C ILE G 90 -16.92 -8.16 -20.04
N HIS G 91 -17.46 -9.30 -19.62
CA HIS G 91 -18.90 -9.57 -19.62
C HIS G 91 -19.67 -9.02 -18.42
N THR G 92 -20.82 -8.43 -18.68
CA THR G 92 -21.65 -7.90 -17.61
C THR G 92 -22.19 -9.07 -16.79
N GLU G 93 -22.29 -10.25 -17.40
CA GLU G 93 -22.81 -11.42 -16.71
C GLU G 93 -21.75 -12.15 -15.88
N SER G 94 -20.52 -11.67 -15.90
CA SER G 94 -19.43 -12.34 -15.20
C SER G 94 -19.03 -11.76 -13.86
N THR G 95 -19.63 -10.63 -13.49
CA THR G 95 -19.29 -9.98 -12.23
C THR G 95 -20.50 -9.19 -11.73
N ARG G 96 -20.58 -9.03 -10.42
CA ARG G 96 -21.68 -8.27 -9.81
C ARG G 96 -21.34 -6.79 -9.85
N HIS G 97 -20.08 -6.48 -10.16
CA HIS G 97 -19.59 -5.11 -10.19
C HIS G 97 -18.98 -4.74 -11.53
N ILE G 98 -19.78 -4.76 -12.58
CA ILE G 98 -19.26 -4.45 -13.90
C ILE G 98 -18.66 -3.05 -14.03
N HIS G 99 -19.24 -2.07 -13.34
CA HIS G 99 -18.74 -0.69 -13.42
C HIS G 99 -17.32 -0.55 -12.83
N GLY G 100 -17.15 -0.96 -11.59
CA GLY G 100 -15.84 -0.87 -10.97
C GLY G 100 -14.81 -1.72 -11.72
N ALA G 101 -15.29 -2.79 -12.36
CA ALA G 101 -14.42 -3.68 -13.12
C ALA G 101 -13.80 -2.94 -14.30
N LEU G 102 -14.62 -2.13 -14.98
CA LEU G 102 -14.15 -1.35 -16.12
C LEU G 102 -13.20 -0.25 -15.66
N GLN G 103 -13.48 0.35 -14.52
CA GLN G 103 -12.63 1.40 -13.97
C GLN G 103 -11.25 0.80 -13.72
N LYS G 104 -11.24 -0.41 -13.16
CA LYS G 104 -9.99 -1.07 -12.85
C LYS G 104 -9.15 -1.26 -14.10
N ILE G 105 -9.79 -1.64 -15.20
CA ILE G 105 -9.10 -1.87 -16.47
C ILE G 105 -8.41 -0.60 -16.94
N LYS G 106 -9.14 0.52 -16.94
CA LYS G 106 -8.57 1.78 -17.37
C LYS G 106 -7.43 2.21 -16.44
N ALA G 107 -7.63 2.06 -15.13
CA ALA G 107 -6.62 2.44 -14.17
C ALA G 107 -5.32 1.68 -14.40
N ALA G 108 -5.44 0.50 -15.00
CA ALA G 108 -4.29 -0.34 -15.27
C ALA G 108 -3.57 0.07 -16.56
N GLY G 109 -4.17 0.99 -17.30
CA GLY G 109 -3.54 1.46 -18.53
C GLY G 109 -4.02 0.84 -19.84
N MET G 110 -5.07 0.02 -19.78
CA MET G 110 -5.60 -0.61 -20.99
C MET G 110 -6.94 0.01 -21.37
N LYS G 111 -7.35 -0.18 -22.61
CA LYS G 111 -8.63 0.34 -23.04
C LYS G 111 -9.68 -0.59 -22.45
N ALA G 112 -10.81 -0.05 -22.05
CA ALA G 112 -11.86 -0.83 -21.43
C ALA G 112 -13.00 -1.20 -22.36
N GLY G 113 -13.29 -2.49 -22.45
CA GLY G 113 -14.37 -2.95 -23.30
C GLY G 113 -15.38 -3.74 -22.48
N VAL G 114 -16.63 -3.68 -22.90
CA VAL G 114 -17.69 -4.42 -22.22
C VAL G 114 -18.48 -5.20 -23.27
N VAL G 115 -18.96 -6.38 -22.88
CA VAL G 115 -19.71 -7.22 -23.79
C VAL G 115 -20.90 -7.88 -23.11
N ILE G 116 -21.93 -8.19 -23.89
CA ILE G 116 -23.13 -8.84 -23.39
C ILE G 116 -23.46 -10.04 -24.27
N ASN G 117 -24.07 -11.06 -23.65
CA ASN G 117 -24.44 -12.27 -24.37
C ASN G 117 -25.69 -12.02 -25.20
N PRO G 118 -25.99 -12.91 -26.17
CA PRO G 118 -27.18 -12.74 -27.01
C PRO G 118 -28.46 -12.50 -26.19
N GLY G 119 -28.63 -13.29 -25.13
CA GLY G 119 -29.80 -13.19 -24.28
C GLY G 119 -29.83 -12.06 -23.27
N THR G 120 -28.75 -11.28 -23.18
CA THR G 120 -28.71 -10.17 -22.23
C THR G 120 -29.19 -8.89 -22.93
N PRO G 121 -30.19 -8.20 -22.35
CA PRO G 121 -30.75 -6.97 -22.93
C PRO G 121 -29.73 -5.84 -23.02
N ALA G 122 -29.96 -4.93 -23.98
CA ALA G 122 -29.05 -3.81 -24.20
C ALA G 122 -29.03 -2.83 -23.03
N THR G 123 -30.09 -2.83 -22.25
CA THR G 123 -30.17 -1.93 -21.09
C THR G 123 -29.02 -2.16 -20.11
N ALA G 124 -28.41 -3.35 -20.18
CA ALA G 124 -27.30 -3.67 -19.31
C ALA G 124 -26.08 -2.81 -19.60
N LEU G 125 -26.05 -2.22 -20.80
CA LEU G 125 -24.92 -1.37 -21.22
C LEU G 125 -25.08 0.12 -20.88
N GLU G 126 -26.32 0.58 -20.81
CA GLU G 126 -26.59 1.99 -20.54
C GLU G 126 -25.72 2.67 -19.47
N PRO G 127 -25.67 2.10 -18.26
CA PRO G 127 -24.86 2.71 -17.19
C PRO G 127 -23.34 2.69 -17.35
N LEU G 128 -22.84 2.06 -18.42
CA LEU G 128 -21.39 1.97 -18.63
C LEU G 128 -20.85 2.75 -19.82
N LEU G 129 -21.73 3.19 -20.71
CA LEU G 129 -21.33 3.92 -21.91
C LEU G 129 -20.27 5.00 -21.71
N ASP G 130 -20.37 5.72 -20.60
CA ASP G 130 -19.43 6.80 -20.30
C ASP G 130 -18.00 6.43 -19.96
N LEU G 131 -17.72 5.16 -19.67
CA LEU G 131 -16.35 4.80 -19.33
C LEU G 131 -15.68 3.75 -20.21
N VAL G 132 -16.41 3.18 -21.16
CA VAL G 132 -15.83 2.16 -22.03
C VAL G 132 -15.25 2.70 -23.35
N ASP G 133 -14.15 2.09 -23.78
CA ASP G 133 -13.51 2.47 -25.02
C ASP G 133 -14.09 1.63 -26.15
N GLN G 134 -14.79 0.57 -25.75
CA GLN G 134 -15.38 -0.35 -26.71
C GLN G 134 -16.61 -1.08 -26.16
N VAL G 135 -17.55 -1.39 -27.05
CA VAL G 135 -18.74 -2.13 -26.66
C VAL G 135 -18.89 -3.30 -27.63
N LEU G 136 -18.84 -4.52 -27.09
CA LEU G 136 -18.96 -5.71 -27.91
C LEU G 136 -20.33 -6.38 -27.78
N ILE G 137 -20.94 -6.66 -28.93
CA ILE G 137 -22.23 -7.32 -28.97
C ILE G 137 -22.08 -8.71 -29.58
N MET G 138 -22.15 -9.73 -28.72
CA MET G 138 -22.02 -11.11 -29.17
C MET G 138 -23.11 -11.45 -30.18
N THR G 139 -22.73 -12.10 -31.27
CA THR G 139 -23.70 -12.48 -32.29
C THR G 139 -23.85 -14.01 -32.33
N VAL G 140 -23.29 -14.67 -31.31
CA VAL G 140 -23.40 -16.11 -31.12
C VAL G 140 -23.25 -16.27 -29.62
N ASN G 141 -23.80 -17.35 -29.06
CA ASN G 141 -23.65 -17.59 -27.63
C ASN G 141 -22.18 -18.00 -27.40
N PRO G 142 -21.48 -17.30 -26.49
CA PRO G 142 -20.08 -17.58 -26.19
C PRO G 142 -19.77 -19.07 -26.00
N GLY G 143 -18.56 -19.48 -26.35
CA GLY G 143 -18.18 -20.87 -26.18
C GLY G 143 -17.27 -21.45 -27.25
N PHE G 144 -17.63 -21.26 -28.52
CA PHE G 144 -16.82 -21.78 -29.60
C PHE G 144 -17.13 -21.15 -30.95
N GLY G 145 -16.29 -21.44 -31.95
CA GLY G 145 -16.49 -20.88 -33.27
C GLY G 145 -17.33 -21.75 -34.18
N GLY G 146 -17.60 -21.26 -35.39
CA GLY G 146 -18.39 -22.02 -36.34
C GLY G 146 -19.88 -22.05 -36.06
N GLN G 147 -20.33 -21.22 -35.12
CA GLN G 147 -21.75 -21.16 -34.77
C GLN G 147 -22.54 -20.28 -35.72
N ALA G 148 -23.85 -20.49 -35.74
CA ALA G 148 -24.76 -19.75 -36.61
C ALA G 148 -24.99 -18.33 -36.13
N PHE G 149 -24.82 -17.37 -37.02
CA PHE G 149 -25.00 -15.94 -36.73
C PHE G 149 -26.39 -15.69 -36.14
N ILE G 150 -26.45 -14.83 -35.13
CA ILE G 150 -27.71 -14.49 -34.48
C ILE G 150 -28.12 -13.07 -34.91
N PRO G 151 -29.10 -12.97 -35.81
CA PRO G 151 -29.62 -11.70 -36.35
C PRO G 151 -30.27 -10.76 -35.33
N GLU G 152 -31.04 -11.32 -34.41
CA GLU G 152 -31.73 -10.52 -33.39
C GLU G 152 -30.79 -9.60 -32.62
N CYS G 153 -29.55 -10.04 -32.43
CA CYS G 153 -28.55 -9.26 -31.68
C CYS G 153 -28.14 -7.95 -32.34
N LEU G 154 -28.34 -7.86 -33.65
CA LEU G 154 -27.98 -6.66 -34.39
C LEU G 154 -28.80 -5.46 -33.90
N GLU G 155 -29.99 -5.75 -33.36
CA GLU G 155 -30.87 -4.69 -32.84
C GLU G 155 -30.16 -3.96 -31.71
N LYS G 156 -29.46 -4.72 -30.87
CA LYS G 156 -28.76 -4.15 -29.74
C LYS G 156 -27.59 -3.30 -30.21
N VAL G 157 -26.95 -3.71 -31.30
CA VAL G 157 -25.85 -2.93 -31.87
C VAL G 157 -26.42 -1.58 -32.29
N ALA G 158 -27.60 -1.62 -32.90
CA ALA G 158 -28.26 -0.39 -33.34
C ALA G 158 -28.58 0.45 -32.11
N THR G 159 -29.24 -0.16 -31.14
CA THR G 159 -29.60 0.54 -29.92
C THR G 159 -28.39 1.24 -29.31
N VAL G 160 -27.28 0.50 -29.18
CA VAL G 160 -26.06 1.07 -28.61
C VAL G 160 -25.53 2.21 -29.48
N ALA G 161 -25.57 2.00 -30.80
CA ALA G 161 -25.08 3.00 -31.75
C ALA G 161 -25.82 4.32 -31.54
N LYS G 162 -27.13 4.24 -31.34
CA LYS G 162 -27.94 5.43 -31.10
C LYS G 162 -27.55 6.12 -29.80
N TRP G 163 -27.62 5.38 -28.69
CA TRP G 163 -27.28 5.96 -27.39
C TRP G 163 -25.95 6.69 -27.45
N ARG G 164 -25.01 6.13 -28.20
CA ARG G 164 -23.69 6.74 -28.34
C ARG G 164 -23.84 8.14 -28.92
N ASP G 165 -24.61 8.25 -29.99
CA ASP G 165 -24.83 9.54 -30.65
C ASP G 165 -25.49 10.55 -29.73
N GLU G 166 -26.62 10.18 -29.14
CA GLU G 166 -27.35 11.07 -28.25
C GLU G 166 -26.50 11.60 -27.09
N LYS G 167 -25.40 10.90 -26.78
CA LYS G 167 -24.52 11.30 -25.68
C LYS G 167 -23.21 11.87 -26.20
N GLY G 168 -22.99 11.79 -27.50
CA GLY G 168 -21.77 12.30 -28.07
C GLY G 168 -20.54 11.56 -27.59
N LEU G 169 -20.66 10.25 -27.45
CA LEU G 169 -19.53 9.43 -27.02
C LEU G 169 -18.88 8.86 -28.28
N SER G 170 -17.64 8.39 -28.18
CA SER G 170 -16.96 7.89 -29.36
C SER G 170 -16.32 6.50 -29.28
N PHE G 171 -16.88 5.63 -28.44
CA PHE G 171 -16.33 4.27 -28.31
C PHE G 171 -16.64 3.45 -29.57
N ASP G 172 -15.85 2.41 -29.79
CA ASP G 172 -16.07 1.54 -30.94
C ASP G 172 -17.13 0.50 -30.61
N ILE G 173 -17.84 0.03 -31.63
CA ILE G 173 -18.86 -1.00 -31.44
C ILE G 173 -18.37 -2.23 -32.19
N GLU G 174 -18.15 -3.31 -31.45
CA GLU G 174 -17.64 -4.55 -32.02
C GLU G 174 -18.69 -5.64 -32.07
N VAL G 175 -18.53 -6.58 -33.00
CA VAL G 175 -19.44 -7.71 -33.12
C VAL G 175 -18.57 -8.96 -33.15
N ASP G 176 -19.05 -10.04 -32.57
CA ASP G 176 -18.27 -11.27 -32.54
C ASP G 176 -19.13 -12.53 -32.58
N GLY G 177 -18.89 -13.36 -33.59
CA GLY G 177 -19.63 -14.59 -33.75
C GLY G 177 -20.38 -14.66 -35.06
N GLY G 178 -20.12 -15.71 -35.85
CA GLY G 178 -20.80 -15.87 -37.11
C GLY G 178 -20.57 -14.73 -38.10
N VAL G 179 -19.45 -14.02 -37.96
CA VAL G 179 -19.15 -12.93 -38.88
C VAL G 179 -18.41 -13.49 -40.08
N ASP G 180 -19.03 -13.35 -41.25
CA ASP G 180 -18.43 -13.83 -42.48
C ASP G 180 -18.76 -12.91 -43.65
N ASN G 181 -18.35 -13.30 -44.85
CA ASN G 181 -18.58 -12.49 -46.04
C ASN G 181 -20.07 -12.23 -46.27
N LYS G 182 -20.92 -13.14 -45.77
CA LYS G 182 -22.36 -13.00 -45.94
C LYS G 182 -23.10 -12.28 -44.80
N THR G 183 -22.38 -11.89 -43.75
CA THR G 183 -23.04 -11.22 -42.63
C THR G 183 -22.39 -9.89 -42.22
N ILE G 184 -21.07 -9.79 -42.38
CA ILE G 184 -20.35 -8.59 -41.98
C ILE G 184 -21.00 -7.30 -42.44
N ARG G 185 -21.54 -7.29 -43.64
CA ARG G 185 -22.18 -6.09 -44.17
C ARG G 185 -23.32 -5.66 -43.26
N ALA G 186 -24.17 -6.62 -42.89
CA ALA G 186 -25.31 -6.34 -42.03
C ALA G 186 -24.85 -5.75 -40.69
N CYS G 187 -23.82 -6.35 -40.10
CA CYS G 187 -23.29 -5.88 -38.83
C CYS G 187 -22.87 -4.41 -39.01
N TYR G 188 -22.21 -4.13 -40.12
CA TYR G 188 -21.76 -2.78 -40.41
C TYR G 188 -22.94 -1.79 -40.42
N GLU G 189 -23.99 -2.14 -41.15
CA GLU G 189 -25.15 -1.28 -41.24
C GLU G 189 -25.82 -1.09 -39.89
N ALA G 190 -25.78 -2.12 -39.07
CA ALA G 190 -26.39 -2.06 -37.74
C ALA G 190 -25.73 -0.99 -36.89
N GLY G 191 -24.45 -0.72 -37.15
CA GLY G 191 -23.72 0.29 -36.40
C GLY G 191 -22.33 -0.10 -35.94
N ALA G 192 -21.95 -1.36 -36.15
CA ALA G 192 -20.63 -1.83 -35.74
C ALA G 192 -19.53 -1.33 -36.66
N ASN G 193 -18.33 -1.11 -36.11
CA ASN G 193 -17.21 -0.64 -36.92
C ASN G 193 -15.97 -1.52 -36.76
N VAL G 194 -16.04 -2.51 -35.88
CA VAL G 194 -14.93 -3.44 -35.68
C VAL G 194 -15.52 -4.84 -35.71
N PHE G 195 -14.99 -5.67 -36.61
CA PHE G 195 -15.51 -7.02 -36.81
C PHE G 195 -14.55 -8.16 -36.50
N VAL G 196 -15.04 -9.09 -35.69
CA VAL G 196 -14.28 -10.27 -35.28
C VAL G 196 -14.73 -11.45 -36.13
N ALA G 197 -13.75 -12.14 -36.72
CA ALA G 197 -14.05 -13.30 -37.54
C ALA G 197 -12.99 -14.33 -37.23
N GLY G 198 -13.42 -15.57 -37.06
CA GLY G 198 -12.49 -16.65 -36.75
C GLY G 198 -12.51 -17.75 -37.78
N SER G 199 -13.52 -18.61 -37.72
CA SER G 199 -13.65 -19.73 -38.64
C SER G 199 -13.62 -19.31 -40.10
N TYR G 200 -14.36 -18.25 -40.45
CA TYR G 200 -14.40 -17.79 -41.83
C TYR G 200 -13.03 -17.46 -42.39
N LEU G 201 -12.21 -16.78 -41.59
CA LEU G 201 -10.88 -16.37 -42.02
C LEU G 201 -9.82 -17.46 -42.00
N PHE G 202 -9.75 -18.21 -40.90
CA PHE G 202 -8.72 -19.24 -40.78
C PHE G 202 -8.95 -20.54 -41.53
N LYS G 203 -10.12 -20.72 -42.12
CA LYS G 203 -10.40 -21.93 -42.88
C LYS G 203 -9.70 -21.85 -44.23
N ALA G 204 -9.20 -20.67 -44.57
CA ALA G 204 -8.51 -20.44 -45.84
C ALA G 204 -6.99 -20.38 -45.64
N SER G 205 -6.26 -20.76 -46.68
CA SER G 205 -4.81 -20.74 -46.64
C SER G 205 -4.30 -19.33 -46.93
N ASP G 206 -5.01 -18.64 -47.81
CA ASP G 206 -4.64 -17.28 -48.18
C ASP G 206 -5.42 -16.33 -47.27
N LEU G 207 -4.81 -15.99 -46.14
CA LEU G 207 -5.44 -15.10 -45.17
C LEU G 207 -5.61 -13.67 -45.65
N VAL G 208 -4.61 -13.16 -46.36
CA VAL G 208 -4.69 -11.78 -46.86
C VAL G 208 -5.88 -11.65 -47.81
N SER G 209 -6.07 -12.67 -48.64
CA SER G 209 -7.17 -12.68 -49.59
C SER G 209 -8.48 -12.85 -48.84
N GLN G 210 -8.48 -13.74 -47.86
CA GLN G 210 -9.67 -14.00 -47.07
C GLN G 210 -10.11 -12.74 -46.32
N VAL G 211 -9.16 -12.02 -45.76
CA VAL G 211 -9.46 -10.79 -45.04
C VAL G 211 -10.04 -9.74 -45.98
N GLN G 212 -9.57 -9.74 -47.23
CA GLN G 212 -10.04 -8.78 -48.22
C GLN G 212 -11.48 -9.04 -48.65
N THR G 213 -11.86 -10.32 -48.70
CA THR G 213 -13.22 -10.68 -49.08
C THR G 213 -14.19 -10.04 -48.08
N LEU G 214 -13.69 -9.81 -46.86
CA LEU G 214 -14.51 -9.19 -45.84
C LEU G 214 -14.57 -7.70 -46.10
N ARG G 215 -13.42 -7.09 -46.34
CA ARG G 215 -13.38 -5.66 -46.61
C ARG G 215 -14.14 -5.32 -47.89
N THR G 216 -14.23 -6.30 -48.78
CA THR G 216 -14.95 -6.11 -50.03
C THR G 216 -16.44 -6.18 -49.71
N ALA G 217 -16.80 -7.14 -48.86
CA ALA G 217 -18.19 -7.30 -48.45
C ALA G 217 -18.73 -6.05 -47.75
N LEU G 218 -17.86 -5.35 -47.02
CA LEU G 218 -18.28 -4.13 -46.34
C LEU G 218 -18.71 -3.11 -47.38
N ASN G 219 -18.35 -3.37 -48.63
CA ASN G 219 -18.72 -2.50 -49.74
C ASN G 219 -18.18 -1.09 -49.53
N THR H 3 5.55 -23.18 27.99
CA THR H 3 4.79 -22.26 28.88
C THR H 3 3.31 -22.20 28.48
N LEU H 4 2.44 -22.14 29.48
CA LEU H 4 1.01 -22.09 29.23
C LEU H 4 0.50 -20.68 29.00
N LYS H 5 -0.26 -20.50 27.92
CA LYS H 5 -0.80 -19.19 27.57
C LYS H 5 -2.32 -19.17 27.56
N ILE H 6 -2.90 -18.06 28.02
CA ILE H 6 -4.34 -17.90 28.04
C ILE H 6 -4.65 -16.89 26.95
N ALA H 7 -5.66 -17.18 26.15
CA ALA H 7 -6.04 -16.28 25.06
C ALA H 7 -7.53 -15.95 25.07
N PRO H 8 -7.91 -14.87 25.79
CA PRO H 8 -9.31 -14.48 25.85
C PRO H 8 -9.85 -14.19 24.45
N SER H 9 -11.03 -14.72 24.15
CA SER H 9 -11.65 -14.54 22.83
C SER H 9 -12.50 -13.28 22.79
N ILE H 10 -12.11 -12.32 21.96
CA ILE H 10 -12.84 -11.07 21.86
C ILE H 10 -14.26 -11.24 21.30
N LEU H 11 -14.55 -12.43 20.78
CA LEU H 11 -15.87 -12.72 20.24
C LEU H 11 -16.94 -12.63 21.34
N ALA H 12 -16.52 -12.85 22.59
CA ALA H 12 -17.43 -12.81 23.73
C ALA H 12 -17.47 -11.46 24.44
N ALA H 13 -16.74 -10.49 23.90
CA ALA H 13 -16.67 -9.16 24.51
C ALA H 13 -17.75 -8.20 24.04
N ASP H 14 -17.71 -6.97 24.57
CA ASP H 14 -18.66 -5.94 24.21
C ASP H 14 -18.14 -5.28 22.94
N TYR H 15 -18.74 -5.63 21.80
CA TYR H 15 -18.33 -5.10 20.51
C TYR H 15 -18.43 -3.58 20.38
N ALA H 16 -19.26 -2.96 21.21
CA ALA H 16 -19.41 -1.50 21.12
C ALA H 16 -18.28 -0.76 21.84
N ASN H 17 -17.40 -1.52 22.48
CA ASN H 17 -16.27 -0.93 23.21
C ASN H 17 -15.04 -1.83 23.13
N PHE H 18 -14.57 -2.09 21.91
CA PHE H 18 -13.40 -2.94 21.74
C PHE H 18 -12.18 -2.43 22.51
N ALA H 19 -11.92 -1.13 22.46
CA ALA H 19 -10.78 -0.56 23.17
C ALA H 19 -10.81 -0.82 24.68
N SER H 20 -11.90 -0.47 25.34
CA SER H 20 -11.97 -0.70 26.78
C SER H 20 -11.88 -2.20 27.10
N GLU H 21 -12.54 -3.03 26.30
CA GLU H 21 -12.50 -4.47 26.53
C GLU H 21 -11.07 -4.98 26.40
N LEU H 22 -10.35 -4.51 25.39
CA LEU H 22 -8.95 -4.94 25.24
C LEU H 22 -8.16 -4.51 26.47
N ALA H 23 -8.47 -3.33 27.00
CA ALA H 23 -7.79 -2.82 28.18
C ALA H 23 -8.03 -3.75 29.37
N ARG H 24 -9.27 -4.21 29.51
CA ARG H 24 -9.59 -5.13 30.60
C ARG H 24 -8.74 -6.38 30.47
N ILE H 25 -8.60 -6.89 29.26
CA ILE H 25 -7.80 -8.08 29.06
C ILE H 25 -6.35 -7.85 29.50
N GLU H 26 -5.83 -6.66 29.21
CA GLU H 26 -4.45 -6.36 29.58
C GLU H 26 -4.19 -6.19 31.06
N GLU H 27 -5.25 -6.21 31.86
CA GLU H 27 -5.09 -6.10 33.31
C GLU H 27 -4.73 -7.47 33.84
N THR H 28 -5.13 -8.50 33.10
CA THR H 28 -4.86 -9.89 33.49
C THR H 28 -3.48 -10.27 32.99
N ASP H 29 -3.05 -11.50 33.25
CA ASP H 29 -1.74 -11.93 32.78
C ASP H 29 -1.86 -12.66 31.45
N ALA H 30 -3.01 -12.53 30.80
CA ALA H 30 -3.23 -13.17 29.50
C ALA H 30 -2.24 -12.57 28.51
N GLU H 31 -1.63 -13.41 27.67
CA GLU H 31 -0.66 -12.90 26.71
C GLU H 31 -1.16 -12.82 25.27
N TYR H 32 -2.34 -13.40 25.01
CA TYR H 32 -2.94 -13.40 23.68
C TYR H 32 -4.36 -12.84 23.70
N VAL H 33 -4.80 -12.39 22.53
CA VAL H 33 -6.17 -11.92 22.35
C VAL H 33 -6.61 -12.74 21.13
N HIS H 34 -7.56 -13.65 21.34
CA HIS H 34 -8.04 -14.49 20.23
C HIS H 34 -9.09 -13.72 19.44
N ILE H 35 -8.86 -13.55 18.14
CA ILE H 35 -9.80 -12.80 17.30
C ILE H 35 -10.40 -13.69 16.22
N ASP H 36 -11.68 -13.99 16.39
CA ASP H 36 -12.43 -14.84 15.48
C ASP H 36 -13.04 -14.12 14.28
N ILE H 37 -12.53 -14.43 13.09
CA ILE H 37 -13.02 -13.81 11.86
C ILE H 37 -13.99 -14.77 11.17
N MET H 38 -15.23 -14.32 10.96
CA MET H 38 -16.26 -15.15 10.31
C MET H 38 -16.87 -14.38 9.14
N ASP H 39 -17.01 -15.05 8.00
CA ASP H 39 -17.51 -14.42 6.79
C ASP H 39 -18.91 -14.83 6.32
N GLY H 40 -19.63 -15.57 7.14
CA GLY H 40 -20.95 -16.00 6.73
C GLY H 40 -20.92 -17.14 5.71
N GLN H 41 -19.72 -17.56 5.31
CA GLN H 41 -19.60 -18.66 4.35
C GLN H 41 -19.04 -19.92 5.02
N PHE H 42 -17.87 -19.81 5.64
CA PHE H 42 -17.28 -20.97 6.33
C PHE H 42 -18.19 -21.35 7.51
N VAL H 43 -18.76 -20.33 8.14
CA VAL H 43 -19.73 -20.52 9.23
C VAL H 43 -20.90 -19.60 8.88
N PRO H 44 -22.07 -19.82 9.48
CA PRO H 44 -23.27 -19.01 9.21
C PRO H 44 -23.19 -17.51 9.45
N ASN H 45 -22.54 -17.09 10.54
CA ASN H 45 -22.48 -15.67 10.84
C ASN H 45 -21.25 -14.89 10.40
N ILE H 46 -21.41 -13.57 10.39
CA ILE H 46 -20.34 -12.64 10.04
C ILE H 46 -19.94 -11.99 11.37
N SER H 47 -18.66 -11.99 11.69
CA SER H 47 -18.22 -11.37 12.94
C SER H 47 -17.66 -9.98 12.63
N PHE H 48 -16.39 -9.93 12.24
CA PHE H 48 -15.71 -8.68 11.89
C PHE H 48 -14.49 -9.00 11.04
N GLY H 49 -14.09 -8.02 10.22
CA GLY H 49 -12.96 -8.23 9.31
C GLY H 49 -11.63 -7.62 9.68
N ALA H 50 -10.72 -7.59 8.69
CA ALA H 50 -9.37 -7.07 8.87
C ALA H 50 -9.30 -5.62 9.36
N ASP H 51 -10.18 -4.76 8.84
CA ASP H 51 -10.20 -3.35 9.25
C ASP H 51 -10.55 -3.19 10.73
N VAL H 52 -11.38 -4.09 11.25
CA VAL H 52 -11.73 -4.02 12.66
C VAL H 52 -10.48 -4.39 13.48
N VAL H 53 -9.79 -5.44 13.06
CA VAL H 53 -8.56 -5.85 13.74
C VAL H 53 -7.54 -4.72 13.71
N ALA H 54 -7.48 -4.00 12.60
CA ALA H 54 -6.55 -2.90 12.44
C ALA H 54 -6.87 -1.82 13.48
N SER H 55 -8.15 -1.54 13.63
CA SER H 55 -8.60 -0.54 14.60
C SER H 55 -8.20 -0.93 16.02
N MET H 56 -8.32 -2.22 16.33
CA MET H 56 -7.98 -2.76 17.63
C MET H 56 -6.49 -2.76 17.95
N ARG H 57 -5.66 -2.86 16.92
CA ARG H 57 -4.22 -2.94 17.08
C ARG H 57 -3.55 -1.93 18.02
N LYS H 58 -3.86 -0.64 17.88
CA LYS H 58 -3.23 0.36 18.74
C LYS H 58 -3.79 0.45 20.15
N HIS H 59 -4.70 -0.47 20.48
CA HIS H 59 -5.30 -0.48 21.81
C HIS H 59 -4.84 -1.70 22.57
N SER H 60 -3.85 -2.40 22.04
CA SER H 60 -3.35 -3.60 22.69
C SER H 60 -1.91 -3.90 22.32
N LYS H 61 -1.18 -4.45 23.29
CA LYS H 61 0.21 -4.83 23.08
C LYS H 61 0.31 -6.35 23.17
N LEU H 62 -0.84 -7.01 23.24
CA LEU H 62 -0.88 -8.45 23.33
C LEU H 62 -0.74 -9.10 21.96
N VAL H 63 -0.49 -10.40 21.95
CA VAL H 63 -0.33 -11.15 20.72
C VAL H 63 -1.71 -11.28 20.06
N PHE H 64 -1.84 -10.79 18.84
CA PHE H 64 -3.10 -10.88 18.11
C PHE H 64 -3.16 -12.23 17.39
N ASP H 65 -3.86 -13.16 18.04
CA ASP H 65 -4.07 -14.53 17.58
C ASP H 65 -5.33 -14.56 16.71
N CYS H 66 -5.17 -14.30 15.41
CA CYS H 66 -6.32 -14.28 14.50
C CYS H 66 -6.69 -15.64 13.93
N HIS H 67 -7.97 -15.97 14.07
CA HIS H 67 -8.53 -17.24 13.63
C HIS H 67 -9.50 -16.96 12.48
N LEU H 68 -9.14 -17.40 11.27
CA LEU H 68 -9.99 -17.16 10.12
C LEU H 68 -10.97 -18.25 9.74
N MET H 69 -12.22 -18.05 10.15
CA MET H 69 -13.28 -19.00 9.80
C MET H 69 -13.93 -18.35 8.58
N VAL H 70 -13.15 -18.30 7.50
CA VAL H 70 -13.58 -17.70 6.25
C VAL H 70 -13.15 -18.63 5.13
N VAL H 71 -13.82 -18.56 3.99
CA VAL H 71 -13.41 -19.41 2.87
C VAL H 71 -12.27 -18.71 2.12
N ASP H 72 -11.35 -19.50 1.56
CA ASP H 72 -10.23 -18.96 0.79
C ASP H 72 -9.48 -17.90 1.57
N PRO H 73 -8.95 -18.26 2.74
CA PRO H 73 -8.22 -17.31 3.59
C PRO H 73 -6.99 -16.67 2.97
N GLU H 74 -6.37 -17.30 1.98
CA GLU H 74 -5.16 -16.72 1.40
C GLU H 74 -5.33 -15.29 0.90
N ARG H 75 -6.53 -14.96 0.41
CA ARG H 75 -6.80 -13.61 -0.09
C ARG H 75 -6.73 -12.54 0.99
N TYR H 76 -6.74 -12.94 2.26
CA TYR H 76 -6.68 -11.97 3.35
C TYR H 76 -5.34 -11.88 4.08
N VAL H 77 -4.36 -12.67 3.65
CA VAL H 77 -3.06 -12.67 4.30
C VAL H 77 -2.44 -11.28 4.41
N GLU H 78 -2.45 -10.55 3.30
CA GLU H 78 -1.89 -9.21 3.25
C GLU H 78 -2.65 -8.24 4.16
N ALA H 79 -3.98 -8.31 4.14
CA ALA H 79 -4.83 -7.44 4.94
C ALA H 79 -4.57 -7.60 6.45
N PHE H 80 -4.48 -8.84 6.90
CA PHE H 80 -4.22 -9.08 8.32
C PHE H 80 -2.78 -8.77 8.71
N ALA H 81 -1.87 -8.95 7.76
CA ALA H 81 -0.47 -8.66 8.02
C ALA H 81 -0.36 -7.17 8.32
N GLN H 82 -0.99 -6.35 7.48
CA GLN H 82 -0.97 -4.90 7.66
C GLN H 82 -1.85 -4.45 8.82
N ALA H 83 -2.94 -5.18 9.06
CA ALA H 83 -3.85 -4.85 10.16
C ALA H 83 -3.18 -5.04 11.51
N GLY H 84 -2.09 -5.82 11.53
CA GLY H 84 -1.37 -6.03 12.77
C GLY H 84 -1.52 -7.37 13.43
N ALA H 85 -1.98 -8.38 12.68
CA ALA H 85 -2.13 -9.72 13.24
C ALA H 85 -0.74 -10.28 13.49
N ASP H 86 -0.57 -10.97 14.61
CA ASP H 86 0.71 -11.56 14.97
C ASP H 86 0.74 -13.02 14.57
N ILE H 87 -0.41 -13.66 14.66
CA ILE H 87 -0.56 -15.06 14.28
C ILE H 87 -1.80 -15.14 13.40
N MET H 88 -1.75 -15.97 12.36
CA MET H 88 -2.89 -16.14 11.49
C MET H 88 -3.14 -17.65 11.41
N THR H 89 -4.27 -18.09 11.97
CA THR H 89 -4.60 -19.49 11.98
C THR H 89 -5.75 -19.77 11.00
N ILE H 90 -5.51 -20.70 10.08
CA ILE H 90 -6.49 -21.03 9.05
C ILE H 90 -6.91 -22.50 9.02
N HIS H 91 -8.11 -22.74 8.52
CA HIS H 91 -8.71 -24.06 8.44
C HIS H 91 -8.30 -24.89 7.21
N THR H 92 -7.99 -26.15 7.45
CA THR H 92 -7.64 -27.06 6.37
C THR H 92 -8.86 -27.24 5.48
N GLU H 93 -10.05 -27.06 6.05
CA GLU H 93 -11.30 -27.21 5.30
C GLU H 93 -11.74 -25.98 4.51
N SER H 94 -10.99 -24.88 4.62
CA SER H 94 -11.36 -23.65 3.94
C SER H 94 -10.65 -23.38 2.61
N THR H 95 -9.65 -24.19 2.29
CA THR H 95 -8.89 -24.03 1.05
C THR H 95 -8.42 -25.38 0.55
N ARG H 96 -8.19 -25.52 -0.76
CA ARG H 96 -7.72 -26.79 -1.30
C ARG H 96 -6.19 -26.79 -1.24
N HIS H 97 -5.62 -25.64 -0.90
CA HIS H 97 -4.17 -25.47 -0.84
C HIS H 97 -3.69 -25.02 0.52
N ILE H 98 -4.01 -25.78 1.55
CA ILE H 98 -3.63 -25.42 2.91
C ILE H 98 -2.12 -25.23 3.10
N HIS H 99 -1.32 -26.10 2.51
CA HIS H 99 0.13 -26.01 2.62
C HIS H 99 0.63 -24.66 2.11
N GLY H 100 0.30 -24.34 0.87
CA GLY H 100 0.72 -23.08 0.29
C GLY H 100 0.19 -21.88 1.07
N ALA H 101 -1.05 -22.00 1.55
CA ALA H 101 -1.67 -20.92 2.33
C ALA H 101 -0.83 -20.62 3.56
N LEU H 102 -0.35 -21.68 4.21
CA LEU H 102 0.47 -21.50 5.39
C LEU H 102 1.81 -20.86 5.03
N GLN H 103 2.37 -21.24 3.88
CA GLN H 103 3.64 -20.66 3.44
C GLN H 103 3.45 -19.16 3.18
N LYS H 104 2.29 -18.81 2.60
CA LYS H 104 2.01 -17.41 2.30
C LYS H 104 1.95 -16.57 3.56
N ILE H 105 1.48 -17.17 4.66
CA ILE H 105 1.38 -16.48 5.94
C ILE H 105 2.77 -16.22 6.51
N LYS H 106 3.62 -17.24 6.50
CA LYS H 106 4.98 -17.11 7.01
C LYS H 106 5.70 -16.04 6.19
N ALA H 107 5.56 -16.11 4.87
CA ALA H 107 6.20 -15.15 3.98
C ALA H 107 5.74 -13.74 4.28
N ALA H 108 4.52 -13.61 4.79
CA ALA H 108 3.96 -12.30 5.12
C ALA H 108 4.56 -11.74 6.42
N GLY H 109 5.33 -12.57 7.12
CA GLY H 109 5.95 -12.12 8.35
C GLY H 109 5.20 -12.47 9.62
N MET H 110 4.16 -13.29 9.49
CA MET H 110 3.36 -13.69 10.65
C MET H 110 3.62 -15.12 11.03
N LYS H 111 3.25 -15.49 12.26
CA LYS H 111 3.39 -16.86 12.66
C LYS H 111 2.22 -17.60 12.02
N ALA H 112 2.45 -18.84 11.60
CA ALA H 112 1.40 -19.60 10.93
C ALA H 112 0.75 -20.64 11.79
N GLY H 113 -0.58 -20.68 11.73
CA GLY H 113 -1.33 -21.66 12.50
C GLY H 113 -2.31 -22.40 11.62
N VAL H 114 -2.55 -23.67 11.95
CA VAL H 114 -3.51 -24.49 11.23
C VAL H 114 -4.54 -24.97 12.21
N VAL H 115 -5.79 -25.05 11.76
CA VAL H 115 -6.85 -25.51 12.63
C VAL H 115 -7.77 -26.49 11.91
N ILE H 116 -8.30 -27.46 12.63
CA ILE H 116 -9.21 -28.43 12.04
C ILE H 116 -10.47 -28.50 12.88
N ASN H 117 -11.60 -28.72 12.22
CA ASN H 117 -12.88 -28.82 12.91
C ASN H 117 -12.99 -30.16 13.66
N PRO H 118 -13.92 -30.26 14.62
CA PRO H 118 -14.07 -31.50 15.38
C PRO H 118 -14.20 -32.74 14.50
N GLY H 119 -14.93 -32.62 13.39
CA GLY H 119 -15.14 -33.76 12.50
C GLY H 119 -14.01 -34.11 11.56
N THR H 120 -13.00 -33.26 11.49
CA THR H 120 -11.84 -33.48 10.63
C THR H 120 -10.78 -34.30 11.37
N PRO H 121 -10.28 -35.37 10.73
CA PRO H 121 -9.26 -36.23 11.35
C PRO H 121 -7.91 -35.53 11.54
N ALA H 122 -7.19 -35.93 12.57
CA ALA H 122 -5.87 -35.34 12.87
C ALA H 122 -4.91 -35.54 11.69
N THR H 123 -5.12 -36.63 10.94
CA THR H 123 -4.29 -36.95 9.80
C THR H 123 -4.19 -35.81 8.80
N ALA H 124 -5.18 -34.91 8.80
CA ALA H 124 -5.17 -33.77 7.91
C ALA H 124 -4.06 -32.78 8.29
N LEU H 125 -3.55 -32.95 9.50
CA LEU H 125 -2.49 -32.09 10.06
C LEU H 125 -1.07 -32.56 9.74
N GLU H 126 -0.90 -33.87 9.65
CA GLU H 126 0.41 -34.48 9.42
C GLU H 126 1.30 -33.82 8.36
N PRO H 127 0.77 -33.55 7.17
CA PRO H 127 1.55 -32.92 6.10
C PRO H 127 1.95 -31.46 6.35
N LEU H 128 1.44 -30.88 7.44
CA LEU H 128 1.71 -29.47 7.74
C LEU H 128 2.53 -29.18 8.99
N LEU H 129 2.82 -30.21 9.77
CA LEU H 129 3.55 -30.04 11.02
C LEU H 129 4.89 -29.32 10.93
N ASP H 130 5.60 -29.50 9.83
CA ASP H 130 6.90 -28.87 9.68
C ASP H 130 6.89 -27.37 9.41
N LEU H 131 5.75 -26.82 8.99
CA LEU H 131 5.73 -25.40 8.69
C LEU H 131 4.95 -24.46 9.61
N VAL H 132 4.22 -25.02 10.57
CA VAL H 132 3.42 -24.19 11.48
C VAL H 132 4.04 -23.85 12.82
N ASP H 133 3.65 -22.70 13.35
CA ASP H 133 4.11 -22.23 14.65
C ASP H 133 3.07 -22.65 15.70
N GLN H 134 1.87 -22.96 15.23
CA GLN H 134 0.78 -23.34 16.13
C GLN H 134 -0.26 -24.23 15.46
N VAL H 135 -0.74 -25.21 16.22
CA VAL H 135 -1.78 -26.10 15.72
C VAL H 135 -2.95 -25.88 16.67
N LEU H 136 -4.13 -25.60 16.11
CA LEU H 136 -5.32 -25.35 16.92
C LEU H 136 -6.31 -26.50 16.72
N ILE H 137 -6.71 -27.12 17.83
CA ILE H 137 -7.69 -28.19 17.78
C ILE H 137 -9.01 -27.64 18.33
N MET H 138 -10.01 -27.46 17.46
CA MET H 138 -11.30 -26.94 17.92
C MET H 138 -11.92 -27.95 18.87
N THR H 139 -12.55 -27.46 19.93
CA THR H 139 -13.21 -28.34 20.89
C THR H 139 -14.73 -28.14 20.90
N VAL H 140 -15.21 -27.39 19.90
CA VAL H 140 -16.63 -27.17 19.66
C VAL H 140 -16.68 -26.93 18.15
N ASN H 141 -17.85 -27.06 17.54
CA ASN H 141 -17.96 -26.79 16.12
C ASN H 141 -17.96 -25.28 15.99
N PRO H 142 -17.14 -24.73 15.08
CA PRO H 142 -17.02 -23.29 14.86
C PRO H 142 -18.34 -22.58 14.59
N GLY H 143 -18.42 -21.32 14.96
CA GLY H 143 -19.64 -20.58 14.72
C GLY H 143 -20.02 -19.60 15.80
N PHE H 144 -19.92 -20.02 17.06
CA PHE H 144 -20.30 -19.14 18.16
C PHE H 144 -19.81 -19.65 19.52
N GLY H 145 -19.92 -18.79 20.53
CA GLY H 145 -19.48 -19.15 21.86
C GLY H 145 -20.56 -19.83 22.70
N GLY H 146 -20.17 -20.28 23.89
CA GLY H 146 -21.12 -20.92 24.79
C GLY H 146 -21.49 -22.37 24.48
N GLN H 147 -20.84 -22.97 23.49
CA GLN H 147 -21.15 -24.35 23.12
C GLN H 147 -20.56 -25.37 24.07
N ALA H 148 -21.04 -26.60 23.97
CA ALA H 148 -20.58 -27.68 24.83
C ALA H 148 -19.24 -28.25 24.38
N PHE H 149 -18.31 -28.36 25.33
CA PHE H 149 -16.97 -28.91 25.08
C PHE H 149 -17.10 -30.31 24.48
N ILE H 150 -16.24 -30.63 23.51
CA ILE H 150 -16.27 -31.94 22.88
C ILE H 150 -15.02 -32.73 23.28
N PRO H 151 -15.14 -33.55 24.34
CA PRO H 151 -14.08 -34.39 24.90
C PRO H 151 -13.26 -35.18 23.89
N GLU H 152 -13.94 -35.78 22.92
CA GLU H 152 -13.28 -36.58 21.89
C GLU H 152 -12.19 -35.85 21.11
N CYS H 153 -12.32 -34.53 21.00
CA CYS H 153 -11.33 -33.74 20.27
C CYS H 153 -9.96 -33.75 20.95
N LEU H 154 -9.94 -34.01 22.25
CA LEU H 154 -8.68 -34.05 22.98
C LEU H 154 -7.78 -35.16 22.44
N GLU H 155 -8.39 -36.20 21.88
CA GLU H 155 -7.64 -37.31 21.29
C GLU H 155 -6.70 -36.79 20.21
N LYS H 156 -7.18 -35.83 19.44
CA LYS H 156 -6.41 -35.26 18.36
C LYS H 156 -5.30 -34.37 18.94
N VAL H 157 -5.56 -33.77 20.10
CA VAL H 157 -4.56 -32.95 20.78
C VAL H 157 -3.39 -33.85 21.20
N ALA H 158 -3.72 -35.03 21.71
CA ALA H 158 -2.68 -35.97 22.14
C ALA H 158 -1.88 -36.47 20.93
N THR H 159 -2.59 -36.87 19.89
CA THR H 159 -1.97 -37.37 18.68
C THR H 159 -0.97 -36.38 18.10
N VAL H 160 -1.37 -35.12 18.03
CA VAL H 160 -0.49 -34.09 17.47
C VAL H 160 0.71 -33.84 18.38
N ALA H 161 0.48 -33.92 19.69
CA ALA H 161 1.55 -33.72 20.65
C ALA H 161 2.57 -34.83 20.47
N LYS H 162 2.09 -36.03 20.16
CA LYS H 162 2.96 -37.17 19.95
C LYS H 162 3.78 -36.97 18.68
N TRP H 163 3.12 -36.58 17.60
CA TRP H 163 3.83 -36.36 16.34
C TRP H 163 4.89 -35.28 16.51
N ARG H 164 4.57 -34.25 17.29
CA ARG H 164 5.49 -33.16 17.51
C ARG H 164 6.80 -33.63 18.14
N ASP H 165 6.70 -34.60 19.03
CA ASP H 165 7.88 -35.14 19.70
C ASP H 165 8.62 -36.15 18.85
N GLU H 166 7.90 -36.97 18.10
CA GLU H 166 8.53 -37.97 17.25
C GLU H 166 9.35 -37.26 16.18
N LYS H 167 8.80 -36.17 15.66
CA LYS H 167 9.46 -35.40 14.62
C LYS H 167 10.40 -34.32 15.16
N GLY H 168 10.44 -34.19 16.48
CA GLY H 168 11.29 -33.19 17.11
C GLY H 168 10.94 -31.76 16.76
N LEU H 169 9.65 -31.43 16.74
CA LEU H 169 9.19 -30.09 16.42
C LEU H 169 8.85 -29.32 17.70
N SER H 170 8.52 -28.03 17.59
CA SER H 170 8.23 -27.26 18.79
C SER H 170 7.05 -26.27 18.75
N PHE H 171 6.12 -26.49 17.83
CA PHE H 171 4.97 -25.58 17.74
C PHE H 171 4.04 -25.68 18.95
N ASP H 172 3.28 -24.62 19.18
CA ASP H 172 2.32 -24.61 20.28
C ASP H 172 1.10 -25.41 19.85
N ILE H 173 0.37 -25.93 20.82
CA ILE H 173 -0.85 -26.66 20.55
C ILE H 173 -1.93 -25.93 21.33
N GLU H 174 -2.91 -25.39 20.61
CA GLU H 174 -3.97 -24.62 21.21
C GLU H 174 -5.32 -25.34 21.12
N VAL H 175 -6.24 -25.02 22.04
CA VAL H 175 -7.59 -25.57 22.03
C VAL H 175 -8.56 -24.38 22.03
N ASP H 176 -9.71 -24.54 21.39
CA ASP H 176 -10.68 -23.45 21.30
C ASP H 176 -12.12 -23.95 21.30
N GLY H 177 -12.91 -23.46 22.25
CA GLY H 177 -14.31 -23.85 22.34
C GLY H 177 -14.67 -24.61 23.60
N GLY H 178 -15.54 -24.03 24.42
CA GLY H 178 -15.95 -24.69 25.65
C GLY H 178 -14.85 -24.84 26.69
N VAL H 179 -13.80 -24.04 26.57
CA VAL H 179 -12.69 -24.09 27.52
C VAL H 179 -13.01 -23.24 28.75
N ASP H 180 -13.17 -23.90 29.90
CA ASP H 180 -13.47 -23.19 31.13
C ASP H 180 -12.69 -23.77 32.31
N ASN H 181 -13.00 -23.32 33.52
CA ASN H 181 -12.28 -23.80 34.69
C ASN H 181 -12.44 -25.30 34.94
N LYS H 182 -13.48 -25.90 34.37
CA LYS H 182 -13.71 -27.32 34.57
C LYS H 182 -13.15 -28.21 33.46
N THR H 183 -12.83 -27.63 32.30
CA THR H 183 -12.31 -28.41 31.19
C THR H 183 -10.85 -28.13 30.83
N ILE H 184 -10.35 -26.94 31.17
CA ILE H 184 -8.99 -26.56 30.83
C ILE H 184 -7.90 -27.53 31.29
N ARG H 185 -8.06 -28.10 32.48
CA ARG H 185 -7.05 -29.03 32.99
C ARG H 185 -6.94 -30.25 32.07
N ALA H 186 -8.08 -30.76 31.60
CA ALA H 186 -8.07 -31.92 30.72
C ALA H 186 -7.34 -31.58 29.42
N CYS H 187 -7.50 -30.34 28.97
CA CYS H 187 -6.85 -29.89 27.74
C CYS H 187 -5.34 -29.86 27.91
N TYR H 188 -4.88 -29.39 29.06
CA TYR H 188 -3.46 -29.32 29.35
C TYR H 188 -2.87 -30.71 29.36
N GLU H 189 -3.53 -31.63 30.07
CA GLU H 189 -3.07 -33.00 30.17
C GLU H 189 -3.06 -33.71 28.83
N ALA H 190 -3.94 -33.29 27.93
CA ALA H 190 -4.01 -33.91 26.61
C ALA H 190 -2.80 -33.47 25.80
N GLY H 191 -2.20 -32.35 26.17
CA GLY H 191 -1.03 -31.85 25.47
C GLY H 191 -1.08 -30.41 24.99
N ALA H 192 -2.18 -29.71 25.23
CA ALA H 192 -2.30 -28.32 24.80
C ALA H 192 -1.57 -27.36 25.73
N ASN H 193 -1.10 -26.23 25.20
CA ASN H 193 -0.41 -25.23 26.01
C ASN H 193 -0.94 -23.81 25.82
N VAL H 194 -1.88 -23.65 24.88
CA VAL H 194 -2.50 -22.35 24.63
C VAL H 194 -4.00 -22.58 24.71
N PHE H 195 -4.67 -21.81 25.57
CA PHE H 195 -6.10 -22.00 25.81
C PHE H 195 -6.98 -20.80 25.52
N VAL H 196 -7.89 -20.97 24.56
CA VAL H 196 -8.80 -19.89 24.18
C VAL H 196 -10.09 -20.01 25.00
N ALA H 197 -10.52 -18.90 25.58
CA ALA H 197 -11.74 -18.89 26.39
C ALA H 197 -12.52 -17.61 26.12
N GLY H 198 -13.79 -17.76 25.78
CA GLY H 198 -14.62 -16.60 25.51
C GLY H 198 -15.66 -16.38 26.59
N SER H 199 -16.81 -17.04 26.44
CA SER H 199 -17.92 -16.89 27.38
C SER H 199 -17.55 -17.07 28.85
N TYR H 200 -16.76 -18.09 29.17
CA TYR H 200 -16.37 -18.32 30.56
C TYR H 200 -15.68 -17.12 31.18
N LEU H 201 -14.83 -16.45 30.41
CA LEU H 201 -14.12 -15.29 30.91
C LEU H 201 -14.95 -14.01 30.92
N PHE H 202 -15.53 -13.68 29.78
CA PHE H 202 -16.31 -12.45 29.67
C PHE H 202 -17.65 -12.40 30.39
N LYS H 203 -18.05 -13.50 31.01
CA LYS H 203 -19.30 -13.49 31.77
C LYS H 203 -19.07 -12.80 33.12
N ALA H 204 -17.81 -12.72 33.52
CA ALA H 204 -17.43 -12.10 34.79
C ALA H 204 -17.10 -10.62 34.61
N SER H 205 -17.43 -9.81 35.61
CA SER H 205 -17.14 -8.39 35.53
C SER H 205 -15.68 -8.11 35.85
N ASP H 206 -15.01 -9.07 36.46
CA ASP H 206 -13.60 -8.92 36.78
C ASP H 206 -12.77 -9.96 36.03
N LEU H 207 -12.19 -9.55 34.92
CA LEU H 207 -11.38 -10.45 34.10
C LEU H 207 -10.10 -10.94 34.77
N VAL H 208 -9.46 -10.10 35.58
CA VAL H 208 -8.21 -10.52 36.23
C VAL H 208 -8.45 -11.74 37.10
N SER H 209 -9.49 -11.68 37.91
CA SER H 209 -9.85 -12.78 38.80
C SER H 209 -10.27 -14.01 38.01
N GLN H 210 -11.14 -13.80 37.02
CA GLN H 210 -11.64 -14.88 36.20
C GLN H 210 -10.50 -15.59 35.47
N VAL H 211 -9.55 -14.82 34.95
CA VAL H 211 -8.41 -15.41 34.25
C VAL H 211 -7.59 -16.24 35.24
N GLN H 212 -7.50 -15.76 36.47
CA GLN H 212 -6.74 -16.45 37.49
C GLN H 212 -7.35 -17.82 37.80
N THR H 213 -8.67 -17.93 37.72
CA THR H 213 -9.32 -19.22 37.99
C THR H 213 -8.82 -20.25 36.99
N LEU H 214 -8.54 -19.82 35.77
CA LEU H 214 -8.04 -20.75 34.77
C LEU H 214 -6.61 -21.14 35.11
N ARG H 215 -5.83 -20.17 35.61
CA ARG H 215 -4.44 -20.43 35.99
C ARG H 215 -4.41 -21.49 37.09
N THR H 216 -5.28 -21.33 38.08
CA THR H 216 -5.33 -22.26 39.19
C THR H 216 -5.83 -23.64 38.74
N ALA H 217 -6.80 -23.65 37.82
CA ALA H 217 -7.34 -24.91 37.32
C ALA H 217 -6.23 -25.73 36.66
N LEU H 218 -5.26 -25.05 36.06
CA LEU H 218 -4.15 -25.72 35.40
C LEU H 218 -3.15 -26.25 36.43
N THR I 3 -55.81 -19.81 -27.63
CA THR I 3 -56.70 -20.74 -26.87
C THR I 3 -56.30 -20.76 -25.40
N LEU I 4 -57.31 -20.74 -24.53
CA LEU I 4 -57.07 -20.74 -23.09
C LEU I 4 -56.81 -22.16 -22.61
N LYS I 5 -55.71 -22.36 -21.91
CA LYS I 5 -55.36 -23.67 -21.39
C LYS I 5 -55.15 -23.70 -19.88
N ILE I 6 -55.63 -24.77 -19.25
CA ILE I 6 -55.49 -24.94 -17.81
C ILE I 6 -54.40 -25.99 -17.56
N ALA I 7 -53.46 -25.66 -16.68
CA ALA I 7 -52.36 -26.57 -16.38
C ALA I 7 -52.23 -26.81 -14.88
N PRO I 8 -52.83 -27.91 -14.39
CA PRO I 8 -52.75 -28.22 -12.96
C PRO I 8 -51.30 -28.50 -12.58
N SER I 9 -50.88 -27.99 -11.42
CA SER I 9 -49.52 -28.19 -10.95
C SER I 9 -49.46 -29.42 -10.05
N ILE I 10 -48.72 -30.43 -10.50
CA ILE I 10 -48.60 -31.67 -9.75
C ILE I 10 -47.89 -31.45 -8.41
N LEU I 11 -47.29 -30.28 -8.26
CA LEU I 11 -46.58 -29.95 -7.02
C LEU I 11 -47.56 -29.93 -5.84
N ALA I 12 -48.83 -29.71 -6.14
CA ALA I 12 -49.86 -29.65 -5.12
C ALA I 12 -50.65 -30.95 -5.01
N ALA I 13 -50.21 -31.98 -5.73
CA ALA I 13 -50.89 -33.27 -5.72
C ALA I 13 -50.29 -34.26 -4.72
N ASP I 14 -50.85 -35.47 -4.69
CA ASP I 14 -50.40 -36.53 -3.79
C ASP I 14 -49.22 -37.30 -4.38
N TYR I 15 -48.01 -36.95 -3.92
CA TYR I 15 -46.76 -37.57 -4.38
C TYR I 15 -46.69 -39.09 -4.29
N ALA I 16 -47.40 -39.68 -3.34
CA ALA I 16 -47.38 -41.12 -3.17
C ALA I 16 -48.25 -41.85 -4.19
N ASN I 17 -48.92 -41.08 -5.04
CA ASN I 17 -49.79 -41.66 -6.07
C ASN I 17 -49.81 -40.77 -7.30
N PHE I 18 -48.66 -40.60 -7.93
CA PHE I 18 -48.62 -39.76 -9.12
C PHE I 18 -49.50 -40.31 -10.23
N ALA I 19 -49.51 -41.63 -10.38
CA ALA I 19 -50.31 -42.27 -11.41
C ALA I 19 -51.79 -41.90 -11.30
N SER I 20 -52.40 -42.20 -10.15
CA SER I 20 -53.82 -41.90 -9.94
C SER I 20 -54.13 -40.40 -9.98
N GLU I 21 -53.17 -39.58 -9.54
CA GLU I 21 -53.37 -38.13 -9.56
C GLU I 21 -53.37 -37.64 -11.00
N LEU I 22 -52.56 -38.26 -11.84
CA LEU I 22 -52.50 -37.89 -13.25
C LEU I 22 -53.81 -38.27 -13.95
N ALA I 23 -54.38 -39.40 -13.56
CA ALA I 23 -55.64 -39.85 -14.15
C ALA I 23 -56.76 -38.88 -13.78
N ARG I 24 -56.70 -38.32 -12.57
CA ARG I 24 -57.72 -37.38 -12.12
C ARG I 24 -57.67 -36.10 -12.94
N ILE I 25 -56.45 -35.71 -13.32
CA ILE I 25 -56.27 -34.50 -14.11
C ILE I 25 -56.85 -34.69 -15.51
N GLU I 26 -56.68 -35.89 -16.06
CA GLU I 26 -57.17 -36.20 -17.40
C GLU I 26 -58.69 -36.20 -17.49
N GLU I 27 -59.34 -36.53 -16.39
CA GLU I 27 -60.81 -36.55 -16.36
C GLU I 27 -61.37 -35.13 -16.48
N THR I 28 -60.49 -34.14 -16.42
CA THR I 28 -60.91 -32.75 -16.55
C THR I 28 -60.61 -32.31 -17.97
N ASP I 29 -60.90 -31.05 -18.31
CA ASP I 29 -60.62 -30.56 -19.66
C ASP I 29 -59.23 -29.94 -19.74
N ALA I 30 -58.44 -30.08 -18.68
CA ALA I 30 -57.08 -29.55 -18.65
C ALA I 30 -56.22 -30.22 -19.72
N GLU I 31 -55.43 -29.42 -20.42
CA GLU I 31 -54.57 -29.93 -21.51
C GLU I 31 -53.11 -30.15 -21.10
N TYR I 32 -52.65 -29.37 -20.12
CA TYR I 32 -51.27 -29.46 -19.64
C TYR I 32 -51.20 -30.00 -18.22
N VAL I 33 -50.03 -30.53 -17.87
CA VAL I 33 -49.73 -31.00 -16.52
C VAL I 33 -48.47 -30.21 -16.16
N HIS I 34 -48.59 -29.27 -15.24
CA HIS I 34 -47.44 -28.46 -14.86
C HIS I 34 -46.58 -29.20 -13.84
N ILE I 35 -45.31 -29.42 -14.19
CA ILE I 35 -44.38 -30.14 -13.33
C ILE I 35 -43.22 -29.26 -12.87
N ASP I 36 -43.20 -28.96 -11.57
CA ASP I 36 -42.15 -28.12 -11.00
C ASP I 36 -40.93 -28.89 -10.49
N ILE I 37 -39.79 -28.59 -11.10
CA ILE I 37 -38.51 -29.22 -10.76
C ILE I 37 -37.73 -28.23 -9.90
N MET I 38 -37.43 -28.62 -8.65
CA MET I 38 -36.68 -27.76 -7.73
C MET I 38 -35.44 -28.53 -7.24
N ASP I 39 -34.27 -27.87 -7.26
CA ASP I 39 -33.04 -28.56 -6.85
C ASP I 39 -32.44 -28.14 -5.52
N GLY I 40 -33.12 -27.27 -4.77
CA GLY I 40 -32.57 -26.83 -3.50
C GLY I 40 -31.53 -25.74 -3.64
N GLN I 41 -31.22 -25.36 -4.88
CA GLN I 41 -30.25 -24.30 -5.15
C GLN I 41 -31.00 -23.06 -5.66
N PHE I 42 -31.73 -23.21 -6.77
CA PHE I 42 -32.47 -22.07 -7.31
C PHE I 42 -33.48 -21.62 -6.25
N VAL I 43 -34.16 -22.60 -5.64
CA VAL I 43 -35.12 -22.34 -4.57
C VAL I 43 -34.65 -23.25 -3.43
N PRO I 44 -35.11 -22.99 -2.20
CA PRO I 44 -34.75 -23.76 -1.00
C PRO I 44 -35.04 -25.26 -1.01
N ASN I 45 -36.13 -25.66 -1.64
CA ASN I 45 -36.50 -27.06 -1.62
C ASN I 45 -36.18 -27.91 -2.84
N ILE I 46 -36.25 -29.21 -2.62
CA ILE I 46 -36.02 -30.21 -3.66
C ILE I 46 -37.38 -30.88 -3.91
N SER I 47 -37.88 -30.81 -5.13
CA SER I 47 -39.17 -31.47 -5.42
C SER I 47 -38.94 -32.86 -5.99
N PHE I 48 -38.71 -32.93 -7.29
CA PHE I 48 -38.45 -34.19 -7.98
C PHE I 48 -37.72 -33.91 -9.29
N GLY I 49 -37.05 -34.92 -9.83
CA GLY I 49 -36.30 -34.71 -11.06
C GLY I 49 -36.74 -35.44 -12.30
N ALA I 50 -35.84 -35.50 -13.28
CA ALA I 50 -36.07 -36.14 -14.58
C ALA I 50 -36.61 -37.57 -14.50
N ASP I 51 -36.05 -38.38 -13.61
CA ASP I 51 -36.51 -39.76 -13.48
C ASP I 51 -37.94 -39.87 -12.99
N VAL I 52 -38.37 -38.90 -12.19
CA VAL I 52 -39.74 -38.93 -11.69
C VAL I 52 -40.68 -38.59 -12.84
N VAL I 53 -40.31 -37.59 -13.64
CA VAL I 53 -41.11 -37.20 -14.80
C VAL I 53 -41.15 -38.37 -15.78
N ALA I 54 -40.03 -39.08 -15.90
CA ALA I 54 -39.96 -40.21 -16.81
C ALA I 54 -40.96 -41.30 -16.39
N SER I 55 -41.08 -41.49 -15.08
CA SER I 55 -41.99 -42.50 -14.55
C SER I 55 -43.44 -42.05 -14.69
N MET I 56 -43.67 -40.74 -14.66
CA MET I 56 -45.01 -40.17 -14.80
C MET I 56 -45.51 -40.21 -16.25
N ARG I 57 -44.58 -40.04 -17.18
CA ARG I 57 -44.87 -40.01 -18.61
C ARG I 57 -45.84 -41.09 -19.09
N LYS I 58 -45.68 -42.31 -18.59
CA LYS I 58 -46.53 -43.42 -19.02
C LYS I 58 -47.97 -43.37 -18.53
N HIS I 59 -48.25 -42.48 -17.58
CA HIS I 59 -49.59 -42.38 -17.03
C HIS I 59 -50.34 -41.12 -17.43
N SER I 60 -49.98 -40.54 -18.57
CA SER I 60 -50.66 -39.34 -19.04
C SER I 60 -50.35 -39.03 -20.49
N LYS I 61 -51.37 -38.62 -21.23
CA LYS I 61 -51.17 -38.27 -22.63
C LYS I 61 -51.29 -36.76 -22.78
N LEU I 62 -51.24 -36.06 -21.65
CA LEU I 62 -51.34 -34.60 -21.65
C LEU I 62 -49.98 -33.97 -21.92
N VAL I 63 -49.97 -32.65 -22.12
CA VAL I 63 -48.73 -31.95 -22.39
C VAL I 63 -47.91 -31.72 -21.10
N PHE I 64 -46.74 -32.34 -21.03
CA PHE I 64 -45.89 -32.17 -19.87
C PHE I 64 -45.15 -30.85 -19.96
N ASP I 65 -45.61 -29.91 -19.15
CA ASP I 65 -45.08 -28.56 -19.08
C ASP I 65 -44.11 -28.48 -17.89
N CYS I 66 -42.85 -28.85 -18.13
CA CYS I 66 -41.83 -28.86 -17.08
C CYS I 66 -41.20 -27.49 -16.83
N HIS I 67 -41.29 -27.07 -15.58
CA HIS I 67 -40.74 -25.78 -15.14
C HIS I 67 -39.48 -26.07 -14.31
N LEU I 68 -38.32 -25.71 -14.84
CA LEU I 68 -37.11 -25.97 -14.09
C LEU I 68 -36.63 -24.84 -13.19
N MET I 69 -36.85 -25.03 -11.89
CA MET I 69 -36.39 -24.07 -10.91
C MET I 69 -35.10 -24.69 -10.36
N VAL I 70 -34.11 -24.78 -11.24
CA VAL I 70 -32.81 -25.35 -10.89
C VAL I 70 -31.71 -24.47 -11.48
N VAL I 71 -30.51 -24.54 -10.92
CA VAL I 71 -29.41 -23.75 -11.45
C VAL I 71 -28.83 -24.50 -12.65
N ASP I 72 -28.29 -23.76 -13.62
CA ASP I 72 -27.70 -24.35 -14.83
C ASP I 72 -28.57 -25.45 -15.44
N PRO I 73 -29.77 -25.09 -15.90
CA PRO I 73 -30.70 -26.07 -16.50
C PRO I 73 -30.26 -26.79 -17.77
N GLU I 74 -29.32 -26.22 -18.52
CA GLU I 74 -28.90 -26.86 -19.76
C GLU I 74 -28.33 -28.28 -19.60
N ARG I 75 -27.86 -28.61 -18.40
CA ARG I 75 -27.30 -29.94 -18.16
C ARG I 75 -28.39 -31.01 -18.07
N TYR I 76 -29.65 -30.56 -18.08
CA TYR I 76 -30.79 -31.47 -17.98
C TYR I 76 -31.63 -31.59 -19.23
N VAL I 77 -31.31 -30.82 -20.27
CA VAL I 77 -32.07 -30.86 -21.51
C VAL I 77 -32.22 -32.29 -22.03
N GLU I 78 -31.11 -32.99 -22.16
CA GLU I 78 -31.18 -34.37 -22.65
C GLU I 78 -32.03 -35.28 -21.76
N ALA I 79 -31.87 -35.16 -20.44
CA ALA I 79 -32.63 -35.97 -19.51
C ALA I 79 -34.14 -35.78 -19.60
N PHE I 80 -34.57 -34.53 -19.70
CA PHE I 80 -36.00 -34.26 -19.80
C PHE I 80 -36.57 -34.63 -21.15
N ALA I 81 -35.75 -34.50 -22.20
CA ALA I 81 -36.22 -34.89 -23.54
C ALA I 81 -36.50 -36.39 -23.48
N GLN I 82 -35.58 -37.15 -22.90
CA GLN I 82 -35.76 -38.60 -22.77
C GLN I 82 -36.87 -38.98 -21.80
N ALA I 83 -37.15 -38.11 -20.83
CA ALA I 83 -38.19 -38.37 -19.84
C ALA I 83 -39.60 -38.12 -20.40
N GLY I 84 -39.67 -37.48 -21.56
CA GLY I 84 -40.98 -37.22 -22.14
C GLY I 84 -41.53 -35.83 -21.90
N ALA I 85 -40.66 -34.87 -21.58
CA ALA I 85 -41.11 -33.50 -21.36
C ALA I 85 -41.53 -32.93 -22.72
N ASP I 86 -42.68 -32.26 -22.77
CA ASP I 86 -43.16 -31.68 -24.01
C ASP I 86 -42.73 -30.23 -24.10
N ILE I 87 -42.70 -29.57 -22.95
CA ILE I 87 -42.26 -28.18 -22.89
C ILE I 87 -41.27 -28.09 -21.75
N MET I 88 -40.19 -27.35 -21.98
CA MET I 88 -39.16 -27.15 -20.97
C MET I 88 -39.01 -25.64 -20.78
N THR I 89 -39.39 -25.16 -19.61
CA THR I 89 -39.32 -23.74 -19.29
C THR I 89 -38.21 -23.45 -18.28
N ILE I 90 -37.34 -22.52 -18.61
CA ILE I 90 -36.21 -22.18 -17.76
C ILE I 90 -36.10 -20.71 -17.37
N HIS I 91 -35.53 -20.48 -16.19
CA HIS I 91 -35.35 -19.15 -15.64
C HIS I 91 -34.17 -18.37 -16.17
N THR I 92 -34.40 -17.10 -16.50
CA THR I 92 -33.34 -16.24 -17.00
C THR I 92 -32.30 -16.01 -15.90
N GLU I 93 -32.70 -16.22 -14.65
CA GLU I 93 -31.81 -16.03 -13.50
C GLU I 93 -30.99 -17.25 -13.13
N SER I 94 -31.27 -18.39 -13.77
CA SER I 94 -30.58 -19.64 -13.50
C SER I 94 -29.35 -19.92 -14.37
N THR I 95 -29.09 -19.08 -15.35
CA THR I 95 -27.95 -19.29 -16.24
C THR I 95 -27.46 -17.97 -16.81
N ARG I 96 -26.18 -17.90 -17.17
CA ARG I 96 -25.63 -16.68 -17.74
C ARG I 96 -25.84 -16.69 -19.25
N HIS I 97 -26.28 -17.83 -19.77
CA HIS I 97 -26.49 -17.99 -21.21
C HIS I 97 -27.90 -18.46 -21.56
N ILE I 98 -28.89 -17.70 -21.13
CA ILE I 98 -30.28 -18.07 -21.38
C ILE I 98 -30.59 -18.28 -22.87
N HIS I 99 -30.03 -17.46 -23.75
CA HIS I 99 -30.30 -17.61 -25.18
C HIS I 99 -29.93 -19.00 -25.70
N GLY I 100 -28.66 -19.37 -25.50
CA GLY I 100 -28.20 -20.68 -25.96
C GLY I 100 -28.96 -21.81 -25.30
N ALA I 101 -29.26 -21.66 -24.02
CA ALA I 101 -29.98 -22.67 -23.27
C ALA I 101 -31.31 -22.95 -23.96
N LEU I 102 -32.00 -21.89 -24.37
CA LEU I 102 -33.29 -22.04 -25.04
C LEU I 102 -33.09 -22.71 -26.40
N GLN I 103 -32.02 -22.36 -27.09
CA GLN I 103 -31.73 -22.98 -28.40
C GLN I 103 -31.54 -24.47 -28.22
N LYS I 104 -30.88 -24.85 -27.12
CA LYS I 104 -30.61 -26.27 -26.86
C LYS I 104 -31.90 -27.05 -26.65
N ILE I 105 -32.86 -26.46 -25.95
CA ILE I 105 -34.12 -27.15 -25.69
C ILE I 105 -34.84 -27.47 -27.00
N LYS I 106 -34.97 -26.45 -27.85
CA LYS I 106 -35.62 -26.62 -29.16
C LYS I 106 -34.90 -27.69 -29.97
N ALA I 107 -33.57 -27.58 -30.05
CA ALA I 107 -32.79 -28.55 -30.80
C ALA I 107 -33.03 -29.96 -30.28
N ALA I 108 -33.44 -30.06 -29.02
CA ALA I 108 -33.73 -31.35 -28.39
C ALA I 108 -35.13 -31.84 -28.75
N GLY I 109 -35.83 -31.05 -29.57
CA GLY I 109 -37.17 -31.43 -29.98
C GLY I 109 -38.31 -31.06 -29.05
N MET I 110 -38.05 -30.20 -28.07
CA MET I 110 -39.10 -29.80 -27.15
C MET I 110 -39.47 -28.33 -27.35
N LYS I 111 -40.63 -27.94 -26.85
CA LYS I 111 -41.05 -26.55 -26.94
C LYS I 111 -40.16 -25.84 -25.92
N ALA I 112 -39.72 -24.63 -26.24
CA ALA I 112 -38.86 -23.87 -25.34
C ALA I 112 -39.66 -22.79 -24.62
N GLY I 113 -39.56 -22.78 -23.29
CA GLY I 113 -40.25 -21.77 -22.51
C GLY I 113 -39.28 -20.98 -21.66
N VAL I 114 -39.57 -19.69 -21.45
CA VAL I 114 -38.72 -18.84 -20.64
C VAL I 114 -39.56 -18.19 -19.54
N VAL I 115 -39.07 -18.26 -18.30
CA VAL I 115 -39.79 -17.68 -17.16
C VAL I 115 -38.92 -16.68 -16.39
N ILE I 116 -39.58 -15.72 -15.73
CA ILE I 116 -38.86 -14.74 -14.92
C ILE I 116 -39.53 -14.56 -13.56
N ASN I 117 -38.72 -14.28 -12.55
CA ASN I 117 -39.22 -14.09 -11.19
C ASN I 117 -39.92 -12.74 -11.03
N PRO I 118 -40.81 -12.63 -10.05
CA PRO I 118 -41.55 -11.38 -9.81
C PRO I 118 -40.63 -10.15 -9.80
N GLY I 119 -39.45 -10.29 -9.21
CA GLY I 119 -38.52 -9.17 -9.13
C GLY I 119 -37.66 -8.91 -10.35
N THR I 120 -37.73 -9.79 -11.35
CA THR I 120 -36.94 -9.64 -12.57
C THR I 120 -37.75 -8.85 -13.60
N PRO I 121 -37.19 -7.76 -14.14
CA PRO I 121 -37.88 -6.93 -15.13
C PRO I 121 -38.18 -7.61 -16.47
N ALA I 122 -39.25 -7.18 -17.12
CA ALA I 122 -39.67 -7.74 -18.40
C ALA I 122 -38.57 -7.61 -19.45
N THR I 123 -37.77 -6.55 -19.37
CA THR I 123 -36.67 -6.34 -20.33
C THR I 123 -35.79 -7.58 -20.46
N ALA I 124 -35.87 -8.47 -19.47
CA ALA I 124 -35.08 -9.69 -19.47
C ALA I 124 -35.50 -10.66 -20.57
N LEU I 125 -36.76 -10.58 -21.00
CA LEU I 125 -37.28 -11.46 -22.03
C LEU I 125 -37.10 -10.93 -23.44
N GLU I 126 -36.99 -9.61 -23.56
CA GLU I 126 -36.86 -8.95 -24.86
C GLU I 126 -35.94 -9.67 -25.88
N PRO I 127 -34.68 -9.94 -25.49
CA PRO I 127 -33.78 -10.62 -26.44
C PRO I 127 -34.15 -12.07 -26.74
N LEU I 128 -35.20 -12.57 -26.10
CA LEU I 128 -35.61 -13.96 -26.26
C LEU I 128 -36.93 -14.26 -26.99
N LEU I 129 -37.73 -13.23 -27.24
CA LEU I 129 -39.03 -13.42 -27.89
C LEU I 129 -39.05 -14.22 -29.19
N ASP I 130 -38.04 -14.04 -30.03
CA ASP I 130 -38.01 -14.75 -31.31
C ASP I 130 -37.74 -16.24 -31.27
N LEU I 131 -37.21 -16.77 -30.17
CA LEU I 131 -36.95 -18.22 -30.14
C LEU I 131 -37.78 -19.07 -29.21
N VAL I 132 -38.61 -18.46 -28.36
CA VAL I 132 -39.42 -19.21 -27.41
C VAL I 132 -40.83 -19.57 -27.88
N ASP I 133 -41.32 -20.70 -27.38
CA ASP I 133 -42.66 -21.17 -27.70
C ASP I 133 -43.61 -20.77 -26.60
N GLN I 134 -43.04 -20.33 -25.48
CA GLN I 134 -43.83 -19.92 -24.33
C GLN I 134 -43.06 -18.97 -23.42
N VAL I 135 -43.79 -18.02 -22.84
CA VAL I 135 -43.22 -17.07 -21.91
C VAL I 135 -44.03 -17.22 -20.62
N LEU I 136 -43.36 -17.53 -19.52
CA LEU I 136 -44.04 -17.68 -18.24
C LEU I 136 -43.72 -16.53 -17.30
N ILE I 137 -44.77 -15.95 -16.71
CA ILE I 137 -44.59 -14.86 -15.76
C ILE I 137 -44.98 -15.40 -14.39
N MET I 138 -44.01 -15.46 -13.48
CA MET I 138 -44.31 -15.96 -12.14
C MET I 138 -45.19 -14.91 -11.48
N THR I 139 -46.26 -15.38 -10.83
CA THR I 139 -47.15 -14.45 -10.15
C THR I 139 -46.97 -14.56 -8.63
N VAL I 140 -45.99 -15.37 -8.23
CA VAL I 140 -45.59 -15.55 -6.84
C VAL I 140 -44.09 -15.87 -6.91
N ASN I 141 -43.34 -15.60 -5.85
CA ASN I 141 -41.92 -15.91 -5.86
C ASN I 141 -41.82 -17.43 -5.81
N PRO I 142 -41.08 -18.04 -6.75
CA PRO I 142 -40.90 -19.49 -6.81
C PRO I 142 -40.50 -20.10 -5.47
N GLY I 143 -40.88 -21.36 -5.25
CA GLY I 143 -40.53 -22.03 -4.02
C GLY I 143 -41.58 -22.99 -3.52
N PHE I 144 -42.84 -22.56 -3.52
CA PHE I 144 -43.92 -23.41 -3.04
C PHE I 144 -45.30 -22.83 -3.38
N GLY I 145 -46.33 -23.62 -3.15
CA GLY I 145 -47.68 -23.18 -3.45
C GLY I 145 -48.42 -22.53 -2.30
N GLY I 146 -49.66 -22.11 -2.56
CA GLY I 146 -50.46 -21.48 -1.53
C GLY I 146 -50.07 -20.05 -1.21
N GLN I 147 -49.08 -19.53 -1.94
CA GLN I 147 -48.62 -18.16 -1.74
C GLN I 147 -49.62 -17.15 -2.27
N ALA I 148 -49.49 -15.90 -1.83
CA ALA I 148 -50.39 -14.84 -2.24
C ALA I 148 -50.08 -14.30 -3.64
N PHE I 149 -51.13 -14.17 -4.45
CA PHE I 149 -51.00 -13.66 -5.81
C PHE I 149 -50.32 -12.30 -5.81
N ILE I 150 -49.41 -12.07 -6.75
CA ILE I 150 -48.73 -10.78 -6.86
C ILE I 150 -49.28 -10.07 -8.08
N PRO I 151 -50.35 -9.29 -7.91
CA PRO I 151 -50.98 -8.55 -9.01
C PRO I 151 -50.05 -7.65 -9.80
N GLU I 152 -48.99 -7.15 -9.17
CA GLU I 152 -48.05 -6.28 -9.87
C GLU I 152 -47.38 -7.00 -11.06
N CYS I 153 -47.20 -8.31 -10.95
CA CYS I 153 -46.56 -9.06 -12.04
C CYS I 153 -47.35 -9.04 -13.35
N LEU I 154 -48.65 -8.78 -13.26
CA LEU I 154 -49.48 -8.75 -14.47
C LEU I 154 -49.05 -7.66 -15.43
N GLU I 155 -48.36 -6.64 -14.92
CA GLU I 155 -47.87 -5.57 -15.78
C GLU I 155 -46.90 -6.19 -16.77
N LYS I 156 -46.10 -7.14 -16.28
CA LYS I 156 -45.13 -7.84 -17.13
C LYS I 156 -45.85 -8.72 -18.14
N VAL I 157 -46.99 -9.28 -17.76
CA VAL I 157 -47.76 -10.12 -18.66
C VAL I 157 -48.24 -9.23 -19.81
N ALA I 158 -48.69 -8.03 -19.46
CA ALA I 158 -49.17 -7.04 -20.43
C ALA I 158 -48.06 -6.63 -21.38
N THR I 159 -46.92 -6.28 -20.81
CA THR I 159 -45.77 -5.85 -21.58
C THR I 159 -45.34 -6.87 -22.64
N VAL I 160 -45.33 -8.15 -22.28
CA VAL I 160 -44.92 -9.17 -23.22
C VAL I 160 -45.99 -9.42 -24.29
N ALA I 161 -47.25 -9.49 -23.86
CA ALA I 161 -48.36 -9.71 -24.78
C ALA I 161 -48.33 -8.65 -25.88
N LYS I 162 -47.94 -7.43 -25.49
CA LYS I 162 -47.86 -6.32 -26.42
C LYS I 162 -46.66 -6.49 -27.35
N TRP I 163 -45.52 -6.89 -26.79
CA TRP I 163 -44.32 -7.08 -27.61
C TRP I 163 -44.56 -8.19 -28.63
N ARG I 164 -45.29 -9.22 -28.21
CA ARG I 164 -45.61 -10.35 -29.07
C ARG I 164 -46.35 -9.89 -30.32
N ASP I 165 -47.39 -9.09 -30.12
CA ASP I 165 -48.19 -8.57 -31.23
C ASP I 165 -47.36 -7.73 -32.19
N GLU I 166 -46.62 -6.77 -31.65
CA GLU I 166 -45.79 -5.89 -32.46
C GLU I 166 -44.78 -6.60 -33.33
N LYS I 167 -44.33 -7.78 -32.89
CA LYS I 167 -43.35 -8.54 -33.66
C LYS I 167 -44.01 -9.63 -34.50
N GLY I 168 -45.30 -9.85 -34.27
CA GLY I 168 -46.02 -10.87 -35.02
C GLY I 168 -45.71 -12.28 -34.56
N LEU I 169 -45.35 -12.44 -33.30
CA LEU I 169 -45.04 -13.75 -32.75
C LEU I 169 -46.32 -14.38 -32.21
N SER I 170 -46.28 -15.69 -31.94
CA SER I 170 -47.47 -16.37 -31.44
C SER I 170 -47.22 -17.27 -30.23
N PHE I 171 -46.12 -17.06 -29.53
CA PHE I 171 -45.81 -17.88 -28.35
C PHE I 171 -46.87 -17.66 -27.28
N ASP I 172 -47.15 -18.71 -26.50
CA ASP I 172 -48.13 -18.59 -25.42
C ASP I 172 -47.56 -17.75 -24.29
N ILE I 173 -48.45 -17.26 -23.45
CA ILE I 173 -48.06 -16.47 -22.28
C ILE I 173 -48.74 -17.15 -21.11
N GLU I 174 -47.93 -17.71 -20.23
CA GLU I 174 -48.43 -18.44 -19.07
C GLU I 174 -48.23 -17.67 -17.77
N VAL I 175 -49.04 -17.99 -16.77
CA VAL I 175 -48.94 -17.36 -15.46
C VAL I 175 -48.90 -18.50 -14.45
N ASP I 176 -48.20 -18.30 -13.33
CA ASP I 176 -48.08 -19.34 -12.33
C ASP I 176 -47.86 -18.78 -10.92
N GLY I 177 -48.71 -19.21 -10.00
CA GLY I 177 -48.63 -18.76 -8.63
C GLY I 177 -49.83 -17.95 -8.16
N GLY I 178 -50.60 -18.54 -7.24
CA GLY I 178 -51.78 -17.85 -6.70
C GLY I 178 -52.92 -17.67 -7.68
N VAL I 179 -52.96 -18.51 -8.71
CA VAL I 179 -54.02 -18.44 -9.71
C VAL I 179 -55.22 -19.26 -9.26
N ASP I 180 -56.34 -18.59 -9.04
CA ASP I 180 -57.56 -19.25 -8.63
C ASP I 180 -58.78 -18.64 -9.34
N ASN I 181 -59.97 -19.04 -8.94
CA ASN I 181 -61.20 -18.54 -9.55
C ASN I 181 -61.38 -17.03 -9.40
N LYS I 182 -60.64 -16.41 -8.49
CA LYS I 182 -60.75 -14.97 -8.26
C LYS I 182 -59.65 -14.15 -8.90
N THR I 183 -58.59 -14.81 -9.34
CA THR I 183 -57.46 -14.10 -9.94
C THR I 183 -57.27 -14.40 -11.43
N ILE I 184 -57.65 -15.60 -11.84
CA ILE I 184 -57.48 -16.03 -13.22
C ILE I 184 -58.09 -15.09 -14.25
N ARG I 185 -59.23 -14.49 -13.92
CA ARG I 185 -59.87 -13.56 -14.85
C ARG I 185 -58.93 -12.39 -15.16
N ALA I 186 -58.34 -11.84 -14.10
CA ALA I 186 -57.42 -10.71 -14.25
C ALA I 186 -56.17 -11.14 -15.02
N CYS I 187 -55.79 -12.41 -14.88
CA CYS I 187 -54.64 -12.94 -15.58
C CYS I 187 -54.93 -12.95 -17.09
N TYR I 188 -56.13 -13.39 -17.44
CA TYR I 188 -56.55 -13.44 -18.84
C TYR I 188 -56.54 -12.03 -19.41
N GLU I 189 -57.13 -11.08 -18.68
CA GLU I 189 -57.19 -9.70 -19.13
C GLU I 189 -55.81 -9.07 -19.35
N ALA I 190 -54.82 -9.56 -18.60
CA ALA I 190 -53.47 -9.03 -18.75
C ALA I 190 -52.89 -9.51 -20.08
N GLY I 191 -53.35 -10.67 -20.53
CA GLY I 191 -52.87 -11.21 -21.80
C GLY I 191 -52.39 -12.65 -21.75
N ALA I 192 -52.58 -13.31 -20.63
CA ALA I 192 -52.15 -14.70 -20.49
C ALA I 192 -53.20 -15.68 -21.00
N ASN I 193 -52.77 -16.79 -21.59
CA ASN I 193 -53.71 -17.79 -22.09
C ASN I 193 -53.49 -19.18 -21.52
N VAL I 194 -52.38 -19.37 -20.79
CA VAL I 194 -52.08 -20.65 -20.15
C VAL I 194 -52.06 -20.36 -18.65
N PHE I 195 -52.88 -21.07 -17.89
CA PHE I 195 -52.99 -20.82 -16.46
C PHE I 195 -52.65 -22.00 -15.57
N VAL I 196 -51.56 -21.88 -14.82
CA VAL I 196 -51.15 -22.93 -13.91
C VAL I 196 -51.82 -22.70 -12.56
N ALA I 197 -52.37 -23.75 -11.96
CA ALA I 197 -53.00 -23.63 -10.66
C ALA I 197 -52.71 -24.91 -9.88
N GLY I 198 -52.21 -24.75 -8.65
CA GLY I 198 -51.90 -25.90 -7.84
C GLY I 198 -52.82 -26.11 -6.64
N SER I 199 -52.56 -25.38 -5.56
CA SER I 199 -53.35 -25.49 -4.33
C SER I 199 -54.86 -25.33 -4.57
N TYR I 200 -55.26 -24.25 -5.24
CA TYR I 200 -56.68 -24.01 -5.50
C TYR I 200 -57.37 -25.23 -6.12
N LEU I 201 -56.70 -25.88 -7.06
CA LEU I 201 -57.27 -27.04 -7.71
C LEU I 201 -57.22 -28.33 -6.89
N PHE I 202 -56.07 -28.66 -6.33
CA PHE I 202 -55.93 -29.89 -5.57
C PHE I 202 -56.51 -29.94 -4.15
N LYS I 203 -57.00 -28.82 -3.66
CA LYS I 203 -57.61 -28.80 -2.32
C LYS I 203 -59.03 -29.35 -2.43
N ALA I 204 -59.46 -29.59 -3.67
CA ALA I 204 -60.80 -30.10 -3.94
C ALA I 204 -60.77 -31.60 -4.22
N SER I 205 -61.80 -32.30 -3.75
CA SER I 205 -61.90 -33.75 -3.97
C SER I 205 -62.36 -34.04 -5.40
N ASP I 206 -63.07 -33.09 -5.99
CA ASP I 206 -63.58 -33.23 -7.36
C ASP I 206 -62.82 -32.22 -8.23
N LEU I 207 -61.82 -32.72 -8.95
CA LEU I 207 -60.98 -31.87 -9.80
C LEU I 207 -61.71 -31.35 -11.03
N VAL I 208 -62.52 -32.21 -11.65
CA VAL I 208 -63.27 -31.84 -12.84
C VAL I 208 -64.06 -30.55 -12.61
N SER I 209 -64.81 -30.51 -11.52
CA SER I 209 -65.62 -29.34 -11.20
C SER I 209 -64.75 -28.16 -10.77
N GLN I 210 -63.63 -28.45 -10.11
CA GLN I 210 -62.75 -27.38 -9.67
C GLN I 210 -62.10 -26.70 -10.86
N VAL I 211 -61.64 -27.49 -11.83
CA VAL I 211 -61.03 -26.87 -13.02
C VAL I 211 -62.13 -26.04 -13.69
N GLN I 212 -63.36 -26.54 -13.62
CA GLN I 212 -64.49 -25.84 -14.21
C GLN I 212 -64.70 -24.46 -13.59
N THR I 213 -64.51 -24.35 -12.29
CA THR I 213 -64.69 -23.05 -11.63
C THR I 213 -63.73 -22.05 -12.24
N LEU I 214 -62.60 -22.53 -12.74
CA LEU I 214 -61.62 -21.66 -13.37
C LEU I 214 -62.07 -21.34 -14.79
N ARG I 215 -62.67 -22.33 -15.46
CA ARG I 215 -63.18 -22.12 -16.81
C ARG I 215 -64.29 -21.07 -16.77
N THR I 216 -65.23 -21.26 -15.84
CA THR I 216 -66.34 -20.34 -15.66
C THR I 216 -65.79 -18.95 -15.35
N ALA I 217 -64.81 -18.91 -14.44
CA ALA I 217 -64.17 -17.66 -14.03
C ALA I 217 -63.57 -16.93 -15.23
N LEU I 218 -63.04 -17.70 -16.19
CA LEU I 218 -62.46 -17.12 -17.39
C LEU I 218 -63.60 -16.54 -18.22
N ASN I 219 -64.71 -17.24 -18.23
CA ASN I 219 -65.90 -16.82 -18.96
C ASN I 219 -65.62 -16.63 -20.44
N SER J 2 -24.95 -55.95 14.56
CA SER J 2 -25.62 -57.01 15.36
C SER J 2 -26.61 -57.81 14.52
N THR J 3 -27.88 -57.42 14.55
CA THR J 3 -28.92 -58.10 13.77
C THR J 3 -28.79 -57.69 12.32
N LEU J 4 -29.12 -58.60 11.40
CA LEU J 4 -29.01 -58.31 9.97
C LEU J 4 -30.30 -57.69 9.40
N LYS J 5 -30.17 -56.51 8.80
CA LYS J 5 -31.31 -55.81 8.22
C LYS J 5 -31.22 -55.63 6.71
N ILE J 6 -32.37 -55.66 6.05
CA ILE J 6 -32.45 -55.50 4.60
C ILE J 6 -33.14 -54.16 4.36
N ALA J 7 -32.53 -53.31 3.53
CA ALA J 7 -33.11 -52.00 3.25
C ALA J 7 -33.32 -51.74 1.77
N PRO J 8 -34.47 -52.18 1.22
CA PRO J 8 -34.77 -51.96 -0.20
C PRO J 8 -34.66 -50.48 -0.54
N SER J 9 -33.99 -50.16 -1.65
CA SER J 9 -33.83 -48.77 -2.06
C SER J 9 -34.97 -48.34 -2.98
N ILE J 10 -35.75 -47.38 -2.52
CA ILE J 10 -36.90 -46.88 -3.26
C ILE J 10 -36.51 -46.20 -4.56
N LEU J 11 -35.23 -45.85 -4.69
CA LEU J 11 -34.73 -45.20 -5.90
C LEU J 11 -34.97 -46.09 -7.13
N ALA J 12 -35.02 -47.39 -6.91
CA ALA J 12 -35.21 -48.36 -7.99
C ALA J 12 -36.67 -48.79 -8.17
N ALA J 13 -37.58 -48.13 -7.45
CA ALA J 13 -39.01 -48.47 -7.52
C ALA J 13 -39.77 -47.64 -8.55
N ASP J 14 -41.07 -47.90 -8.66
CA ASP J 14 -41.96 -47.19 -9.58
C ASP J 14 -42.43 -45.87 -8.97
N TYR J 15 -41.74 -44.79 -9.31
CA TYR J 15 -42.04 -43.47 -8.75
C TYR J 15 -43.49 -43.00 -8.90
N ALA J 16 -44.21 -43.56 -9.87
CA ALA J 16 -45.60 -43.18 -10.12
C ALA J 16 -46.56 -43.78 -9.11
N ASN J 17 -46.09 -44.79 -8.37
CA ASN J 17 -46.91 -45.45 -7.36
C ASN J 17 -46.11 -45.74 -6.09
N PHE J 18 -45.66 -44.68 -5.41
CA PHE J 18 -44.88 -44.85 -4.19
C PHE J 18 -45.66 -45.64 -3.13
N ALA J 19 -46.93 -45.30 -2.96
CA ALA J 19 -47.75 -45.99 -1.96
C ALA J 19 -47.78 -47.50 -2.19
N SER J 20 -48.10 -47.92 -3.41
CA SER J 20 -48.15 -49.35 -3.71
C SER J 20 -46.79 -50.02 -3.60
N GLU J 21 -45.73 -49.31 -3.97
CA GLU J 21 -44.39 -49.88 -3.88
C GLU J 21 -44.00 -50.11 -2.41
N LEU J 22 -44.38 -49.18 -1.54
CA LEU J 22 -44.08 -49.32 -0.12
C LEU J 22 -44.85 -50.51 0.45
N ALA J 23 -46.07 -50.71 -0.06
CA ALA J 23 -46.89 -51.83 0.39
C ALA J 23 -46.22 -53.15 0.02
N ARG J 24 -45.59 -53.19 -1.15
CA ARG J 24 -44.91 -54.40 -1.59
C ARG J 24 -43.72 -54.67 -0.68
N ILE J 25 -43.04 -53.61 -0.26
CA ILE J 25 -41.89 -53.77 0.62
C ILE J 25 -42.32 -54.33 1.96
N GLU J 26 -43.42 -53.81 2.50
CA GLU J 26 -43.90 -54.27 3.80
C GLU J 26 -44.34 -55.74 3.79
N GLU J 27 -44.62 -56.28 2.61
CA GLU J 27 -45.01 -57.68 2.51
C GLU J 27 -43.78 -58.56 2.77
N THR J 28 -42.60 -58.01 2.54
CA THR J 28 -41.36 -58.75 2.76
C THR J 28 -40.95 -58.59 4.21
N ASP J 29 -39.87 -59.25 4.63
CA ASP J 29 -39.42 -59.11 6.01
C ASP J 29 -38.37 -58.01 6.16
N ALA J 30 -38.35 -57.07 5.23
CA ALA J 30 -37.39 -55.96 5.28
C ALA J 30 -37.80 -54.96 6.36
N GLU J 31 -36.84 -54.46 7.13
CA GLU J 31 -37.19 -53.51 8.18
C GLU J 31 -37.01 -52.03 7.85
N TYR J 32 -36.23 -51.73 6.82
CA TYR J 32 -35.99 -50.34 6.41
C TYR J 32 -36.42 -50.06 4.98
N VAL J 33 -36.64 -48.79 4.70
CA VAL J 33 -36.94 -48.33 3.35
C VAL J 33 -35.81 -47.31 3.15
N HIS J 34 -34.89 -47.60 2.24
CA HIS J 34 -33.78 -46.69 1.97
C HIS J 34 -34.26 -45.63 0.99
N ILE J 35 -34.12 -44.36 1.36
CA ILE J 35 -34.58 -43.26 0.53
C ILE J 35 -33.46 -42.31 0.13
N ASP J 36 -33.11 -42.33 -1.15
CA ASP J 36 -32.02 -41.51 -1.69
C ASP J 36 -32.43 -40.11 -2.16
N ILE J 37 -31.92 -39.11 -1.45
CA ILE J 37 -32.19 -37.72 -1.75
C ILE J 37 -31.00 -37.15 -2.53
N MET J 38 -31.23 -36.75 -3.77
CA MET J 38 -30.18 -36.19 -4.63
C MET J 38 -30.60 -34.80 -5.10
N ASP J 39 -29.68 -33.84 -5.03
CA ASP J 39 -29.98 -32.46 -5.40
C ASP J 39 -29.35 -31.95 -6.70
N GLY J 40 -28.69 -32.81 -7.45
CA GLY J 40 -28.08 -32.35 -8.69
C GLY J 40 -26.78 -31.60 -8.49
N GLN J 41 -26.37 -31.43 -7.23
CA GLN J 41 -25.12 -30.75 -6.92
C GLN J 41 -24.10 -31.77 -6.40
N PHE J 42 -24.50 -32.51 -5.36
CA PHE J 42 -23.62 -33.52 -4.77
C PHE J 42 -23.44 -34.67 -5.74
N VAL J 43 -24.50 -34.94 -6.50
CA VAL J 43 -24.52 -35.95 -7.54
C VAL J 43 -25.19 -35.24 -8.70
N PRO J 44 -24.98 -35.74 -9.93
CA PRO J 44 -25.56 -35.15 -11.15
C PRO J 44 -27.07 -35.02 -11.23
N ASN J 45 -27.78 -36.03 -10.73
CA ASN J 45 -29.23 -36.02 -10.83
C ASN J 45 -30.01 -35.58 -9.61
N ILE J 46 -31.29 -35.25 -9.86
CA ILE J 46 -32.21 -34.85 -8.81
C ILE J 46 -33.21 -36.00 -8.65
N SER J 47 -33.31 -36.55 -7.44
CA SER J 47 -34.24 -37.64 -7.20
C SER J 47 -35.57 -37.06 -6.70
N PHE J 48 -35.68 -36.86 -5.39
CA PHE J 48 -36.88 -36.31 -4.76
C PHE J 48 -36.53 -35.76 -3.37
N GLY J 49 -37.30 -34.78 -2.90
CA GLY J 49 -37.04 -34.18 -1.61
C GLY J 49 -37.86 -34.58 -0.40
N ALA J 50 -37.73 -33.80 0.66
CA ALA J 50 -38.42 -34.03 1.92
C ALA J 50 -39.93 -34.12 1.75
N ASP J 51 -40.50 -33.21 0.95
CA ASP J 51 -41.94 -33.21 0.73
C ASP J 51 -42.41 -34.56 0.17
N VAL J 52 -41.60 -35.20 -0.66
CA VAL J 52 -41.95 -36.51 -1.20
C VAL J 52 -41.91 -37.53 -0.07
N VAL J 53 -40.86 -37.47 0.75
CA VAL J 53 -40.73 -38.40 1.88
C VAL J 53 -41.93 -38.21 2.83
N ALA J 54 -42.30 -36.96 3.07
CA ALA J 54 -43.41 -36.65 3.95
C ALA J 54 -44.67 -37.33 3.43
N SER J 55 -44.83 -37.35 2.11
CA SER J 55 -46.00 -37.96 1.48
C SER J 55 -45.97 -39.48 1.58
N MET J 56 -44.77 -40.06 1.64
CA MET J 56 -44.61 -41.49 1.73
C MET J 56 -44.90 -42.03 3.12
N ARG J 57 -44.48 -41.26 4.12
CA ARG J 57 -44.63 -41.63 5.53
C ARG J 57 -45.91 -42.38 5.93
N LYS J 58 -47.07 -41.87 5.55
CA LYS J 58 -48.33 -42.52 5.94
C LYS J 58 -48.54 -43.88 5.30
N HIS J 59 -47.83 -44.15 4.21
CA HIS J 59 -47.98 -45.42 3.50
C HIS J 59 -46.98 -46.49 3.92
N SER J 60 -46.30 -46.27 5.03
CA SER J 60 -45.33 -47.23 5.52
C SER J 60 -45.10 -47.09 7.00
N LYS J 61 -44.85 -48.21 7.67
CA LYS J 61 -44.58 -48.21 9.09
C LYS J 61 -43.19 -48.79 9.33
N LEU J 62 -42.37 -48.78 8.29
CA LEU J 62 -41.00 -49.27 8.37
C LEU J 62 -40.07 -48.10 8.69
N VAL J 63 -38.80 -48.40 8.94
CA VAL J 63 -37.79 -47.39 9.25
C VAL J 63 -37.39 -46.61 7.99
N PHE J 64 -37.62 -45.31 8.00
CA PHE J 64 -37.26 -44.45 6.88
C PHE J 64 -35.78 -44.04 6.99
N ASP J 65 -34.93 -44.84 6.33
CA ASP J 65 -33.49 -44.65 6.31
C ASP J 65 -33.13 -43.65 5.20
N CYS J 66 -33.19 -42.36 5.54
CA CYS J 66 -32.92 -41.31 4.56
C CYS J 66 -31.43 -41.02 4.37
N HIS J 67 -31.01 -41.05 3.11
CA HIS J 67 -29.63 -40.84 2.71
C HIS J 67 -29.55 -39.58 1.85
N LEU J 68 -28.90 -38.54 2.40
CA LEU J 68 -28.79 -37.27 1.69
C LEU J 68 -27.55 -37.02 0.83
N MET J 69 -27.69 -37.22 -0.46
CA MET J 69 -26.61 -36.93 -1.40
C MET J 69 -26.91 -35.52 -1.88
N VAL J 70 -26.76 -34.57 -0.96
CA VAL J 70 -26.99 -33.17 -1.26
C VAL J 70 -25.90 -32.35 -0.57
N VAL J 71 -25.59 -31.18 -1.09
CA VAL J 71 -24.58 -30.33 -0.47
C VAL J 71 -25.27 -29.60 0.68
N ASP J 72 -24.50 -29.31 1.74
CA ASP J 72 -25.02 -28.57 2.90
C ASP J 72 -26.32 -29.15 3.45
N PRO J 73 -26.30 -30.44 3.83
CA PRO J 73 -27.48 -31.13 4.37
C PRO J 73 -28.07 -30.58 5.66
N GLU J 74 -27.28 -29.80 6.42
CA GLU J 74 -27.81 -29.29 7.68
C GLU J 74 -29.07 -28.42 7.51
N ARG J 75 -29.24 -27.81 6.35
CA ARG J 75 -30.40 -26.97 6.10
C ARG J 75 -31.70 -27.77 5.95
N TYR J 76 -31.59 -29.09 5.83
CA TYR J 76 -32.75 -29.94 5.66
C TYR J 76 -33.12 -30.79 6.87
N VAL J 77 -32.35 -30.64 7.94
CA VAL J 77 -32.59 -31.42 9.15
C VAL J 77 -34.03 -31.29 9.67
N GLU J 78 -34.49 -30.07 9.83
CA GLU J 78 -35.83 -29.83 10.32
C GLU J 78 -36.89 -30.40 9.37
N ALA J 79 -36.70 -30.17 8.07
CA ALA J 79 -37.65 -30.64 7.07
C ALA J 79 -37.79 -32.17 7.10
N PHE J 80 -36.67 -32.87 7.23
CA PHE J 80 -36.76 -34.33 7.25
C PHE J 80 -37.33 -34.85 8.56
N ALA J 81 -37.08 -34.13 9.66
CA ALA J 81 -37.63 -34.55 10.94
C ALA J 81 -39.15 -34.44 10.82
N GLN J 82 -39.61 -33.32 10.23
CA GLN J 82 -41.04 -33.13 10.07
C GLN J 82 -41.67 -34.12 9.08
N ALA J 83 -40.94 -34.44 8.01
CA ALA J 83 -41.44 -35.37 7.01
C ALA J 83 -41.51 -36.81 7.54
N GLY J 84 -40.89 -37.07 8.69
CA GLY J 84 -40.95 -38.41 9.25
C GLY J 84 -39.73 -39.30 9.07
N ALA J 85 -38.59 -38.74 8.71
CA ALA J 85 -37.40 -39.59 8.56
C ALA J 85 -37.04 -40.16 9.93
N ASP J 86 -36.58 -41.41 9.95
CA ASP J 86 -36.19 -42.06 11.19
C ASP J 86 -34.67 -41.99 11.34
N ILE J 87 -33.99 -42.09 10.20
CA ILE J 87 -32.54 -41.99 10.21
C ILE J 87 -32.16 -40.99 9.12
N MET J 88 -31.15 -40.18 9.40
CA MET J 88 -30.68 -39.21 8.42
C MET J 88 -29.19 -39.46 8.27
N THR J 89 -28.78 -39.91 7.10
CA THR J 89 -27.39 -40.21 6.83
C THR J 89 -26.81 -39.20 5.86
N ILE J 90 -25.74 -38.53 6.29
CA ILE J 90 -25.12 -37.48 5.50
C ILE J 90 -23.65 -37.76 5.17
N HIS J 91 -23.23 -37.21 4.04
CA HIS J 91 -21.86 -37.37 3.51
C HIS J 91 -20.82 -36.44 4.14
N THR J 92 -19.67 -37.02 4.48
CA THR J 92 -18.59 -36.24 5.06
C THR J 92 -18.10 -35.24 4.04
N GLU J 93 -18.30 -35.57 2.76
CA GLU J 93 -17.88 -34.73 1.64
C GLU J 93 -18.86 -33.62 1.29
N SER J 94 -20.03 -33.61 1.93
CA SER J 94 -21.05 -32.60 1.62
C SER J 94 -21.07 -31.35 2.52
N THR J 95 -20.23 -31.33 3.54
CA THR J 95 -20.17 -30.18 4.45
C THR J 95 -18.81 -30.08 5.09
N ARG J 96 -18.41 -28.87 5.46
CA ARG J 96 -17.13 -28.64 6.11
C ARG J 96 -17.29 -28.88 7.60
N HIS J 97 -18.53 -29.03 8.05
CA HIS J 97 -18.83 -29.23 9.48
C HIS J 97 -19.61 -30.50 9.75
N ILE J 98 -19.10 -31.63 9.28
CA ILE J 98 -19.78 -32.89 9.46
C ILE J 98 -20.14 -33.21 10.92
N HIS J 99 -19.25 -32.89 11.86
CA HIS J 99 -19.53 -33.18 13.27
C HIS J 99 -20.75 -32.43 13.80
N GLY J 100 -20.79 -31.12 13.62
CA GLY J 100 -21.93 -30.35 14.09
C GLY J 100 -23.20 -30.79 13.36
N ALA J 101 -23.06 -31.12 12.08
CA ALA J 101 -24.19 -31.56 11.26
C ALA J 101 -24.81 -32.80 11.90
N LEU J 102 -23.96 -33.72 12.33
CA LEU J 102 -24.43 -34.94 12.99
C LEU J 102 -25.07 -34.64 14.33
N GLN J 103 -24.57 -33.63 15.04
CA GLN J 103 -25.15 -33.27 16.32
C GLN J 103 -26.56 -32.71 16.10
N LYS J 104 -26.72 -31.91 15.05
CA LYS J 104 -28.01 -31.31 14.73
C LYS J 104 -29.08 -32.37 14.45
N ILE J 105 -28.69 -33.43 13.75
CA ILE J 105 -29.61 -34.51 13.41
C ILE J 105 -30.12 -35.15 14.69
N LYS J 106 -29.19 -35.49 15.57
CA LYS J 106 -29.53 -36.10 16.85
C LYS J 106 -30.42 -35.15 17.63
N ALA J 107 -29.98 -33.90 17.77
CA ALA J 107 -30.76 -32.90 18.50
C ALA J 107 -32.18 -32.80 17.95
N ALA J 108 -32.35 -33.13 16.67
CA ALA J 108 -33.66 -33.04 16.04
C ALA J 108 -34.53 -34.27 16.28
N GLY J 109 -34.01 -35.22 17.05
CA GLY J 109 -34.79 -36.41 17.36
C GLY J 109 -34.67 -37.60 16.42
N MET J 110 -33.79 -37.51 15.43
CA MET J 110 -33.60 -38.61 14.48
C MET J 110 -32.28 -39.33 14.77
N LYS J 111 -32.16 -40.54 14.27
CA LYS J 111 -30.93 -41.31 14.42
C LYS J 111 -29.96 -40.66 13.44
N ALA J 112 -28.70 -40.56 13.82
CA ALA J 112 -27.69 -39.93 12.96
C ALA J 112 -26.80 -40.92 12.23
N GLY J 113 -26.71 -40.76 10.92
CA GLY J 113 -25.87 -41.64 10.12
C GLY J 113 -24.85 -40.86 9.32
N VAL J 114 -23.68 -41.45 9.15
CA VAL J 114 -22.61 -40.82 8.38
C VAL J 114 -22.18 -41.77 7.27
N VAL J 115 -21.83 -41.21 6.10
CA VAL J 115 -21.42 -42.03 4.97
C VAL J 115 -20.23 -41.41 4.22
N ILE J 116 -19.41 -42.25 3.60
CA ILE J 116 -18.28 -41.76 2.83
C ILE J 116 -18.27 -42.43 1.45
N ASN J 117 -17.86 -41.67 0.43
CA ASN J 117 -17.79 -42.17 -0.92
C ASN J 117 -16.66 -43.20 -1.09
N PRO J 118 -16.70 -44.01 -2.15
CA PRO J 118 -15.66 -45.02 -2.37
C PRO J 118 -14.25 -44.46 -2.31
N GLY J 119 -14.05 -43.28 -2.87
CA GLY J 119 -12.73 -42.67 -2.87
C GLY J 119 -12.30 -42.01 -1.56
N THR J 120 -13.22 -41.87 -0.61
CA THR J 120 -12.94 -41.24 0.67
C THR J 120 -12.38 -42.26 1.68
N PRO J 121 -11.23 -41.94 2.30
CA PRO J 121 -10.58 -42.82 3.28
C PRO J 121 -11.39 -43.04 4.57
N ALA J 122 -11.21 -44.20 5.18
CA ALA J 122 -11.94 -44.54 6.41
C ALA J 122 -11.64 -43.55 7.55
N THR J 123 -10.48 -42.92 7.50
CA THR J 123 -10.10 -41.97 8.54
C THR J 123 -11.08 -40.81 8.68
N ALA J 124 -11.77 -40.47 7.60
CA ALA J 124 -12.74 -39.38 7.66
C ALA J 124 -13.82 -39.70 8.69
N LEU J 125 -13.93 -40.99 9.04
CA LEU J 125 -14.94 -41.46 9.99
C LEU J 125 -14.53 -41.49 11.46
N GLU J 126 -13.25 -41.66 11.72
CA GLU J 126 -12.74 -41.75 13.10
C GLU J 126 -13.21 -40.70 14.09
N PRO J 127 -13.17 -39.41 13.74
CA PRO J 127 -13.64 -38.43 14.73
C PRO J 127 -15.15 -38.35 14.94
N LEU J 128 -15.91 -39.20 14.25
CA LEU J 128 -17.37 -39.16 14.36
C LEU J 128 -18.02 -40.40 14.98
N LEU J 129 -17.24 -41.45 15.19
CA LEU J 129 -17.76 -42.69 15.75
C LEU J 129 -18.62 -42.57 17.01
N ASP J 130 -18.24 -41.69 17.92
CA ASP J 130 -18.95 -41.52 19.18
C ASP J 130 -20.37 -40.95 19.10
N LEU J 131 -20.73 -40.30 18.01
CA LEU J 131 -22.06 -39.71 17.94
C LEU J 131 -23.02 -40.27 16.91
N VAL J 132 -22.60 -41.25 16.14
CA VAL J 132 -23.50 -41.79 15.13
C VAL J 132 -24.17 -43.09 15.52
N ASP J 133 -25.32 -43.34 14.91
CA ASP J 133 -26.08 -44.56 15.14
C ASP J 133 -25.83 -45.50 13.98
N GLN J 134 -25.31 -44.94 12.90
CA GLN J 134 -25.06 -45.72 11.70
C GLN J 134 -23.93 -45.15 10.86
N VAL J 135 -23.11 -46.05 10.34
CA VAL J 135 -22.02 -45.67 9.47
C VAL J 135 -22.31 -46.41 8.16
N LEU J 136 -22.42 -45.66 7.07
CA LEU J 136 -22.69 -46.26 5.77
C LEU J 136 -21.47 -46.19 4.85
N ILE J 137 -21.01 -47.35 4.38
CA ILE J 137 -19.89 -47.39 3.46
C ILE J 137 -20.42 -47.61 2.03
N MET J 138 -20.26 -46.61 1.16
CA MET J 138 -20.73 -46.76 -0.21
C MET J 138 -19.93 -47.87 -0.89
N THR J 139 -20.61 -48.70 -1.67
CA THR J 139 -19.91 -49.77 -2.38
C THR J 139 -19.99 -49.55 -3.89
N VAL J 140 -20.50 -48.36 -4.25
CA VAL J 140 -20.59 -47.89 -5.63
C VAL J 140 -20.50 -46.38 -5.47
N ASN J 141 -20.10 -45.69 -6.53
CA ASN J 141 -20.03 -44.25 -6.47
C ASN J 141 -21.48 -43.71 -6.52
N PRO J 142 -21.83 -42.82 -5.59
CA PRO J 142 -23.18 -42.24 -5.52
C PRO J 142 -23.71 -41.68 -6.83
N GLY J 143 -25.02 -41.75 -7.02
CA GLY J 143 -25.58 -41.20 -8.24
C GLY J 143 -26.72 -41.99 -8.85
N PHE J 144 -26.54 -43.31 -8.98
CA PHE J 144 -27.59 -44.14 -9.55
C PHE J 144 -27.41 -45.61 -9.24
N GLY J 145 -28.44 -46.40 -9.53
CA GLY J 145 -28.37 -47.83 -9.24
C GLY J 145 -27.86 -48.65 -10.41
N GLY J 146 -27.80 -49.95 -10.21
CA GLY J 146 -27.35 -50.85 -11.26
C GLY J 146 -25.84 -50.83 -11.49
N GLN J 147 -25.11 -50.08 -10.68
CA GLN J 147 -23.67 -50.01 -10.84
C GLN J 147 -22.98 -51.26 -10.31
N ALA J 148 -21.72 -51.42 -10.71
CA ALA J 148 -20.91 -52.57 -10.30
C ALA J 148 -20.33 -52.42 -8.90
N PHE J 149 -20.46 -53.49 -8.12
CA PHE J 149 -19.96 -53.55 -6.75
C PHE J 149 -18.47 -53.19 -6.75
N ILE J 150 -18.03 -52.47 -5.72
CA ILE J 150 -16.64 -52.08 -5.59
C ILE J 150 -16.13 -52.79 -4.32
N PRO J 151 -15.60 -54.01 -4.48
CA PRO J 151 -15.08 -54.78 -3.35
C PRO J 151 -14.07 -54.09 -2.45
N GLU J 152 -13.18 -53.27 -3.02
CA GLU J 152 -12.17 -52.57 -2.22
C GLU J 152 -12.78 -51.77 -1.07
N CYS J 153 -14.03 -51.34 -1.23
CA CYS J 153 -14.71 -50.57 -0.19
C CYS J 153 -14.96 -51.39 1.07
N LEU J 154 -14.98 -52.71 0.93
CA LEU J 154 -15.21 -53.60 2.07
C LEU J 154 -14.06 -53.48 3.07
N GLU J 155 -12.90 -53.04 2.60
CA GLU J 155 -11.75 -52.86 3.48
C GLU J 155 -12.10 -51.80 4.54
N LYS J 156 -12.92 -50.82 4.16
CA LYS J 156 -13.30 -49.77 5.09
C LYS J 156 -14.41 -50.27 6.03
N VAL J 157 -15.23 -51.18 5.54
CA VAL J 157 -16.28 -51.76 6.38
C VAL J 157 -15.55 -52.48 7.51
N ALA J 158 -14.49 -53.19 7.16
CA ALA J 158 -13.70 -53.93 8.14
C ALA J 158 -13.06 -52.96 9.13
N THR J 159 -12.43 -51.92 8.60
CA THR J 159 -11.78 -50.92 9.43
C THR J 159 -12.72 -50.30 10.47
N VAL J 160 -13.92 -49.90 10.05
CA VAL J 160 -14.87 -49.31 10.97
C VAL J 160 -15.33 -50.33 12.01
N ALA J 161 -15.56 -51.57 11.57
CA ALA J 161 -16.00 -52.64 12.47
C ALA J 161 -14.97 -52.83 13.59
N LYS J 162 -13.70 -52.76 13.23
CA LYS J 162 -12.64 -52.93 14.21
C LYS J 162 -12.63 -51.75 15.19
N TRP J 163 -12.80 -50.53 14.68
CA TRP J 163 -12.82 -49.36 15.54
C TRP J 163 -13.99 -49.44 16.53
N ARG J 164 -15.14 -49.86 16.05
CA ARG J 164 -16.33 -49.97 16.89
C ARG J 164 -16.06 -50.86 18.10
N ASP J 165 -15.45 -52.02 17.86
CA ASP J 165 -15.14 -52.94 18.95
C ASP J 165 -14.10 -52.36 19.91
N GLU J 166 -13.02 -51.80 19.36
CA GLU J 166 -11.97 -51.22 20.19
C GLU J 166 -12.53 -50.14 21.08
N LYS J 167 -13.33 -49.26 20.50
CA LYS J 167 -13.93 -48.16 21.25
C LYS J 167 -15.14 -48.59 22.07
N GLY J 168 -15.59 -49.83 21.86
CA GLY J 168 -16.74 -50.34 22.59
C GLY J 168 -18.06 -49.70 22.21
N LEU J 169 -18.16 -49.23 20.98
CA LEU J 169 -19.38 -48.59 20.49
C LEU J 169 -20.35 -49.63 19.94
N SER J 170 -21.54 -49.20 19.52
CA SER J 170 -22.54 -50.15 19.02
C SER J 170 -23.38 -49.73 17.82
N PHE J 171 -22.89 -48.81 17.01
CA PHE J 171 -23.65 -48.36 15.83
C PHE J 171 -23.75 -49.42 14.73
N ASP J 172 -24.71 -49.24 13.83
CA ASP J 172 -24.86 -50.17 12.72
C ASP J 172 -23.87 -49.79 11.61
N ILE J 173 -23.49 -50.78 10.81
CA ILE J 173 -22.61 -50.55 9.67
C ILE J 173 -23.42 -50.97 8.45
N GLU J 174 -23.68 -50.01 7.58
CA GLU J 174 -24.47 -50.25 6.38
C GLU J 174 -23.64 -50.20 5.10
N VAL J 175 -24.08 -50.96 4.09
CA VAL J 175 -23.42 -50.96 2.79
C VAL J 175 -24.48 -50.58 1.77
N ASP J 176 -24.05 -49.92 0.69
CA ASP J 176 -24.98 -49.49 -0.34
C ASP J 176 -24.37 -49.37 -1.72
N GLY J 177 -24.94 -50.13 -2.66
CA GLY J 177 -24.46 -50.11 -4.02
C GLY J 177 -23.98 -51.48 -4.48
N GLY J 178 -24.60 -52.00 -5.53
CA GLY J 178 -24.19 -53.30 -6.05
C GLY J 178 -24.39 -54.48 -5.12
N VAL J 179 -25.28 -54.35 -4.14
CA VAL J 179 -25.55 -55.45 -3.23
C VAL J 179 -26.58 -56.38 -3.86
N ASP J 180 -26.21 -57.63 -4.07
CA ASP J 180 -27.13 -58.60 -4.64
C ASP J 180 -26.89 -59.96 -4.00
N ASN J 181 -27.58 -60.99 -4.47
CA ASN J 181 -27.43 -62.32 -3.88
C ASN J 181 -26.00 -62.86 -3.95
N LYS J 182 -25.17 -62.30 -4.82
CA LYS J 182 -23.80 -62.78 -4.96
C LYS J 182 -22.74 -61.99 -4.20
N THR J 183 -23.06 -60.76 -3.81
CA THR J 183 -22.10 -59.92 -3.09
C THR J 183 -22.48 -59.62 -1.63
N ILE J 184 -23.72 -59.90 -1.25
CA ILE J 184 -24.16 -59.60 0.11
C ILE J 184 -23.40 -60.36 1.17
N ARG J 185 -23.09 -61.62 0.90
CA ARG J 185 -22.35 -62.43 1.87
C ARG J 185 -21.04 -61.76 2.26
N ALA J 186 -20.27 -61.34 1.25
CA ALA J 186 -18.99 -60.69 1.46
C ALA J 186 -19.14 -59.43 2.30
N CYS J 187 -20.24 -58.72 2.12
CA CYS J 187 -20.50 -57.49 2.90
C CYS J 187 -20.67 -57.88 4.36
N TYR J 188 -21.34 -59.01 4.58
CA TYR J 188 -21.58 -59.53 5.92
C TYR J 188 -20.27 -59.92 6.60
N GLU J 189 -19.41 -60.60 5.86
CA GLU J 189 -18.14 -61.07 6.38
C GLU J 189 -17.18 -59.92 6.70
N ALA J 190 -17.30 -58.82 5.95
CA ALA J 190 -16.45 -57.66 6.17
C ALA J 190 -16.88 -56.94 7.44
N GLY J 191 -18.09 -57.22 7.91
CA GLY J 191 -18.56 -56.59 9.14
C GLY J 191 -19.83 -55.76 9.07
N ALA J 192 -20.51 -55.74 7.93
CA ALA J 192 -21.74 -54.97 7.79
C ALA J 192 -22.95 -55.75 8.29
N ASN J 193 -23.97 -55.03 8.78
CA ASN J 193 -25.19 -55.70 9.26
C ASN J 193 -26.47 -55.08 8.69
N VAL J 194 -26.32 -54.05 7.86
CA VAL J 194 -27.48 -53.42 7.23
C VAL J 194 -27.16 -53.41 5.75
N PHE J 195 -28.05 -53.95 4.93
CA PHE J 195 -27.77 -54.07 3.50
C PHE J 195 -28.78 -53.40 2.59
N VAL J 196 -28.35 -52.34 1.90
CA VAL J 196 -29.22 -51.62 0.97
C VAL J 196 -29.16 -52.28 -0.41
N ALA J 197 -30.33 -52.49 -1.02
CA ALA J 197 -30.40 -53.11 -2.33
C ALA J 197 -31.50 -52.44 -3.16
N GLY J 198 -31.15 -51.99 -4.36
CA GLY J 198 -32.12 -51.34 -5.23
C GLY J 198 -32.45 -52.18 -6.44
N SER J 199 -31.67 -52.03 -7.51
CA SER J 199 -31.91 -52.76 -8.75
C SER J 199 -32.12 -54.27 -8.60
N TYR J 200 -31.32 -54.92 -7.76
CA TYR J 200 -31.46 -56.36 -7.58
C TYR J 200 -32.83 -56.78 -7.06
N LEU J 201 -33.40 -55.99 -6.16
CA LEU J 201 -34.70 -56.30 -5.58
C LEU J 201 -35.89 -55.95 -6.47
N PHE J 202 -35.96 -54.71 -6.91
CA PHE J 202 -37.08 -54.27 -7.74
C PHE J 202 -37.12 -54.77 -9.17
N LYS J 203 -36.11 -55.51 -9.59
CA LYS J 203 -36.12 -56.04 -10.95
C LYS J 203 -37.00 -57.29 -10.95
N ALA J 204 -37.30 -57.78 -9.75
CA ALA J 204 -38.12 -58.98 -9.58
C ALA J 204 -39.59 -58.62 -9.40
N SER J 205 -40.47 -59.46 -9.93
CA SER J 205 -41.90 -59.20 -9.80
C SER J 205 -42.37 -59.54 -8.38
N ASP J 206 -41.75 -60.56 -7.77
CA ASP J 206 -42.11 -60.95 -6.40
C ASP J 206 -41.06 -60.46 -5.42
N LEU J 207 -41.29 -59.28 -4.85
CA LEU J 207 -40.36 -58.68 -3.90
C LEU J 207 -40.10 -59.54 -2.67
N VAL J 208 -41.14 -60.22 -2.18
CA VAL J 208 -41.00 -61.08 -1.00
C VAL J 208 -39.95 -62.18 -1.19
N SER J 209 -40.05 -62.93 -2.27
CA SER J 209 -39.08 -64.00 -2.52
C SER J 209 -37.73 -63.42 -2.92
N GLN J 210 -37.74 -62.26 -3.59
CA GLN J 210 -36.49 -61.64 -3.99
C GLN J 210 -35.71 -61.22 -2.75
N VAL J 211 -36.41 -60.72 -1.74
CA VAL J 211 -35.75 -60.31 -0.51
C VAL J 211 -35.20 -61.57 0.16
N GLN J 212 -35.94 -62.67 0.06
CA GLN J 212 -35.51 -63.91 0.66
C GLN J 212 -34.22 -64.47 0.07
N THR J 213 -33.98 -64.23 -1.22
CA THR J 213 -32.75 -64.71 -1.85
C THR J 213 -31.56 -64.06 -1.15
N LEU J 214 -31.77 -62.87 -0.61
CA LEU J 214 -30.71 -62.16 0.09
C LEU J 214 -30.58 -62.76 1.49
N ARG J 215 -31.71 -63.07 2.10
CA ARG J 215 -31.72 -63.67 3.43
C ARG J 215 -30.96 -64.98 3.40
N THR J 216 -31.22 -65.79 2.39
CA THR J 216 -30.54 -67.09 2.28
C THR J 216 -29.09 -66.95 1.87
N ALA J 217 -28.77 -65.91 1.10
CA ALA J 217 -27.40 -65.69 0.68
C ALA J 217 -26.55 -65.37 1.91
N LEU J 218 -27.08 -64.55 2.81
CA LEU J 218 -26.36 -64.20 4.02
C LEU J 218 -26.04 -65.52 4.73
N ASN J 219 -26.96 -66.47 4.60
CA ASN J 219 -26.81 -67.80 5.18
C ASN J 219 -26.46 -67.79 6.67
N THR K 3 -38.61 14.71 4.12
CA THR K 3 -37.58 15.74 4.45
C THR K 3 -36.19 15.25 4.04
N LEU K 4 -35.18 16.09 4.29
CA LEU K 4 -33.80 15.76 3.97
C LEU K 4 -33.13 15.13 5.19
N LYS K 5 -32.46 14.00 5.00
CA LYS K 5 -31.81 13.30 6.10
C LYS K 5 -30.32 12.99 5.85
N ILE K 6 -29.52 13.13 6.90
CA ILE K 6 -28.10 12.85 6.84
C ILE K 6 -27.88 11.52 7.55
N ALA K 7 -27.25 10.56 6.86
CA ALA K 7 -26.97 9.25 7.44
C ALA K 7 -25.48 8.96 7.48
N PRO K 8 -24.79 9.42 8.54
CA PRO K 8 -23.35 9.17 8.68
C PRO K 8 -23.06 7.67 8.60
N SER K 9 -22.06 7.31 7.81
CA SER K 9 -21.69 5.89 7.64
C SER K 9 -20.67 5.46 8.68
N ILE K 10 -21.08 4.55 9.56
CA ILE K 10 -20.23 4.07 10.64
C ILE K 10 -18.99 3.33 10.13
N LEU K 11 -18.99 2.99 8.84
CA LEU K 11 -17.87 2.29 8.21
C LEU K 11 -16.62 3.15 8.30
N ALA K 12 -16.82 4.47 8.37
CA ALA K 12 -15.72 5.41 8.44
C ALA K 12 -15.36 5.87 9.86
N ALA K 13 -16.02 5.29 10.86
CA ALA K 13 -15.75 5.67 12.26
C ALA K 13 -14.69 4.80 12.93
N ASP K 14 -14.40 5.09 14.20
CA ASP K 14 -13.41 4.36 14.99
C ASP K 14 -14.00 3.07 15.54
N TYR K 15 -13.81 1.98 14.80
CA TYR K 15 -14.35 0.68 15.19
C TYR K 15 -14.05 0.24 16.62
N ALA K 16 -12.94 0.72 17.19
CA ALA K 16 -12.59 0.33 18.55
C ALA K 16 -13.43 1.02 19.61
N ASN K 17 -14.25 1.98 19.18
CA ASN K 17 -15.09 2.74 20.10
C ASN K 17 -16.44 3.06 19.47
N PHE K 18 -17.18 2.03 19.06
CA PHE K 18 -18.48 2.25 18.43
C PHE K 18 -19.44 3.04 19.31
N ALA K 19 -19.42 2.76 20.61
CA ALA K 19 -20.31 3.45 21.54
C ALA K 19 -20.09 4.97 21.52
N SER K 20 -18.84 5.39 21.70
CA SER K 20 -18.54 6.83 21.70
C SER K 20 -18.79 7.47 20.33
N GLU K 21 -18.47 6.73 19.25
CA GLU K 21 -18.69 7.26 17.91
C GLU K 21 -20.18 7.45 17.65
N LEU K 22 -20.99 6.55 18.19
CA LEU K 22 -22.43 6.64 18.03
C LEU K 22 -22.95 7.83 18.83
N ALA K 23 -22.26 8.13 19.94
CA ALA K 23 -22.64 9.27 20.76
C ALA K 23 -22.37 10.55 19.98
N ARG K 24 -21.20 10.61 19.35
CA ARG K 24 -20.82 11.79 18.57
C ARG K 24 -21.83 12.10 17.47
N ILE K 25 -22.34 11.04 16.84
CA ILE K 25 -23.32 11.19 15.77
C ILE K 25 -24.61 11.76 16.34
N GLU K 26 -24.92 11.39 17.58
CA GLU K 26 -26.15 11.86 18.21
C GLU K 26 -26.08 13.34 18.57
N GLU K 27 -24.87 13.89 18.66
CA GLU K 27 -24.69 15.29 18.98
C GLU K 27 -24.97 16.16 17.75
N THR K 28 -24.95 15.54 16.57
CA THR K 28 -25.22 16.23 15.33
C THR K 28 -26.73 16.15 15.06
N ASP K 29 -27.17 16.76 13.96
CA ASP K 29 -28.61 16.71 13.65
C ASP K 29 -28.95 15.59 12.68
N ALA K 30 -28.07 14.59 12.61
CA ALA K 30 -28.27 13.45 11.73
C ALA K 30 -29.32 12.54 12.36
N GLU K 31 -30.21 11.99 11.54
CA GLU K 31 -31.26 11.10 12.03
C GLU K 31 -31.07 9.64 11.66
N TYR K 32 -30.03 9.36 10.89
CA TYR K 32 -29.74 7.99 10.45
C TYR K 32 -28.31 7.58 10.74
N VAL K 33 -28.13 6.29 11.00
CA VAL K 33 -26.80 5.74 11.20
C VAL K 33 -26.71 4.73 10.07
N HIS K 34 -25.79 4.92 9.15
CA HIS K 34 -25.68 3.98 8.05
C HIS K 34 -24.72 2.88 8.42
N ILE K 35 -25.18 1.63 8.35
CA ILE K 35 -24.37 0.48 8.74
C ILE K 35 -24.13 -0.47 7.57
N ASP K 36 -22.89 -0.50 7.10
CA ASP K 36 -22.49 -1.35 5.99
C ASP K 36 -22.02 -2.74 6.42
N ILE K 37 -22.78 -3.76 6.00
CA ILE K 37 -22.45 -5.15 6.30
C ILE K 37 -21.82 -5.76 5.06
N MET K 38 -20.55 -6.18 5.17
CA MET K 38 -19.81 -6.77 4.05
C MET K 38 -19.32 -8.16 4.44
N ASP K 39 -19.54 -9.14 3.58
CA ASP K 39 -19.16 -10.52 3.87
C ASP K 39 -17.98 -11.11 3.10
N GLY K 40 -17.21 -10.30 2.38
CA GLY K 40 -16.09 -10.86 1.64
C GLY K 40 -16.50 -11.66 0.42
N GLN K 41 -17.79 -11.71 0.11
CA GLN K 41 -18.28 -12.42 -1.09
C GLN K 41 -18.88 -11.43 -2.07
N PHE K 42 -19.86 -10.65 -1.61
CA PHE K 42 -20.49 -9.66 -2.47
C PHE K 42 -19.47 -8.59 -2.81
N VAL K 43 -18.63 -8.28 -1.82
CA VAL K 43 -17.54 -7.31 -1.97
C VAL K 43 -16.32 -8.02 -1.38
N PRO K 44 -15.10 -7.56 -1.74
CA PRO K 44 -13.86 -8.16 -1.27
C PRO K 44 -13.63 -8.27 0.23
N ASN K 45 -14.08 -7.26 0.98
CA ASN K 45 -13.83 -7.24 2.41
C ASN K 45 -14.97 -7.64 3.34
N ILE K 46 -14.60 -7.88 4.58
CA ILE K 46 -15.53 -8.23 5.65
C ILE K 46 -15.52 -7.04 6.59
N SER K 47 -16.69 -6.44 6.85
CA SER K 47 -16.75 -5.31 7.75
C SER K 47 -17.13 -5.82 9.14
N PHE K 48 -18.43 -5.97 9.38
CA PHE K 48 -18.96 -6.48 10.65
C PHE K 48 -20.37 -7.02 10.41
N GLY K 49 -20.84 -7.86 11.33
CA GLY K 49 -22.15 -8.48 11.15
C GLY K 49 -23.28 -8.12 12.10
N ALA K 50 -24.30 -8.95 12.11
CA ALA K 50 -25.49 -8.76 12.93
C ALA K 50 -25.23 -8.61 14.43
N ASP K 51 -24.38 -9.45 15.00
CA ASP K 51 -24.08 -9.35 16.42
C ASP K 51 -23.40 -8.03 16.76
N VAL K 52 -22.66 -7.46 15.81
CA VAL K 52 -22.02 -6.18 16.05
C VAL K 52 -23.08 -5.09 16.07
N VAL K 53 -24.07 -5.21 15.18
CA VAL K 53 -25.16 -4.24 15.13
C VAL K 53 -25.95 -4.34 16.43
N ALA K 54 -26.24 -5.57 16.85
CA ALA K 54 -26.98 -5.80 18.08
C ALA K 54 -26.30 -5.08 19.24
N SER K 55 -24.98 -5.15 19.28
CA SER K 55 -24.21 -4.51 20.35
C SER K 55 -24.22 -2.99 20.29
N MET K 56 -24.42 -2.44 19.10
CA MET K 56 -24.45 -0.99 18.93
C MET K 56 -25.82 -0.41 19.27
N ARG K 57 -26.85 -1.22 19.01
CA ARG K 57 -28.25 -0.86 19.22
C ARG K 57 -28.59 -0.08 20.48
N LYS K 58 -28.00 -0.43 21.62
CA LYS K 58 -28.31 0.27 22.87
C LYS K 58 -27.56 1.58 23.03
N HIS K 59 -26.61 1.84 22.15
CA HIS K 59 -25.82 3.05 22.23
C HIS K 59 -26.29 4.10 21.24
N SER K 60 -27.48 3.90 20.69
CA SER K 60 -28.02 4.85 19.73
C SER K 60 -29.53 4.80 19.73
N LYS K 61 -30.15 5.96 19.52
CA LYS K 61 -31.60 6.05 19.48
C LYS K 61 -32.02 6.39 18.07
N LEU K 62 -31.03 6.52 17.19
CA LEU K 62 -31.27 6.87 15.79
C LEU K 62 -31.76 5.69 14.95
N VAL K 63 -32.10 5.97 13.69
CA VAL K 63 -32.57 4.94 12.79
C VAL K 63 -31.39 4.14 12.26
N PHE K 64 -31.41 2.84 12.50
CA PHE K 64 -30.34 1.96 12.04
C PHE K 64 -30.58 1.55 10.59
N ASP K 65 -29.84 2.21 9.70
CA ASP K 65 -29.93 2.00 8.26
C ASP K 65 -28.91 0.93 7.82
N CYS K 66 -29.31 -0.33 7.91
CA CYS K 66 -28.43 -1.44 7.56
C CYS K 66 -28.41 -1.78 6.06
N HIS K 67 -27.22 -1.67 5.48
CA HIS K 67 -26.99 -1.93 4.06
C HIS K 67 -26.20 -3.23 3.95
N LEU K 68 -26.83 -4.27 3.42
CA LEU K 68 -26.16 -5.55 3.31
C LEU K 68 -25.45 -5.82 2.00
N MET K 69 -24.12 -5.72 2.03
CA MET K 69 -23.31 -6.03 0.87
C MET K 69 -22.82 -7.45 1.14
N VAL K 70 -23.78 -8.38 1.11
CA VAL K 70 -23.53 -9.80 1.36
C VAL K 70 -24.34 -10.60 0.35
N VAL K 71 -23.93 -11.84 0.10
CA VAL K 71 -24.70 -12.68 -0.84
C VAL K 71 -25.80 -13.38 -0.05
N ASP K 72 -26.93 -13.63 -0.72
CA ASP K 72 -28.08 -14.30 -0.11
C ASP K 72 -28.46 -13.64 1.22
N PRO K 73 -28.81 -12.35 1.16
CA PRO K 73 -29.20 -11.59 2.34
C PRO K 73 -30.42 -12.10 3.10
N GLU K 74 -31.29 -12.86 2.42
CA GLU K 74 -32.49 -13.36 3.10
C GLU K 74 -32.21 -14.17 4.36
N ARG K 75 -31.13 -14.93 4.36
CA ARG K 75 -30.79 -15.73 5.53
C ARG K 75 -30.45 -14.88 6.75
N TYR K 76 -30.36 -13.55 6.57
CA TYR K 76 -30.01 -12.67 7.69
C TYR K 76 -31.13 -11.77 8.19
N VAL K 77 -32.29 -11.80 7.53
CA VAL K 77 -33.41 -10.94 7.94
C VAL K 77 -33.72 -11.08 9.43
N GLU K 78 -33.89 -12.32 9.89
CA GLU K 78 -34.22 -12.58 11.29
C GLU K 78 -33.16 -12.01 12.24
N ALA K 79 -31.89 -12.29 11.97
CA ALA K 79 -30.79 -11.80 12.80
C ALA K 79 -30.78 -10.28 12.92
N PHE K 80 -30.97 -9.60 11.79
CA PHE K 80 -30.97 -8.15 11.83
C PHE K 80 -32.21 -7.59 12.51
N ALA K 81 -33.31 -8.35 12.43
CA ALA K 81 -34.55 -7.92 13.10
C ALA K 81 -34.25 -7.91 14.60
N GLN K 82 -33.71 -9.02 15.09
CA GLN K 82 -33.38 -9.13 16.51
C GLN K 82 -32.31 -8.13 16.92
N ALA K 83 -31.34 -7.91 16.05
CA ALA K 83 -30.24 -6.99 16.34
C ALA K 83 -30.68 -5.54 16.53
N GLY K 84 -31.87 -5.21 16.05
CA GLY K 84 -32.35 -3.84 16.20
C GLY K 84 -32.31 -2.98 14.94
N ALA K 85 -32.12 -3.60 13.77
CA ALA K 85 -32.08 -2.85 12.52
C ALA K 85 -33.45 -2.22 12.24
N ASP K 86 -33.46 -0.98 11.79
CA ASP K 86 -34.72 -0.30 11.48
C ASP K 86 -34.99 -0.41 10.00
N ILE K 87 -33.94 -0.29 9.20
CA ILE K 87 -34.06 -0.41 7.75
C ILE K 87 -33.05 -1.45 7.27
N MET K 88 -33.53 -2.38 6.45
CA MET K 88 -32.65 -3.41 5.88
C MET K 88 -32.65 -3.22 4.36
N THR K 89 -31.53 -2.73 3.84
CA THR K 89 -31.39 -2.49 2.40
C THR K 89 -30.56 -3.61 1.75
N ILE K 90 -31.12 -4.21 0.71
CA ILE K 90 -30.46 -5.31 0.01
C ILE K 90 -30.26 -5.10 -1.49
N HIS K 91 -29.24 -5.74 -2.03
CA HIS K 91 -28.87 -5.65 -3.44
C HIS K 91 -29.60 -6.60 -4.37
N THR K 92 -30.04 -6.08 -5.51
CA THR K 92 -30.72 -6.90 -6.51
C THR K 92 -29.71 -7.89 -7.08
N GLU K 93 -28.43 -7.54 -7.02
CA GLU K 93 -27.36 -8.40 -7.55
C GLU K 93 -26.93 -9.49 -6.58
N SER K 94 -27.42 -9.44 -5.34
CA SER K 94 -27.04 -10.41 -4.31
C SER K 94 -27.93 -11.65 -4.17
N THR K 95 -29.08 -11.65 -4.83
CA THR K 95 -29.99 -12.80 -4.76
C THR K 95 -30.76 -12.98 -6.06
N ARG K 96 -31.28 -14.19 -6.29
CA ARG K 96 -32.05 -14.45 -7.51
C ARG K 96 -33.53 -14.15 -7.25
N HIS K 97 -33.89 -13.95 -5.99
CA HIS K 97 -35.28 -13.68 -5.61
C HIS K 97 -35.42 -12.37 -4.84
N ILE K 98 -34.98 -11.28 -5.45
CA ILE K 98 -35.04 -9.97 -4.80
C ILE K 98 -36.43 -9.57 -4.30
N HIS K 99 -37.47 -9.95 -5.03
CA HIS K 99 -38.84 -9.58 -4.62
C HIS K 99 -39.23 -10.29 -3.32
N GLY K 100 -39.04 -11.59 -3.27
CA GLY K 100 -39.37 -12.33 -2.07
C GLY K 100 -38.50 -11.91 -0.90
N ALA K 101 -37.25 -11.55 -1.19
CA ALA K 101 -36.33 -11.12 -0.14
C ALA K 101 -36.86 -9.83 0.50
N LEU K 102 -37.35 -8.91 -0.32
CA LEU K 102 -37.89 -7.66 0.19
C LEU K 102 -39.17 -7.92 0.98
N GLN K 103 -39.95 -8.90 0.55
CA GLN K 103 -41.19 -9.25 1.24
C GLN K 103 -40.89 -9.75 2.66
N LYS K 104 -39.82 -10.55 2.77
CA LYS K 104 -39.43 -11.11 4.05
C LYS K 104 -39.01 -10.01 5.04
N ILE K 105 -38.27 -9.02 4.55
CA ILE K 105 -37.80 -7.93 5.39
C ILE K 105 -38.97 -7.18 6.02
N LYS K 106 -40.03 -6.97 5.26
CA LYS K 106 -41.20 -6.27 5.76
C LYS K 106 -41.98 -7.17 6.70
N ALA K 107 -42.09 -8.45 6.33
CA ALA K 107 -42.80 -9.41 7.15
C ALA K 107 -42.12 -9.52 8.52
N ALA K 108 -40.83 -9.22 8.56
CA ALA K 108 -40.05 -9.29 9.78
C ALA K 108 -40.18 -8.04 10.65
N GLY K 109 -40.93 -7.04 10.18
CA GLY K 109 -41.14 -5.84 10.96
C GLY K 109 -40.22 -4.67 10.70
N MET K 110 -39.37 -4.76 9.68
CA MET K 110 -38.47 -3.68 9.36
C MET K 110 -38.90 -3.03 8.05
N LYS K 111 -38.35 -1.86 7.75
CA LYS K 111 -38.65 -1.19 6.50
C LYS K 111 -37.74 -1.83 5.45
N ALA K 112 -38.29 -2.11 4.28
CA ALA K 112 -37.53 -2.76 3.22
C ALA K 112 -36.86 -1.80 2.25
N GLY K 113 -35.55 -1.97 2.07
CA GLY K 113 -34.80 -1.12 1.16
C GLY K 113 -34.14 -1.97 0.07
N VAL K 114 -33.97 -1.39 -1.11
CA VAL K 114 -33.33 -2.08 -2.22
C VAL K 114 -32.24 -1.18 -2.81
N VAL K 115 -31.13 -1.79 -3.21
CA VAL K 115 -30.02 -1.01 -3.77
C VAL K 115 -29.46 -1.67 -5.02
N ILE K 116 -28.87 -0.86 -5.90
CA ILE K 116 -28.26 -1.34 -7.13
C ILE K 116 -26.87 -0.72 -7.29
N ASN K 117 -25.95 -1.48 -7.85
CA ASN K 117 -24.58 -1.00 -8.06
C ASN K 117 -24.52 -0.01 -9.22
N PRO K 118 -23.43 0.75 -9.32
CA PRO K 118 -23.26 1.73 -10.39
C PRO K 118 -23.49 1.15 -11.78
N GLY K 119 -23.05 -0.10 -11.98
CA GLY K 119 -23.21 -0.74 -13.27
C GLY K 119 -24.58 -1.33 -13.56
N THR K 120 -25.42 -1.42 -12.53
CA THR K 120 -26.76 -1.98 -12.70
C THR K 120 -27.77 -0.92 -13.14
N PRO K 121 -28.51 -1.18 -14.24
CA PRO K 121 -29.52 -0.25 -14.76
C PRO K 121 -30.76 -0.12 -13.89
N ALA K 122 -31.43 1.03 -13.98
CA ALA K 122 -32.62 1.31 -13.20
C ALA K 122 -33.74 0.31 -13.43
N THR K 123 -33.76 -0.32 -14.60
CA THR K 123 -34.81 -1.29 -14.90
C THR K 123 -34.90 -2.40 -13.86
N ALA K 124 -33.80 -2.67 -13.17
CA ALA K 124 -33.76 -3.71 -12.15
C ALA K 124 -34.67 -3.34 -10.97
N LEU K 125 -34.90 -2.05 -10.80
CA LEU K 125 -35.72 -1.51 -9.73
C LEU K 125 -37.22 -1.51 -10.00
N GLU K 126 -37.59 -1.26 -11.26
CA GLU K 126 -38.99 -1.18 -11.65
C GLU K 126 -39.95 -2.19 -11.02
N PRO K 127 -39.62 -3.49 -11.04
CA PRO K 127 -40.54 -4.47 -10.45
C PRO K 127 -40.67 -4.47 -8.92
N LEU K 128 -39.87 -3.67 -8.24
CA LEU K 128 -39.91 -3.63 -6.77
C LEU K 128 -40.46 -2.35 -6.15
N LEU K 129 -40.63 -1.31 -6.94
CA LEU K 129 -41.11 -0.03 -6.43
C LEU K 129 -42.31 -0.06 -5.47
N ASP K 130 -43.30 -0.90 -5.74
CA ASP K 130 -44.49 -0.98 -4.89
C ASP K 130 -44.24 -1.67 -3.56
N LEU K 131 -43.07 -2.29 -3.44
CA LEU K 131 -42.75 -3.06 -2.24
C LEU K 131 -41.83 -2.39 -1.22
N VAL K 132 -41.01 -1.45 -1.66
CA VAL K 132 -40.04 -0.81 -0.78
C VAL K 132 -40.39 0.54 -0.13
N ASP K 133 -39.65 0.86 0.93
CA ASP K 133 -39.81 2.11 1.67
C ASP K 133 -38.58 2.98 1.40
N GLN K 134 -37.58 2.40 0.76
CA GLN K 134 -36.36 3.12 0.43
C GLN K 134 -35.63 2.51 -0.76
N VAL K 135 -35.15 3.39 -1.64
CA VAL K 135 -34.40 2.98 -2.83
C VAL K 135 -33.05 3.66 -2.72
N LEU K 136 -31.99 2.86 -2.66
CA LEU K 136 -30.65 3.41 -2.56
C LEU K 136 -29.94 3.25 -3.89
N ILE K 137 -29.30 4.32 -4.37
CA ILE K 137 -28.56 4.27 -5.61
C ILE K 137 -27.10 4.49 -5.25
N MET K 138 -26.27 3.47 -5.45
CA MET K 138 -24.86 3.61 -5.15
C MET K 138 -24.31 4.69 -6.09
N THR K 139 -23.47 5.56 -5.55
CA THR K 139 -22.84 6.62 -6.33
C THR K 139 -21.35 6.34 -6.39
N VAL K 140 -20.99 5.15 -5.93
CA VAL K 140 -19.61 4.66 -5.94
C VAL K 140 -19.78 3.15 -5.97
N ASN K 141 -18.74 2.44 -6.39
CA ASN K 141 -18.83 0.98 -6.42
C ASN K 141 -18.60 0.51 -4.99
N PRO K 142 -19.55 -0.27 -4.43
CA PRO K 142 -19.45 -0.78 -3.07
C PRO K 142 -18.15 -1.48 -2.72
N GLY K 143 -17.78 -1.43 -1.44
CA GLY K 143 -16.56 -2.07 -1.00
C GLY K 143 -15.81 -1.28 0.05
N PHE K 144 -15.70 0.03 -0.16
CA PHE K 144 -15.00 0.88 0.80
C PHE K 144 -15.30 2.37 0.59
N GLY K 145 -14.86 3.19 1.54
CA GLY K 145 -15.10 4.62 1.46
C GLY K 145 -13.95 5.41 0.84
N GLY K 146 -14.20 6.70 0.60
CA GLY K 146 -13.18 7.54 0.01
C GLY K 146 -13.09 7.49 -1.50
N GLN K 147 -13.95 6.69 -2.12
CA GLN K 147 -13.96 6.54 -3.58
C GLN K 147 -14.51 7.76 -4.30
N ALA K 148 -14.13 7.89 -5.57
CA ALA K 148 -14.57 9.01 -6.40
C ALA K 148 -16.06 8.94 -6.71
N PHE K 149 -16.73 10.08 -6.56
CA PHE K 149 -18.16 10.19 -6.83
C PHE K 149 -18.45 9.89 -8.31
N ILE K 150 -19.51 9.13 -8.57
CA ILE K 150 -19.91 8.76 -9.94
C ILE K 150 -21.17 9.49 -10.38
N PRO K 151 -21.04 10.72 -10.91
CA PRO K 151 -22.21 11.49 -11.36
C PRO K 151 -23.22 10.76 -12.24
N GLU K 152 -22.72 9.97 -13.19
CA GLU K 152 -23.62 9.23 -14.09
C GLU K 152 -24.73 8.50 -13.34
N CYS K 153 -24.47 8.10 -12.11
CA CYS K 153 -25.47 7.37 -11.32
C CYS K 153 -26.69 8.19 -10.96
N LEU K 154 -26.55 9.51 -10.93
CA LEU K 154 -27.68 10.38 -10.61
C LEU K 154 -28.81 10.23 -11.62
N GLU K 155 -28.46 9.87 -12.85
CA GLU K 155 -29.45 9.70 -13.90
C GLU K 155 -30.44 8.62 -13.46
N LYS K 156 -29.98 7.69 -12.63
CA LYS K 156 -30.84 6.64 -12.13
C LYS K 156 -31.72 7.15 -10.98
N VAL K 157 -31.19 8.08 -10.21
CA VAL K 157 -31.95 8.68 -9.11
C VAL K 157 -33.17 9.38 -9.69
N ALA K 158 -32.92 10.25 -10.67
CA ALA K 158 -34.01 10.98 -11.32
C ALA K 158 -35.02 9.99 -11.90
N THR K 159 -34.52 8.97 -12.57
CA THR K 159 -35.40 7.97 -13.18
C THR K 159 -36.33 7.32 -12.18
N VAL K 160 -35.81 6.95 -11.02
CA VAL K 160 -36.65 6.32 -9.99
C VAL K 160 -37.60 7.35 -9.40
N ALA K 161 -37.13 8.58 -9.25
CA ALA K 161 -37.97 9.63 -8.71
C ALA K 161 -39.19 9.80 -9.62
N LYS K 162 -38.94 9.83 -10.93
CA LYS K 162 -40.02 9.98 -11.91
C LYS K 162 -41.02 8.83 -11.83
N TRP K 163 -40.54 7.61 -11.69
CA TRP K 163 -41.43 6.45 -11.58
C TRP K 163 -42.24 6.58 -10.30
N ARG K 164 -41.58 7.02 -9.23
CA ARG K 164 -42.24 7.18 -7.94
C ARG K 164 -43.46 8.07 -8.12
N ASP K 165 -43.20 9.32 -8.50
CA ASP K 165 -44.28 10.28 -8.72
C ASP K 165 -45.32 9.71 -9.67
N GLU K 166 -44.88 9.23 -10.84
CA GLU K 166 -45.81 8.66 -11.80
C GLU K 166 -46.74 7.64 -11.16
N LYS K 167 -46.14 6.70 -10.42
CA LYS K 167 -46.92 5.67 -9.76
C LYS K 167 -47.56 6.15 -8.46
N GLY K 168 -47.29 7.39 -8.09
CA GLY K 168 -47.87 7.95 -6.88
C GLY K 168 -47.41 7.31 -5.59
N LEU K 169 -46.19 6.76 -5.60
CA LEU K 169 -45.61 6.12 -4.41
C LEU K 169 -44.87 7.16 -3.59
N SER K 170 -44.45 6.81 -2.37
CA SER K 170 -43.76 7.77 -1.52
C SER K 170 -42.48 7.30 -0.81
N PHE K 171 -41.88 6.22 -1.28
CA PHE K 171 -40.64 5.73 -0.66
C PHE K 171 -39.54 6.76 -0.77
N ASP K 172 -38.55 6.68 0.12
CA ASP K 172 -37.42 7.59 0.09
C ASP K 172 -36.39 7.12 -0.95
N ILE K 173 -35.59 8.06 -1.43
CA ILE K 173 -34.55 7.74 -2.38
C ILE K 173 -33.25 8.16 -1.72
N GLU K 174 -32.34 7.21 -1.57
CA GLU K 174 -31.06 7.45 -0.92
C GLU K 174 -29.88 7.31 -1.87
N VAL K 175 -28.78 7.97 -1.53
CA VAL K 175 -27.56 7.90 -2.32
C VAL K 175 -26.40 7.62 -1.36
N ASP K 176 -25.41 6.89 -1.84
CA ASP K 176 -24.28 6.54 -0.99
C ASP K 176 -22.99 6.39 -1.78
N GLY K 177 -21.95 7.09 -1.33
CA GLY K 177 -20.67 7.03 -1.99
C GLY K 177 -20.20 8.38 -2.52
N GLY K 178 -19.01 8.78 -2.11
CA GLY K 178 -18.45 10.04 -2.56
C GLY K 178 -19.27 11.28 -2.27
N VAL K 179 -20.28 11.15 -1.42
CA VAL K 179 -21.13 12.26 -1.05
C VAL K 179 -20.39 13.23 -0.13
N ASP K 180 -20.39 14.51 -0.49
CA ASP K 180 -19.75 15.53 0.32
C ASP K 180 -20.39 16.87 0.02
N ASN K 181 -19.93 17.92 0.69
CA ASN K 181 -20.48 19.25 0.48
C ASN K 181 -20.52 19.70 -0.98
N LYS K 182 -19.57 19.20 -1.78
CA LYS K 182 -19.48 19.56 -3.19
C LYS K 182 -20.34 18.72 -4.13
N THR K 183 -20.75 17.54 -3.66
CA THR K 183 -21.55 16.65 -4.50
C THR K 183 -22.98 16.49 -3.99
N ILE K 184 -23.18 16.64 -2.69
CA ILE K 184 -24.51 16.46 -2.10
C ILE K 184 -25.59 17.30 -2.78
N ARG K 185 -25.24 18.50 -3.20
CA ARG K 185 -26.20 19.38 -3.85
C ARG K 185 -26.79 18.71 -5.09
N ALA K 186 -25.92 18.22 -5.98
CA ALA K 186 -26.36 17.55 -7.19
C ALA K 186 -27.28 16.37 -6.91
N CYS K 187 -26.96 15.57 -5.89
CA CYS K 187 -27.77 14.40 -5.55
C CYS K 187 -29.20 14.81 -5.23
N TYR K 188 -29.34 15.87 -4.44
CA TYR K 188 -30.64 16.38 -4.05
C TYR K 188 -31.43 16.82 -5.28
N GLU K 189 -30.80 17.62 -6.12
CA GLU K 189 -31.45 18.09 -7.33
C GLU K 189 -31.89 16.93 -8.22
N ALA K 190 -31.19 15.80 -8.11
CA ALA K 190 -31.52 14.63 -8.92
C ALA K 190 -32.77 13.92 -8.42
N GLY K 191 -33.13 14.15 -7.17
CA GLY K 191 -34.33 13.53 -6.61
C GLY K 191 -34.11 12.79 -5.30
N ALA K 192 -32.88 12.77 -4.81
CA ALA K 192 -32.58 12.09 -3.55
C ALA K 192 -33.00 12.94 -2.34
N ASN K 193 -33.26 12.28 -1.21
CA ASN K 193 -33.64 12.97 0.02
C ASN K 193 -32.90 12.43 1.25
N VAL K 194 -32.20 11.30 1.08
CA VAL K 194 -31.44 10.69 2.17
C VAL K 194 -29.99 10.62 1.67
N PHE K 195 -29.07 11.19 2.45
CA PHE K 195 -27.67 11.24 2.06
C PHE K 195 -26.69 10.53 2.99
N VAL K 196 -26.10 9.43 2.52
CA VAL K 196 -25.13 8.69 3.31
C VAL K 196 -23.76 9.29 3.10
N ALA K 197 -23.07 9.59 4.20
CA ALA K 197 -21.74 10.18 4.12
C ALA K 197 -20.79 9.52 5.10
N GLY K 198 -19.62 9.09 4.61
CA GLY K 198 -18.67 8.43 5.47
C GLY K 198 -17.36 9.16 5.68
N SER K 199 -16.41 8.98 4.76
CA SER K 199 -15.11 9.61 4.88
C SER K 199 -15.17 11.13 5.06
N TYR K 200 -16.10 11.77 4.36
CA TYR K 200 -16.24 13.22 4.45
C TYR K 200 -16.45 13.70 5.88
N LEU K 201 -17.42 13.10 6.55
CA LEU K 201 -17.77 13.48 7.92
C LEU K 201 -16.76 13.07 9.00
N PHE K 202 -16.40 11.80 9.02
CA PHE K 202 -15.48 11.30 10.05
C PHE K 202 -14.02 11.71 9.96
N LYS K 203 -13.64 12.42 8.89
CA LYS K 203 -12.27 12.87 8.77
C LYS K 203 -12.08 14.08 9.69
N ALA K 204 -13.19 14.68 10.08
CA ALA K 204 -13.17 15.86 10.95
C ALA K 204 -13.26 15.49 12.44
N SER K 205 -12.59 16.27 13.28
CA SER K 205 -12.61 16.03 14.72
C SER K 205 -13.89 16.57 15.35
N ASP K 206 -14.62 17.38 14.58
CA ASP K 206 -15.88 17.97 15.04
C ASP K 206 -17.02 17.53 14.12
N LEU K 207 -17.60 16.37 14.42
CA LEU K 207 -18.67 15.81 13.61
C LEU K 207 -19.87 16.75 13.52
N VAL K 208 -20.03 17.61 14.52
CA VAL K 208 -21.13 18.54 14.55
C VAL K 208 -21.04 19.61 13.45
N SER K 209 -19.90 20.30 13.38
CA SER K 209 -19.71 21.33 12.38
C SER K 209 -19.58 20.72 10.98
N GLN K 210 -18.95 19.55 10.91
CA GLN K 210 -18.75 18.85 9.66
C GLN K 210 -20.08 18.49 8.99
N VAL K 211 -21.03 17.95 9.76
CA VAL K 211 -22.31 17.58 9.20
C VAL K 211 -23.07 18.83 8.79
N GLN K 212 -22.82 19.91 9.50
CA GLN K 212 -23.48 21.17 9.18
C GLN K 212 -23.13 21.61 7.76
N THR K 213 -21.88 21.37 7.37
CA THR K 213 -21.43 21.75 6.03
C THR K 213 -22.31 21.10 4.96
N LEU K 214 -22.90 19.95 5.28
CA LEU K 214 -23.78 19.26 4.34
C LEU K 214 -25.15 19.91 4.31
N ARG K 215 -25.60 20.39 5.47
CA ARG K 215 -26.89 21.08 5.55
C ARG K 215 -26.74 22.37 4.76
N THR K 216 -25.58 23.00 4.94
CA THR K 216 -25.25 24.24 4.25
C THR K 216 -25.17 23.96 2.75
N ALA K 217 -24.29 23.03 2.38
CA ALA K 217 -24.11 22.65 0.99
C ALA K 217 -25.44 22.42 0.28
N LEU K 218 -26.39 21.80 0.99
CA LEU K 218 -27.71 21.53 0.42
C LEU K 218 -28.42 22.80 -0.03
N THR L 3 10.56 -48.56 -14.76
CA THR L 3 11.75 -47.89 -15.35
C THR L 3 11.65 -46.37 -15.21
N LEU L 4 12.82 -45.72 -15.15
CA LEU L 4 12.87 -44.28 -14.99
C LEU L 4 12.41 -43.55 -16.24
N LYS L 5 11.51 -42.58 -16.05
CA LYS L 5 10.98 -41.81 -17.15
C LYS L 5 11.10 -40.32 -16.85
N ILE L 6 11.53 -39.55 -17.83
CA ILE L 6 11.65 -38.10 -17.67
C ILE L 6 10.46 -37.48 -18.41
N ALA L 7 9.77 -36.56 -17.76
CA ALA L 7 8.61 -35.91 -18.35
C ALA L 7 8.71 -34.39 -18.31
N PRO L 8 9.26 -33.78 -19.37
CA PRO L 8 9.39 -32.32 -19.44
C PRO L 8 8.01 -31.65 -19.39
N SER L 9 7.88 -30.62 -18.55
CA SER L 9 6.62 -29.89 -18.41
C SER L 9 6.49 -28.78 -19.45
N ILE L 10 5.50 -28.89 -20.33
CA ILE L 10 5.29 -27.91 -21.39
C ILE L 10 4.86 -26.54 -20.88
N LEU L 11 4.57 -26.46 -19.58
CA LEU L 11 4.18 -25.20 -18.95
C LEU L 11 5.37 -24.26 -18.95
N ALA L 12 6.57 -24.84 -18.93
CA ALA L 12 7.81 -24.07 -18.92
C ALA L 12 8.34 -23.74 -20.32
N ALA L 13 7.61 -24.17 -21.36
CA ALA L 13 8.06 -23.94 -22.73
C ALA L 13 7.53 -22.65 -23.34
N ASP L 14 7.92 -22.39 -24.58
CA ASP L 14 7.50 -21.21 -25.33
C ASP L 14 6.12 -21.48 -25.96
N TYR L 15 5.08 -20.95 -25.33
CA TYR L 15 3.71 -21.14 -25.78
C TYR L 15 3.42 -20.69 -27.21
N ALA L 16 4.29 -19.83 -27.75
CA ALA L 16 4.08 -19.32 -29.10
C ALA L 16 4.60 -20.27 -30.17
N ASN L 17 5.25 -21.35 -29.74
CA ASN L 17 5.78 -22.34 -30.68
C ASN L 17 5.73 -23.73 -30.07
N PHE L 18 4.52 -24.21 -29.80
CA PHE L 18 4.35 -25.53 -29.21
C PHE L 18 4.94 -26.64 -30.07
N ALA L 19 4.72 -26.58 -31.38
CA ALA L 19 5.23 -27.57 -32.30
C ALA L 19 6.76 -27.70 -32.23
N SER L 20 7.46 -26.57 -32.29
CA SER L 20 8.92 -26.58 -32.22
C SER L 20 9.41 -27.05 -30.85
N GLU L 21 8.70 -26.65 -29.79
CA GLU L 21 9.06 -27.05 -28.43
C GLU L 21 8.87 -28.55 -28.25
N LEU L 22 7.85 -29.11 -28.90
CA LEU L 22 7.59 -30.54 -28.82
C LEU L 22 8.69 -31.28 -29.56
N ALA L 23 9.12 -30.74 -30.70
CA ALA L 23 10.18 -31.34 -31.48
C ALA L 23 11.44 -31.39 -30.63
N ARG L 24 11.74 -30.28 -29.96
CA ARG L 24 12.92 -30.21 -29.10
C ARG L 24 12.90 -31.30 -28.04
N ILE L 25 11.74 -31.59 -27.48
CA ILE L 25 11.65 -32.64 -26.46
C ILE L 25 11.89 -34.00 -27.09
N GLU L 26 11.34 -34.21 -28.29
CA GLU L 26 11.50 -35.48 -28.99
C GLU L 26 12.97 -35.76 -29.31
N GLU L 27 13.81 -34.73 -29.26
CA GLU L 27 15.23 -34.87 -29.54
C GLU L 27 15.99 -35.40 -28.32
N THR L 28 15.33 -35.40 -27.17
CA THR L 28 15.95 -35.90 -25.94
C THR L 28 15.46 -37.34 -25.75
N ASP L 29 15.86 -37.97 -24.66
CA ASP L 29 15.42 -39.34 -24.40
C ASP L 29 14.20 -39.38 -23.49
N ALA L 30 13.50 -38.25 -23.38
CA ALA L 30 12.30 -38.18 -22.54
C ALA L 30 11.17 -38.90 -23.27
N GLU L 31 10.34 -39.63 -22.53
CA GLU L 31 9.24 -40.36 -23.15
C GLU L 31 7.85 -39.78 -22.90
N TYR L 32 7.78 -38.80 -22.01
CA TYR L 32 6.53 -38.15 -21.65
C TYR L 32 6.55 -36.64 -21.93
N VAL L 33 5.37 -36.09 -22.15
CA VAL L 33 5.21 -34.64 -22.33
C VAL L 33 4.18 -34.29 -21.26
N HIS L 34 4.64 -33.67 -20.17
CA HIS L 34 3.74 -33.30 -19.07
C HIS L 34 2.97 -32.03 -19.42
N ILE L 35 1.63 -32.13 -19.43
CA ILE L 35 0.78 -31.01 -19.80
C ILE L 35 -0.14 -30.54 -18.67
N ASP L 36 0.15 -29.35 -18.16
CA ASP L 36 -0.60 -28.74 -17.07
C ASP L 36 -1.80 -27.91 -17.50
N ILE L 37 -2.99 -28.41 -17.16
CA ILE L 37 -4.24 -27.73 -17.48
C ILE L 37 -4.70 -27.01 -16.20
N MET L 38 -4.78 -25.69 -16.27
CA MET L 38 -5.21 -24.87 -15.12
C MET L 38 -6.41 -24.03 -15.54
N ASP L 39 -7.45 -23.98 -14.71
CA ASP L 39 -8.67 -23.25 -15.06
C ASP L 39 -9.00 -21.97 -14.31
N GLY L 40 -8.07 -21.49 -13.47
CA GLY L 40 -8.34 -20.27 -12.72
C GLY L 40 -9.25 -20.46 -11.51
N GLN L 41 -9.63 -21.71 -11.26
CA GLN L 41 -10.47 -22.06 -10.12
C GLN L 41 -9.69 -22.95 -9.16
N PHE L 42 -9.21 -24.10 -9.64
CA PHE L 42 -8.45 -25.00 -8.78
C PHE L 42 -7.16 -24.30 -8.37
N VAL L 43 -6.64 -23.49 -9.27
CA VAL L 43 -5.43 -22.70 -9.04
C VAL L 43 -5.77 -21.32 -9.60
N PRO L 44 -5.02 -20.28 -9.19
CA PRO L 44 -5.25 -18.90 -9.64
C PRO L 44 -5.25 -18.63 -11.14
N ASN L 45 -4.32 -19.24 -11.87
CA ASN L 45 -4.24 -18.99 -13.30
C ASN L 45 -4.84 -20.00 -14.26
N ILE L 46 -4.97 -19.55 -15.50
CA ILE L 46 -5.49 -20.34 -16.60
C ILE L 46 -4.30 -20.61 -17.51
N SER L 47 -4.05 -21.88 -17.84
CA SER L 47 -2.96 -22.21 -18.74
C SER L 47 -3.55 -22.38 -20.13
N PHE L 48 -4.03 -23.59 -20.43
CA PHE L 48 -4.65 -23.89 -21.71
C PHE L 48 -5.52 -25.12 -21.57
N GLY L 49 -6.43 -25.34 -22.52
CA GLY L 49 -7.33 -26.48 -22.42
C GLY L 49 -7.18 -27.63 -23.38
N ALA L 50 -8.27 -28.39 -23.53
CA ALA L 50 -8.31 -29.56 -24.41
C ALA L 50 -7.99 -29.28 -25.88
N ASP L 51 -8.60 -28.25 -26.44
CA ASP L 51 -8.37 -27.90 -27.84
C ASP L 51 -6.89 -27.59 -28.09
N VAL L 52 -6.21 -27.05 -27.10
CA VAL L 52 -4.80 -26.74 -27.27
C VAL L 52 -4.02 -28.07 -27.26
N VAL L 53 -4.42 -28.98 -26.40
CA VAL L 53 -3.77 -30.28 -26.35
C VAL L 53 -4.03 -31.00 -27.67
N ALA L 54 -5.24 -30.84 -28.19
CA ALA L 54 -5.62 -31.46 -29.46
C ALA L 54 -4.67 -31.00 -30.56
N SER L 55 -4.37 -29.70 -30.58
CA SER L 55 -3.48 -29.11 -31.57
C SER L 55 -2.05 -29.64 -31.39
N MET L 56 -1.65 -29.83 -30.14
CA MET L 56 -0.31 -30.34 -29.83
C MET L 56 -0.15 -31.80 -30.24
N ARG L 57 -1.24 -32.56 -30.18
CA ARG L 57 -1.23 -33.98 -30.50
C ARG L 57 -0.61 -34.31 -31.87
N LYS L 58 -0.89 -33.49 -32.87
CA LYS L 58 -0.37 -33.71 -34.23
C LYS L 58 1.15 -33.53 -34.33
N HIS L 59 1.75 -32.92 -33.32
CA HIS L 59 3.19 -32.66 -33.38
C HIS L 59 4.04 -33.46 -32.42
N SER L 60 3.53 -34.59 -31.94
CA SER L 60 4.29 -35.42 -31.02
C SER L 60 3.84 -36.86 -30.99
N LYS L 61 4.79 -37.75 -30.73
CA LYS L 61 4.54 -39.18 -30.65
C LYS L 61 4.73 -39.64 -29.22
N LEU L 62 5.11 -38.70 -28.35
CA LEU L 62 5.35 -39.01 -26.94
C LEU L 62 4.06 -39.18 -26.14
N VAL L 63 4.21 -39.71 -24.93
CA VAL L 63 3.07 -39.93 -24.03
C VAL L 63 2.58 -38.59 -23.48
N PHE L 64 1.33 -38.25 -23.81
CA PHE L 64 0.74 -37.00 -23.31
C PHE L 64 0.23 -37.23 -21.89
N ASP L 65 1.03 -36.79 -20.93
CA ASP L 65 0.74 -36.91 -19.50
C ASP L 65 0.02 -35.64 -19.05
N CYS L 66 -1.31 -35.63 -19.19
CA CYS L 66 -2.11 -34.47 -18.83
C CYS L 66 -2.48 -34.38 -17.35
N HIS L 67 -2.15 -33.24 -16.75
CA HIS L 67 -2.40 -33.01 -15.35
C HIS L 67 -3.48 -31.95 -15.23
N LEU L 68 -4.66 -32.34 -14.74
CA LEU L 68 -5.77 -31.42 -14.62
C LEU L 68 -5.89 -30.68 -13.28
N MET L 69 -5.48 -29.43 -13.28
CA MET L 69 -5.59 -28.57 -12.10
C MET L 69 -6.84 -27.73 -12.33
N VAL L 70 -7.97 -28.42 -12.44
CA VAL L 70 -9.26 -27.78 -12.67
C VAL L 70 -10.28 -28.40 -11.72
N VAL L 71 -11.34 -27.67 -11.42
CA VAL L 71 -12.37 -28.22 -10.56
C VAL L 71 -13.28 -29.09 -11.42
N ASP L 72 -13.83 -30.14 -10.82
CA ASP L 72 -14.75 -31.04 -11.52
C ASP L 72 -14.18 -31.54 -12.83
N PRO L 73 -13.03 -32.23 -12.76
CA PRO L 73 -12.37 -32.78 -13.93
C PRO L 73 -13.19 -33.77 -14.75
N GLU L 74 -14.15 -34.43 -14.13
CA GLU L 74 -14.94 -35.43 -14.88
C GLU L 74 -15.59 -34.92 -16.16
N ARG L 75 -16.01 -33.66 -16.17
CA ARG L 75 -16.65 -33.08 -17.35
C ARG L 75 -15.70 -32.96 -18.54
N TYR L 76 -14.40 -33.16 -18.33
CA TYR L 76 -13.45 -33.05 -19.43
C TYR L 76 -12.87 -34.37 -19.91
N VAL L 77 -13.30 -35.48 -19.34
CA VAL L 77 -12.75 -36.77 -19.74
C VAL L 77 -12.85 -37.03 -21.23
N GLU L 78 -14.05 -36.91 -21.79
CA GLU L 78 -14.22 -37.15 -23.22
C GLU L 78 -13.37 -36.19 -24.04
N ALA L 79 -13.44 -34.91 -23.70
CA ALA L 79 -12.68 -33.89 -24.40
C ALA L 79 -11.20 -34.27 -24.54
N PHE L 80 -10.57 -34.65 -23.42
CA PHE L 80 -9.15 -35.02 -23.48
C PHE L 80 -8.90 -36.35 -24.18
N ALA L 81 -9.87 -37.25 -24.13
CA ALA L 81 -9.73 -38.54 -24.79
C ALA L 81 -9.63 -38.26 -26.29
N GLN L 82 -10.51 -37.39 -26.77
CA GLN L 82 -10.54 -37.02 -28.18
C GLN L 82 -9.36 -36.12 -28.55
N ALA L 83 -8.76 -35.46 -27.57
CA ALA L 83 -7.63 -34.59 -27.83
C ALA L 83 -6.33 -35.38 -27.96
N GLY L 84 -6.37 -36.66 -27.60
CA GLY L 84 -5.18 -37.50 -27.69
C GLY L 84 -4.42 -37.71 -26.41
N ALA L 85 -5.02 -37.36 -25.28
CA ALA L 85 -4.36 -37.54 -24.00
C ALA L 85 -4.13 -39.03 -23.80
N ASP L 86 -2.98 -39.40 -23.28
CA ASP L 86 -2.65 -40.80 -23.04
C ASP L 86 -2.89 -41.14 -21.57
N ILE L 87 -2.58 -40.17 -20.71
CA ILE L 87 -2.78 -40.32 -19.27
C ILE L 87 -3.52 -39.07 -18.80
N MET L 88 -4.45 -39.25 -17.87
CA MET L 88 -5.20 -38.13 -17.30
C MET L 88 -5.00 -38.24 -15.81
N THR L 89 -4.33 -37.25 -15.23
CA THR L 89 -4.08 -37.24 -13.79
C THR L 89 -4.94 -36.17 -13.14
N ILE L 90 -5.74 -36.56 -12.14
CA ILE L 90 -6.64 -35.63 -11.46
C ILE L 90 -6.46 -35.55 -9.95
N HIS L 91 -6.78 -34.38 -9.40
CA HIS L 91 -6.64 -34.08 -7.97
C HIS L 91 -7.78 -34.58 -7.10
N THR L 92 -7.43 -35.19 -5.96
CA THR L 92 -8.42 -35.70 -5.02
C THR L 92 -9.20 -34.52 -4.44
N GLU L 93 -8.58 -33.34 -4.48
CA GLU L 93 -9.18 -32.12 -3.95
C GLU L 93 -10.09 -31.38 -4.93
N SER L 94 -10.13 -31.85 -6.17
CA SER L 94 -10.92 -31.20 -7.22
C SER L 94 -12.31 -31.75 -7.45
N THR L 95 -12.66 -32.83 -6.75
CA THR L 95 -13.99 -33.41 -6.90
C THR L 95 -14.35 -34.21 -5.66
N ARG L 96 -15.65 -34.40 -5.43
CA ARG L 96 -16.12 -35.16 -4.29
C ARG L 96 -16.19 -36.65 -4.61
N HIS L 97 -15.97 -36.99 -5.87
CA HIS L 97 -16.06 -38.37 -6.32
C HIS L 97 -14.83 -38.82 -7.08
N ILE L 98 -13.67 -38.65 -6.45
CA ILE L 98 -12.42 -39.02 -7.09
C ILE L 98 -12.44 -40.45 -7.65
N HIS L 99 -12.93 -41.42 -6.88
CA HIS L 99 -12.95 -42.80 -7.34
C HIS L 99 -13.71 -42.95 -8.66
N GLY L 100 -14.96 -42.49 -8.69
CA GLY L 100 -15.74 -42.60 -9.90
C GLY L 100 -15.11 -41.85 -11.07
N ALA L 101 -14.49 -40.72 -10.75
CA ALA L 101 -13.85 -39.92 -11.78
C ALA L 101 -12.71 -40.73 -12.41
N LEU L 102 -11.97 -41.44 -11.56
CA LEU L 102 -10.87 -42.26 -12.03
C LEU L 102 -11.39 -43.42 -12.89
N GLN L 103 -12.56 -43.97 -12.53
CA GLN L 103 -13.13 -45.05 -13.33
C GLN L 103 -13.54 -44.54 -14.71
N LYS L 104 -14.00 -43.30 -14.79
CA LYS L 104 -14.42 -42.72 -16.06
C LYS L 104 -13.24 -42.57 -17.02
N ILE L 105 -12.11 -42.11 -16.49
CA ILE L 105 -10.90 -41.94 -17.30
C ILE L 105 -10.51 -43.30 -17.88
N LYS L 106 -10.46 -44.33 -17.04
CA LYS L 106 -10.11 -45.67 -17.49
C LYS L 106 -11.12 -46.22 -18.48
N ALA L 107 -12.40 -45.91 -18.27
CA ALA L 107 -13.44 -46.41 -19.18
C ALA L 107 -13.41 -45.66 -20.50
N ALA L 108 -12.71 -44.53 -20.51
CA ALA L 108 -12.60 -43.71 -21.71
C ALA L 108 -11.38 -44.10 -22.54
N GLY L 109 -10.67 -45.14 -22.10
CA GLY L 109 -9.51 -45.62 -22.83
C GLY L 109 -8.17 -45.01 -22.47
N MET L 110 -8.12 -44.18 -21.44
CA MET L 110 -6.86 -43.56 -21.04
C MET L 110 -6.34 -44.15 -19.73
N LYS L 111 -5.06 -43.88 -19.45
CA LYS L 111 -4.48 -44.33 -18.20
C LYS L 111 -4.94 -43.30 -17.17
N ALA L 112 -5.32 -43.77 -15.99
CA ALA L 112 -5.80 -42.88 -14.94
C ALA L 112 -4.70 -42.58 -13.91
N GLY L 113 -4.54 -41.31 -13.59
CA GLY L 113 -3.56 -40.91 -12.60
C GLY L 113 -4.25 -40.10 -11.54
N VAL L 114 -3.81 -40.24 -10.30
CA VAL L 114 -4.40 -39.47 -9.21
C VAL L 114 -3.29 -38.65 -8.56
N VAL L 115 -3.59 -37.39 -8.24
CA VAL L 115 -2.58 -36.52 -7.63
C VAL L 115 -3.09 -35.82 -6.37
N ILE L 116 -2.18 -35.56 -5.43
CA ILE L 116 -2.51 -34.85 -4.20
C ILE L 116 -1.55 -33.71 -3.95
N ASN L 117 -2.06 -32.62 -3.38
CA ASN L 117 -1.26 -31.44 -3.07
C ASN L 117 -0.35 -31.66 -1.88
N PRO L 118 0.68 -30.81 -1.72
CA PRO L 118 1.61 -30.94 -0.60
C PRO L 118 0.90 -31.07 0.75
N GLY L 119 -0.15 -30.28 0.95
CA GLY L 119 -0.87 -30.30 2.20
C GLY L 119 -1.88 -31.42 2.38
N THR L 120 -2.13 -32.20 1.34
CA THR L 120 -3.08 -33.31 1.43
C THR L 120 -2.35 -34.58 1.85
N PRO L 121 -2.85 -35.26 2.91
CA PRO L 121 -2.23 -36.50 3.39
C PRO L 121 -2.25 -37.67 2.41
N ALA L 122 -1.27 -38.56 2.56
CA ALA L 122 -1.15 -39.72 1.70
C ALA L 122 -2.36 -40.67 1.80
N THR L 123 -3.00 -40.70 2.98
CA THR L 123 -4.14 -41.58 3.14
C THR L 123 -5.28 -41.23 2.18
N ALA L 124 -5.17 -40.09 1.50
CA ALA L 124 -6.20 -39.70 0.54
C ALA L 124 -6.11 -40.60 -0.69
N LEU L 125 -4.99 -41.30 -0.84
CA LEU L 125 -4.78 -42.18 -1.98
C LEU L 125 -5.11 -43.64 -1.70
N GLU L 126 -5.11 -44.01 -0.43
CA GLU L 126 -5.35 -45.39 -0.03
C GLU L 126 -6.52 -46.11 -0.72
N PRO L 127 -7.71 -45.49 -0.78
CA PRO L 127 -8.84 -46.18 -1.43
C PRO L 127 -8.82 -46.10 -2.96
N LEU L 128 -7.76 -45.54 -3.52
CA LEU L 128 -7.62 -45.37 -4.97
C LEU L 128 -6.58 -46.26 -5.65
N LEU L 129 -5.67 -46.82 -4.87
CA LEU L 129 -4.57 -47.65 -5.35
C LEU L 129 -4.81 -48.77 -6.38
N ASP L 130 -5.85 -49.58 -6.19
CA ASP L 130 -6.11 -50.67 -7.13
C ASP L 130 -6.68 -50.18 -8.45
N LEU L 131 -7.02 -48.91 -8.51
CA LEU L 131 -7.64 -48.33 -9.69
C LEU L 131 -6.74 -47.52 -10.63
N VAL L 132 -5.68 -46.93 -10.10
CA VAL L 132 -4.82 -46.08 -10.90
C VAL L 132 -3.61 -46.68 -11.61
N ASP L 133 -3.17 -45.99 -12.64
CA ASP L 133 -2.02 -46.39 -13.43
C ASP L 133 -0.84 -45.52 -13.00
N GLN L 134 -1.16 -44.43 -12.31
CA GLN L 134 -0.14 -43.50 -11.85
C GLN L 134 -0.59 -42.70 -10.63
N VAL L 135 0.37 -42.44 -9.75
CA VAL L 135 0.15 -41.67 -8.53
C VAL L 135 1.15 -40.52 -8.58
N LEU L 136 0.63 -39.29 -8.62
CA LEU L 136 1.47 -38.11 -8.69
C LEU L 136 1.52 -37.38 -7.34
N ILE L 137 2.72 -37.22 -6.79
CA ILE L 137 2.91 -36.53 -5.52
C ILE L 137 3.50 -35.17 -5.81
N MET L 138 2.71 -34.10 -5.64
CA MET L 138 3.23 -32.75 -5.90
C MET L 138 4.38 -32.45 -4.94
N THR L 139 5.43 -31.81 -5.44
CA THR L 139 6.56 -31.47 -4.59
C THR L 139 6.65 -29.95 -4.43
N VAL L 140 5.62 -29.28 -4.93
CA VAL L 140 5.45 -27.84 -4.82
C VAL L 140 3.94 -27.67 -4.79
N ASN L 141 3.45 -26.54 -4.30
CA ASN L 141 2.03 -26.29 -4.27
C ASN L 141 1.66 -25.94 -5.71
N PRO L 142 0.67 -26.66 -6.29
CA PRO L 142 0.24 -26.42 -7.68
C PRO L 142 0.01 -24.96 -8.02
N GLY L 143 0.25 -24.61 -9.28
CA GLY L 143 0.02 -23.24 -9.71
C GLY L 143 0.98 -22.73 -10.76
N PHE L 144 2.27 -22.95 -10.54
CA PHE L 144 3.27 -22.48 -11.49
C PHE L 144 4.64 -23.10 -11.26
N GLY L 145 5.56 -22.81 -12.17
CA GLY L 145 6.90 -23.36 -12.07
C GLY L 145 7.87 -22.45 -11.36
N GLY L 146 9.09 -22.92 -11.15
CA GLY L 146 10.10 -22.13 -10.49
C GLY L 146 10.00 -22.07 -8.97
N GLN L 147 9.12 -22.87 -8.40
CA GLN L 147 8.95 -22.89 -6.95
C GLN L 147 9.97 -23.78 -6.24
N ALA L 148 10.07 -23.62 -4.93
CA ALA L 148 11.02 -24.39 -4.12
C ALA L 148 10.54 -25.80 -3.81
N PHE L 149 11.44 -26.77 -3.96
CA PHE L 149 11.13 -28.16 -3.71
C PHE L 149 10.64 -28.30 -2.27
N ILE L 150 9.66 -29.17 -2.05
CA ILE L 150 9.11 -29.42 -0.71
C ILE L 150 9.54 -30.84 -0.34
N PRO L 151 10.74 -30.99 0.24
CA PRO L 151 11.25 -32.31 0.64
C PRO L 151 10.31 -33.12 1.50
N GLU L 152 9.51 -32.45 2.32
CA GLU L 152 8.56 -33.14 3.20
C GLU L 152 7.57 -34.02 2.43
N CYS L 153 7.31 -33.67 1.16
CA CYS L 153 6.38 -34.42 0.35
C CYS L 153 6.90 -35.81 -0.07
N LEU L 154 8.23 -35.98 -0.01
CA LEU L 154 8.82 -37.26 -0.37
C LEU L 154 8.40 -38.36 0.60
N GLU L 155 8.01 -37.97 1.81
CA GLU L 155 7.58 -38.97 2.79
C GLU L 155 6.35 -39.66 2.21
N LYS L 156 5.52 -38.88 1.52
CA LYS L 156 4.30 -39.43 0.93
C LYS L 156 4.62 -40.31 -0.28
N VAL L 157 5.71 -40.01 -0.97
CA VAL L 157 6.11 -40.83 -2.11
C VAL L 157 6.53 -42.19 -1.57
N ALA L 158 7.24 -42.17 -0.45
CA ALA L 158 7.72 -43.39 0.18
C ALA L 158 6.54 -44.21 0.69
N THR L 159 5.61 -43.55 1.37
CA THR L 159 4.42 -44.21 1.91
C THR L 159 3.65 -44.96 0.82
N VAL L 160 3.37 -44.28 -0.29
CA VAL L 160 2.63 -44.91 -1.38
C VAL L 160 3.46 -46.04 -1.99
N ALA L 161 4.77 -45.84 -2.04
CA ALA L 161 5.67 -46.85 -2.58
C ALA L 161 5.56 -48.11 -1.72
N LYS L 162 5.42 -47.91 -0.41
CA LYS L 162 5.28 -49.02 0.53
C LYS L 162 3.94 -49.72 0.29
N TRP L 163 2.87 -48.94 0.17
CA TRP L 163 1.55 -49.50 -0.07
C TRP L 163 1.47 -50.30 -1.37
N ARG L 164 2.07 -49.76 -2.43
CA ARG L 164 2.07 -50.45 -3.72
C ARG L 164 2.67 -51.85 -3.60
N ASP L 165 3.93 -51.90 -3.19
CA ASP L 165 4.64 -53.15 -3.01
C ASP L 165 3.88 -54.14 -2.12
N GLU L 166 3.19 -53.62 -1.11
CA GLU L 166 2.44 -54.47 -0.20
C GLU L 166 1.15 -55.05 -0.77
N LYS L 167 0.71 -54.54 -1.92
CA LYS L 167 -0.53 -55.03 -2.52
C LYS L 167 -0.28 -55.68 -3.86
N GLY L 168 0.98 -55.78 -4.24
CA GLY L 168 1.32 -56.39 -5.50
C GLY L 168 0.87 -55.56 -6.70
N LEU L 169 0.72 -54.25 -6.50
CA LEU L 169 0.30 -53.36 -7.58
C LEU L 169 1.55 -52.88 -8.33
N SER L 170 1.35 -52.26 -9.49
CA SER L 170 2.49 -51.81 -10.29
C SER L 170 2.33 -50.48 -11.00
N PHE L 171 1.60 -49.55 -10.40
CA PHE L 171 1.40 -48.24 -11.01
C PHE L 171 2.69 -47.42 -10.87
N ASP L 172 2.86 -46.42 -11.73
CA ASP L 172 4.04 -45.55 -11.66
C ASP L 172 3.86 -44.53 -10.52
N ILE L 173 4.97 -44.04 -10.00
CA ILE L 173 4.93 -43.00 -8.97
C ILE L 173 5.67 -41.83 -9.59
N GLU L 174 5.00 -40.69 -9.68
CA GLU L 174 5.57 -39.50 -10.28
C GLU L 174 5.71 -38.35 -9.29
N VAL L 175 6.68 -37.48 -9.54
CA VAL L 175 6.86 -36.30 -8.70
C VAL L 175 6.79 -35.12 -9.63
N ASP L 176 6.37 -33.98 -9.09
CA ASP L 176 6.23 -32.79 -9.91
C ASP L 176 6.41 -31.52 -9.11
N GLY L 177 7.44 -30.75 -9.45
CA GLY L 177 7.69 -29.50 -8.74
C GLY L 177 9.07 -29.38 -8.13
N GLY L 178 9.86 -28.44 -8.63
CA GLY L 178 11.20 -28.21 -8.10
C GLY L 178 12.15 -29.36 -8.35
N VAL L 179 11.81 -30.23 -9.29
CA VAL L 179 12.65 -31.36 -9.62
C VAL L 179 13.79 -30.91 -10.53
N ASP L 180 15.01 -31.17 -10.08
CA ASP L 180 16.20 -30.81 -10.84
C ASP L 180 17.35 -31.76 -10.51
N ASN L 181 18.52 -31.48 -11.04
CA ASN L 181 19.68 -32.33 -10.80
C ASN L 181 20.02 -32.49 -9.32
N LYS L 182 19.71 -31.47 -8.52
CA LYS L 182 20.00 -31.50 -7.09
C LYS L 182 18.97 -32.27 -6.27
N THR L 183 17.73 -32.31 -6.75
CA THR L 183 16.65 -32.97 -6.02
C THR L 183 16.12 -34.28 -6.58
N ILE L 184 16.33 -34.53 -7.87
CA ILE L 184 15.80 -35.75 -8.48
C ILE L 184 16.27 -37.04 -7.82
N ARG L 185 17.54 -37.08 -7.40
CA ARG L 185 18.06 -38.28 -6.76
C ARG L 185 17.26 -38.58 -5.50
N ALA L 186 16.91 -37.55 -4.74
CA ALA L 186 16.13 -37.73 -3.51
C ALA L 186 14.78 -38.33 -3.86
N CYS L 187 14.16 -37.80 -4.92
CA CYS L 187 12.86 -38.28 -5.37
C CYS L 187 12.95 -39.75 -5.73
N TYR L 188 14.03 -40.11 -6.42
CA TYR L 188 14.26 -41.48 -6.84
C TYR L 188 14.39 -42.41 -5.63
N GLU L 189 15.17 -41.99 -4.64
CA GLU L 189 15.36 -42.82 -3.45
C GLU L 189 14.07 -42.95 -2.66
N ALA L 190 13.22 -41.93 -2.74
CA ALA L 190 11.93 -41.94 -2.04
C ALA L 190 11.03 -43.00 -2.63
N GLY L 191 11.23 -43.31 -3.92
CA GLY L 191 10.42 -44.33 -4.56
C GLY L 191 9.72 -43.94 -5.85
N ALA L 192 10.09 -42.82 -6.44
CA ALA L 192 9.47 -42.38 -7.69
C ALA L 192 10.25 -42.87 -8.89
N ASN L 193 9.57 -43.02 -10.03
CA ASN L 193 10.22 -43.46 -11.25
C ASN L 193 9.88 -42.58 -12.45
N VAL L 194 9.02 -41.58 -12.22
CA VAL L 194 8.65 -40.64 -13.28
C VAL L 194 8.89 -39.26 -12.72
N PHE L 195 9.72 -38.48 -13.41
CA PHE L 195 10.09 -37.16 -12.95
C PHE L 195 9.70 -36.04 -13.91
N VAL L 196 8.86 -35.13 -13.41
CA VAL L 196 8.39 -33.97 -14.18
C VAL L 196 9.30 -32.79 -13.87
N ALA L 197 9.68 -32.04 -14.90
CA ALA L 197 10.55 -30.89 -14.71
C ALA L 197 10.27 -29.85 -15.77
N GLY L 198 10.00 -28.63 -15.32
CA GLY L 198 9.72 -27.56 -16.26
C GLY L 198 10.84 -26.54 -16.31
N SER L 199 10.89 -25.68 -15.31
CA SER L 199 11.91 -24.63 -15.25
C SER L 199 13.34 -25.13 -15.42
N TYR L 200 13.72 -26.16 -14.67
CA TYR L 200 15.08 -26.69 -14.75
C TYR L 200 15.52 -27.09 -16.16
N LEU L 201 14.63 -27.72 -16.91
CA LEU L 201 14.96 -28.14 -18.26
C LEU L 201 14.94 -27.01 -19.27
N PHE L 202 13.78 -26.38 -19.44
CA PHE L 202 13.62 -25.32 -20.41
C PHE L 202 14.43 -24.04 -20.23
N LYS L 203 15.13 -23.92 -19.11
CA LYS L 203 15.96 -22.73 -18.93
C LYS L 203 17.23 -22.92 -19.76
N ALA L 204 17.38 -24.12 -20.32
CA ALA L 204 18.53 -24.47 -21.14
C ALA L 204 18.23 -24.49 -22.63
N SER L 205 19.19 -23.99 -23.43
CA SER L 205 19.06 -23.97 -24.87
C SER L 205 19.28 -25.36 -25.46
N ASP L 206 20.04 -26.19 -24.75
CA ASP L 206 20.28 -27.56 -25.20
C ASP L 206 19.48 -28.50 -24.33
N LEU L 207 18.22 -28.71 -24.70
CA LEU L 207 17.30 -29.57 -23.97
C LEU L 207 17.84 -31.00 -23.89
N VAL L 208 18.39 -31.49 -24.99
CA VAL L 208 18.94 -32.84 -25.02
C VAL L 208 19.93 -33.02 -23.89
N SER L 209 20.85 -32.07 -23.78
CA SER L 209 21.87 -32.09 -22.74
C SER L 209 21.26 -31.92 -21.37
N GLN L 210 20.34 -30.97 -21.25
CA GLN L 210 19.70 -30.69 -19.97
C GLN L 210 18.96 -31.88 -19.40
N VAL L 211 18.27 -32.66 -20.24
CA VAL L 211 17.56 -33.82 -19.74
C VAL L 211 18.58 -34.85 -19.29
N GLN L 212 19.74 -34.83 -19.94
CA GLN L 212 20.80 -35.78 -19.60
C GLN L 212 21.34 -35.56 -18.18
N THR L 213 21.39 -34.30 -17.76
CA THR L 213 21.88 -34.01 -16.41
C THR L 213 20.98 -34.69 -15.38
N LEU L 214 19.70 -34.84 -15.72
CA LEU L 214 18.75 -35.50 -14.83
C LEU L 214 19.00 -37.00 -14.81
N ARG L 215 19.32 -37.56 -15.97
CA ARG L 215 19.60 -38.99 -16.06
C ARG L 215 20.86 -39.31 -15.25
N THR L 216 21.89 -38.50 -15.43
CA THR L 216 23.14 -38.71 -14.71
C THR L 216 22.91 -38.52 -13.21
N ALA L 217 22.12 -37.51 -12.85
CA ALA L 217 21.83 -37.24 -11.45
C ALA L 217 21.16 -38.44 -10.80
N LEU L 218 20.45 -39.23 -11.60
CA LEU L 218 19.78 -40.43 -11.10
C LEU L 218 20.86 -41.42 -10.69
N ASN L 219 22.09 -41.11 -11.11
CA ASN L 219 23.28 -41.91 -10.83
C ASN L 219 23.19 -43.30 -11.45
N VAL L 220 22.03 -43.60 -12.02
CA VAL L 220 21.82 -44.89 -12.67
C VAL L 220 21.60 -44.68 -14.17
#